data_6ZXN
#
_entry.id   6ZXN
#
_cell.length_a   1.00
_cell.length_b   1.00
_cell.length_c   1.00
_cell.angle_alpha   90.00
_cell.angle_beta   90.00
_cell.angle_gamma   90.00
#
_symmetry.space_group_name_H-M   'P 1'
#
loop_
_entity.id
_entity.type
_entity.pdbx_description
1 polymer 'Spike glycoprotein'
2 polymer 'Nanobody Ty1'
3 branched 2-acetamido-2-deoxy-beta-D-glucopyranose-(1-4)-2-acetamido-2-deoxy-beta-D-glucopyranose
4 non-polymer 2-acetamido-2-deoxy-beta-D-glucopyranose
#
loop_
_entity_poly.entity_id
_entity_poly.type
_entity_poly.pdbx_seq_one_letter_code
_entity_poly.pdbx_strand_id
1 'polypeptide(L)'
;MFVFLVLLPLVSSQCVNLTTRTQLPPAYTNSFTRGVYYPDKVFRSSVLHSTQDLFLPFFSNVTWFHAIHVSGTNGTKRFD
NPVLPFNDGVYFASTEKSNIIRGWIFGTTLDSKTQSLLIVNNATNVVIKVCEFQFCNDPFLGVYYHKNNKSWMESEFRVY
SSANNCTFEYVSQPFLMDLEGKQGNFKNLREFVFKNIDGYFKIYSKHTPINLVRDLPQGFSALEPLVDLPIGINITRFQT
LLALHRSYLTPGDSSSGWTAGAAAYYVGYLQPRTFLLKYNENGTITDAVDCALDPLSETKCTLKSFTVEKGIYQTSNFRV
QPTESIVRFPNITNLCPFGEVFNATRFASVYAWNRKRISNCVADYSVLYNSASFSTFKCYGVSPTKLNDLCFTNVYADSF
VIRGDEVRQIAPGQTGKIADYNYKLPDDFTGCVIAWNSNNLDSKVGGNYNYLYRLFRKSNLKPFERDISTEIYQAGSTPC
NGVEGFNCYFPLQSYGFQPTNGVGYQPYRVVVLSFELLHAPATVCGPKKSTNLVKNKCVNFNFNGLTGTGVLTESNKKFL
PFQQFGRDIADTTDAVRDPQTLEILDITPCSFGGVSVITPGTNTSNQVAVLYQDVNCTEVPVAIHADQLTPTWRVYSTGS
NVFQTRAGCLIGAEHVNNSYECDIPIGAGICASYQTQTNSPGSASSVASQSIIAYTMSLGAENSVAYSNNSIAIPTNFTI
SVTTEILPVSMTKTSVDCTMYICGDSTECSNLLLQYGSFCTQLNRALTGIAVEQDKNTQEVFAQVKQIYKTPPIKDFGGF
NFSQILPDPSKPSKRSFIEDLLFNKVTLADAGFIKQYGDCLGDIAARDLICAQKFNGLTVLPPLLTDEMIAQYTSALLAG
TITSGWTFGAGAALQIPFAMQMAYRFNGIGVTQNVLYENQKLIANQFNSAIGKIQDSLSSTASALGKLQDVVNQNAQALN
TLVKQLSSNFGAISSVLNDILSRLDPPEAEVQIDRLITGRLQSLQTYVTQQLIRAAEIRASANLAATKMSECVLGQSKRV
DFCGKGYHLMSFPQSAPHGVVFLHVTYVPAQEKNFTTAPAICHDGKAHFPREGVFVSNGTHWFVTQRNFYEPQIITTDNT
FVSGNCDVVIGIVNNTVYDPLQPELDSFKEELDKYFKNHTSPDVDLGDISGINASVVNIQKEIDRLNEVAKNLNESLIDL
QELGKYEQGSGYIPEAPRDGQAYVRKDGEWVLLSTFLGRSLEVLFQGPGHHHHHHHHSAWSHPQFEKGGGSGGGGSGGSA
WSHPQFEK
;
A,B,C
2 'polypeptide(L)'
;MAQVQLVETGGGLVQPGGSLRLSCAASGFTFSSVYMNWVRQAPGKGPEWVSRISPNSGNIGYTDSVKGRFTISRDNAKNT
LYLQMNNLKPEDTALYYCAIGLNLSSSSVRGQGTQVTVSSGGLPETGGHHHHHH
;
D,E,F
#
# COMPACT_ATOMS: atom_id res chain seq x y z
N GLN A 14 -55.99 36.65 18.46
CA GLN A 14 -57.10 36.09 17.69
C GLN A 14 -56.77 36.18 16.20
N CYS A 15 -57.27 35.21 15.43
CA CYS A 15 -56.95 35.12 14.01
C CYS A 15 -58.17 35.38 13.15
N VAL A 16 -57.97 36.06 12.03
CA VAL A 16 -59.02 36.44 11.11
C VAL A 16 -58.62 35.94 9.72
N ASN A 17 -59.32 34.90 9.24
CA ASN A 17 -59.03 34.35 7.92
C ASN A 17 -59.38 35.36 6.84
N LEU A 18 -58.37 35.97 6.23
CA LEU A 18 -58.60 36.99 5.23
C LEU A 18 -59.26 36.38 3.99
N THR A 19 -60.31 37.05 3.50
CA THR A 19 -61.02 36.64 2.30
C THR A 19 -60.75 37.64 1.18
N THR A 20 -61.44 37.47 0.05
CA THR A 20 -61.24 38.31 -1.13
C THR A 20 -59.84 38.07 -1.72
N ARG A 21 -59.52 36.81 -1.95
CA ARG A 21 -58.24 36.40 -2.51
C ARG A 21 -58.49 35.49 -3.70
N THR A 22 -58.36 36.04 -4.91
CA THR A 22 -58.60 35.25 -6.12
C THR A 22 -57.56 34.15 -6.25
N GLN A 23 -58.01 32.97 -6.70
CA GLN A 23 -57.14 31.82 -6.86
C GLN A 23 -56.51 31.83 -8.24
N LEU A 24 -55.24 31.43 -8.31
CA LEU A 24 -54.51 31.37 -9.56
C LEU A 24 -53.53 30.22 -9.46
N PRO A 25 -53.33 29.45 -10.54
CA PRO A 25 -52.39 28.32 -10.47
C PRO A 25 -50.99 28.77 -10.13
N PRO A 26 -50.19 27.92 -9.48
CA PRO A 26 -48.86 28.35 -9.05
C PRO A 26 -48.00 28.78 -10.22
N ALA A 27 -47.18 29.80 -9.98
CA ALA A 27 -46.27 30.34 -10.98
C ALA A 27 -44.85 29.88 -10.71
N TYR A 28 -44.04 29.87 -11.77
CA TYR A 28 -42.65 29.46 -11.68
C TYR A 28 -41.79 30.41 -12.51
N THR A 29 -40.52 30.53 -12.13
CA THR A 29 -39.57 31.35 -12.86
C THR A 29 -38.20 30.67 -12.82
N ASN A 30 -37.24 31.26 -13.52
CA ASN A 30 -35.90 30.72 -13.65
C ASN A 30 -34.94 31.51 -12.79
N SER A 31 -34.19 30.81 -11.93
CA SER A 31 -33.12 31.40 -11.15
C SER A 31 -31.80 31.21 -11.89
N PHE A 32 -31.17 32.32 -12.24
CA PHE A 32 -29.93 32.34 -13.02
C PHE A 32 -28.76 32.53 -12.07
N THR A 33 -28.03 31.45 -11.79
CA THR A 33 -26.80 31.53 -11.00
C THR A 33 -27.04 32.23 -9.68
N ARG A 34 -28.16 31.90 -9.03
CA ARG A 34 -28.53 32.49 -7.75
C ARG A 34 -28.43 31.44 -6.64
N GLY A 35 -28.18 31.92 -5.43
CA GLY A 35 -28.13 31.05 -4.27
C GLY A 35 -26.76 30.50 -3.98
N VAL A 36 -25.74 31.32 -4.10
CA VAL A 36 -24.36 30.94 -3.81
C VAL A 36 -23.91 31.71 -2.56
N TYR A 37 -23.39 30.98 -1.58
CA TYR A 37 -22.94 31.55 -0.33
C TYR A 37 -21.54 31.04 -0.01
N TYR A 38 -21.04 31.39 1.18
CA TYR A 38 -19.74 30.94 1.62
C TYR A 38 -19.92 29.65 2.41
N PRO A 39 -19.47 28.50 1.91
CA PRO A 39 -19.73 27.25 2.63
C PRO A 39 -19.08 27.20 4.00
N ASP A 40 -17.91 27.83 4.17
CA ASP A 40 -17.14 27.76 5.40
C ASP A 40 -16.71 29.17 5.79
N LYS A 41 -16.09 29.27 6.96
CA LYS A 41 -15.61 30.54 7.51
C LYS A 41 -14.11 30.69 7.35
N VAL A 42 -13.55 30.21 6.23
CA VAL A 42 -12.13 30.27 5.96
C VAL A 42 -11.90 31.25 4.81
N PHE A 43 -11.04 32.24 5.05
CA PHE A 43 -10.72 33.23 4.04
C PHE A 43 -9.85 32.60 2.95
N ARG A 44 -10.13 32.97 1.70
CA ARG A 44 -9.33 32.54 0.56
C ARG A 44 -9.30 33.67 -0.46
N SER A 45 -8.15 33.84 -1.10
CA SER A 45 -7.95 34.94 -2.04
C SER A 45 -7.32 34.43 -3.32
N SER A 46 -7.93 34.77 -4.45
CA SER A 46 -7.42 34.39 -5.77
C SER A 46 -7.18 32.88 -5.84
N VAL A 47 -8.25 32.12 -5.69
CA VAL A 47 -8.18 30.66 -5.69
C VAL A 47 -9.45 30.12 -6.32
N LEU A 48 -9.30 29.01 -7.06
CA LEU A 48 -10.42 28.26 -7.60
C LEU A 48 -10.65 27.06 -6.69
N HIS A 49 -11.68 27.12 -5.86
CA HIS A 49 -11.90 26.13 -4.81
C HIS A 49 -13.13 25.29 -5.13
N SER A 50 -12.99 23.98 -5.05
CA SER A 50 -14.08 23.05 -5.27
C SER A 50 -14.67 22.64 -3.93
N THR A 51 -15.99 22.75 -3.80
CA THR A 51 -16.66 22.45 -2.54
C THR A 51 -17.96 21.72 -2.80
N GLN A 52 -18.21 20.66 -2.03
CA GLN A 52 -19.45 19.91 -2.09
C GLN A 52 -20.32 20.30 -0.91
N ASP A 53 -21.50 20.83 -1.20
CA ASP A 53 -22.38 21.31 -0.14
C ASP A 53 -23.79 21.48 -0.72
N LEU A 54 -24.72 21.88 0.14
CA LEU A 54 -26.10 22.12 -0.29
C LEU A 54 -26.16 23.49 -0.96
N PHE A 55 -26.39 23.50 -2.27
CA PHE A 55 -26.47 24.72 -3.05
C PHE A 55 -27.75 24.71 -3.88
N LEU A 56 -28.07 25.86 -4.46
CA LEU A 56 -29.18 25.95 -5.40
C LEU A 56 -28.64 25.77 -6.81
N PRO A 57 -29.08 24.75 -7.55
CA PRO A 57 -28.53 24.53 -8.89
C PRO A 57 -28.71 25.74 -9.79
N PHE A 58 -27.73 25.99 -10.64
CA PHE A 58 -27.80 27.10 -11.57
C PHE A 58 -28.93 26.88 -12.57
N PHE A 59 -29.54 27.99 -13.01
CA PHE A 59 -30.63 27.95 -13.98
C PHE A 59 -31.73 26.99 -13.52
N SER A 60 -32.18 27.19 -12.28
CA SER A 60 -33.16 26.30 -11.68
C SER A 60 -34.56 26.90 -11.82
N ASN A 61 -35.56 26.10 -11.45
CA ASN A 61 -36.95 26.53 -11.47
C ASN A 61 -37.40 26.79 -10.05
N VAL A 62 -37.77 28.04 -9.76
CA VAL A 62 -38.13 28.48 -8.42
C VAL A 62 -39.57 28.97 -8.45
N THR A 63 -40.32 28.62 -7.40
CA THR A 63 -41.71 29.04 -7.31
C THR A 63 -41.79 30.55 -7.08
N TRP A 64 -42.76 31.18 -7.73
CA TRP A 64 -42.91 32.63 -7.74
C TRP A 64 -44.21 32.99 -7.03
N PHE A 65 -44.15 33.92 -6.08
CA PHE A 65 -45.31 34.36 -5.32
C PHE A 65 -45.40 35.87 -5.39
N HIS A 66 -46.63 36.36 -5.53
CA HIS A 66 -46.90 37.78 -5.74
C HIS A 66 -47.64 38.37 -4.53
N ALA A 67 -47.60 39.70 -4.46
CA ALA A 67 -48.51 40.48 -3.61
C ALA A 67 -48.70 41.81 -4.34
N ILE A 68 -49.76 41.89 -5.14
CA ILE A 68 -49.94 42.98 -6.09
C ILE A 68 -51.28 43.66 -5.82
N HIS A 69 -51.30 44.97 -6.06
CA HIS A 69 -52.51 45.76 -5.83
C HIS A 69 -53.51 45.59 -6.97
N VAL A 70 -53.07 45.83 -8.20
CA VAL A 70 -53.94 45.77 -9.36
C VAL A 70 -55.07 46.78 -9.20
N THR A 76 -58.90 40.56 -6.52
CA THR A 76 -57.84 39.56 -6.42
C THR A 76 -56.97 39.81 -5.19
N LYS A 77 -56.11 40.81 -5.30
CA LYS A 77 -55.19 41.20 -4.23
C LYS A 77 -54.05 40.20 -4.07
N ARG A 78 -54.15 39.05 -4.73
CA ARG A 78 -53.08 38.08 -4.87
C ARG A 78 -52.21 37.98 -3.61
N PHE A 79 -52.81 37.63 -2.49
CA PHE A 79 -52.08 37.48 -1.24
C PHE A 79 -51.55 36.06 -1.15
N ASP A 80 -50.24 35.90 -1.38
CA ASP A 80 -49.59 34.60 -1.38
C ASP A 80 -48.86 34.39 -0.06
N ASN A 81 -49.27 33.39 0.69
CA ASN A 81 -48.58 33.00 1.92
C ASN A 81 -48.87 31.54 2.26
N PRO A 82 -48.56 30.61 1.36
CA PRO A 82 -48.91 29.20 1.60
C PRO A 82 -47.88 28.53 2.50
N VAL A 83 -48.25 27.34 2.97
CA VAL A 83 -47.37 26.53 3.80
C VAL A 83 -46.54 25.65 2.88
N LEU A 84 -45.27 26.00 2.70
CA LEU A 84 -44.38 25.30 1.80
C LEU A 84 -43.57 24.25 2.55
N PRO A 85 -43.10 23.20 1.87
CA PRO A 85 -42.21 22.24 2.52
C PRO A 85 -40.82 22.81 2.73
N PHE A 86 -40.07 22.15 3.61
CA PHE A 86 -38.69 22.50 3.92
C PHE A 86 -37.89 21.19 3.87
N ASN A 87 -37.36 20.87 2.68
CA ASN A 87 -36.75 19.56 2.48
C ASN A 87 -35.35 19.50 3.09
N ASP A 88 -34.41 20.30 2.57
CA ASP A 88 -33.04 20.28 3.04
C ASP A 88 -32.46 21.68 3.14
N GLY A 89 -33.28 22.73 3.10
CA GLY A 89 -32.79 24.08 3.05
C GLY A 89 -33.58 24.86 2.01
N VAL A 90 -33.61 26.18 2.14
CA VAL A 90 -34.43 27.01 1.26
C VAL A 90 -33.66 28.25 0.86
N TYR A 91 -33.75 28.61 -0.41
CA TYR A 91 -33.30 29.90 -0.90
C TYR A 91 -34.54 30.78 -1.10
N PHE A 92 -34.53 31.95 -0.47
CA PHE A 92 -35.70 32.83 -0.42
C PHE A 92 -35.27 34.19 -0.93
N ALA A 93 -35.75 34.58 -2.10
CA ALA A 93 -35.47 35.89 -2.65
C ALA A 93 -36.72 36.76 -2.53
N SER A 94 -36.51 38.07 -2.38
CA SER A 94 -37.62 39.00 -2.23
C SER A 94 -37.29 40.30 -2.95
N THR A 95 -38.12 40.65 -3.92
CA THR A 95 -38.08 41.96 -4.57
C THR A 95 -39.16 42.82 -3.93
N GLU A 96 -38.75 43.90 -3.28
CA GLU A 96 -39.65 44.70 -2.47
C GLU A 96 -39.32 46.18 -2.64
N LYS A 97 -40.34 47.00 -2.41
CA LYS A 97 -40.20 48.45 -2.34
C LYS A 97 -40.78 49.05 -1.07
N SER A 98 -41.77 48.42 -0.45
CA SER A 98 -42.40 48.93 0.76
C SER A 98 -42.21 48.02 1.97
N ASN A 99 -41.32 47.03 1.88
CA ASN A 99 -41.05 46.12 2.98
C ASN A 99 -42.31 45.35 3.38
N ILE A 100 -42.83 44.58 2.42
CA ILE A 100 -44.04 43.82 2.66
C ILE A 100 -43.74 42.51 3.39
N ILE A 101 -42.72 41.78 2.94
CA ILE A 101 -42.33 40.55 3.62
C ILE A 101 -41.63 40.91 4.92
N ARG A 102 -42.06 40.27 6.01
CA ARG A 102 -41.58 40.64 7.34
C ARG A 102 -40.83 39.51 8.05
N GLY A 103 -40.97 38.27 7.63
CA GLY A 103 -40.24 37.20 8.29
C GLY A 103 -40.72 35.83 7.86
N TRP A 104 -40.46 34.85 8.71
CA TRP A 104 -40.77 33.45 8.41
C TRP A 104 -41.13 32.71 9.68
N ILE A 105 -41.79 31.58 9.50
CA ILE A 105 -42.08 30.64 10.57
C ILE A 105 -41.77 29.24 10.05
N PHE A 106 -41.13 28.43 10.90
CA PHE A 106 -40.74 27.07 10.53
C PHE A 106 -41.21 26.11 11.60
N GLY A 107 -41.48 24.87 11.20
CA GLY A 107 -41.88 23.87 12.16
C GLY A 107 -42.39 22.62 11.45
N THR A 108 -42.99 21.74 12.25
CA THR A 108 -43.56 20.48 11.78
C THR A 108 -45.08 20.52 11.72
N THR A 109 -45.73 20.92 12.82
CA THR A 109 -47.18 21.01 12.87
C THR A 109 -47.70 22.44 12.98
N LEU A 110 -46.94 23.34 13.60
CA LEU A 110 -47.32 24.74 13.72
C LEU A 110 -48.64 24.92 14.48
N ASP A 111 -48.87 24.08 15.48
CA ASP A 111 -50.08 24.18 16.32
C ASP A 111 -49.73 23.94 17.78
N SER A 112 -48.52 24.33 18.19
CA SER A 112 -48.02 24.29 19.55
C SER A 112 -47.78 22.88 20.07
N LYS A 113 -48.11 21.85 19.30
CA LYS A 113 -47.80 20.48 19.74
C LYS A 113 -46.32 20.20 19.65
N THR A 114 -45.67 20.72 18.62
CA THR A 114 -44.23 20.61 18.44
C THR A 114 -43.62 21.99 18.37
N GLN A 115 -42.41 22.12 18.91
CA GLN A 115 -41.75 23.42 18.95
C GLN A 115 -41.58 23.98 17.55
N SER A 116 -41.89 25.27 17.40
CA SER A 116 -41.76 25.98 16.14
C SER A 116 -40.75 27.11 16.32
N LEU A 117 -40.44 27.78 15.21
CA LEU A 117 -39.56 28.95 15.22
C LEU A 117 -40.23 30.05 14.41
N LEU A 118 -40.06 31.29 14.86
CA LEU A 118 -40.47 32.44 14.07
C LEU A 118 -39.39 33.50 14.10
N ILE A 119 -39.08 34.05 12.93
CA ILE A 119 -38.25 35.23 12.79
C ILE A 119 -39.16 36.33 12.24
N VAL A 120 -39.19 37.47 12.90
CA VAL A 120 -40.09 38.55 12.52
C VAL A 120 -39.34 39.87 12.60
N ASN A 121 -39.75 40.82 11.76
CA ASN A 121 -39.21 42.17 11.76
C ASN A 121 -40.41 43.12 11.82
N ASN A 122 -40.91 43.37 13.01
CA ASN A 122 -42.01 44.31 13.18
C ASN A 122 -41.47 45.74 13.08
N ALA A 123 -42.35 46.72 13.31
CA ALA A 123 -41.97 48.10 13.06
C ALA A 123 -40.82 48.56 13.93
N THR A 124 -40.53 47.87 15.04
CA THR A 124 -39.55 48.33 16.01
C THR A 124 -38.38 47.38 16.23
N ASN A 125 -38.63 46.07 16.31
CA ASN A 125 -37.63 45.11 16.74
C ASN A 125 -37.56 43.93 15.78
N VAL A 126 -36.40 43.30 15.75
CA VAL A 126 -36.21 42.02 15.06
C VAL A 126 -36.31 40.93 16.12
N VAL A 127 -37.42 40.21 16.09
CA VAL A 127 -37.72 39.17 17.07
C VAL A 127 -37.36 37.82 16.48
N ILE A 128 -36.79 36.95 17.31
CA ILE A 128 -36.51 35.58 16.91
C ILE A 128 -36.85 34.66 18.07
N LYS A 129 -37.94 33.91 17.97
CA LYS A 129 -38.44 33.11 19.07
C LYS A 129 -38.61 31.67 18.60
N VAL A 130 -37.90 30.76 19.25
CA VAL A 130 -38.09 29.32 19.05
C VAL A 130 -39.00 28.88 20.19
N CYS A 131 -40.28 28.77 19.90
CA CYS A 131 -41.27 28.52 20.95
C CYS A 131 -42.42 27.72 20.37
N GLU A 132 -43.26 27.21 21.27
CA GLU A 132 -44.41 26.39 20.89
C GLU A 132 -45.60 27.30 20.64
N PHE A 133 -45.63 27.87 19.44
CA PHE A 133 -46.70 28.78 19.04
C PHE A 133 -47.89 28.01 18.51
N GLN A 134 -49.09 28.55 18.72
CA GLN A 134 -50.30 28.03 18.11
C GLN A 134 -50.56 28.80 16.81
N PHE A 135 -49.68 28.54 15.84
CA PHE A 135 -49.79 29.22 14.56
C PHE A 135 -51.11 28.85 13.87
N CYS A 136 -51.89 29.86 13.55
CA CYS A 136 -53.18 29.64 12.91
C CYS A 136 -53.01 29.58 11.40
N ASN A 137 -54.14 29.63 10.68
CA ASN A 137 -54.13 29.35 9.26
C ASN A 137 -53.49 30.48 8.44
N ASP A 138 -53.72 31.73 8.81
CA ASP A 138 -53.23 32.88 8.05
C ASP A 138 -52.51 33.87 8.97
N PRO A 139 -51.31 33.52 9.42
CA PRO A 139 -50.47 34.50 10.13
C PRO A 139 -50.11 35.67 9.23
N PHE A 140 -50.04 36.86 9.84
CA PHE A 140 -49.63 38.06 9.11
C PHE A 140 -49.51 39.23 10.07
N LEU A 141 -49.13 40.38 9.51
CA LEU A 141 -49.11 41.67 10.19
C LEU A 141 -49.95 42.66 9.39
N GLY A 142 -50.48 43.66 10.09
CA GLY A 142 -51.32 44.65 9.45
C GLY A 142 -50.92 46.07 9.80
N VAL A 143 -50.52 46.84 8.78
CA VAL A 143 -50.14 48.24 8.93
C VAL A 143 -51.37 49.11 8.67
N TYR A 144 -51.48 50.21 9.41
CA TYR A 144 -52.60 51.13 9.30
C TYR A 144 -52.10 52.47 8.79
N TYR A 145 -52.77 53.01 7.77
CA TYR A 145 -52.40 54.27 7.16
C TYR A 145 -53.43 55.33 7.52
N HIS A 146 -52.95 56.50 7.93
CA HIS A 146 -53.80 57.59 8.39
C HIS A 146 -53.87 58.67 7.33
N LYS A 147 -55.08 58.90 6.79
CA LYS A 147 -55.28 59.99 5.86
C LYS A 147 -55.32 61.34 6.56
N ASN A 148 -55.72 61.36 7.84
CA ASN A 148 -55.72 62.61 8.60
C ASN A 148 -54.32 63.21 8.64
N ASN A 149 -53.31 62.39 8.93
CA ASN A 149 -51.91 62.74 8.75
C ASN A 149 -51.22 61.59 8.05
N LYS A 150 -50.68 61.84 6.86
CA LYS A 150 -50.10 60.76 6.07
C LYS A 150 -49.02 60.06 6.89
N SER A 151 -49.29 58.83 7.29
CA SER A 151 -48.39 58.09 8.17
C SER A 151 -48.83 56.64 8.22
N TRP A 152 -47.85 55.75 8.36
CA TRP A 152 -48.07 54.32 8.44
C TRP A 152 -47.42 53.80 9.72
N MET A 153 -48.11 52.90 10.42
CA MET A 153 -47.52 52.23 11.57
C MET A 153 -48.15 50.86 11.74
N GLU A 154 -47.40 49.94 12.34
CA GLU A 154 -47.90 48.61 12.59
C GLU A 154 -49.12 48.68 13.50
N SER A 155 -50.19 48.00 13.10
CA SER A 155 -51.46 48.02 13.82
C SER A 155 -51.81 46.67 14.43
N GLU A 156 -51.67 45.60 13.67
CA GLU A 156 -52.05 44.27 14.14
C GLU A 156 -50.92 43.28 13.89
N PHE A 157 -50.80 42.31 14.79
CA PHE A 157 -49.78 41.27 14.71
C PHE A 157 -50.51 39.96 15.02
N ARG A 158 -51.03 39.30 13.98
CA ARG A 158 -51.90 38.14 14.13
C ARG A 158 -51.18 36.94 13.52
N VAL A 159 -50.34 36.29 14.31
CA VAL A 159 -49.56 35.13 13.85
C VAL A 159 -49.79 33.90 14.73
N TYR A 160 -49.75 34.09 16.05
CA TYR A 160 -49.87 32.97 16.98
C TYR A 160 -50.90 33.31 18.04
N SER A 161 -51.36 32.27 18.73
CA SER A 161 -52.37 32.38 19.78
C SER A 161 -51.86 32.04 21.17
N SER A 162 -51.07 31.00 21.32
CA SER A 162 -50.61 30.55 22.63
C SER A 162 -49.14 30.20 22.58
N ALA A 163 -48.49 30.30 23.75
CA ALA A 163 -47.07 29.94 23.87
C ALA A 163 -46.79 29.68 25.35
N ASN A 164 -46.51 28.41 25.69
CA ASN A 164 -46.34 28.02 27.09
C ASN A 164 -44.93 27.55 27.40
N ASN A 165 -44.41 26.55 26.70
CA ASN A 165 -43.11 25.96 27.01
C ASN A 165 -42.14 26.24 25.88
N CYS A 166 -41.00 26.87 26.21
CA CYS A 166 -39.96 27.15 25.23
C CYS A 166 -38.79 27.84 25.91
N THR A 167 -37.64 27.80 25.23
CA THR A 167 -36.37 28.22 25.83
C THR A 167 -35.76 29.42 25.13
N PHE A 168 -35.56 29.38 23.81
CA PHE A 168 -34.76 30.38 23.13
C PHE A 168 -35.60 31.59 22.72
N GLU A 169 -35.03 32.77 22.91
CA GLU A 169 -35.65 34.01 22.47
C GLU A 169 -34.55 35.04 22.23
N TYR A 170 -34.79 35.95 21.28
CA TYR A 170 -33.83 37.00 20.96
C TYR A 170 -34.56 38.22 20.45
N VAL A 171 -34.13 39.39 20.89
CA VAL A 171 -34.70 40.67 20.48
C VAL A 171 -33.56 41.65 20.27
N SER A 172 -33.64 42.45 19.20
CA SER A 172 -32.61 43.42 18.88
C SER A 172 -32.99 44.79 19.42
N GLN A 173 -32.02 45.71 19.37
CA GLN A 173 -32.25 47.06 19.85
C GLN A 173 -33.32 47.74 19.00
N PRO A 174 -34.28 48.43 19.62
CA PRO A 174 -35.39 49.00 18.84
C PRO A 174 -34.91 50.01 17.81
N PHE A 175 -35.59 50.03 16.67
CA PHE A 175 -35.32 50.96 15.59
C PHE A 175 -36.64 51.48 15.04
N LEU A 176 -36.56 52.39 14.08
CA LEU A 176 -37.73 52.94 13.42
C LEU A 176 -37.78 52.41 11.99
N MET A 177 -38.91 51.81 11.62
CA MET A 177 -39.07 51.17 10.33
C MET A 177 -40.07 51.97 9.50
N ASP A 178 -39.87 51.97 8.18
CA ASP A 178 -40.63 52.83 7.28
C ASP A 178 -42.12 52.48 7.26
N LEU A 179 -42.46 51.28 6.80
CA LEU A 179 -43.83 50.78 6.77
C LEU A 179 -44.72 51.51 5.76
N GLU A 180 -44.22 52.53 5.08
CA GLU A 180 -45.04 53.27 4.14
C GLU A 180 -44.96 52.64 2.75
N GLY A 181 -46.09 52.65 2.04
CA GLY A 181 -46.16 52.10 0.70
C GLY A 181 -45.79 53.11 -0.36
N LYS A 182 -44.72 52.83 -1.10
CA LYS A 182 -44.26 53.72 -2.14
C LYS A 182 -44.85 53.32 -3.49
N GLN A 183 -44.68 54.19 -4.48
CA GLN A 183 -45.15 53.96 -5.84
C GLN A 183 -43.96 53.84 -6.77
N GLY A 184 -44.04 52.87 -7.68
CA GLY A 184 -42.99 52.60 -8.63
C GLY A 184 -42.70 51.11 -8.68
N ASN A 185 -41.50 50.79 -9.14
CA ASN A 185 -41.06 49.40 -9.27
C ASN A 185 -40.16 49.02 -8.08
N PHE A 186 -39.96 47.72 -7.93
CA PHE A 186 -39.16 47.22 -6.82
C PHE A 186 -37.73 47.74 -6.90
N LYS A 187 -37.17 48.06 -5.73
CA LYS A 187 -35.84 48.64 -5.64
C LYS A 187 -34.95 47.95 -4.61
N ASN A 188 -35.44 46.92 -3.93
CA ASN A 188 -34.65 46.18 -2.95
C ASN A 188 -34.75 44.69 -3.24
N LEU A 189 -33.61 44.04 -3.39
CA LEU A 189 -33.51 42.59 -3.52
C LEU A 189 -32.87 42.04 -2.27
N ARG A 190 -33.59 41.16 -1.56
CA ARG A 190 -33.10 40.55 -0.34
C ARG A 190 -33.07 39.04 -0.55
N GLU A 191 -31.88 38.46 -0.43
CA GLU A 191 -31.68 37.03 -0.59
C GLU A 191 -31.32 36.40 0.74
N PHE A 192 -31.96 35.28 1.05
CA PHE A 192 -31.72 34.55 2.27
C PHE A 192 -31.54 33.08 1.95
N VAL A 193 -30.71 32.40 2.72
CA VAL A 193 -30.53 30.95 2.63
C VAL A 193 -30.68 30.40 4.03
N PHE A 194 -31.62 29.47 4.20
CA PHE A 194 -31.91 28.86 5.49
C PHE A 194 -31.55 27.38 5.41
N LYS A 195 -30.75 26.92 6.37
CA LYS A 195 -30.37 25.51 6.45
C LYS A 195 -30.55 25.02 7.88
N ASN A 196 -30.87 23.74 8.01
CA ASN A 196 -31.03 23.08 9.31
C ASN A 196 -30.12 21.86 9.32
N ILE A 197 -28.94 21.98 9.91
CA ILE A 197 -27.94 20.92 9.88
C ILE A 197 -27.19 20.90 11.19
N ASP A 198 -26.96 19.70 11.73
CA ASP A 198 -26.19 19.49 12.94
C ASP A 198 -26.80 20.20 14.14
N GLY A 199 -28.13 20.31 14.16
CA GLY A 199 -28.79 21.02 15.23
C GLY A 199 -28.69 22.52 15.14
N TYR A 200 -28.10 23.03 14.06
CA TYR A 200 -27.92 24.46 13.85
C TYR A 200 -28.86 24.94 12.76
N PHE A 201 -29.48 26.09 12.99
CA PHE A 201 -30.26 26.79 11.97
C PHE A 201 -29.38 27.90 11.44
N LYS A 202 -28.82 27.69 10.25
CA LYS A 202 -27.89 28.64 9.65
C LYS A 202 -28.65 29.56 8.69
N ILE A 203 -28.44 30.87 8.83
CA ILE A 203 -29.09 31.87 8.01
C ILE A 203 -28.01 32.72 7.36
N TYR A 204 -27.92 32.65 6.04
CA TYR A 204 -27.06 33.50 5.24
C TYR A 204 -27.92 34.54 4.53
N SER A 205 -27.36 35.72 4.29
CA SER A 205 -28.19 36.81 3.79
C SER A 205 -27.37 37.74 2.89
N LYS A 206 -28.10 38.49 2.05
CA LYS A 206 -27.52 39.51 1.21
C LYS A 206 -28.61 40.50 0.82
N HIS A 207 -28.20 41.76 0.64
CA HIS A 207 -29.10 42.84 0.25
C HIS A 207 -28.47 43.63 -0.90
N THR A 208 -29.28 44.00 -1.88
CA THR A 208 -28.76 44.74 -3.03
C THR A 208 -29.87 45.62 -3.58
N PRO A 209 -29.51 46.66 -4.35
CA PRO A 209 -30.52 47.44 -5.07
C PRO A 209 -30.70 46.95 -6.51
N ILE A 210 -31.94 47.00 -6.98
CA ILE A 210 -32.30 46.53 -8.31
C ILE A 210 -33.20 47.57 -8.97
N ASN A 211 -33.19 47.59 -10.30
CA ASN A 211 -33.92 48.58 -11.09
C ASN A 211 -34.73 47.89 -12.18
N LEU A 212 -35.45 46.84 -11.83
CA LEU A 212 -36.32 46.13 -12.74
C LEU A 212 -37.78 46.53 -12.51
N VAL A 213 -38.69 45.81 -13.15
CA VAL A 213 -40.13 45.97 -12.96
C VAL A 213 -40.74 44.71 -12.34
N ARG A 214 -40.57 43.55 -12.98
CA ARG A 214 -41.13 42.31 -12.47
C ARG A 214 -40.25 41.14 -12.93
N ASP A 215 -39.28 40.78 -12.08
CA ASP A 215 -38.48 39.58 -12.25
C ASP A 215 -37.47 39.50 -11.11
N LEU A 216 -36.75 38.38 -11.06
CA LEU A 216 -35.58 38.26 -10.19
C LEU A 216 -34.32 38.39 -11.04
N PRO A 217 -33.41 39.32 -10.73
CA PRO A 217 -32.36 39.65 -11.69
C PRO A 217 -31.49 38.45 -12.04
N GLN A 218 -30.77 38.59 -13.14
CA GLN A 218 -29.64 37.71 -13.43
C GLN A 218 -28.43 38.26 -12.68
N GLY A 219 -27.25 37.71 -12.97
CA GLY A 219 -26.03 38.14 -12.32
C GLY A 219 -25.69 37.28 -11.12
N PHE A 220 -24.54 37.61 -10.52
CA PHE A 220 -23.99 36.82 -9.42
C PHE A 220 -23.75 37.70 -8.21
N SER A 221 -24.05 37.15 -7.03
CA SER A 221 -23.76 37.84 -5.77
C SER A 221 -23.72 36.78 -4.68
N ALA A 222 -22.60 36.66 -3.99
CA ALA A 222 -22.43 35.63 -2.97
C ALA A 222 -23.05 36.07 -1.66
N LEU A 223 -23.86 35.19 -1.07
CA LEU A 223 -24.49 35.49 0.21
C LEU A 223 -23.52 35.18 1.34
N GLU A 224 -23.34 36.14 2.23
CA GLU A 224 -22.46 35.92 3.37
C GLU A 224 -23.28 35.46 4.58
N PRO A 225 -22.69 34.67 5.47
CA PRO A 225 -23.44 34.20 6.64
C PRO A 225 -23.91 35.37 7.49
N LEU A 226 -25.09 35.23 8.07
CA LEU A 226 -25.66 36.25 8.94
C LEU A 226 -25.80 35.78 10.38
N VAL A 227 -26.22 34.54 10.63
CA VAL A 227 -26.35 34.06 11.99
C VAL A 227 -26.44 32.54 11.98
N ASP A 228 -26.14 31.91 13.12
CA ASP A 228 -26.21 30.46 13.27
C ASP A 228 -26.87 30.16 14.62
N LEU A 229 -28.19 29.99 14.60
CA LEU A 229 -28.96 29.78 15.81
C LEU A 229 -28.82 28.33 16.30
N PRO A 230 -28.36 28.11 17.54
CA PRO A 230 -28.37 26.73 18.09
C PRO A 230 -29.75 26.34 18.65
N ILE A 231 -30.69 26.09 17.75
CA ILE A 231 -32.05 25.73 18.13
C ILE A 231 -32.26 24.23 18.15
N GLY A 232 -31.69 23.50 17.19
CA GLY A 232 -31.79 22.07 17.16
C GLY A 232 -33.21 21.54 17.25
N ILE A 233 -34.04 21.87 16.26
CA ILE A 233 -35.41 21.36 16.20
C ILE A 233 -35.63 20.68 14.86
N ASN A 234 -36.80 20.09 14.68
CA ASN A 234 -37.15 19.36 13.46
C ASN A 234 -38.01 20.28 12.60
N ILE A 235 -37.43 20.78 11.51
CA ILE A 235 -38.13 21.66 10.57
C ILE A 235 -38.44 20.87 9.31
N THR A 236 -39.72 20.84 8.93
CA THR A 236 -40.14 20.15 7.72
C THR A 236 -40.97 21.06 6.83
N ARG A 237 -41.61 22.07 7.42
CA ARG A 237 -42.46 22.97 6.67
C ARG A 237 -42.27 24.38 7.20
N PHE A 238 -42.62 25.37 6.38
CA PHE A 238 -42.44 26.76 6.75
C PHE A 238 -43.41 27.63 5.99
N GLN A 239 -43.46 28.91 6.37
CA GLN A 239 -44.35 29.88 5.78
C GLN A 239 -43.73 31.26 5.94
N THR A 240 -44.13 32.18 5.07
CA THR A 240 -43.65 33.55 5.12
C THR A 240 -44.67 34.47 5.78
N LEU A 241 -44.16 35.42 6.56
CA LEU A 241 -44.99 36.42 7.22
C LEU A 241 -44.78 37.76 6.52
N LEU A 242 -45.86 38.30 5.95
CA LEU A 242 -45.79 39.54 5.21
C LEU A 242 -46.92 40.45 5.67
N ALA A 243 -46.70 41.75 5.55
CA ALA A 243 -47.62 42.77 6.04
C ALA A 243 -48.66 43.11 4.98
N LEU A 244 -49.83 43.53 5.46
CA LEU A 244 -50.89 44.03 4.61
C LEU A 244 -51.16 45.49 4.97
N HIS A 245 -51.82 46.19 4.05
CA HIS A 245 -52.12 47.61 4.21
C HIS A 245 -53.60 47.80 4.50
N ARG A 246 -53.91 48.68 5.44
CA ARG A 246 -55.30 49.03 5.75
C ARG A 246 -55.41 50.54 5.90
N SER A 247 -56.59 51.06 5.62
CA SER A 247 -56.83 52.50 5.72
C SER A 247 -58.33 52.81 5.59
N GLY A 252 -63.36 48.01 4.70
CA GLY A 252 -64.23 46.85 4.66
C GLY A 252 -64.39 46.19 6.01
N ASP A 253 -64.68 44.89 6.00
CA ASP A 253 -64.87 44.13 7.22
C ASP A 253 -63.52 43.62 7.73
N SER A 254 -63.55 42.75 8.75
CA SER A 254 -62.31 42.22 9.30
C SER A 254 -61.53 41.43 8.25
N SER A 255 -62.23 40.61 7.46
CA SER A 255 -61.59 39.73 6.49
C SER A 255 -61.65 40.28 5.08
N SER A 256 -62.07 41.53 4.90
CA SER A 256 -62.21 42.10 3.56
C SER A 256 -61.50 43.45 3.45
N GLY A 257 -61.44 44.19 4.56
CA GLY A 257 -60.85 45.52 4.53
C GLY A 257 -59.34 45.51 4.65
N TRP A 258 -58.66 45.16 3.57
CA TRP A 258 -57.20 45.13 3.58
C TRP A 258 -56.67 45.17 2.15
N THR A 259 -55.49 45.76 1.98
CA THR A 259 -54.81 45.83 0.70
C THR A 259 -53.44 45.18 0.81
N ALA A 260 -52.93 44.70 -0.33
CA ALA A 260 -51.72 43.89 -0.34
C ALA A 260 -50.44 44.73 -0.39
N GLY A 261 -50.30 45.56 -1.43
CA GLY A 261 -49.07 46.32 -1.61
C GLY A 261 -48.07 45.57 -2.45
N ALA A 262 -47.42 46.27 -3.38
CA ALA A 262 -46.56 45.60 -4.36
C ALA A 262 -45.39 44.91 -3.67
N ALA A 263 -45.15 43.65 -4.04
CA ALA A 263 -44.03 42.87 -3.54
C ALA A 263 -44.00 41.51 -4.25
N ALA A 264 -42.84 40.88 -4.33
CA ALA A 264 -42.75 39.55 -4.91
C ALA A 264 -41.67 38.76 -4.20
N TYR A 265 -41.84 37.44 -4.13
CA TYR A 265 -40.82 36.61 -3.50
C TYR A 265 -40.78 35.24 -4.16
N TYR A 266 -39.57 34.69 -4.20
CA TYR A 266 -39.25 33.48 -4.94
C TYR A 266 -38.67 32.46 -3.98
N VAL A 267 -39.09 31.21 -4.11
CA VAL A 267 -38.68 30.13 -3.22
C VAL A 267 -38.05 29.01 -4.04
N GLY A 268 -36.87 28.57 -3.61
CA GLY A 268 -36.24 27.41 -4.22
C GLY A 268 -35.66 26.51 -3.15
N TYR A 269 -35.43 25.25 -3.52
CA TYR A 269 -34.97 24.23 -2.59
C TYR A 269 -33.56 23.81 -2.94
N LEU A 270 -32.69 23.79 -1.94
CA LEU A 270 -31.29 23.43 -2.15
C LEU A 270 -31.13 21.92 -2.30
N GLN A 271 -30.11 21.53 -3.04
CA GLN A 271 -29.75 20.14 -3.22
C GLN A 271 -28.25 19.99 -3.05
N PRO A 272 -27.75 18.80 -2.73
CA PRO A 272 -26.30 18.60 -2.61
C PRO A 272 -25.63 18.64 -3.97
N ARG A 273 -24.69 19.56 -4.13
CA ARG A 273 -24.00 19.76 -5.39
C ARG A 273 -22.56 20.14 -5.13
N THR A 274 -21.73 19.94 -6.15
CA THR A 274 -20.32 20.32 -6.11
C THR A 274 -20.14 21.57 -6.96
N PHE A 275 -19.69 22.65 -6.33
CA PHE A 275 -19.51 23.94 -6.97
C PHE A 275 -18.04 24.31 -7.00
N LEU A 276 -17.61 24.90 -8.11
CA LEU A 276 -16.26 25.45 -8.22
C LEU A 276 -16.37 26.97 -8.14
N LEU A 277 -15.79 27.55 -7.10
CA LEU A 277 -15.94 28.95 -6.76
C LEU A 277 -14.64 29.69 -7.02
N LYS A 278 -14.76 30.85 -7.65
CA LYS A 278 -13.65 31.74 -7.94
C LYS A 278 -13.76 32.97 -7.05
N TYR A 279 -12.79 33.13 -6.16
CA TYR A 279 -12.67 34.29 -5.30
C TYR A 279 -11.94 35.40 -6.05
N ASN A 280 -11.70 36.52 -5.37
CA ASN A 280 -10.97 37.66 -5.92
C ASN A 280 -9.66 37.84 -5.14
N GLU A 281 -8.92 38.88 -5.50
CA GLU A 281 -7.78 39.26 -4.67
C GLU A 281 -8.23 39.79 -3.31
N ASN A 282 -9.51 40.15 -3.18
CA ASN A 282 -10.14 40.27 -1.88
C ASN A 282 -10.63 38.89 -1.44
N GLY A 283 -11.43 38.83 -0.39
CA GLY A 283 -11.98 37.58 0.09
C GLY A 283 -13.33 37.22 -0.49
N THR A 284 -13.82 37.95 -1.48
CA THR A 284 -15.18 37.79 -1.98
C THR A 284 -15.23 36.73 -3.08
N ILE A 285 -16.32 35.97 -3.09
CA ILE A 285 -16.57 35.00 -4.15
C ILE A 285 -17.15 35.76 -5.34
N THR A 286 -16.38 35.85 -6.42
CA THR A 286 -16.80 36.60 -7.59
C THR A 286 -17.43 35.75 -8.67
N ASP A 287 -17.25 34.44 -8.66
CA ASP A 287 -17.89 33.61 -9.66
C ASP A 287 -18.02 32.18 -9.15
N ALA A 288 -18.82 31.38 -9.85
CA ALA A 288 -19.02 30.00 -9.48
C ALA A 288 -19.59 29.24 -10.67
N VAL A 289 -19.35 27.93 -10.69
CA VAL A 289 -19.92 27.05 -11.69
C VAL A 289 -20.38 25.76 -11.02
N ASP A 290 -21.55 25.27 -11.44
CA ASP A 290 -22.12 24.04 -10.92
C ASP A 290 -21.57 22.87 -11.75
N CYS A 291 -20.95 21.91 -11.08
CA CYS A 291 -20.27 20.82 -11.77
C CYS A 291 -21.23 19.82 -12.41
N ALA A 292 -22.48 19.78 -11.98
CA ALA A 292 -23.44 18.80 -12.48
C ALA A 292 -24.51 19.43 -13.36
N LEU A 293 -24.28 20.65 -13.85
CA LEU A 293 -25.26 21.30 -14.71
C LEU A 293 -25.22 20.76 -16.12
N ASP A 294 -24.08 20.85 -16.77
CA ASP A 294 -23.94 20.44 -18.17
C ASP A 294 -22.52 19.95 -18.44
N PRO A 295 -22.28 19.29 -19.57
CA PRO A 295 -20.93 18.76 -19.83
C PRO A 295 -19.84 19.83 -19.79
N LEU A 296 -20.14 21.03 -20.27
CA LEU A 296 -19.13 22.09 -20.25
C LEU A 296 -18.74 22.43 -18.81
N SER A 297 -19.72 22.55 -17.92
CA SER A 297 -19.41 22.82 -16.52
C SER A 297 -18.69 21.65 -15.88
N GLU A 298 -19.06 20.42 -16.24
CA GLU A 298 -18.37 19.26 -15.68
C GLU A 298 -16.91 19.25 -16.07
N THR A 299 -16.60 19.56 -17.34
CA THR A 299 -15.20 19.61 -17.74
C THR A 299 -14.48 20.81 -17.14
N LYS A 300 -15.19 21.93 -16.95
CA LYS A 300 -14.58 23.05 -16.25
C LYS A 300 -14.17 22.65 -14.85
N CYS A 301 -15.03 21.93 -14.13
CA CYS A 301 -14.66 21.44 -12.80
C CYS A 301 -13.51 20.45 -12.88
N THR A 302 -13.54 19.55 -13.87
CA THR A 302 -12.48 18.56 -13.99
C THR A 302 -11.12 19.22 -14.16
N LEU A 303 -11.03 20.25 -15.01
CA LEU A 303 -9.80 20.99 -15.18
C LEU A 303 -9.55 22.00 -14.06
N LYS A 304 -10.54 22.23 -13.19
CA LYS A 304 -10.39 23.20 -12.09
C LYS A 304 -10.01 24.57 -12.63
N SER A 305 -10.66 24.96 -13.73
CA SER A 305 -10.48 26.28 -14.32
C SER A 305 -11.76 26.65 -15.04
N PHE A 306 -12.00 27.95 -15.18
CA PHE A 306 -13.17 28.44 -15.90
C PHE A 306 -12.94 28.62 -17.39
N THR A 307 -11.71 28.48 -17.87
CA THR A 307 -11.43 28.57 -19.29
C THR A 307 -10.95 27.21 -19.77
N VAL A 308 -11.54 26.76 -20.87
CA VAL A 308 -11.29 25.43 -21.42
C VAL A 308 -10.67 25.59 -22.80
N GLU A 309 -9.51 24.99 -23.01
CA GLU A 309 -8.85 25.04 -24.30
C GLU A 309 -9.51 24.06 -25.26
N LYS A 310 -9.37 24.34 -26.55
CA LYS A 310 -9.93 23.47 -27.56
C LYS A 310 -9.36 22.06 -27.43
N GLY A 311 -10.25 21.07 -27.44
CA GLY A 311 -9.80 19.69 -27.37
C GLY A 311 -10.86 18.80 -26.75
N ILE A 312 -10.42 17.58 -26.44
CA ILE A 312 -11.27 16.54 -25.86
C ILE A 312 -10.70 16.17 -24.50
N TYR A 313 -11.54 16.20 -23.47
CA TYR A 313 -11.13 15.93 -22.11
C TYR A 313 -11.99 14.83 -21.51
N GLN A 314 -11.35 13.86 -20.86
CA GLN A 314 -12.07 12.77 -20.19
C GLN A 314 -12.49 13.27 -18.81
N THR A 315 -13.80 13.37 -18.60
CA THR A 315 -14.32 13.98 -17.38
C THR A 315 -14.75 12.94 -16.35
N SER A 316 -15.59 11.99 -16.73
CA SER A 316 -16.14 11.02 -15.79
C SER A 316 -16.31 9.70 -16.49
N ASN A 317 -16.98 8.76 -15.82
CA ASN A 317 -17.23 7.42 -16.35
C ASN A 317 -18.72 7.12 -16.26
N PHE A 318 -19.33 6.81 -17.40
CA PHE A 318 -20.70 6.34 -17.44
C PHE A 318 -20.75 4.89 -16.99
N ARG A 319 -21.65 4.60 -16.04
CA ARG A 319 -21.85 3.26 -15.52
C ARG A 319 -23.35 2.99 -15.44
N VAL A 320 -23.76 1.81 -15.91
CA VAL A 320 -25.17 1.43 -15.90
C VAL A 320 -25.46 0.76 -14.55
N GLN A 321 -26.28 1.42 -13.73
CA GLN A 321 -26.61 0.88 -12.43
C GLN A 321 -27.45 -0.39 -12.58
N PRO A 322 -27.24 -1.39 -11.72
CA PRO A 322 -28.02 -2.62 -11.83
C PRO A 322 -29.47 -2.41 -11.39
N THR A 323 -30.35 -3.23 -11.95
CA THR A 323 -31.76 -3.21 -11.61
C THR A 323 -32.27 -4.64 -11.48
N GLU A 324 -33.35 -4.81 -10.72
CA GLU A 324 -34.01 -6.09 -10.55
C GLU A 324 -33.04 -7.14 -9.99
N SER A 325 -32.57 -6.88 -8.77
CA SER A 325 -31.68 -7.82 -8.11
C SER A 325 -32.36 -9.16 -7.92
N ILE A 326 -31.60 -10.25 -8.10
CA ILE A 326 -32.15 -11.59 -8.04
C ILE A 326 -31.21 -12.49 -7.24
N VAL A 327 -31.81 -13.38 -6.45
CA VAL A 327 -31.10 -14.44 -5.74
C VAL A 327 -31.72 -15.77 -6.14
N ARG A 328 -30.89 -16.70 -6.61
CA ARG A 328 -31.37 -18.00 -7.09
C ARG A 328 -30.61 -19.10 -6.36
N PHE A 329 -31.15 -19.51 -5.22
CA PHE A 329 -30.65 -20.63 -4.45
C PHE A 329 -31.32 -21.91 -4.92
N PRO A 330 -30.73 -23.08 -4.63
CA PRO A 330 -31.17 -24.31 -5.28
C PRO A 330 -32.49 -24.83 -4.74
N ASN A 331 -33.04 -25.79 -5.48
CA ASN A 331 -34.35 -26.36 -5.14
C ASN A 331 -34.34 -26.88 -3.71
N ILE A 332 -35.38 -26.54 -2.96
CA ILE A 332 -35.51 -26.93 -1.57
C ILE A 332 -36.59 -28.01 -1.51
N THR A 333 -36.16 -29.27 -1.35
CA THR A 333 -37.08 -30.40 -1.31
C THR A 333 -36.68 -31.42 -0.26
N ASN A 334 -35.97 -30.98 0.78
CA ASN A 334 -35.56 -31.86 1.88
C ASN A 334 -35.80 -31.10 3.19
N LEU A 335 -36.99 -31.26 3.74
CA LEU A 335 -37.42 -30.52 4.92
C LEU A 335 -37.34 -31.40 6.17
N CYS A 336 -36.99 -30.77 7.28
CA CYS A 336 -36.89 -31.48 8.54
C CYS A 336 -38.28 -31.95 8.98
N PRO A 337 -38.37 -33.10 9.65
CA PRO A 337 -39.68 -33.65 10.05
C PRO A 337 -40.19 -33.06 11.36
N PHE A 338 -40.39 -31.74 11.38
CA PHE A 338 -40.98 -31.10 12.55
C PHE A 338 -42.41 -31.56 12.77
N GLY A 339 -43.16 -31.80 11.69
CA GLY A 339 -44.51 -32.30 11.85
C GLY A 339 -44.55 -33.65 12.54
N GLU A 340 -43.60 -34.52 12.23
CA GLU A 340 -43.55 -35.83 12.88
C GLU A 340 -43.35 -35.72 14.38
N VAL A 341 -42.87 -34.58 14.87
CA VAL A 341 -42.70 -34.35 16.29
C VAL A 341 -43.90 -33.63 16.89
N PHE A 342 -44.44 -32.64 16.17
CA PHE A 342 -45.53 -31.84 16.71
C PHE A 342 -46.86 -32.58 16.62
N ASN A 343 -47.25 -32.98 15.41
CA ASN A 343 -48.53 -33.66 15.23
C ASN A 343 -48.53 -35.04 15.88
N ALA A 344 -47.36 -35.54 16.28
CA ALA A 344 -47.23 -36.89 16.82
C ALA A 344 -48.33 -37.21 17.83
N THR A 345 -49.04 -38.32 17.59
CA THR A 345 -50.17 -38.67 18.44
C THR A 345 -49.74 -38.98 19.87
N ARG A 346 -48.65 -39.72 20.02
CA ARG A 346 -48.20 -40.22 21.32
C ARG A 346 -47.02 -39.41 21.83
N PHE A 347 -47.15 -38.88 23.04
CA PHE A 347 -46.06 -38.24 23.76
C PHE A 347 -45.79 -39.01 25.04
N ALA A 348 -44.52 -39.03 25.44
CA ALA A 348 -44.13 -39.72 26.66
C ALA A 348 -44.41 -38.85 27.88
N SER A 349 -44.22 -39.45 29.05
CA SER A 349 -44.46 -38.74 30.30
C SER A 349 -43.41 -37.64 30.50
N VAL A 350 -43.71 -36.72 31.42
CA VAL A 350 -42.78 -35.63 31.70
C VAL A 350 -41.46 -36.18 32.20
N TYR A 351 -41.50 -37.16 33.09
CA TYR A 351 -40.28 -37.80 33.57
C TYR A 351 -39.63 -38.67 32.49
N ALA A 352 -40.40 -39.09 31.49
CA ALA A 352 -39.91 -39.92 30.39
C ALA A 352 -39.89 -39.13 29.08
N TRP A 353 -39.52 -37.85 29.17
CA TRP A 353 -39.51 -36.98 27.99
C TRP A 353 -38.76 -37.64 26.84
N ASN A 354 -39.37 -37.61 25.65
CA ASN A 354 -38.82 -38.28 24.48
C ASN A 354 -37.90 -37.36 23.73
N ARG A 355 -36.73 -37.85 23.35
CA ARG A 355 -35.71 -37.07 22.67
C ARG A 355 -35.54 -37.55 21.24
N LYS A 356 -35.47 -36.61 20.30
CA LYS A 356 -35.24 -36.90 18.90
C LYS A 356 -34.12 -36.01 18.37
N ARG A 357 -33.40 -36.50 17.38
CA ARG A 357 -32.29 -35.79 16.76
C ARG A 357 -32.65 -35.44 15.32
N ILE A 358 -32.36 -34.21 14.92
CA ILE A 358 -32.65 -33.71 13.58
C ILE A 358 -31.36 -33.15 13.00
N SER A 359 -31.03 -33.60 11.79
CA SER A 359 -29.85 -33.11 11.08
C SER A 359 -30.01 -33.46 9.61
N ASN A 360 -29.20 -32.79 8.77
CA ASN A 360 -29.20 -33.03 7.33
C ASN A 360 -30.59 -32.78 6.73
N CYS A 361 -31.05 -31.56 6.89
CA CYS A 361 -32.34 -31.12 6.35
C CYS A 361 -32.38 -29.60 6.42
N VAL A 362 -33.52 -29.03 6.04
CA VAL A 362 -33.74 -27.59 6.10
C VAL A 362 -34.96 -27.35 6.98
N ALA A 363 -34.82 -26.44 7.94
CA ALA A 363 -35.87 -26.13 8.90
C ALA A 363 -36.46 -24.76 8.60
N ASP A 364 -37.77 -24.70 8.47
CA ASP A 364 -38.50 -23.46 8.24
C ASP A 364 -39.28 -23.14 9.52
N TYR A 365 -38.68 -22.34 10.39
CA TYR A 365 -39.31 -21.96 11.64
C TYR A 365 -40.35 -20.87 11.48
N SER A 366 -40.43 -20.25 10.30
CA SER A 366 -41.43 -19.20 10.08
C SER A 366 -42.84 -19.75 10.21
N VAL A 367 -43.08 -20.95 9.65
CA VAL A 367 -44.41 -21.54 9.72
C VAL A 367 -44.80 -21.80 11.17
N LEU A 368 -43.86 -22.33 11.97
CA LEU A 368 -44.15 -22.58 13.38
C LEU A 368 -44.43 -21.28 14.11
N TYR A 369 -43.57 -20.27 13.94
CA TYR A 369 -43.73 -19.03 14.67
C TYR A 369 -45.03 -18.33 14.31
N ASN A 370 -45.37 -18.29 13.02
CA ASN A 370 -46.61 -17.67 12.57
C ASN A 370 -47.67 -18.75 12.35
N SER A 371 -48.19 -19.24 13.46
CA SER A 371 -49.22 -20.27 13.45
C SER A 371 -50.45 -19.89 14.26
N ALA A 372 -50.26 -19.20 15.40
CA ALA A 372 -51.31 -18.75 16.30
C ALA A 372 -51.98 -19.90 17.04
N SER A 373 -51.60 -21.15 16.79
CA SER A 373 -52.17 -22.30 17.46
C SER A 373 -51.39 -22.71 18.71
N PHE A 374 -50.28 -22.04 19.00
CA PHE A 374 -49.45 -22.35 20.15
C PHE A 374 -49.45 -21.15 21.09
N SER A 375 -49.63 -21.42 22.38
CA SER A 375 -49.69 -20.38 23.40
C SER A 375 -48.35 -20.17 24.10
N THR A 376 -47.30 -20.86 23.67
CA THR A 376 -45.99 -20.79 24.34
C THR A 376 -44.91 -20.74 23.26
N PHE A 377 -44.25 -19.59 23.14
CA PHE A 377 -43.17 -19.36 22.17
C PHE A 377 -42.08 -18.58 22.90
N LYS A 378 -41.08 -19.28 23.45
CA LYS A 378 -40.01 -18.63 24.20
C LYS A 378 -38.66 -19.08 23.67
N CYS A 379 -38.01 -18.23 22.88
CA CYS A 379 -36.69 -18.53 22.31
C CYS A 379 -35.64 -17.77 23.09
N TYR A 380 -34.66 -18.50 23.63
CA TYR A 380 -33.58 -17.94 24.42
C TYR A 380 -32.25 -18.25 23.74
N GLY A 381 -31.39 -17.23 23.65
CA GLY A 381 -30.11 -17.38 22.97
C GLY A 381 -30.15 -16.74 21.60
N VAL A 382 -31.27 -16.89 20.89
CA VAL A 382 -31.48 -16.29 19.58
C VAL A 382 -32.88 -15.71 19.53
N SER A 383 -33.07 -14.76 18.62
CA SER A 383 -34.37 -14.12 18.48
C SER A 383 -35.39 -15.12 17.94
N PRO A 384 -36.65 -15.01 18.38
CA PRO A 384 -37.68 -15.91 17.81
C PRO A 384 -37.78 -15.79 16.30
N THR A 385 -37.63 -14.59 15.76
CA THR A 385 -37.62 -14.39 14.32
C THR A 385 -36.19 -14.57 13.81
N LYS A 386 -35.98 -14.27 12.53
CA LYS A 386 -34.66 -14.34 11.88
C LYS A 386 -33.96 -15.67 12.20
N LEU A 387 -34.74 -16.72 12.46
CA LEU A 387 -34.17 -18.04 12.67
C LEU A 387 -33.82 -18.72 11.36
N ASN A 388 -34.33 -18.21 10.24
CA ASN A 388 -34.03 -18.77 8.93
C ASN A 388 -32.62 -18.42 8.45
N ASP A 389 -31.93 -17.52 9.14
CA ASP A 389 -30.58 -17.12 8.76
C ASP A 389 -29.50 -17.87 9.56
N LEU A 390 -29.88 -18.81 10.41
CA LEU A 390 -28.94 -19.53 11.26
C LEU A 390 -28.90 -21.00 10.85
N CYS A 391 -27.70 -21.55 10.78
CA CYS A 391 -27.47 -22.95 10.44
C CYS A 391 -26.65 -23.60 11.53
N PHE A 392 -27.10 -24.75 12.02
CA PHE A 392 -26.47 -25.45 13.13
C PHE A 392 -26.12 -26.87 12.72
N THR A 393 -25.27 -27.51 13.52
CA THR A 393 -24.88 -28.88 13.23
C THR A 393 -25.99 -29.88 13.55
N ASN A 394 -26.67 -29.71 14.69
CA ASN A 394 -27.70 -30.66 15.10
C ASN A 394 -28.80 -29.94 15.83
N VAL A 395 -29.97 -30.57 15.88
CA VAL A 395 -31.10 -30.08 16.66
C VAL A 395 -31.61 -31.23 17.52
N TYR A 396 -31.86 -30.95 18.79
CA TYR A 396 -32.39 -31.93 19.73
C TYR A 396 -33.78 -31.48 20.17
N ALA A 397 -34.78 -32.32 19.92
CA ALA A 397 -36.17 -32.04 20.27
C ALA A 397 -36.55 -32.91 21.45
N ASP A 398 -36.83 -32.28 22.59
CA ASP A 398 -37.28 -32.98 23.79
C ASP A 398 -38.75 -32.66 23.99
N SER A 399 -39.61 -33.66 23.82
CA SER A 399 -41.05 -33.49 23.85
C SER A 399 -41.65 -34.23 25.04
N PHE A 400 -42.69 -33.65 25.62
CA PHE A 400 -43.40 -34.27 26.74
C PHE A 400 -44.71 -33.52 26.94
N VAL A 401 -45.45 -33.94 27.97
CA VAL A 401 -46.75 -33.37 28.29
C VAL A 401 -46.80 -33.08 29.78
N ILE A 402 -47.34 -31.91 30.13
CA ILE A 402 -47.51 -31.51 31.53
C ILE A 402 -48.90 -30.93 31.70
N ARG A 403 -49.20 -30.39 32.87
CA ARG A 403 -50.42 -29.62 33.06
C ARG A 403 -50.10 -28.12 33.01
N GLY A 404 -51.12 -27.33 32.66
CA GLY A 404 -50.89 -25.93 32.37
C GLY A 404 -50.19 -25.18 33.48
N ASP A 405 -50.57 -25.46 34.73
CA ASP A 405 -49.99 -24.73 35.85
C ASP A 405 -48.48 -24.88 35.93
N GLU A 406 -47.93 -25.92 35.32
CA GLU A 406 -46.49 -26.18 35.36
C GLU A 406 -45.75 -25.69 34.12
N VAL A 407 -46.43 -24.98 33.22
CA VAL A 407 -45.75 -24.47 32.03
C VAL A 407 -44.73 -23.39 32.37
N ARG A 408 -44.81 -22.81 33.57
CA ARG A 408 -43.94 -21.70 33.91
C ARG A 408 -42.52 -22.17 34.21
N GLN A 409 -42.37 -23.32 34.85
CA GLN A 409 -41.07 -23.73 35.37
C GLN A 409 -40.05 -24.07 34.28
N ILE A 410 -40.48 -24.19 33.02
CA ILE A 410 -39.57 -24.55 31.93
C ILE A 410 -38.95 -23.25 31.44
N ALA A 411 -37.84 -22.87 32.07
CA ALA A 411 -37.06 -21.70 31.68
C ALA A 411 -35.78 -21.66 32.51
N PRO A 412 -34.71 -21.04 32.01
CA PRO A 412 -33.45 -21.04 32.76
C PRO A 412 -33.58 -20.28 34.07
N GLY A 413 -32.88 -20.76 35.09
CA GLY A 413 -32.81 -20.10 36.38
C GLY A 413 -34.01 -20.29 37.27
N GLN A 414 -34.97 -21.12 36.87
CA GLN A 414 -36.18 -21.35 37.67
C GLN A 414 -36.06 -22.65 38.46
N THR A 415 -36.91 -22.76 39.48
CA THR A 415 -36.98 -23.93 40.33
C THR A 415 -38.43 -24.37 40.49
N GLY A 416 -38.62 -25.67 40.66
CA GLY A 416 -39.95 -26.22 40.83
C GLY A 416 -39.90 -27.73 40.85
N LYS A 417 -41.05 -28.32 41.15
CA LYS A 417 -41.14 -29.77 41.23
C LYS A 417 -40.77 -30.43 39.92
N ILE A 418 -41.43 -30.00 38.82
CA ILE A 418 -41.19 -30.62 37.52
C ILE A 418 -39.75 -30.40 37.09
N ALA A 419 -39.25 -29.18 37.21
CA ALA A 419 -37.90 -28.88 36.76
C ALA A 419 -36.86 -29.67 37.54
N ASP A 420 -37.03 -29.73 38.87
CA ASP A 420 -36.01 -30.36 39.71
C ASP A 420 -36.06 -31.87 39.67
N TYR A 421 -37.25 -32.46 39.55
CA TYR A 421 -37.41 -33.91 39.70
C TYR A 421 -37.74 -34.64 38.40
N ASN A 422 -38.28 -33.95 37.39
CA ASN A 422 -38.73 -34.60 36.17
C ASN A 422 -37.91 -34.20 34.94
N TYR A 423 -37.66 -32.91 34.74
CA TYR A 423 -36.96 -32.46 33.53
C TYR A 423 -36.22 -31.17 33.87
N LYS A 424 -34.92 -31.28 34.09
CA LYS A 424 -34.06 -30.14 34.34
C LYS A 424 -33.29 -29.79 33.07
N LEU A 425 -33.24 -28.50 32.75
CA LEU A 425 -32.60 -28.00 31.55
C LEU A 425 -31.39 -27.13 31.90
N PRO A 426 -30.42 -27.01 31.00
CA PRO A 426 -29.24 -26.20 31.30
C PRO A 426 -29.59 -24.74 31.48
N ASP A 427 -28.83 -24.06 32.35
CA ASP A 427 -29.08 -22.66 32.62
C ASP A 427 -28.82 -21.79 31.39
N ASP A 428 -27.78 -22.10 30.63
CA ASP A 428 -27.34 -21.27 29.51
C ASP A 428 -27.53 -21.97 28.16
N PHE A 429 -28.66 -22.68 28.02
CA PHE A 429 -28.95 -23.33 26.75
C PHE A 429 -29.28 -22.30 25.68
N THR A 430 -28.98 -22.65 24.43
CA THR A 430 -29.30 -21.83 23.27
C THR A 430 -30.33 -22.58 22.44
N GLY A 431 -31.59 -22.17 22.58
CA GLY A 431 -32.67 -22.85 21.87
C GLY A 431 -34.01 -22.15 22.01
N CYS A 432 -35.09 -22.92 21.96
CA CYS A 432 -36.42 -22.34 22.06
C CYS A 432 -37.40 -23.39 22.55
N VAL A 433 -38.29 -22.98 23.44
CA VAL A 433 -39.34 -23.84 23.96
C VAL A 433 -40.67 -23.44 23.33
N ILE A 434 -41.37 -24.41 22.77
CA ILE A 434 -42.69 -24.23 22.20
C ILE A 434 -43.65 -25.08 23.00
N ALA A 435 -44.88 -24.62 23.15
CA ALA A 435 -45.87 -25.43 23.85
C ALA A 435 -47.26 -24.90 23.58
N TRP A 436 -48.24 -25.78 23.76
CA TRP A 436 -49.62 -25.43 23.45
C TRP A 436 -50.57 -26.34 24.22
N ASN A 437 -51.74 -25.80 24.55
CA ASN A 437 -52.77 -26.59 25.21
C ASN A 437 -53.18 -27.76 24.33
N SER A 438 -53.37 -28.92 24.95
CA SER A 438 -53.74 -30.14 24.24
C SER A 438 -54.90 -30.83 24.94
N ASN A 439 -55.92 -30.06 25.32
CA ASN A 439 -57.07 -30.64 26.00
C ASN A 439 -57.77 -31.68 25.13
N ASN A 440 -58.11 -31.30 23.89
CA ASN A 440 -58.87 -32.18 23.02
C ASN A 440 -58.10 -33.44 22.65
N LEU A 441 -56.78 -33.46 22.82
CA LEU A 441 -55.97 -34.60 22.44
C LEU A 441 -55.44 -35.40 23.62
N ASP A 442 -55.47 -34.86 24.84
CA ASP A 442 -54.93 -35.54 26.01
C ASP A 442 -55.95 -35.71 27.12
N SER A 443 -57.17 -35.23 26.97
CA SER A 443 -58.21 -35.37 27.98
C SER A 443 -59.13 -36.52 27.60
N LYS A 444 -59.38 -37.41 28.56
CA LYS A 444 -60.26 -38.55 28.36
C LYS A 444 -61.26 -38.64 29.50
N VAL A 445 -62.48 -39.08 29.16
CA VAL A 445 -63.52 -39.22 30.17
C VAL A 445 -63.09 -40.24 31.21
N GLY A 446 -63.29 -39.90 32.49
CA GLY A 446 -62.89 -40.76 33.57
C GLY A 446 -61.45 -40.59 34.02
N GLY A 447 -60.68 -39.73 33.36
CA GLY A 447 -59.30 -39.49 33.75
C GLY A 447 -58.30 -40.20 32.88
N ASN A 448 -57.44 -39.44 32.21
CA ASN A 448 -56.36 -39.99 31.40
C ASN A 448 -55.12 -40.11 32.29
N TYR A 449 -54.91 -41.31 32.85
CA TYR A 449 -53.86 -41.53 33.82
C TYR A 449 -52.57 -42.07 33.19
N ASN A 450 -52.51 -42.18 31.87
CA ASN A 450 -51.29 -42.66 31.23
C ASN A 450 -50.11 -41.72 31.47
N TYR A 451 -50.37 -40.44 31.73
CA TYR A 451 -49.31 -39.48 31.98
C TYR A 451 -48.89 -39.54 33.45
N LEU A 452 -47.58 -39.68 33.67
CA LEU A 452 -47.03 -39.80 35.01
C LEU A 452 -45.96 -38.74 35.21
N TYR A 453 -45.72 -38.41 36.48
CA TYR A 453 -44.69 -37.41 36.81
C TYR A 453 -44.08 -37.77 38.16
N ARG A 454 -42.76 -37.73 38.25
CA ARG A 454 -42.06 -38.10 39.48
C ARG A 454 -42.21 -36.99 40.51
N LEU A 455 -42.49 -37.38 41.76
CA LEU A 455 -42.64 -36.44 42.86
C LEU A 455 -41.39 -36.39 43.74
N PHE A 456 -40.97 -37.52 44.28
CA PHE A 456 -39.94 -37.59 45.31
C PHE A 456 -38.68 -38.21 44.73
N ARG A 457 -37.54 -37.54 44.94
CA ARG A 457 -36.24 -38.11 44.62
C ARG A 457 -35.19 -37.34 45.41
N LYS A 458 -34.16 -38.06 45.88
CA LYS A 458 -33.25 -37.49 46.86
C LYS A 458 -32.46 -36.31 46.28
N SER A 459 -31.95 -36.46 45.06
N SER A 459 -31.95 -36.45 45.06
CA SER A 459 -31.07 -35.47 44.46
CA SER A 459 -31.07 -35.46 44.46
C SER A 459 -31.69 -34.91 43.18
C SER A 459 -31.69 -34.91 43.18
N ASN A 460 -31.16 -33.76 42.75
CA ASN A 460 -31.62 -33.11 41.54
C ASN A 460 -31.08 -33.82 40.31
N LEU A 461 -31.62 -33.45 39.15
CA LEU A 461 -31.18 -33.99 37.87
C LEU A 461 -30.18 -33.05 37.22
N LYS A 462 -29.03 -33.58 36.84
CA LYS A 462 -28.03 -32.79 36.15
C LYS A 462 -28.49 -32.52 34.72
N PRO A 463 -27.89 -31.54 34.04
CA PRO A 463 -28.37 -31.17 32.70
C PRO A 463 -28.38 -32.36 31.76
N PHE A 464 -29.46 -32.47 30.99
CA PHE A 464 -29.61 -33.52 29.99
C PHE A 464 -29.43 -34.91 30.61
N GLU A 465 -30.22 -35.18 31.65
CA GLU A 465 -30.25 -36.48 32.30
C GLU A 465 -31.64 -37.11 32.16
N ARG A 466 -31.67 -38.37 31.75
CA ARG A 466 -32.90 -39.14 31.59
C ARG A 466 -32.86 -40.28 32.60
N ASP A 467 -33.74 -40.21 33.60
CA ASP A 467 -33.81 -41.21 34.66
C ASP A 467 -35.13 -41.96 34.57
N ILE A 468 -35.05 -43.29 34.52
CA ILE A 468 -36.22 -44.14 34.46
C ILE A 468 -36.38 -45.02 35.69
N SER A 469 -35.50 -44.87 36.69
CA SER A 469 -35.56 -45.73 37.86
C SER A 469 -36.93 -45.62 38.54
N THR A 470 -37.47 -46.77 38.94
CA THR A 470 -38.77 -46.86 39.59
C THR A 470 -38.66 -47.35 41.03
N GLU A 471 -37.49 -47.23 41.64
CA GLU A 471 -37.31 -47.68 43.02
C GLU A 471 -38.21 -46.87 43.94
N ILE A 472 -38.77 -47.56 44.94
CA ILE A 472 -39.69 -46.90 45.87
C ILE A 472 -38.93 -45.85 46.68
N TYR A 473 -39.46 -44.63 46.72
CA TYR A 473 -38.83 -43.57 47.47
C TYR A 473 -38.89 -43.85 48.96
N GLN A 474 -37.77 -43.60 49.64
CA GLN A 474 -37.63 -43.82 51.07
C GLN A 474 -37.83 -42.52 51.83
N ALA A 475 -38.59 -42.58 52.91
CA ALA A 475 -38.82 -41.42 53.78
C ALA A 475 -38.52 -41.75 55.24
N GLY A 476 -37.75 -42.80 55.50
CA GLY A 476 -37.44 -43.21 56.86
C GLY A 476 -36.08 -43.87 56.94
N SER A 477 -35.66 -44.14 58.17
CA SER A 477 -34.36 -44.76 58.39
CA SER A 477 -34.36 -44.76 58.39
C SER A 477 -34.29 -46.14 57.77
N THR A 478 -35.34 -46.93 57.91
CA THR A 478 -35.35 -48.29 57.37
C THR A 478 -35.45 -48.25 55.85
N PRO A 479 -34.50 -48.83 55.12
CA PRO A 479 -34.63 -48.86 53.66
C PRO A 479 -35.82 -49.70 53.22
N CYS A 480 -36.42 -49.29 52.10
CA CYS A 480 -37.56 -50.04 51.58
C CYS A 480 -37.17 -51.46 51.19
N ASN A 481 -35.99 -51.61 50.60
CA ASN A 481 -35.50 -52.93 50.16
C ASN A 481 -36.53 -53.61 49.25
N GLY A 482 -37.12 -52.83 48.35
CA GLY A 482 -38.20 -53.35 47.53
C GLY A 482 -39.42 -53.76 48.32
N VAL A 483 -39.69 -53.06 49.43
CA VAL A 483 -40.87 -53.32 50.25
C VAL A 483 -41.43 -51.97 50.69
N GLU A 484 -42.75 -51.83 50.62
CA GLU A 484 -43.42 -50.59 50.93
C GLU A 484 -44.03 -50.67 52.33
N GLY A 485 -44.78 -49.63 52.70
CA GLY A 485 -45.38 -49.56 54.01
C GLY A 485 -45.15 -48.21 54.67
N PHE A 486 -44.62 -48.22 55.89
CA PHE A 486 -44.32 -46.97 56.58
C PHE A 486 -43.03 -46.38 56.02
N ASN A 487 -43.07 -45.07 55.74
CA ASN A 487 -41.90 -44.34 55.25
C ASN A 487 -41.35 -44.94 53.95
N CYS A 488 -42.26 -45.38 53.07
CA CYS A 488 -41.89 -45.89 51.75
C CYS A 488 -43.03 -45.54 50.80
N TYR A 489 -42.80 -44.56 49.92
CA TYR A 489 -43.84 -44.04 49.05
C TYR A 489 -43.41 -44.16 47.59
N PHE A 490 -44.40 -44.38 46.73
CA PHE A 490 -44.12 -44.53 45.31
C PHE A 490 -43.66 -43.19 44.73
N PRO A 491 -42.53 -43.12 44.03
CA PRO A 491 -41.98 -41.81 43.66
C PRO A 491 -42.89 -40.96 42.78
N LEU A 492 -43.67 -41.58 41.89
CA LEU A 492 -44.35 -40.86 40.83
C LEU A 492 -45.86 -40.98 40.96
N GLN A 493 -46.55 -39.97 40.42
CA GLN A 493 -48.00 -39.83 40.54
C GLN A 493 -48.59 -39.52 39.17
N SER A 494 -49.87 -39.85 39.01
CA SER A 494 -50.57 -39.68 37.74
C SER A 494 -51.35 -38.37 37.73
N TYR A 495 -51.28 -37.66 36.61
CA TYR A 495 -52.04 -36.43 36.45
C TYR A 495 -53.54 -36.71 36.39
N GLY A 496 -53.95 -37.69 35.57
CA GLY A 496 -55.34 -38.02 35.42
C GLY A 496 -56.15 -36.89 34.80
N PHE A 497 -55.89 -36.60 33.54
CA PHE A 497 -56.58 -35.52 32.85
C PHE A 497 -58.00 -35.91 32.48
N GLN A 498 -58.92 -34.95 32.59
CA GLN A 498 -60.33 -35.11 32.29
C GLN A 498 -60.77 -34.04 31.31
N PRO A 499 -61.86 -34.27 30.57
CA PRO A 499 -62.32 -33.24 29.64
C PRO A 499 -62.69 -31.92 30.31
N THR A 500 -63.16 -31.96 31.55
CA THR A 500 -63.59 -30.77 32.27
C THR A 500 -62.46 -30.11 33.04
N ASN A 501 -61.21 -30.30 32.62
CA ASN A 501 -60.07 -29.73 33.32
C ASN A 501 -60.12 -28.20 33.27
N GLY A 502 -59.61 -27.58 34.34
CA GLY A 502 -59.42 -26.15 34.33
C GLY A 502 -58.24 -25.74 33.47
N VAL A 503 -58.18 -24.44 33.18
CA VAL A 503 -57.13 -23.93 32.30
C VAL A 503 -55.76 -24.27 32.87
N GLY A 504 -55.58 -24.09 34.19
CA GLY A 504 -54.32 -24.43 34.80
C GLY A 504 -54.03 -25.91 34.78
N TYR A 505 -55.05 -26.73 35.05
CA TYR A 505 -54.89 -28.18 35.12
C TYR A 505 -55.06 -28.87 33.77
N GLN A 506 -55.46 -28.14 32.74
CA GLN A 506 -55.61 -28.75 31.43
C GLN A 506 -54.25 -29.18 30.87
N PRO A 507 -54.21 -30.24 30.08
CA PRO A 507 -52.92 -30.72 29.57
C PRO A 507 -52.30 -29.74 28.57
N TYR A 508 -50.97 -29.76 28.53
CA TYR A 508 -50.20 -28.91 27.64
C TYR A 508 -49.04 -29.71 27.08
N ARG A 509 -48.89 -29.70 25.77
CA ARG A 509 -47.77 -30.36 25.11
C ARG A 509 -46.61 -29.38 25.00
N VAL A 510 -45.42 -29.83 25.36
CA VAL A 510 -44.23 -28.99 25.40
C VAL A 510 -43.13 -29.67 24.59
N VAL A 511 -42.45 -28.90 23.75
CA VAL A 511 -41.31 -29.38 22.97
C VAL A 511 -40.21 -28.32 23.07
N VAL A 512 -39.02 -28.74 23.50
CA VAL A 512 -37.86 -27.87 23.60
C VAL A 512 -36.89 -28.24 22.49
N LEU A 513 -36.56 -27.27 21.65
CA LEU A 513 -35.64 -27.46 20.53
C LEU A 513 -34.33 -26.78 20.89
N SER A 514 -33.28 -27.58 21.05
CA SER A 514 -31.94 -27.10 21.38
C SER A 514 -31.05 -27.23 20.16
N PHE A 515 -30.34 -26.15 19.82
CA PHE A 515 -29.48 -26.12 18.65
C PHE A 515 -28.04 -26.33 19.09
N GLU A 516 -27.38 -27.33 18.50
CA GLU A 516 -26.00 -27.65 18.83
C GLU A 516 -25.12 -27.32 17.63
N LEU A 517 -24.11 -26.49 17.86
CA LEU A 517 -23.14 -26.09 16.85
C LEU A 517 -21.73 -26.22 17.42
N LEU A 518 -20.83 -26.80 16.63
CA LEU A 518 -19.44 -26.96 17.05
C LEU A 518 -18.49 -26.52 15.94
N PRO A 521 -19.05 -29.04 10.78
CA PRO A 521 -19.81 -28.48 9.65
C PRO A 521 -21.31 -28.50 9.88
N ALA A 522 -21.93 -27.32 9.87
CA ALA A 522 -23.36 -27.22 10.09
C ALA A 522 -24.11 -28.03 9.02
N THR A 523 -25.10 -28.79 9.47
CA THR A 523 -25.86 -29.68 8.58
C THR A 523 -27.28 -29.22 8.30
N VAL A 524 -27.94 -28.56 9.25
CA VAL A 524 -29.30 -28.10 9.08
C VAL A 524 -29.27 -26.58 8.97
N CYS A 525 -29.65 -26.06 7.82
CA CYS A 525 -29.63 -24.63 7.51
C CYS A 525 -31.06 -24.13 7.31
N GLY A 526 -31.17 -22.86 6.93
CA GLY A 526 -32.45 -22.23 6.74
C GLY A 526 -33.04 -22.47 5.37
N PRO A 527 -34.30 -22.05 5.17
CA PRO A 527 -34.98 -22.34 3.90
C PRO A 527 -34.25 -21.81 2.67
N LYS A 528 -33.62 -20.64 2.77
CA LYS A 528 -32.89 -20.05 1.64
C LYS A 528 -33.80 -19.85 0.44
N LYS A 529 -34.78 -18.96 0.63
CA LYS A 529 -35.74 -18.65 -0.42
C LYS A 529 -35.01 -18.16 -1.68
N SER A 530 -35.73 -18.19 -2.80
CA SER A 530 -35.18 -17.84 -4.09
C SER A 530 -36.13 -16.89 -4.81
N THR A 531 -35.70 -16.40 -5.97
CA THR A 531 -36.49 -15.48 -6.77
C THR A 531 -36.51 -15.99 -8.21
N ASN A 532 -37.02 -15.17 -9.12
CA ASN A 532 -37.12 -15.51 -10.53
C ASN A 532 -35.90 -14.99 -11.29
N LEU A 533 -35.68 -15.56 -12.47
CA LEU A 533 -34.54 -15.22 -13.31
C LEU A 533 -34.97 -14.22 -14.38
N VAL A 534 -34.19 -13.16 -14.53
CA VAL A 534 -34.41 -12.15 -15.56
C VAL A 534 -33.13 -11.99 -16.37
N LYS A 535 -33.27 -11.86 -17.68
CA LYS A 535 -32.15 -11.84 -18.60
C LYS A 535 -32.15 -10.54 -19.40
N ASN A 536 -30.96 -10.19 -19.91
CA ASN A 536 -30.78 -9.07 -20.83
C ASN A 536 -30.90 -7.72 -20.14
N LYS A 537 -30.54 -7.66 -18.86
CA LYS A 537 -30.54 -6.40 -18.13
C LYS A 537 -29.42 -6.42 -17.11
N CYS A 538 -28.86 -5.24 -16.83
CA CYS A 538 -27.83 -5.13 -15.80
C CYS A 538 -28.47 -5.44 -14.45
N VAL A 539 -28.14 -6.59 -13.89
CA VAL A 539 -28.80 -7.14 -12.70
C VAL A 539 -27.74 -7.52 -11.67
N ASN A 540 -28.07 -7.30 -10.41
CA ASN A 540 -27.24 -7.79 -9.30
C ASN A 540 -27.75 -9.18 -8.92
N PHE A 541 -26.92 -10.20 -9.16
CA PHE A 541 -27.33 -11.58 -9.04
C PHE A 541 -26.55 -12.28 -7.93
N ASN A 542 -27.21 -13.26 -7.32
CA ASN A 542 -26.59 -14.11 -6.29
C ASN A 542 -26.94 -15.56 -6.59
N PHE A 543 -25.98 -16.32 -7.09
CA PHE A 543 -26.14 -17.73 -7.40
C PHE A 543 -25.32 -18.55 -6.39
N ASN A 544 -26.00 -19.14 -5.42
CA ASN A 544 -25.37 -20.02 -4.44
C ASN A 544 -24.11 -19.39 -3.86
N GLY A 545 -24.30 -18.25 -3.20
CA GLY A 545 -23.22 -17.53 -2.57
C GLY A 545 -22.34 -16.73 -3.51
N LEU A 546 -22.36 -17.02 -4.80
CA LEU A 546 -21.58 -16.26 -5.78
C LEU A 546 -22.36 -15.01 -6.13
N THR A 547 -21.89 -13.86 -5.64
CA THR A 547 -22.55 -12.58 -5.86
C THR A 547 -21.82 -11.82 -6.96
N GLY A 548 -22.59 -11.15 -7.82
CA GLY A 548 -21.98 -10.37 -8.88
C GLY A 548 -22.98 -9.41 -9.47
N THR A 549 -22.51 -8.63 -10.44
CA THR A 549 -23.35 -7.70 -11.18
C THR A 549 -23.08 -7.86 -12.67
N GLY A 550 -24.14 -7.84 -13.45
CA GLY A 550 -24.01 -8.01 -14.89
C GLY A 550 -25.32 -8.48 -15.49
N VAL A 551 -25.27 -8.72 -16.79
CA VAL A 551 -26.43 -9.16 -17.56
C VAL A 551 -26.27 -10.64 -17.86
N LEU A 552 -27.33 -11.40 -17.63
CA LEU A 552 -27.35 -12.84 -17.89
C LEU A 552 -28.00 -13.10 -19.23
N THR A 553 -27.35 -13.91 -20.06
CA THR A 553 -27.84 -14.23 -21.39
C THR A 553 -27.74 -15.73 -21.62
N GLU A 554 -28.53 -16.23 -22.56
CA GLU A 554 -28.44 -17.64 -22.93
C GLU A 554 -27.05 -17.92 -23.50
N SER A 555 -26.50 -19.08 -23.13
CA SER A 555 -25.13 -19.43 -23.47
C SER A 555 -25.10 -20.76 -24.22
N ASN A 556 -24.17 -20.86 -25.16
CA ASN A 556 -23.93 -22.10 -25.89
C ASN A 556 -22.94 -23.01 -25.19
N LYS A 557 -22.28 -22.54 -24.12
CA LYS A 557 -21.34 -23.37 -23.40
C LYS A 557 -22.05 -24.55 -22.75
N LYS A 558 -21.35 -25.69 -22.69
CA LYS A 558 -21.88 -26.93 -22.13
C LYS A 558 -21.06 -27.28 -20.89
N PHE A 559 -21.68 -27.16 -19.72
CA PHE A 559 -21.03 -27.50 -18.46
C PHE A 559 -21.18 -28.98 -18.15
N LEU A 560 -20.20 -29.52 -17.44
CA LEU A 560 -20.31 -30.89 -16.97
C LEU A 560 -21.34 -30.98 -15.84
N PRO A 561 -21.85 -32.18 -15.57
CA PRO A 561 -22.88 -32.29 -14.53
C PRO A 561 -22.43 -31.79 -13.16
N PHE A 562 -21.15 -31.92 -12.83
CA PHE A 562 -20.64 -31.55 -11.52
C PHE A 562 -20.08 -30.14 -11.46
N GLN A 563 -20.12 -29.38 -12.56
CA GLN A 563 -19.57 -28.03 -12.60
C GLN A 563 -20.72 -27.02 -12.51
N GLN A 564 -20.56 -26.06 -11.61
CA GLN A 564 -21.58 -25.04 -11.39
C GLN A 564 -21.33 -23.79 -12.22
N PHE A 565 -20.18 -23.14 -12.04
CA PHE A 565 -19.88 -21.89 -12.72
C PHE A 565 -18.53 -22.02 -13.44
N GLY A 566 -18.40 -21.29 -14.53
CA GLY A 566 -17.20 -21.30 -15.35
C GLY A 566 -16.51 -19.96 -15.34
N ARG A 567 -15.18 -19.99 -15.19
CA ARG A 567 -14.36 -18.80 -15.07
C ARG A 567 -13.54 -18.62 -16.34
N ASP A 568 -13.55 -17.42 -16.89
CA ASP A 568 -12.68 -17.10 -18.01
C ASP A 568 -11.24 -16.99 -17.52
N ILE A 569 -10.30 -16.87 -18.46
CA ILE A 569 -8.91 -16.62 -18.10
C ILE A 569 -8.86 -15.47 -17.11
N ALA A 570 -7.94 -15.55 -16.15
CA ALA A 570 -7.78 -14.62 -15.04
C ALA A 570 -8.78 -14.89 -13.92
N ASP A 571 -9.48 -16.02 -13.95
CA ASP A 571 -10.35 -16.45 -12.87
C ASP A 571 -11.51 -15.49 -12.63
N THR A 572 -11.90 -14.74 -13.64
CA THR A 572 -13.08 -13.89 -13.55
C THR A 572 -14.30 -14.67 -13.98
N THR A 573 -15.35 -14.63 -13.18
CA THR A 573 -16.54 -15.41 -13.48
C THR A 573 -17.08 -15.04 -14.86
N ASP A 574 -17.37 -16.06 -15.66
CA ASP A 574 -17.84 -15.88 -17.03
C ASP A 574 -19.20 -16.50 -17.30
N ALA A 575 -19.54 -17.62 -16.65
CA ALA A 575 -20.85 -18.22 -16.81
C ALA A 575 -21.23 -18.87 -15.49
N VAL A 576 -22.54 -19.05 -15.29
CA VAL A 576 -23.05 -19.64 -14.07
C VAL A 576 -24.25 -20.52 -14.41
N ARG A 577 -24.35 -21.65 -13.72
CA ARG A 577 -25.49 -22.55 -13.87
C ARG A 577 -26.48 -22.27 -12.74
N ASP A 578 -27.69 -21.87 -13.11
CA ASP A 578 -28.70 -21.60 -12.11
C ASP A 578 -29.17 -22.91 -11.50
N PRO A 579 -29.01 -23.13 -10.19
CA PRO A 579 -29.30 -24.46 -9.65
C PRO A 579 -30.73 -24.91 -9.82
N GLN A 580 -31.71 -23.99 -9.82
CA GLN A 580 -33.10 -24.39 -9.80
C GLN A 580 -33.48 -25.21 -11.02
N THR A 581 -33.03 -24.79 -12.20
CA THR A 581 -33.34 -25.49 -13.44
C THR A 581 -32.10 -25.89 -14.22
N LEU A 582 -30.91 -25.70 -13.66
CA LEU A 582 -29.66 -26.17 -14.26
C LEU A 582 -29.40 -25.53 -15.62
N GLU A 583 -29.90 -24.32 -15.83
CA GLU A 583 -29.64 -23.59 -17.06
C GLU A 583 -28.32 -22.83 -16.96
N ILE A 584 -27.51 -22.96 -17.99
CA ILE A 584 -26.20 -22.29 -18.03
C ILE A 584 -26.39 -20.93 -18.68
N LEU A 585 -25.97 -19.87 -17.98
CA LEU A 585 -26.17 -18.50 -18.41
C LEU A 585 -24.83 -17.79 -18.45
N ASP A 586 -24.54 -17.12 -19.56
CA ASP A 586 -23.34 -16.31 -19.68
C ASP A 586 -23.55 -14.97 -19.00
N ILE A 587 -22.58 -14.58 -18.17
CA ILE A 587 -22.60 -13.31 -17.46
C ILE A 587 -21.72 -12.32 -18.22
N THR A 588 -22.28 -11.16 -18.54
CA THR A 588 -21.53 -10.13 -19.23
C THR A 588 -21.55 -8.84 -18.42
N PRO A 589 -20.43 -8.13 -18.29
CA PRO A 589 -20.47 -6.84 -17.59
C PRO A 589 -21.32 -5.84 -18.35
N CYS A 590 -22.36 -5.34 -17.70
CA CYS A 590 -23.25 -4.39 -18.35
C CYS A 590 -22.49 -3.10 -18.67
N SER A 591 -22.96 -2.41 -19.71
CA SER A 591 -22.15 -1.40 -20.37
C SER A 591 -21.63 -0.35 -19.41
N PHE A 592 -20.37 0.02 -19.60
CA PHE A 592 -19.75 1.13 -18.88
C PHE A 592 -18.58 1.63 -19.71
N GLY A 593 -18.14 2.84 -19.42
CA GLY A 593 -16.97 3.38 -20.09
C GLY A 593 -16.84 4.87 -19.86
N GLY A 594 -15.66 5.38 -20.19
CA GLY A 594 -15.39 6.78 -19.98
C GLY A 594 -16.25 7.68 -20.85
N VAL A 595 -16.46 8.89 -20.38
CA VAL A 595 -17.24 9.91 -21.08
C VAL A 595 -16.30 11.08 -21.36
N SER A 596 -16.04 11.34 -22.63
CA SER A 596 -15.19 12.44 -23.03
C SER A 596 -16.05 13.62 -23.49
N VAL A 597 -15.53 14.82 -23.29
CA VAL A 597 -16.21 16.06 -23.66
C VAL A 597 -15.34 16.75 -24.69
N ILE A 598 -15.91 16.99 -25.87
CA ILE A 598 -15.23 17.69 -26.95
C ILE A 598 -15.72 19.13 -26.96
N THR A 599 -14.79 20.07 -26.81
CA THR A 599 -15.12 21.48 -26.76
C THR A 599 -14.21 22.24 -27.72
N PRO A 600 -14.73 23.14 -28.55
CA PRO A 600 -13.87 23.99 -29.38
C PRO A 600 -13.21 25.14 -28.63
N GLY A 601 -13.37 25.20 -27.31
CA GLY A 601 -12.81 26.27 -26.52
C GLY A 601 -13.85 27.26 -26.06
N THR A 602 -13.92 27.50 -24.75
CA THR A 602 -14.88 28.48 -24.23
C THR A 602 -14.65 29.85 -24.85
N ASN A 603 -13.40 30.18 -25.15
CA ASN A 603 -13.10 31.45 -25.81
C ASN A 603 -13.78 31.55 -27.17
N THR A 604 -14.09 30.43 -27.80
CA THR A 604 -14.76 30.41 -29.10
C THR A 604 -16.26 30.21 -28.97
N SER A 605 -16.69 29.14 -28.30
CA SER A 605 -18.11 28.86 -28.15
C SER A 605 -18.32 28.01 -26.92
N ASN A 606 -19.56 28.00 -26.42
CA ASN A 606 -19.95 27.19 -25.29
C ASN A 606 -20.63 25.88 -25.70
N GLN A 607 -20.73 25.61 -26.99
CA GLN A 607 -21.30 24.34 -27.44
C GLN A 607 -20.31 23.20 -27.18
N VAL A 608 -20.86 22.01 -26.97
CA VAL A 608 -20.06 20.87 -26.55
C VAL A 608 -20.64 19.60 -27.14
N ALA A 609 -19.77 18.63 -27.41
CA ALA A 609 -20.17 17.29 -27.82
C ALA A 609 -19.70 16.29 -26.77
N VAL A 610 -20.41 15.17 -26.67
CA VAL A 610 -20.12 14.15 -25.66
C VAL A 610 -19.87 12.83 -26.38
N LEU A 611 -18.73 12.21 -26.07
CA LEU A 611 -18.37 10.91 -26.63
C LEU A 611 -18.46 9.87 -25.53
N TYR A 612 -19.37 8.92 -25.68
CA TYR A 612 -19.45 7.77 -24.80
C TYR A 612 -18.63 6.65 -25.42
N GLN A 613 -17.55 6.26 -24.75
CA GLN A 613 -16.54 5.39 -25.35
C GLN A 613 -16.89 3.92 -25.16
N ASP A 614 -16.77 3.17 -26.25
CA ASP A 614 -16.98 1.72 -26.24
C ASP A 614 -18.35 1.38 -25.62
N VAL A 615 -19.35 2.20 -25.94
CA VAL A 615 -20.69 2.02 -25.42
C VAL A 615 -21.67 2.10 -26.58
N ASN A 616 -22.44 1.02 -26.79
CA ASN A 616 -23.60 1.08 -27.66
C ASN A 616 -24.64 1.94 -26.97
N CYS A 617 -24.78 3.19 -27.44
CA CYS A 617 -25.66 4.14 -26.77
C CYS A 617 -27.08 4.14 -27.32
N THR A 618 -27.54 2.99 -27.82
CA THR A 618 -28.96 2.69 -27.73
C THR A 618 -29.38 2.57 -26.27
N GLU A 619 -28.44 2.28 -25.38
CA GLU A 619 -28.68 2.22 -23.95
C GLU A 619 -28.16 3.51 -23.29
N VAL A 620 -28.96 4.56 -23.43
CA VAL A 620 -28.69 5.84 -22.78
C VAL A 620 -30.00 6.54 -22.45
N ASN A 641 -28.68 13.84 -32.78
CA ASN A 641 -27.46 13.76 -33.58
C ASN A 641 -26.53 12.68 -33.04
N VAL A 642 -27.10 11.53 -32.67
CA VAL A 642 -26.31 10.42 -32.17
C VAL A 642 -25.62 9.73 -33.35
N PHE A 643 -24.29 9.65 -33.30
CA PHE A 643 -23.50 9.11 -34.39
C PHE A 643 -22.58 8.03 -33.84
N GLN A 644 -22.77 6.80 -34.28
CA GLN A 644 -21.97 5.68 -33.79
C GLN A 644 -20.64 5.62 -34.52
N THR A 645 -19.58 5.33 -33.77
CA THR A 645 -18.24 5.20 -34.30
C THR A 645 -17.55 4.05 -33.60
N ARG A 646 -16.44 3.58 -34.18
CA ARG A 646 -15.70 2.49 -33.57
C ARG A 646 -15.14 2.89 -32.21
N ALA A 647 -15.06 4.18 -31.91
CA ALA A 647 -14.60 4.66 -30.61
C ALA A 647 -15.74 4.83 -29.62
N GLY A 648 -16.96 4.45 -29.99
CA GLY A 648 -18.11 4.62 -29.12
C GLY A 648 -19.27 5.29 -29.84
N CYS A 649 -19.80 6.37 -29.29
CA CYS A 649 -20.75 7.17 -30.04
C CYS A 649 -20.67 8.62 -29.58
N LEU A 650 -20.88 9.52 -30.53
CA LEU A 650 -20.74 10.95 -30.33
C LEU A 650 -22.12 11.59 -30.42
N ILE A 651 -22.43 12.43 -29.43
CA ILE A 651 -23.72 13.10 -29.33
C ILE A 651 -23.48 14.60 -29.29
N GLY A 652 -24.33 15.35 -30.01
CA GLY A 652 -24.18 16.78 -30.11
C GLY A 652 -23.32 17.25 -31.26
N ALA A 653 -22.76 16.34 -32.04
CA ALA A 653 -21.93 16.67 -33.19
C ALA A 653 -22.59 16.14 -34.46
N GLU A 654 -22.62 16.95 -35.50
CA GLU A 654 -23.25 16.58 -36.76
C GLU A 654 -22.25 15.88 -37.66
N HIS A 655 -22.62 14.68 -38.12
CA HIS A 655 -21.75 13.91 -38.99
C HIS A 655 -21.85 14.41 -40.43
N VAL A 656 -20.71 14.53 -41.10
CA VAL A 656 -20.65 15.02 -42.47
C VAL A 656 -19.82 14.03 -43.29
N ASN A 657 -20.05 14.06 -44.60
CA ASN A 657 -19.33 13.19 -45.53
C ASN A 657 -18.10 13.86 -46.11
N ASN A 658 -17.77 15.07 -45.69
CA ASN A 658 -16.56 15.75 -46.15
C ASN A 658 -15.35 15.16 -45.44
N SER A 659 -14.19 15.79 -45.63
CA SER A 659 -12.97 15.34 -44.96
C SER A 659 -12.02 16.52 -44.87
N TYR A 660 -11.56 16.82 -43.66
CA TYR A 660 -10.65 17.93 -43.41
C TYR A 660 -9.47 17.44 -42.58
N GLU A 661 -8.48 18.31 -42.42
CA GLU A 661 -7.37 18.02 -41.53
C GLU A 661 -7.87 17.90 -40.10
N CYS A 662 -7.38 16.89 -39.38
CA CYS A 662 -7.88 16.62 -38.04
C CYS A 662 -7.66 17.82 -37.13
N ASP A 663 -8.71 18.21 -36.41
CA ASP A 663 -8.65 19.29 -35.45
C ASP A 663 -8.71 18.76 -34.02
N ILE A 664 -9.74 18.00 -33.69
CA ILE A 664 -9.87 17.34 -32.39
C ILE A 664 -9.95 15.84 -32.64
N PRO A 665 -8.88 15.09 -32.36
CA PRO A 665 -8.89 13.65 -32.65
C PRO A 665 -9.81 12.90 -31.70
N ILE A 666 -10.76 12.17 -32.26
CA ILE A 666 -11.70 11.38 -31.46
C ILE A 666 -11.24 9.92 -31.38
N GLY A 667 -10.77 9.36 -32.49
CA GLY A 667 -10.30 7.99 -32.49
C GLY A 667 -10.90 7.18 -33.62
N ALA A 668 -10.21 6.12 -34.03
CA ALA A 668 -10.66 5.25 -35.10
C ALA A 668 -10.79 6.01 -36.42
N GLY A 669 -9.98 7.05 -36.60
CA GLY A 669 -10.00 7.84 -37.81
C GLY A 669 -11.04 8.94 -37.85
N ILE A 670 -11.84 9.09 -36.80
CA ILE A 670 -12.86 10.12 -36.73
C ILE A 670 -12.29 11.31 -35.98
N CYS A 671 -12.47 12.51 -36.54
CA CYS A 671 -12.07 13.75 -35.88
C CYS A 671 -13.26 14.67 -35.81
N ALA A 672 -13.13 15.73 -35.00
CA ALA A 672 -14.20 16.69 -34.81
C ALA A 672 -13.63 18.10 -34.94
N SER A 673 -14.49 19.02 -35.35
CA SER A 673 -14.08 20.40 -35.57
C SER A 673 -15.29 21.31 -35.38
N TYR A 674 -15.04 22.61 -35.47
CA TYR A 674 -16.08 23.61 -35.26
C TYR A 674 -16.29 24.46 -36.52
N SER A 691 -21.75 25.17 -35.08
CA SER A 691 -22.01 23.77 -34.74
C SER A 691 -20.71 22.97 -34.73
N ILE A 692 -20.75 21.80 -34.10
CA ILE A 692 -19.61 20.91 -34.05
C ILE A 692 -19.84 19.76 -35.03
N ILE A 693 -18.90 19.57 -35.93
CA ILE A 693 -19.01 18.55 -36.97
C ILE A 693 -18.02 17.43 -36.67
N ALA A 694 -18.41 16.21 -37.04
CA ALA A 694 -17.58 15.02 -36.88
C ALA A 694 -17.41 14.36 -38.24
N TYR A 695 -16.16 14.15 -38.65
CA TYR A 695 -15.86 13.66 -39.99
C TYR A 695 -14.74 12.63 -39.90
N THR A 696 -14.34 12.10 -41.05
CA THR A 696 -13.19 11.23 -41.17
C THR A 696 -12.01 12.06 -41.67
N MET A 697 -10.94 12.08 -40.90
CA MET A 697 -9.80 12.94 -41.22
C MET A 697 -9.22 12.56 -42.58
N SER A 698 -8.80 13.58 -43.33
CA SER A 698 -8.16 13.37 -44.62
C SER A 698 -6.64 13.34 -44.45
N LEU A 699 -6.01 12.39 -45.12
CA LEU A 699 -4.56 12.27 -45.04
C LEU A 699 -3.84 13.31 -45.86
N GLY A 700 -4.51 13.96 -46.79
CA GLY A 700 -3.90 14.99 -47.60
C GLY A 700 -4.44 14.97 -49.01
N ALA A 701 -4.10 16.00 -49.76
CA ALA A 701 -4.52 16.08 -51.15
C ALA A 701 -3.96 14.91 -51.93
N GLU A 702 -4.81 14.26 -52.72
CA GLU A 702 -4.42 13.09 -53.50
C GLU A 702 -4.10 13.55 -54.92
N ASN A 703 -2.83 13.42 -55.30
CA ASN A 703 -2.36 13.84 -56.62
C ASN A 703 -1.51 12.74 -57.21
N SER A 704 -1.74 12.41 -58.48
CA SER A 704 -0.98 11.40 -59.17
C SER A 704 0.16 12.05 -59.94
N VAL A 705 1.37 11.54 -59.75
CA VAL A 705 2.54 12.11 -60.42
C VAL A 705 2.55 11.64 -61.87
N ALA A 706 2.80 12.57 -62.78
CA ALA A 706 2.78 12.29 -64.22
C ALA A 706 4.05 11.52 -64.58
N TYR A 707 4.04 10.23 -64.24
CA TYR A 707 5.18 9.37 -64.50
C TYR A 707 5.20 8.91 -65.95
N SER A 708 6.39 8.89 -66.53
CA SER A 708 6.61 8.33 -67.86
C SER A 708 8.06 7.91 -67.95
N ASN A 709 8.31 6.87 -68.74
CA ASN A 709 9.65 6.29 -68.80
C ASN A 709 10.65 7.19 -69.52
N ASN A 710 10.21 8.27 -70.15
CA ASN A 710 11.10 9.22 -70.81
C ASN A 710 10.67 10.65 -70.53
N SER A 711 10.33 10.94 -69.28
CA SER A 711 9.92 12.28 -68.89
C SER A 711 10.46 12.60 -67.51
N ILE A 712 11.06 13.79 -67.37
CA ILE A 712 11.59 14.26 -66.10
C ILE A 712 11.02 15.64 -65.83
N ALA A 713 11.06 16.04 -64.56
CA ALA A 713 10.62 17.36 -64.14
C ALA A 713 11.76 18.03 -63.41
N ILE A 714 12.22 19.17 -63.93
CA ILE A 714 13.34 19.88 -63.33
C ILE A 714 12.84 21.23 -62.81
N PRO A 715 13.28 21.67 -61.63
CA PRO A 715 12.89 22.99 -61.15
C PRO A 715 13.72 24.09 -61.81
N THR A 716 13.05 25.21 -62.08
CA THR A 716 13.68 26.37 -62.69
C THR A 716 13.94 27.50 -61.71
N ASN A 717 13.34 27.46 -60.52
CA ASN A 717 13.53 28.49 -59.50
C ASN A 717 13.69 27.80 -58.15
N PHE A 718 13.98 28.58 -57.12
CA PHE A 718 14.16 28.03 -55.79
C PHE A 718 13.51 28.95 -54.76
N THR A 719 13.51 28.50 -53.52
CA THR A 719 13.02 29.27 -52.39
C THR A 719 13.91 28.99 -51.19
N ILE A 720 14.22 30.03 -50.43
CA ILE A 720 15.00 29.91 -49.21
C ILE A 720 13.99 29.91 -48.06
N SER A 721 13.72 28.71 -47.53
CA SER A 721 12.71 28.53 -46.51
C SER A 721 13.38 28.47 -45.14
N VAL A 722 12.92 29.31 -44.22
CA VAL A 722 13.42 29.32 -42.85
C VAL A 722 12.32 28.77 -41.96
N THR A 723 12.61 27.66 -41.29
CA THR A 723 11.67 27.02 -40.38
C THR A 723 12.26 27.02 -38.97
N THR A 724 11.41 26.74 -37.98
CA THR A 724 11.81 26.73 -36.58
C THR A 724 11.56 25.37 -35.99
N GLU A 725 12.57 24.82 -35.32
CA GLU A 725 12.45 23.57 -34.57
C GLU A 725 12.75 23.87 -33.11
N ILE A 726 11.82 23.53 -32.22
CA ILE A 726 11.93 23.82 -30.79
C ILE A 726 12.18 22.51 -30.07
N LEU A 727 13.23 22.48 -29.26
CA LEU A 727 13.63 21.26 -28.55
C LEU A 727 13.84 21.59 -27.08
N PRO A 728 13.12 20.95 -26.16
CA PRO A 728 13.43 21.11 -24.74
C PRO A 728 14.83 20.60 -24.42
N VAL A 729 15.49 21.27 -23.49
CA VAL A 729 16.85 20.89 -23.10
C VAL A 729 17.00 20.69 -21.60
N SER A 730 16.13 21.25 -20.76
CA SER A 730 16.27 21.10 -19.32
C SER A 730 14.90 21.22 -18.67
N MET A 731 14.84 20.89 -17.40
CA MET A 731 13.65 21.05 -16.58
C MET A 731 14.05 21.67 -15.26
N THR A 732 13.06 22.22 -14.56
CA THR A 732 13.33 22.89 -13.29
C THR A 732 14.01 21.92 -12.33
N LYS A 733 15.07 22.40 -11.68
CA LYS A 733 15.81 21.61 -10.70
C LYS A 733 15.11 21.74 -9.35
N THR A 734 14.33 20.73 -8.98
CA THR A 734 13.60 20.74 -7.73
C THR A 734 14.27 19.80 -6.73
N SER A 735 14.32 20.22 -5.48
CA SER A 735 14.79 19.39 -4.39
C SER A 735 13.73 19.39 -3.30
N VAL A 736 13.65 18.27 -2.57
CA VAL A 736 12.64 18.08 -1.54
C VAL A 736 13.33 17.62 -0.27
N ASP A 737 13.07 18.30 0.83
CA ASP A 737 13.51 17.87 2.15
C ASP A 737 12.49 16.83 2.63
N CYS A 738 12.86 15.56 2.53
CA CYS A 738 11.90 14.49 2.81
C CYS A 738 11.42 14.56 4.25
N THR A 739 12.33 14.78 5.20
CA THR A 739 11.92 14.81 6.60
C THR A 739 10.93 15.93 6.87
N MET A 740 11.20 17.13 6.35
CA MET A 740 10.29 18.25 6.58
C MET A 740 8.96 18.02 5.87
N TYR A 741 8.99 17.50 4.64
CA TYR A 741 7.76 17.29 3.90
C TYR A 741 6.87 16.28 4.61
N ILE A 742 7.45 15.17 5.07
CA ILE A 742 6.66 14.15 5.73
C ILE A 742 6.19 14.62 7.10
N CYS A 743 7.08 15.24 7.87
CA CYS A 743 6.78 15.65 9.24
C CYS A 743 6.46 17.13 9.34
N GLY A 744 7.39 17.98 8.91
CA GLY A 744 7.22 19.42 9.06
C GLY A 744 7.54 19.89 10.47
N ASP A 745 8.79 19.70 10.89
CA ASP A 745 9.26 20.18 12.19
C ASP A 745 8.60 19.43 13.34
N SER A 746 8.58 18.09 13.26
CA SER A 746 8.02 17.25 14.31
C SER A 746 9.03 16.17 14.67
N THR A 747 9.57 16.24 15.89
CA THR A 747 10.58 15.29 16.33
C THR A 747 10.02 13.87 16.40
N GLU A 748 8.77 13.72 16.86
CA GLU A 748 8.19 12.38 16.95
C GLU A 748 8.09 11.74 15.58
N CYS A 749 7.59 12.47 14.59
CA CYS A 749 7.50 11.94 13.23
C CYS A 749 8.88 11.68 12.66
N SER A 750 9.86 12.53 12.99
CA SER A 750 11.22 12.29 12.53
C SER A 750 11.76 10.97 13.07
N ASN A 751 11.55 10.71 14.36
CA ASN A 751 11.96 9.44 14.92
C ASN A 751 11.24 8.28 14.26
N LEU A 752 9.94 8.43 14.03
CA LEU A 752 9.17 7.35 13.39
C LEU A 752 9.72 7.05 12.00
N LEU A 753 10.02 8.07 11.20
CA LEU A 753 10.48 7.79 9.85
C LEU A 753 11.92 7.29 9.82
N LEU A 754 12.77 7.72 10.74
CA LEU A 754 14.11 7.14 10.77
C LEU A 754 14.07 5.70 11.28
N GLN A 755 13.04 5.36 12.05
CA GLN A 755 12.76 3.97 12.39
C GLN A 755 12.10 3.23 11.24
N TYR A 756 11.57 3.95 10.26
CA TYR A 756 10.94 3.37 9.09
C TYR A 756 11.92 2.93 8.01
N GLY A 757 13.16 3.40 8.05
CA GLY A 757 14.15 3.02 7.05
C GLY A 757 15.06 4.15 6.64
N SER A 758 15.54 4.10 5.40
CA SER A 758 16.44 5.12 4.85
C SER A 758 15.99 5.51 3.44
N PHE A 759 14.69 5.74 3.27
CA PHE A 759 14.17 6.13 1.97
C PHE A 759 14.49 7.58 1.64
N CYS A 760 14.60 8.43 2.67
CA CYS A 760 14.85 9.85 2.42
C CYS A 760 16.18 10.06 1.72
N THR A 761 17.22 9.32 2.13
CA THR A 761 18.51 9.44 1.47
C THR A 761 18.41 9.05 0.00
N GLN A 762 17.70 7.96 -0.29
CA GLN A 762 17.56 7.52 -1.68
C GLN A 762 16.85 8.58 -2.51
N LEU A 763 15.76 9.14 -1.97
CA LEU A 763 15.02 10.14 -2.73
C LEU A 763 15.85 11.39 -2.96
N ASN A 764 16.58 11.84 -1.94
CA ASN A 764 17.44 13.01 -2.11
C ASN A 764 18.53 12.74 -3.14
N ARG A 765 19.12 11.55 -3.11
CA ARG A 765 20.14 11.21 -4.10
C ARG A 765 19.56 11.22 -5.51
N ALA A 766 18.36 10.67 -5.68
CA ALA A 766 17.73 10.66 -6.99
C ALA A 766 17.50 12.08 -7.50
N LEU A 767 16.96 12.95 -6.64
CA LEU A 767 16.68 14.32 -7.06
C LEU A 767 17.97 15.08 -7.37
N THR A 768 19.01 14.88 -6.57
CA THR A 768 20.29 15.52 -6.86
C THR A 768 20.87 15.04 -8.18
N GLY A 769 20.75 13.73 -8.45
CA GLY A 769 21.19 13.21 -9.73
C GLY A 769 20.44 13.86 -10.88
N ILE A 770 19.13 14.02 -10.73
CA ILE A 770 18.34 14.67 -11.77
C ILE A 770 18.83 16.10 -12.00
N ALA A 771 19.09 16.83 -10.92
CA ALA A 771 19.53 18.22 -11.07
C ALA A 771 20.87 18.31 -11.78
N VAL A 772 21.84 17.49 -11.37
CA VAL A 772 23.14 17.52 -12.04
C VAL A 772 22.98 17.11 -13.49
N GLU A 773 22.06 16.18 -13.78
CA GLU A 773 21.82 15.80 -15.15
C GLU A 773 21.28 16.96 -15.97
N GLN A 774 20.39 17.77 -15.39
CA GLN A 774 19.89 18.94 -16.12
C GLN A 774 21.02 19.91 -16.42
N ASP A 775 21.89 20.15 -15.44
CA ASP A 775 23.03 21.03 -15.69
C ASP A 775 23.91 20.48 -16.81
N LYS A 776 24.15 19.17 -16.79
CA LYS A 776 24.95 18.54 -17.83
C LYS A 776 24.28 18.66 -19.19
N ASN A 777 22.95 18.51 -19.24
CA ASN A 777 22.23 18.65 -20.49
C ASN A 777 22.46 20.03 -21.09
N THR A 778 22.28 21.07 -20.27
CA THR A 778 22.48 22.42 -20.78
C THR A 778 23.92 22.62 -21.24
N GLN A 779 24.88 22.13 -20.46
CA GLN A 779 26.29 22.30 -20.82
C GLN A 779 26.60 21.62 -22.16
N GLU A 780 26.17 20.37 -22.32
CA GLU A 780 26.45 19.65 -23.56
C GLU A 780 25.78 20.33 -24.74
N VAL A 781 24.56 20.82 -24.57
CA VAL A 781 23.85 21.43 -25.70
C VAL A 781 24.55 22.71 -26.13
N PHE A 782 24.87 23.60 -25.19
CA PHE A 782 25.24 24.97 -25.55
C PHE A 782 26.73 25.25 -25.53
N ALA A 783 27.53 24.51 -24.76
CA ALA A 783 28.93 24.84 -24.52
C ALA A 783 29.87 24.07 -25.43
N GLN A 784 29.46 23.84 -26.67
CA GLN A 784 30.29 23.06 -27.59
C GLN A 784 31.56 23.83 -27.97
N VAL A 785 31.46 25.13 -28.15
CA VAL A 785 32.61 25.96 -28.51
C VAL A 785 33.23 26.52 -27.24
N LYS A 786 34.57 26.45 -27.16
CA LYS A 786 35.31 26.94 -26.01
C LYS A 786 35.80 28.37 -26.19
N GLN A 787 35.51 29.01 -27.32
CA GLN A 787 35.92 30.38 -27.57
C GLN A 787 34.69 31.21 -27.91
N ILE A 788 34.62 32.41 -27.32
CA ILE A 788 33.49 33.32 -27.56
C ILE A 788 33.88 34.19 -28.73
N TYR A 789 33.20 33.98 -29.86
CA TYR A 789 33.45 34.77 -31.05
C TYR A 789 32.56 36.01 -31.07
N LYS A 790 33.09 37.09 -31.60
CA LYS A 790 32.40 38.37 -31.67
C LYS A 790 32.13 38.71 -33.13
N THR A 791 30.88 39.03 -33.44
CA THR A 791 30.55 39.48 -34.78
C THR A 791 31.21 40.83 -35.05
N PRO A 792 31.72 41.07 -36.27
CA PRO A 792 32.42 42.32 -36.54
C PRO A 792 31.48 43.50 -36.44
N PRO A 793 31.99 44.69 -36.10
CA PRO A 793 31.12 45.86 -36.08
C PRO A 793 30.51 46.18 -37.43
N ILE A 794 31.22 45.91 -38.52
CA ILE A 794 30.71 46.15 -39.87
C ILE A 794 29.91 44.94 -40.29
N LYS A 795 28.61 45.12 -40.54
CA LYS A 795 27.70 44.03 -40.87
C LYS A 795 27.50 44.03 -42.38
N ASP A 796 28.51 43.53 -43.09
CA ASP A 796 28.47 43.40 -44.55
C ASP A 796 28.52 41.91 -44.89
N PHE A 797 27.36 41.27 -44.94
CA PHE A 797 27.25 39.85 -45.22
C PHE A 797 26.62 39.57 -46.57
N GLY A 798 26.89 40.43 -47.56
CA GLY A 798 26.40 40.21 -48.90
C GLY A 798 24.92 40.43 -49.08
N GLY A 799 24.29 41.24 -48.22
CA GLY A 799 22.89 41.52 -48.29
C GLY A 799 22.05 40.76 -47.27
N PHE A 800 22.59 39.71 -46.67
CA PHE A 800 21.86 38.98 -45.65
C PHE A 800 21.79 39.82 -44.38
N ASN A 801 20.62 39.87 -43.77
CA ASN A 801 20.37 40.70 -42.59
C ASN A 801 20.14 39.78 -41.39
N PHE A 802 21.05 39.84 -40.42
CA PHE A 802 20.95 39.06 -39.19
C PHE A 802 20.67 39.92 -37.98
N SER A 803 20.24 41.17 -38.19
CA SER A 803 20.00 42.07 -37.06
C SER A 803 18.98 41.48 -36.10
N GLN A 804 18.10 40.61 -36.58
CA GLN A 804 17.06 40.04 -35.76
C GLN A 804 17.53 38.85 -34.94
N ILE A 805 18.72 38.32 -35.20
CA ILE A 805 19.25 37.20 -34.45
C ILE A 805 20.57 37.52 -33.77
N LEU A 806 21.29 38.56 -34.18
CA LEU A 806 22.52 38.92 -33.52
C LEU A 806 22.23 39.59 -32.18
N PRO A 807 23.22 39.67 -31.30
CA PRO A 807 22.98 40.33 -30.00
C PRO A 807 22.51 41.76 -30.18
N ASP A 808 21.57 42.16 -29.32
CA ASP A 808 21.02 43.50 -29.36
C ASP A 808 21.90 44.44 -28.53
N PRO A 809 22.49 45.49 -29.12
CA PRO A 809 23.31 46.41 -28.32
C PRO A 809 22.53 47.13 -27.23
N SER A 810 21.21 47.21 -27.32
CA SER A 810 20.40 47.88 -26.31
C SER A 810 20.41 47.16 -24.97
N LYS A 811 20.93 45.94 -24.93
CA LYS A 811 21.01 45.15 -23.70
C LYS A 811 19.61 44.85 -23.14
N PRO A 812 18.80 44.08 -23.86
CA PRO A 812 17.65 43.41 -23.23
C PRO A 812 18.07 42.06 -22.66
N SER A 813 19.00 42.10 -21.70
CA SER A 813 19.80 40.94 -21.29
C SER A 813 20.72 40.47 -22.41
N LYS A 814 21.06 41.38 -23.34
CA LYS A 814 21.92 41.07 -24.48
C LYS A 814 21.41 39.86 -25.25
N ARG A 815 20.09 39.83 -25.44
CA ARG A 815 19.42 38.78 -26.20
C ARG A 815 18.90 39.36 -27.51
N SER A 816 19.01 38.57 -28.58
CA SER A 816 18.49 39.00 -29.87
C SER A 816 16.98 39.26 -29.77
N PHE A 817 16.44 39.87 -30.81
CA PHE A 817 15.01 40.19 -30.81
C PHE A 817 14.17 38.92 -30.76
N ILE A 818 14.58 37.90 -31.53
CA ILE A 818 13.82 36.65 -31.53
C ILE A 818 13.96 35.93 -30.19
N GLU A 819 15.13 35.99 -29.57
CA GLU A 819 15.28 35.40 -28.24
C GLU A 819 14.39 36.12 -27.24
N ASP A 820 14.30 37.44 -27.33
CA ASP A 820 13.38 38.18 -26.46
C ASP A 820 11.94 37.73 -26.69
N LEU A 821 11.55 37.58 -27.96
CA LEU A 821 10.20 37.12 -28.25
C LEU A 821 9.94 35.75 -27.64
N LEU A 822 10.88 34.83 -27.80
CA LEU A 822 10.71 33.48 -27.26
C LEU A 822 10.62 33.51 -25.74
N PHE A 823 11.45 34.32 -25.09
CA PHE A 823 11.42 34.38 -23.63
C PHE A 823 10.13 35.01 -23.12
N ASN A 824 9.58 35.97 -23.86
CA ASN A 824 8.32 36.57 -23.47
C ASN A 824 7.10 35.71 -23.83
N LYS A 825 7.28 34.73 -24.71
CA LYS A 825 6.16 33.90 -25.16
C LYS A 825 5.94 32.67 -24.28
N VAL A 826 6.73 32.48 -23.24
CA VAL A 826 6.57 31.35 -22.33
C VAL A 826 6.48 31.91 -20.91
N THR A 827 5.37 31.62 -20.22
CA THR A 827 5.11 32.13 -18.88
C THR A 827 5.47 31.04 -17.88
N LEU A 828 6.59 31.22 -17.19
CA LEU A 828 7.02 30.26 -16.19
C LEU A 828 6.08 30.27 -14.98
N PHE A 855 7.58 25.98 0.67
CA PHE A 855 7.37 26.20 2.10
C PHE A 855 7.25 24.88 2.84
N ASN A 856 7.05 23.79 2.11
CA ASN A 856 6.94 22.46 2.69
C ASN A 856 8.14 21.59 2.35
N GLY A 857 9.33 22.19 2.32
CA GLY A 857 10.53 21.48 1.97
C GLY A 857 10.78 21.37 0.47
N LEU A 858 9.89 21.89 -0.36
CA LEU A 858 10.01 21.85 -1.80
C LEU A 858 10.66 23.14 -2.26
N THR A 859 11.88 23.06 -2.79
CA THR A 859 12.60 24.23 -3.26
C THR A 859 13.09 24.00 -4.68
N VAL A 860 13.37 25.10 -5.38
CA VAL A 860 13.84 25.08 -6.75
C VAL A 860 15.26 25.64 -6.77
N LEU A 861 16.21 24.83 -7.21
CA LEU A 861 17.58 25.29 -7.31
C LEU A 861 17.78 26.10 -8.58
N PRO A 862 18.70 27.05 -8.59
CA PRO A 862 18.93 27.86 -9.78
C PRO A 862 19.86 27.14 -10.74
N PRO A 863 19.62 27.25 -12.05
CA PRO A 863 20.52 26.60 -13.01
C PRO A 863 21.91 27.20 -12.95
N LEU A 864 22.91 26.36 -13.24
CA LEU A 864 24.30 26.83 -13.20
C LEU A 864 24.55 27.90 -14.25
N LEU A 865 24.02 27.71 -15.45
CA LEU A 865 24.21 28.66 -16.55
C LEU A 865 23.02 29.60 -16.59
N THR A 866 23.26 30.86 -16.26
CA THR A 866 22.21 31.86 -16.33
C THR A 866 21.80 32.12 -17.77
N ASP A 867 20.60 32.67 -17.94
CA ASP A 867 20.11 32.99 -19.27
C ASP A 867 21.07 33.92 -20.00
N GLU A 868 21.74 34.81 -19.28
CA GLU A 868 22.72 35.68 -19.91
C GLU A 868 23.86 34.87 -20.52
N MET A 869 24.36 33.87 -19.79
CA MET A 869 25.48 33.08 -20.30
C MET A 869 25.02 32.17 -21.44
N ILE A 870 23.80 31.65 -21.37
CA ILE A 870 23.28 30.86 -22.48
C ILE A 870 23.13 31.72 -23.72
N ALA A 871 22.65 32.94 -23.56
CA ALA A 871 22.56 33.86 -24.69
C ALA A 871 23.95 34.18 -25.24
N GLN A 872 24.94 34.31 -24.36
CA GLN A 872 26.30 34.54 -24.83
C GLN A 872 26.82 33.35 -25.63
N TYR A 873 26.53 32.14 -25.18
CA TYR A 873 26.92 30.95 -25.93
C TYR A 873 26.27 30.93 -27.31
N THR A 874 24.96 31.21 -27.37
CA THR A 874 24.29 31.21 -28.67
C THR A 874 24.84 32.30 -29.57
N SER A 875 25.16 33.47 -29.00
CA SER A 875 25.74 34.54 -29.78
C SER A 875 27.10 34.14 -30.33
N ALA A 876 27.92 33.47 -29.52
CA ALA A 876 29.21 33.01 -30.00
C ALA A 876 29.04 32.01 -31.13
N LEU A 877 28.12 31.06 -30.97
CA LEU A 877 27.89 30.07 -32.02
C LEU A 877 27.44 30.75 -33.31
N LEU A 878 26.50 31.68 -33.20
CA LEU A 878 25.96 32.33 -34.39
C LEU A 878 27.01 33.20 -35.08
N ALA A 879 27.81 33.93 -34.30
CA ALA A 879 28.87 34.74 -34.88
C ALA A 879 29.91 33.87 -35.57
N GLY A 880 30.30 32.76 -34.94
CA GLY A 880 31.22 31.85 -35.58
C GLY A 880 30.67 31.27 -36.86
N THR A 881 29.39 30.92 -36.86
CA THR A 881 28.78 30.38 -38.07
C THR A 881 28.77 31.43 -39.19
N ILE A 882 28.41 32.67 -38.87
CA ILE A 882 28.35 33.69 -39.90
C ILE A 882 29.74 33.98 -40.45
N THR A 883 30.74 34.11 -39.57
CA THR A 883 32.07 34.52 -40.01
C THR A 883 32.85 33.39 -40.66
N SER A 884 32.66 32.16 -40.22
CA SER A 884 33.52 31.05 -40.64
C SER A 884 32.73 29.89 -41.22
N GLY A 885 31.50 29.72 -40.78
CA GLY A 885 30.65 28.66 -41.29
C GLY A 885 30.76 27.38 -40.50
N TRP A 886 31.55 26.43 -41.01
CA TRP A 886 31.74 25.14 -40.37
C TRP A 886 33.16 24.94 -39.84
N THR A 887 34.10 25.81 -40.21
CA THR A 887 35.49 25.58 -39.85
C THR A 887 35.71 25.74 -38.34
N PHE A 888 34.96 26.62 -37.69
CA PHE A 888 35.17 26.84 -36.26
C PHE A 888 34.76 25.64 -35.42
N GLY A 889 34.03 24.69 -35.98
CA GLY A 889 33.66 23.50 -35.26
C GLY A 889 34.69 22.40 -35.39
N ALA A 890 35.57 22.51 -36.39
CA ALA A 890 36.61 21.54 -36.64
C ALA A 890 37.98 22.02 -36.18
N GLY A 891 38.04 23.13 -35.44
CA GLY A 891 39.31 23.67 -35.00
C GLY A 891 39.26 25.17 -34.82
N ALA A 892 40.20 25.87 -35.45
CA ALA A 892 40.27 27.32 -35.37
C ALA A 892 39.42 27.95 -36.45
N ALA A 893 38.63 28.95 -36.08
CA ALA A 893 37.74 29.60 -37.02
C ALA A 893 38.55 30.31 -38.10
N LEU A 894 38.14 30.12 -39.35
CA LEU A 894 38.73 30.78 -40.50
C LEU A 894 37.69 31.65 -41.16
N GLN A 895 38.00 32.92 -41.37
CA GLN A 895 37.03 33.85 -41.92
C GLN A 895 36.75 33.53 -43.39
N ILE A 896 35.56 33.89 -43.84
CA ILE A 896 35.15 33.69 -45.23
C ILE A 896 34.03 34.68 -45.53
N PRO A 897 33.99 35.31 -46.72
CA PRO A 897 33.10 36.46 -46.94
C PRO A 897 31.62 36.19 -46.73
N PHE A 898 31.21 34.94 -46.51
CA PHE A 898 29.82 34.56 -46.30
C PHE A 898 28.99 34.58 -47.59
N ALA A 899 29.54 35.12 -48.67
CA ALA A 899 28.97 34.84 -49.98
C ALA A 899 29.61 33.59 -50.55
N MET A 900 30.92 33.46 -50.37
CA MET A 900 31.61 32.23 -50.72
C MET A 900 31.17 31.09 -49.82
N GLN A 901 30.87 31.38 -48.56
CA GLN A 901 30.33 30.35 -47.67
C GLN A 901 29.02 29.81 -48.21
N MET A 902 28.11 30.70 -48.60
CA MET A 902 26.83 30.24 -49.13
C MET A 902 27.01 29.54 -50.46
N ALA A 903 27.99 29.95 -51.27
CA ALA A 903 28.28 29.21 -52.48
C ALA A 903 28.74 27.79 -52.17
N TYR A 904 29.59 27.63 -51.16
CA TYR A 904 30.05 26.30 -50.77
C TYR A 904 28.89 25.46 -50.27
N ARG A 905 27.97 26.07 -49.52
CA ARG A 905 26.79 25.33 -49.06
C ARG A 905 25.88 24.94 -50.22
N PHE A 906 25.79 25.80 -51.24
CA PHE A 906 25.05 25.42 -52.44
C PHE A 906 25.69 24.22 -53.13
N ASN A 907 27.02 24.22 -53.25
CA ASN A 907 27.71 23.04 -53.76
C ASN A 907 27.38 21.82 -52.90
N GLY A 908 27.37 21.99 -51.57
CA GLY A 908 27.07 20.89 -50.70
C GLY A 908 25.71 20.27 -50.98
N ILE A 909 24.69 21.11 -51.14
CA ILE A 909 23.35 20.59 -51.48
C ILE A 909 23.26 20.11 -52.91
N GLY A 910 24.21 20.47 -53.78
CA GLY A 910 24.26 19.96 -55.13
C GLY A 910 23.90 20.96 -56.20
N VAL A 911 24.21 22.24 -56.03
CA VAL A 911 23.91 23.28 -57.00
C VAL A 911 25.18 24.09 -57.21
N THR A 912 25.51 24.34 -58.48
CA THR A 912 26.78 24.97 -58.79
C THR A 912 26.83 26.40 -58.25
N GLN A 913 28.05 26.85 -57.97
CA GLN A 913 28.24 28.16 -57.34
C GLN A 913 27.56 29.27 -58.13
N ASN A 914 27.59 29.18 -59.45
CA ASN A 914 27.05 30.28 -60.26
C ASN A 914 25.58 30.52 -59.97
N VAL A 915 24.88 29.52 -59.43
CA VAL A 915 23.47 29.70 -59.12
C VAL A 915 23.29 30.74 -58.03
N LEU A 916 24.22 30.79 -57.07
CA LEU A 916 24.15 31.79 -56.02
C LEU A 916 24.59 33.16 -56.54
N TYR A 917 25.82 33.25 -57.03
CA TYR A 917 26.38 34.54 -57.42
C TYR A 917 25.53 35.26 -58.45
N GLU A 918 24.78 34.52 -59.26
CA GLU A 918 23.88 35.13 -60.24
C GLU A 918 22.50 35.43 -59.67
N ASN A 919 22.19 34.91 -58.48
CA ASN A 919 20.92 35.20 -57.81
C ASN A 919 21.17 35.63 -56.38
N GLN A 920 22.31 36.29 -56.12
CA GLN A 920 22.67 36.63 -54.75
C GLN A 920 21.65 37.59 -54.14
N LYS A 921 21.25 38.62 -54.88
CA LYS A 921 20.30 39.58 -54.34
C LYS A 921 18.97 38.92 -54.05
N LEU A 922 18.47 38.09 -54.97
CA LEU A 922 17.20 37.41 -54.75
C LEU A 922 17.28 36.48 -53.55
N ILE A 923 18.38 35.75 -53.42
CA ILE A 923 18.52 34.82 -52.29
C ILE A 923 18.56 35.58 -50.97
N ALA A 924 19.29 36.70 -50.94
CA ALA A 924 19.35 37.50 -49.72
C ALA A 924 17.97 38.06 -49.37
N ASN A 925 17.24 38.56 -50.38
CA ASN A 925 15.91 39.08 -50.12
C ASN A 925 14.97 37.99 -49.60
N GLN A 926 15.05 36.79 -50.18
CA GLN A 926 14.22 35.70 -49.72
C GLN A 926 14.55 35.32 -48.28
N PHE A 927 15.85 35.28 -47.95
CA PHE A 927 16.24 34.95 -46.59
C PHE A 927 15.72 36.00 -45.61
N ASN A 928 15.86 37.28 -45.95
CA ASN A 928 15.36 38.34 -45.07
C ASN A 928 13.85 38.24 -44.90
N SER A 929 13.14 37.98 -45.99
CA SER A 929 11.69 37.85 -45.90
C SER A 929 11.28 36.66 -45.04
N ALA A 930 12.00 35.55 -45.16
CA ALA A 930 11.70 34.40 -44.32
C ALA A 930 11.94 34.70 -42.84
N ILE A 931 13.04 35.41 -42.55
CA ILE A 931 13.30 35.81 -41.17
C ILE A 931 12.19 36.71 -40.66
N GLY A 932 11.71 37.63 -41.51
CA GLY A 932 10.58 38.46 -41.10
C GLY A 932 9.32 37.68 -40.85
N LYS A 933 9.05 36.67 -41.69
CA LYS A 933 7.89 35.83 -41.47
C LYS A 933 7.98 35.09 -40.15
N ILE A 934 9.18 34.61 -39.80
CA ILE A 934 9.37 33.98 -38.50
C ILE A 934 9.12 35.00 -37.38
N GLN A 935 9.63 36.22 -37.56
CA GLN A 935 9.34 37.29 -36.62
C GLN A 935 7.85 37.41 -36.36
N ASP A 936 7.07 37.59 -37.43
CA ASP A 936 5.63 37.78 -37.26
C ASP A 936 4.96 36.56 -36.64
N SER A 937 5.35 35.35 -37.09
CA SER A 937 4.71 34.14 -36.57
C SER A 937 4.96 34.00 -35.07
N LEU A 938 6.18 34.27 -34.62
CA LEU A 938 6.48 34.19 -33.20
C LEU A 938 5.95 35.38 -32.41
N SER A 939 5.64 36.49 -33.09
CA SER A 939 5.15 37.66 -32.38
C SER A 939 3.65 37.59 -32.15
N SER A 940 2.89 37.18 -33.17
CA SER A 940 1.43 37.17 -33.09
C SER A 940 0.87 35.79 -32.79
N THR A 941 1.17 34.80 -33.62
CA THR A 941 0.61 33.47 -33.43
C THR A 941 1.09 32.87 -32.11
N ALA A 942 0.15 32.35 -31.33
CA ALA A 942 0.45 31.78 -30.03
C ALA A 942 0.65 30.27 -30.14
N SER A 943 1.03 29.67 -29.00
CA SER A 943 1.27 28.22 -28.90
C SER A 943 2.42 27.77 -29.78
N ALA A 944 3.31 28.68 -30.17
CA ALA A 944 4.47 28.30 -30.97
C ALA A 944 5.53 27.57 -30.15
N LEU A 945 5.49 27.71 -28.83
CA LEU A 945 6.45 27.06 -27.95
C LEU A 945 5.74 26.00 -27.12
N GLY A 946 4.88 25.24 -27.80
CA GLY A 946 4.05 24.27 -27.11
C GLY A 946 4.84 23.22 -26.36
N LYS A 947 5.97 22.77 -26.92
CA LYS A 947 6.76 21.73 -26.27
C LYS A 947 7.32 22.22 -24.95
N LEU A 948 7.97 23.39 -24.96
CA LEU A 948 8.53 23.94 -23.74
C LEU A 948 7.44 24.23 -22.72
N GLN A 949 6.33 24.82 -23.17
CA GLN A 949 5.23 25.10 -22.26
C GLN A 949 4.68 23.82 -21.65
N ASP A 950 4.63 22.75 -22.45
CA ASP A 950 4.12 21.48 -21.94
C ASP A 950 5.05 20.90 -20.89
N VAL A 951 6.37 21.00 -21.11
CA VAL A 951 7.31 20.52 -20.10
C VAL A 951 7.11 21.29 -18.79
N VAL A 952 7.02 22.62 -18.89
CA VAL A 952 6.82 23.43 -17.70
C VAL A 952 5.51 23.05 -17.01
N ASN A 953 4.45 22.84 -17.78
CA ASN A 953 3.16 22.49 -17.21
C ASN A 953 3.22 21.14 -16.50
N GLN A 954 3.88 20.15 -17.09
CA GLN A 954 4.00 18.86 -16.44
C GLN A 954 4.73 18.98 -15.12
N ASN A 955 5.86 19.70 -15.11
CA ASN A 955 6.61 19.85 -13.86
C ASN A 955 5.76 20.53 -12.80
N ALA A 956 5.12 21.65 -13.17
CA ALA A 956 4.33 22.40 -12.21
C ALA A 956 3.15 21.57 -11.69
N GLN A 957 2.51 20.81 -12.58
CA GLN A 957 1.35 20.02 -12.17
C GLN A 957 1.76 18.88 -11.25
N ALA A 958 2.90 18.25 -11.53
CA ALA A 958 3.39 17.22 -10.60
C ALA A 958 3.69 17.80 -9.23
N LEU A 959 4.35 18.96 -9.20
CA LEU A 959 4.67 19.58 -7.91
C LEU A 959 3.40 19.96 -7.15
N ASN A 960 2.41 20.53 -7.87
CA ASN A 960 1.16 20.89 -7.23
C ASN A 960 0.41 19.67 -6.73
N THR A 961 0.46 18.57 -7.48
CA THR A 961 -0.17 17.34 -7.04
C THR A 961 0.47 16.84 -5.75
N LEU A 962 1.80 16.90 -5.67
CA LEU A 962 2.48 16.55 -4.43
C LEU A 962 2.00 17.42 -3.27
N VAL A 963 1.98 18.73 -3.49
CA VAL A 963 1.58 19.64 -2.43
C VAL A 963 0.16 19.35 -1.97
N LYS A 964 -0.75 19.09 -2.92
CA LYS A 964 -2.12 18.76 -2.55
C LYS A 964 -2.17 17.44 -1.78
N GLN A 965 -1.40 16.44 -2.21
CA GLN A 965 -1.34 15.18 -1.50
C GLN A 965 -0.82 15.35 -0.08
N LEU A 966 -0.13 16.45 0.19
CA LEU A 966 0.35 16.70 1.55
C LEU A 966 -0.79 16.97 2.52
N SER A 967 -2.02 17.11 2.02
CA SER A 967 -3.18 17.41 2.85
C SER A 967 -4.25 16.32 2.76
N SER A 968 -3.84 15.07 2.86
CA SER A 968 -4.75 13.93 2.84
C SER A 968 -4.63 13.14 4.14
N ASN A 969 -5.75 12.57 4.56
CA ASN A 969 -5.79 11.85 5.83
C ASN A 969 -5.09 10.50 5.74
N PHE A 970 -5.29 9.77 4.64
CA PHE A 970 -4.76 8.42 4.48
C PHE A 970 -5.31 7.47 5.54
N GLY A 971 -6.45 7.80 6.14
CA GLY A 971 -7.04 6.98 7.18
C GLY A 971 -6.81 7.47 8.59
N ALA A 972 -6.08 8.56 8.78
CA ALA A 972 -5.84 9.12 10.09
C ALA A 972 -7.01 10.00 10.52
N ILE A 973 -7.01 10.38 11.80
CA ILE A 973 -8.09 11.21 12.32
C ILE A 973 -8.09 12.56 11.60
N SER A 974 -6.91 13.12 11.34
CA SER A 974 -6.80 14.39 10.65
C SER A 974 -5.49 14.41 9.89
N SER A 975 -5.42 15.29 8.90
CA SER A 975 -4.24 15.42 8.06
C SER A 975 -3.20 16.37 8.65
N VAL A 976 -3.48 16.95 9.82
CA VAL A 976 -2.60 17.95 10.41
C VAL A 976 -1.82 17.29 11.54
N LEU A 977 -0.50 17.19 11.36
CA LEU A 977 0.34 16.51 12.34
C LEU A 977 0.28 17.23 13.69
N ASN A 978 0.26 18.57 13.67
CA ASN A 978 0.15 19.32 14.91
C ASN A 978 -1.15 18.99 15.63
N ASP A 979 -2.25 18.86 14.89
CA ASP A 979 -3.52 18.51 15.50
C ASP A 979 -3.48 17.12 16.12
N ILE A 980 -2.89 16.16 15.41
CA ILE A 980 -2.78 14.82 15.99
C ILE A 980 -1.96 14.86 17.28
N LEU A 981 -0.81 15.55 17.24
CA LEU A 981 0.04 15.59 18.42
C LEU A 981 -0.65 16.28 19.59
N SER A 982 -1.38 17.37 19.32
CA SER A 982 -2.05 18.11 20.38
C SER A 982 -3.30 17.41 20.89
N ARG A 983 -3.88 16.49 20.12
CA ARG A 983 -5.09 15.82 20.51
C ARG A 983 -4.88 14.43 21.09
N LEU A 984 -3.71 13.81 20.88
CA LEU A 984 -3.53 12.42 21.26
C LEU A 984 -2.23 12.25 22.05
N ASP A 985 -2.21 11.18 22.83
CA ASP A 985 -1.06 10.80 23.65
C ASP A 985 -0.22 9.77 22.91
N PRO A 986 0.98 9.48 23.40
CA PRO A 986 2.02 8.86 22.54
C PRO A 986 1.50 7.68 21.73
N PRO A 987 0.90 6.66 22.33
CA PRO A 987 0.63 5.43 21.55
C PRO A 987 -0.20 5.66 20.28
N GLU A 988 -1.42 6.16 20.45
CA GLU A 988 -2.26 6.38 19.27
C GLU A 988 -1.75 7.55 18.45
N ALA A 989 -1.07 8.50 19.09
CA ALA A 989 -0.39 9.54 18.31
C ALA A 989 0.52 8.90 17.27
N GLU A 990 1.38 7.97 17.70
CA GLU A 990 2.32 7.36 16.75
C GLU A 990 1.60 6.44 15.76
N VAL A 991 0.53 5.77 16.16
CA VAL A 991 -0.14 4.93 15.16
C VAL A 991 -0.73 5.79 14.04
N GLN A 992 -1.42 6.88 14.39
CA GLN A 992 -1.94 7.78 13.37
C GLN A 992 -0.81 8.40 12.55
N ILE A 993 0.26 8.82 13.22
CA ILE A 993 1.38 9.43 12.52
C ILE A 993 2.04 8.42 11.59
N ASP A 994 2.03 7.14 11.95
CA ASP A 994 2.57 6.12 11.06
C ASP A 994 1.71 5.96 9.82
N ARG A 995 0.39 6.00 9.99
CA ARG A 995 -0.48 6.00 8.82
C ARG A 995 -0.14 7.17 7.89
N LEU A 996 -0.03 8.38 8.46
CA LEU A 996 0.30 9.55 7.65
C LEU A 996 1.67 9.39 7.00
N ILE A 997 2.64 8.86 7.74
CA ILE A 997 4.00 8.70 7.21
C ILE A 997 3.99 7.75 6.02
N THR A 998 3.28 6.63 6.14
CA THR A 998 3.20 5.70 5.01
C THR A 998 2.58 6.38 3.80
N GLY A 999 1.48 7.11 4.01
CA GLY A 999 0.85 7.79 2.89
C GLY A 999 1.79 8.78 2.21
N ARG A 1000 2.48 9.59 3.00
CA ARG A 1000 3.33 10.63 2.43
C ARG A 1000 4.58 10.06 1.78
N LEU A 1001 5.14 8.98 2.35
CA LEU A 1001 6.24 8.29 1.68
C LEU A 1001 5.79 7.74 0.34
N GLN A 1002 4.60 7.15 0.28
CA GLN A 1002 4.11 6.64 -1.00
C GLN A 1002 3.97 7.77 -2.01
N SER A 1003 3.41 8.90 -1.59
CA SER A 1003 3.26 10.03 -2.49
C SER A 1003 4.62 10.52 -2.99
N LEU A 1004 5.59 10.65 -2.08
CA LEU A 1004 6.89 11.18 -2.47
C LEU A 1004 7.62 10.22 -3.40
N GLN A 1005 7.52 8.91 -3.14
CA GLN A 1005 8.13 7.94 -4.04
C GLN A 1005 7.50 7.99 -5.42
N THR A 1006 6.17 8.11 -5.48
CA THR A 1006 5.52 8.24 -6.78
C THR A 1006 6.04 9.47 -7.53
N TYR A 1007 6.14 10.60 -6.82
CA TYR A 1007 6.64 11.81 -7.45
C TYR A 1007 8.05 11.62 -7.96
N VAL A 1008 8.92 11.00 -7.16
CA VAL A 1008 10.31 10.84 -7.57
C VAL A 1008 10.42 9.92 -8.78
N THR A 1009 9.63 8.84 -8.80
CA THR A 1009 9.68 7.93 -9.94
C THR A 1009 9.23 8.64 -11.22
N GLN A 1010 8.13 9.38 -11.14
CA GLN A 1010 7.66 10.11 -12.31
C GLN A 1010 8.70 11.12 -12.76
N GLN A 1011 9.35 11.79 -11.81
CA GLN A 1011 10.38 12.76 -12.15
C GLN A 1011 11.56 12.09 -12.83
N LEU A 1012 11.93 10.89 -12.38
CA LEU A 1012 13.03 10.17 -13.02
C LEU A 1012 12.70 9.82 -14.45
N ILE A 1013 11.48 9.33 -14.70
CA ILE A 1013 11.08 9.01 -16.07
C ILE A 1013 11.08 10.26 -16.93
N ARG A 1014 10.52 11.35 -16.41
CA ARG A 1014 10.49 12.61 -17.16
C ARG A 1014 11.89 13.11 -17.44
N ALA A 1015 12.80 12.97 -16.48
CA ALA A 1015 14.18 13.40 -16.68
C ALA A 1015 14.87 12.56 -17.73
N ALA A 1016 14.56 11.27 -17.78
CA ALA A 1016 15.12 10.44 -18.86
C ALA A 1016 14.62 10.92 -20.22
N GLU A 1017 13.33 11.24 -20.31
CA GLU A 1017 12.81 11.77 -21.57
C GLU A 1017 13.49 13.08 -21.95
N ILE A 1018 13.66 13.98 -20.98
CA ILE A 1018 14.31 15.25 -21.25
C ILE A 1018 15.77 15.05 -21.63
N ARG A 1019 16.44 14.06 -21.04
CA ARG A 1019 17.82 13.79 -21.41
C ARG A 1019 17.91 13.30 -22.84
N ALA A 1020 16.96 12.46 -23.27
CA ALA A 1020 16.93 12.06 -24.67
C ALA A 1020 16.74 13.27 -25.58
N SER A 1021 15.81 14.15 -25.21
CA SER A 1021 15.59 15.35 -26.02
C SER A 1021 16.83 16.24 -26.04
N ALA A 1022 17.54 16.35 -24.92
CA ALA A 1022 18.74 17.17 -24.87
C ALA A 1022 19.86 16.58 -25.69
N ASN A 1023 19.98 15.25 -25.71
CA ASN A 1023 20.96 14.61 -26.59
C ASN A 1023 20.63 14.88 -28.05
N LEU A 1024 19.34 14.82 -28.40
CA LEU A 1024 18.96 15.15 -29.77
C LEU A 1024 19.30 16.59 -30.10
N ALA A 1025 19.05 17.52 -29.17
CA ALA A 1025 19.36 18.92 -29.40
C ALA A 1025 20.86 19.14 -29.56
N ALA A 1026 21.67 18.43 -28.76
CA ALA A 1026 23.11 18.53 -28.90
C ALA A 1026 23.56 18.02 -30.26
N THR A 1027 22.98 16.91 -30.72
CA THR A 1027 23.30 16.40 -32.05
C THR A 1027 22.93 17.41 -33.13
N LYS A 1028 21.77 18.04 -32.99
CA LYS A 1028 21.36 19.05 -33.96
C LYS A 1028 22.33 20.24 -33.95
N MET A 1029 22.77 20.66 -32.78
CA MET A 1029 23.74 21.74 -32.71
C MET A 1029 25.04 21.33 -33.38
N SER A 1030 25.50 20.10 -33.15
CA SER A 1030 26.77 19.66 -33.73
C SER A 1030 26.69 19.59 -35.24
N GLU A 1031 25.57 19.10 -35.78
CA GLU A 1031 25.49 18.80 -37.22
C GLU A 1031 24.85 19.91 -38.04
N CYS A 1032 23.66 20.36 -37.66
CA CYS A 1032 22.99 21.42 -38.40
C CYS A 1032 23.73 22.75 -38.30
N VAL A 1033 24.22 23.10 -37.11
CA VAL A 1033 24.80 24.42 -36.88
C VAL A 1033 26.28 24.43 -37.22
N LEU A 1034 27.07 23.61 -36.53
CA LEU A 1034 28.51 23.59 -36.76
C LEU A 1034 28.89 22.97 -38.10
N GLY A 1035 27.92 22.58 -38.92
CA GLY A 1035 28.22 22.02 -40.22
C GLY A 1035 26.95 21.93 -41.04
N GLN A 1036 27.10 21.40 -42.24
CA GLN A 1036 25.97 21.21 -43.15
C GLN A 1036 25.59 19.74 -43.16
N SER A 1037 24.32 19.47 -42.87
CA SER A 1037 23.84 18.10 -42.71
C SER A 1037 23.37 17.53 -44.04
N LYS A 1038 23.75 16.29 -44.31
CA LYS A 1038 23.26 15.54 -45.46
C LYS A 1038 22.10 14.63 -45.11
N ARG A 1039 21.66 14.62 -43.86
CA ARG A 1039 20.58 13.75 -43.43
C ARG A 1039 19.23 14.40 -43.77
N VAL A 1040 18.34 13.61 -44.37
CA VAL A 1040 17.08 14.16 -44.87
C VAL A 1040 16.16 14.47 -43.70
N ASP A 1041 15.56 15.66 -43.73
CA ASP A 1041 14.60 16.13 -42.73
C ASP A 1041 15.17 16.20 -41.33
N PHE A 1042 16.49 16.05 -41.19
CA PHE A 1042 17.10 16.20 -39.88
C PHE A 1042 17.16 17.66 -39.46
N CYS A 1043 17.50 18.54 -40.39
CA CYS A 1043 17.62 19.97 -40.11
C CYS A 1043 16.64 20.76 -40.95
N GLY A 1044 15.39 20.31 -41.01
CA GLY A 1044 14.34 21.02 -41.71
C GLY A 1044 14.00 20.36 -43.04
N LYS A 1045 12.77 20.63 -43.49
CA LYS A 1045 12.28 20.08 -44.75
C LYS A 1045 12.88 20.85 -45.91
N GLY A 1046 13.49 20.14 -46.85
CA GLY A 1046 14.22 20.73 -47.95
C GLY A 1046 15.69 20.34 -47.88
N TYR A 1047 16.47 20.91 -48.78
CA TYR A 1047 17.91 20.66 -48.78
C TYR A 1047 18.58 21.62 -47.80
N HIS A 1048 19.06 21.09 -46.68
CA HIS A 1048 19.58 21.93 -45.62
C HIS A 1048 20.72 22.81 -46.12
N LEU A 1049 20.62 24.11 -45.86
CA LEU A 1049 21.70 25.05 -46.14
C LEU A 1049 22.46 25.41 -44.88
N MET A 1050 21.77 25.88 -43.84
CA MET A 1050 22.44 26.19 -42.58
C MET A 1050 21.38 26.28 -41.48
N SER A 1051 21.83 26.62 -40.27
CA SER A 1051 20.93 26.75 -39.15
C SER A 1051 21.53 27.71 -38.14
N PHE A 1052 20.65 28.36 -37.37
CA PHE A 1052 21.05 29.32 -36.36
C PHE A 1052 20.40 28.94 -35.03
N PRO A 1053 21.16 28.88 -33.94
CA PRO A 1053 20.55 28.56 -32.64
C PRO A 1053 20.09 29.80 -31.90
N GLN A 1054 19.00 29.63 -31.15
CA GLN A 1054 18.49 30.67 -30.29
C GLN A 1054 18.09 30.02 -28.96
N SER A 1055 18.29 30.73 -27.87
CA SER A 1055 17.94 30.19 -26.57
C SER A 1055 16.44 30.30 -26.33
N ALA A 1056 15.97 29.58 -25.32
CA ALA A 1056 14.59 29.70 -24.87
C ALA A 1056 14.58 29.40 -23.37
N PRO A 1057 13.44 29.55 -22.69
CA PRO A 1057 13.44 29.33 -21.24
C PRO A 1057 14.12 28.05 -20.81
N HIS A 1058 13.66 26.92 -21.33
CA HIS A 1058 14.21 25.61 -20.99
C HIS A 1058 14.45 24.79 -22.24
N GLY A 1059 15.04 25.40 -23.26
CA GLY A 1059 15.28 24.69 -24.50
C GLY A 1059 15.96 25.56 -25.51
N VAL A 1060 16.02 25.04 -26.74
CA VAL A 1060 16.67 25.71 -27.84
C VAL A 1060 15.71 25.77 -29.03
N VAL A 1061 15.92 26.75 -29.89
CA VAL A 1061 15.14 26.93 -31.11
C VAL A 1061 16.10 27.06 -32.26
N PHE A 1062 16.03 26.14 -33.21
CA PHE A 1062 16.88 26.16 -34.39
C PHE A 1062 16.10 26.78 -35.54
N LEU A 1063 16.65 27.85 -36.11
CA LEU A 1063 16.14 28.42 -37.35
C LEU A 1063 16.90 27.74 -38.48
N HIS A 1064 16.22 26.82 -39.16
CA HIS A 1064 16.82 26.06 -40.25
C HIS A 1064 16.55 26.77 -41.56
N VAL A 1065 17.62 27.17 -42.25
CA VAL A 1065 17.53 27.76 -43.59
C VAL A 1065 17.81 26.63 -44.57
N THR A 1066 16.82 26.35 -45.43
CA THR A 1066 16.90 25.27 -46.39
C THR A 1066 16.53 25.77 -47.77
N TYR A 1067 16.94 25.01 -48.77
CA TYR A 1067 16.71 25.30 -50.18
C TYR A 1067 15.59 24.38 -50.66
N VAL A 1068 14.54 24.95 -51.23
CA VAL A 1068 13.37 24.22 -51.70
C VAL A 1068 13.17 24.55 -53.17
N PRO A 1069 13.31 23.60 -54.09
CA PRO A 1069 13.09 23.91 -55.50
C PRO A 1069 11.63 24.24 -55.79
N ALA A 1070 11.42 25.01 -56.86
CA ALA A 1070 10.09 25.46 -57.23
C ALA A 1070 10.09 25.83 -58.71
N GLN A 1071 8.89 26.06 -59.24
CA GLN A 1071 8.68 26.38 -60.65
C GLN A 1071 9.20 25.26 -61.55
N GLU A 1072 8.52 24.12 -61.42
CA GLU A 1072 8.87 22.90 -62.14
C GLU A 1072 8.65 23.08 -63.63
N LYS A 1073 9.29 22.20 -64.42
CA LYS A 1073 9.01 22.16 -65.85
C LYS A 1073 9.38 20.78 -66.38
N ASN A 1074 8.54 20.26 -67.28
CA ASN A 1074 8.78 18.94 -67.86
C ASN A 1074 9.83 19.00 -68.95
N PHE A 1075 10.50 17.86 -69.16
CA PHE A 1075 11.41 17.67 -70.26
C PHE A 1075 11.45 16.19 -70.60
N THR A 1076 11.95 15.88 -71.78
CA THR A 1076 12.18 14.51 -72.21
C THR A 1076 13.65 14.17 -72.01
N THR A 1077 13.90 13.03 -71.38
CA THR A 1077 15.24 12.62 -70.99
C THR A 1077 15.71 11.43 -71.81
N ALA A 1078 16.99 11.11 -71.66
CA ALA A 1078 17.61 9.99 -72.31
C ALA A 1078 18.75 9.53 -71.42
N PRO A 1079 18.84 8.24 -71.10
CA PRO A 1079 19.94 7.79 -70.22
C PRO A 1079 21.31 8.10 -70.79
N ALA A 1080 21.47 8.03 -72.11
CA ALA A 1080 22.75 8.26 -72.75
C ALA A 1080 22.50 8.81 -74.15
N ILE A 1081 23.58 9.02 -74.89
CA ILE A 1081 23.52 9.58 -76.24
C ILE A 1081 24.41 8.76 -77.15
N CYS A 1082 23.86 8.29 -78.27
CA CYS A 1082 24.64 7.61 -79.29
C CYS A 1082 25.35 8.65 -80.15
N HIS A 1083 26.67 8.59 -80.17
CA HIS A 1083 27.46 9.42 -81.08
C HIS A 1083 28.65 8.62 -81.56
N ASP A 1084 28.84 8.56 -82.88
CA ASP A 1084 29.92 7.78 -83.47
C ASP A 1084 29.89 6.35 -82.94
N GLY A 1085 28.69 5.80 -82.80
CA GLY A 1085 28.53 4.44 -82.33
C GLY A 1085 28.98 4.21 -80.89
N LYS A 1086 29.03 5.24 -80.06
CA LYS A 1086 29.42 5.12 -78.67
C LYS A 1086 28.39 5.79 -77.78
N ALA A 1087 28.23 5.26 -76.57
CA ALA A 1087 27.26 5.78 -75.61
C ALA A 1087 27.93 6.82 -74.74
N HIS A 1088 27.30 7.98 -74.60
CA HIS A 1088 27.77 9.06 -73.76
C HIS A 1088 26.81 9.26 -72.60
N PHE A 1089 27.36 9.37 -71.39
CA PHE A 1089 26.59 9.62 -70.18
C PHE A 1089 27.02 10.93 -69.55
N PRO A 1090 26.14 11.60 -68.82
CA PRO A 1090 26.52 12.87 -68.20
C PRO A 1090 27.56 12.66 -67.11
N ARG A 1091 28.61 13.50 -67.12
CA ARG A 1091 29.55 13.49 -66.02
C ARG A 1091 28.83 13.84 -64.71
N GLU A 1092 28.04 14.90 -64.72
CA GLU A 1092 27.23 15.28 -63.57
C GLU A 1092 26.07 16.11 -64.09
N GLY A 1093 24.89 15.51 -64.12
CA GLY A 1093 23.71 16.14 -64.67
C GLY A 1093 22.88 15.15 -65.44
N VAL A 1094 21.86 15.66 -66.12
CA VAL A 1094 20.93 14.85 -66.89
C VAL A 1094 20.81 15.42 -68.29
N PHE A 1095 20.53 14.52 -69.24
CA PHE A 1095 20.23 14.93 -70.60
C PHE A 1095 18.74 15.25 -70.69
N VAL A 1096 18.41 16.45 -71.16
CA VAL A 1096 17.04 16.88 -71.33
C VAL A 1096 16.88 17.47 -72.73
N SER A 1097 15.65 17.51 -73.20
CA SER A 1097 15.33 18.17 -74.47
C SER A 1097 14.08 19.01 -74.27
N ASN A 1098 14.11 20.24 -74.75
CA ASN A 1098 12.92 21.08 -74.59
C ASN A 1098 11.85 20.65 -75.59
N GLY A 1099 12.08 20.83 -76.88
CA GLY A 1099 11.26 20.16 -77.87
C GLY A 1099 12.02 19.43 -78.95
N THR A 1100 13.21 19.94 -79.30
CA THR A 1100 13.95 19.39 -80.42
C THR A 1100 15.43 19.19 -80.09
N HIS A 1101 15.97 20.05 -79.23
CA HIS A 1101 17.40 20.08 -78.97
C HIS A 1101 17.70 19.36 -77.67
N TRP A 1102 18.92 18.87 -77.54
CA TRP A 1102 19.36 18.12 -76.38
C TRP A 1102 20.46 18.89 -75.66
N PHE A 1103 20.24 19.14 -74.36
CA PHE A 1103 21.20 19.78 -73.49
C PHE A 1103 21.48 18.87 -72.30
N VAL A 1104 22.55 19.18 -71.58
CA VAL A 1104 22.90 18.49 -70.35
C VAL A 1104 22.84 19.53 -69.23
N THR A 1105 21.90 19.36 -68.33
CA THR A 1105 21.67 20.30 -67.24
C THR A 1105 22.04 19.67 -65.91
N GLN A 1106 22.03 20.48 -64.86
CA GLN A 1106 22.25 19.98 -63.52
C GLN A 1106 20.91 19.54 -62.92
N ARG A 1107 20.99 18.57 -62.01
CA ARG A 1107 19.79 17.87 -61.58
C ARG A 1107 18.81 18.80 -60.86
N ASN A 1108 19.31 19.67 -59.99
CA ASN A 1108 18.46 20.41 -59.07
C ASN A 1108 18.14 21.82 -59.55
N PHE A 1109 18.51 22.17 -60.78
CA PHE A 1109 18.27 23.53 -61.26
C PHE A 1109 18.42 23.53 -62.77
N TYR A 1110 17.41 24.04 -63.47
CA TYR A 1110 17.42 24.03 -64.92
C TYR A 1110 18.43 25.04 -65.43
N GLU A 1111 19.61 24.55 -65.79
CA GLU A 1111 20.67 25.37 -66.39
C GLU A 1111 21.19 24.61 -67.61
N PRO A 1112 20.45 24.61 -68.72
CA PRO A 1112 20.84 23.78 -69.86
C PRO A 1112 22.15 24.23 -70.47
N GLN A 1113 22.88 23.26 -71.03
CA GLN A 1113 24.15 23.54 -71.69
C GLN A 1113 24.32 22.57 -72.85
N ILE A 1114 24.98 23.05 -73.90
CA ILE A 1114 25.21 22.22 -75.07
C ILE A 1114 26.02 21.00 -74.67
N ILE A 1115 25.62 19.83 -75.17
CA ILE A 1115 26.34 18.60 -74.86
C ILE A 1115 27.72 18.66 -75.48
N THR A 1116 28.73 18.29 -74.69
CA THR A 1116 30.11 18.39 -75.11
C THR A 1116 30.88 17.19 -74.54
N THR A 1117 32.03 16.92 -75.14
CA THR A 1117 32.88 15.86 -74.63
C THR A 1117 33.45 16.19 -73.25
N ASP A 1118 33.39 17.46 -72.84
CA ASP A 1118 33.90 17.84 -71.54
C ASP A 1118 32.93 17.53 -70.40
N ASN A 1119 31.62 17.60 -70.66
CA ASN A 1119 30.61 17.34 -69.64
C ASN A 1119 29.93 15.99 -69.83
N THR A 1120 30.52 15.10 -70.63
CA THR A 1120 30.02 13.74 -70.79
C THR A 1120 31.19 12.80 -70.90
N PHE A 1121 30.96 11.54 -70.52
CA PHE A 1121 31.98 10.50 -70.62
C PHE A 1121 31.40 9.32 -71.39
N VAL A 1122 32.25 8.70 -72.22
CA VAL A 1122 31.84 7.65 -73.13
C VAL A 1122 32.13 6.30 -72.49
N SER A 1123 31.25 5.32 -72.74
CA SER A 1123 31.44 3.97 -72.21
C SER A 1123 30.84 2.98 -73.21
N GLY A 1124 31.68 2.47 -74.10
CA GLY A 1124 31.29 1.41 -75.00
C GLY A 1124 30.26 1.86 -76.03
N ASN A 1125 29.82 0.89 -76.83
CA ASN A 1125 28.79 1.13 -77.83
C ASN A 1125 27.43 1.22 -77.15
N CYS A 1126 26.43 1.69 -77.92
CA CYS A 1126 25.09 1.92 -77.39
C CYS A 1126 24.09 0.90 -77.95
N ASP A 1127 24.51 -0.36 -78.06
CA ASP A 1127 23.60 -1.45 -78.35
C ASP A 1127 23.05 -2.10 -77.08
N VAL A 1128 23.57 -1.72 -75.91
CA VAL A 1128 23.18 -2.35 -74.66
C VAL A 1128 22.30 -1.44 -73.80
N VAL A 1129 22.49 -0.12 -73.87
CA VAL A 1129 21.71 0.80 -73.04
C VAL A 1129 20.27 0.78 -73.52
N ILE A 1130 19.34 0.63 -72.59
CA ILE A 1130 17.91 0.58 -72.90
C ILE A 1130 17.38 2.00 -72.89
N GLY A 1131 16.99 2.50 -74.05
CA GLY A 1131 16.41 3.82 -74.17
C GLY A 1131 17.37 4.92 -74.57
N ILE A 1132 18.49 4.59 -75.19
CA ILE A 1132 19.44 5.62 -75.62
C ILE A 1132 18.86 6.38 -76.80
N VAL A 1133 19.29 7.63 -76.96
CA VAL A 1133 18.78 8.53 -77.97
C VAL A 1133 19.93 8.99 -78.86
N ASN A 1134 19.62 9.28 -80.12
CA ASN A 1134 20.62 9.77 -81.05
C ASN A 1134 20.75 11.28 -80.96
N ASN A 1135 21.99 11.77 -81.03
CA ASN A 1135 22.27 13.19 -81.00
C ASN A 1135 23.75 13.38 -81.29
N THR A 1136 24.14 14.64 -81.48
CA THR A 1136 25.53 14.99 -81.75
C THR A 1136 26.17 15.54 -80.47
N VAL A 1137 27.42 15.13 -80.23
CA VAL A 1137 28.18 15.57 -79.07
C VAL A 1137 29.25 16.53 -79.58
N TYR A 1138 29.14 17.79 -79.18
CA TYR A 1138 30.09 18.80 -79.64
C TYR A 1138 31.49 18.47 -79.17
N ASP A 1139 32.46 18.72 -80.04
CA ASP A 1139 33.87 18.51 -79.73
C ASP A 1139 34.59 19.85 -79.73
N PRO A 1140 34.98 20.41 -78.56
CA PRO A 1140 35.53 21.76 -78.51
C PRO A 1140 37.03 21.84 -78.80
N LEU A 1141 37.47 21.14 -79.85
CA LEU A 1141 38.86 21.18 -80.26
C LEU A 1141 38.96 21.44 -81.76
N GLN A 1142 37.97 20.97 -82.52
CA GLN A 1142 38.00 21.15 -83.97
C GLN A 1142 37.96 22.61 -84.37
N PRO A 1143 37.04 23.44 -83.88
CA PRO A 1143 37.11 24.88 -84.20
C PRO A 1143 38.40 25.53 -83.75
N GLU A 1144 38.94 25.11 -82.61
CA GLU A 1144 40.22 25.66 -82.16
C GLU A 1144 41.32 25.36 -83.16
N LEU A 1145 41.33 24.13 -83.71
CA LEU A 1145 42.26 23.82 -84.78
C LEU A 1145 42.00 24.67 -86.01
N ASP A 1146 40.73 24.87 -86.35
CA ASP A 1146 40.37 25.67 -87.52
C ASP A 1146 40.76 27.14 -87.31
N GLN B 14 -22.29 -62.17 14.67
CA GLN B 14 -21.20 -63.01 15.14
C GLN B 14 -20.21 -63.27 14.00
N CYS B 15 -18.98 -62.81 14.18
CA CYS B 15 -17.93 -62.94 13.18
C CYS B 15 -16.80 -63.80 13.73
N VAL B 16 -16.26 -64.66 12.87
CA VAL B 16 -15.15 -65.55 13.22
C VAL B 16 -14.01 -65.26 12.26
N ASN B 17 -12.80 -65.06 12.81
CA ASN B 17 -11.63 -64.80 11.99
C ASN B 17 -11.43 -65.94 11.00
N LEU B 18 -11.44 -65.62 9.71
CA LEU B 18 -11.25 -66.62 8.67
C LEU B 18 -9.76 -66.89 8.51
N THR B 19 -9.33 -68.09 8.89
CA THR B 19 -7.93 -68.49 8.80
C THR B 19 -7.70 -69.19 7.45
N THR B 20 -6.56 -69.88 7.32
CA THR B 20 -6.17 -70.57 6.11
C THR B 20 -5.70 -69.62 5.03
N ARG B 21 -5.25 -68.42 5.41
CA ARG B 21 -4.74 -67.44 4.46
C ARG B 21 -3.21 -67.48 4.50
N THR B 22 -2.60 -67.80 3.37
CA THR B 22 -1.15 -67.85 3.29
C THR B 22 -0.56 -66.44 3.35
N GLN B 23 0.60 -66.33 3.98
CA GLN B 23 1.26 -65.05 4.17
C GLN B 23 2.35 -64.85 3.12
N LEU B 24 2.38 -63.64 2.54
CA LEU B 24 3.34 -63.30 1.50
C LEU B 24 3.77 -61.87 1.75
N PRO B 25 5.04 -61.53 1.53
CA PRO B 25 5.48 -60.15 1.77
C PRO B 25 4.72 -59.19 0.87
N PRO B 26 4.53 -57.95 1.31
CA PRO B 26 3.75 -57.00 0.52
C PRO B 26 4.40 -56.69 -0.81
N ALA B 27 3.57 -56.39 -1.80
CA ALA B 27 4.01 -56.07 -3.15
C ALA B 27 3.67 -54.62 -3.48
N TYR B 28 4.52 -54.01 -4.31
CA TYR B 28 4.38 -52.61 -4.69
C TYR B 28 4.57 -52.48 -6.19
N THR B 29 3.83 -51.56 -6.80
CA THR B 29 3.88 -51.34 -8.23
C THR B 29 3.97 -49.85 -8.53
N ASN B 30 4.11 -49.51 -9.81
CA ASN B 30 4.29 -48.15 -10.24
C ASN B 30 2.99 -47.59 -10.79
N SER B 31 2.55 -46.46 -10.25
CA SER B 31 1.38 -45.75 -10.72
C SER B 31 1.80 -44.72 -11.75
N PHE B 32 1.29 -44.86 -12.96
CA PHE B 32 1.68 -44.04 -14.12
C PHE B 32 0.59 -43.01 -14.37
N THR B 33 0.85 -41.76 -14.00
CA THR B 33 -0.03 -40.63 -14.31
C THR B 33 -1.49 -40.98 -13.99
N ARG B 34 -1.74 -41.29 -12.73
CA ARG B 34 -3.06 -41.68 -12.26
C ARG B 34 -3.41 -40.85 -11.03
N GLY B 35 -4.64 -41.01 -10.56
CA GLY B 35 -5.08 -40.35 -9.34
C GLY B 35 -5.15 -38.85 -9.41
N VAL B 36 -5.72 -38.32 -10.50
CA VAL B 36 -5.94 -36.88 -10.65
C VAL B 36 -7.43 -36.64 -10.79
N TYR B 37 -7.92 -35.63 -10.08
CA TYR B 37 -9.35 -35.34 -10.00
C TYR B 37 -9.58 -33.86 -10.22
N TYR B 38 -10.82 -33.53 -10.55
CA TYR B 38 -11.20 -32.13 -10.72
C TYR B 38 -11.10 -31.41 -9.38
N PRO B 39 -10.11 -30.55 -9.17
CA PRO B 39 -9.92 -29.97 -7.83
C PRO B 39 -11.14 -29.20 -7.33
N ASP B 40 -11.85 -28.52 -8.20
CA ASP B 40 -13.01 -27.71 -7.81
C ASP B 40 -14.10 -27.89 -8.85
N LYS B 41 -15.30 -27.37 -8.53
CA LYS B 41 -16.47 -27.49 -9.39
C LYS B 41 -16.55 -26.35 -10.41
N VAL B 42 -15.43 -25.74 -10.76
CA VAL B 42 -15.37 -24.66 -11.74
C VAL B 42 -15.28 -25.27 -13.13
N PHE B 43 -15.72 -24.50 -14.12
CA PHE B 43 -15.65 -24.90 -15.52
C PHE B 43 -14.61 -24.04 -16.23
N ARG B 44 -13.73 -24.68 -16.98
CA ARG B 44 -12.71 -24.00 -17.76
C ARG B 44 -12.54 -24.73 -19.08
N SER B 45 -12.36 -23.97 -20.17
CA SER B 45 -12.27 -24.53 -21.51
C SER B 45 -11.01 -24.04 -22.20
N SER B 46 -10.20 -24.98 -22.68
CA SER B 46 -9.00 -24.67 -23.47
C SER B 46 -8.06 -23.75 -22.70
N VAL B 47 -7.65 -24.20 -21.52
CA VAL B 47 -6.75 -23.41 -20.67
C VAL B 47 -5.87 -24.35 -19.87
N LEU B 48 -4.68 -23.87 -19.53
CA LEU B 48 -3.75 -24.58 -18.67
C LEU B 48 -3.75 -23.89 -17.31
N HIS B 49 -4.28 -24.58 -16.30
CA HIS B 49 -4.50 -24.01 -14.98
C HIS B 49 -3.64 -24.74 -13.95
N SER B 50 -2.92 -23.98 -13.14
CA SER B 50 -2.06 -24.54 -12.10
C SER B 50 -2.78 -24.51 -10.77
N THR B 51 -2.80 -25.64 -10.07
CA THR B 51 -3.50 -25.76 -8.80
C THR B 51 -2.67 -26.56 -7.82
N GLN B 52 -2.63 -26.10 -6.57
CA GLN B 52 -1.90 -26.77 -5.50
C GLN B 52 -2.92 -27.40 -4.56
N ASP B 53 -2.89 -28.73 -4.47
CA ASP B 53 -3.84 -29.46 -3.65
C ASP B 53 -3.27 -30.85 -3.38
N LEU B 54 -4.07 -31.69 -2.73
CA LEU B 54 -3.65 -33.04 -2.41
C LEU B 54 -3.85 -33.92 -3.64
N PHE B 55 -2.74 -34.39 -4.22
CA PHE B 55 -2.77 -35.20 -5.43
C PHE B 55 -1.91 -36.45 -5.22
N LEU B 56 -2.08 -37.40 -6.14
CA LEU B 56 -1.22 -38.58 -6.17
C LEU B 56 -0.05 -38.31 -7.10
N PRO B 57 1.19 -38.31 -6.61
CA PRO B 57 2.33 -37.96 -7.48
C PRO B 57 2.42 -38.90 -8.67
N PHE B 58 2.81 -38.34 -9.81
CA PHE B 58 2.98 -39.14 -11.01
C PHE B 58 4.13 -40.13 -10.84
N PHE B 59 4.01 -41.27 -11.51
CA PHE B 59 5.05 -42.30 -11.50
C PHE B 59 5.39 -42.69 -10.07
N SER B 60 4.36 -42.86 -9.24
CA SER B 60 4.57 -43.10 -7.83
C SER B 60 4.64 -44.60 -7.56
N ASN B 61 4.80 -44.97 -6.29
CA ASN B 61 4.79 -46.37 -5.87
C ASN B 61 3.57 -46.61 -5.00
N VAL B 62 2.74 -47.56 -5.41
CA VAL B 62 1.47 -47.84 -4.75
C VAL B 62 1.44 -49.31 -4.32
N THR B 63 0.86 -49.54 -3.15
CA THR B 63 0.78 -50.90 -2.61
C THR B 63 -0.24 -51.72 -3.40
N TRP B 64 0.13 -52.97 -3.66
CA TRP B 64 -0.67 -53.89 -4.48
C TRP B 64 -1.27 -54.95 -3.56
N PHE B 65 -2.56 -55.22 -3.70
CA PHE B 65 -3.23 -56.28 -2.97
C PHE B 65 -4.00 -57.15 -3.94
N HIS B 66 -3.93 -58.46 -3.72
CA HIS B 66 -4.50 -59.46 -4.61
C HIS B 66 -5.69 -60.15 -3.96
N ALA B 67 -6.48 -60.83 -4.80
CA ALA B 67 -7.49 -61.78 -4.34
C ALA B 67 -7.60 -62.83 -5.45
N ILE B 68 -6.87 -63.92 -5.29
CA ILE B 68 -6.76 -64.96 -6.31
C ILE B 68 -6.84 -66.32 -5.63
N HIS B 69 -7.57 -67.24 -6.26
CA HIS B 69 -7.77 -68.56 -5.67
C HIS B 69 -6.55 -69.46 -5.89
N VAL B 70 -6.24 -69.75 -7.15
CA VAL B 70 -5.13 -70.64 -7.49
C VAL B 70 -5.26 -71.95 -6.70
N THR B 76 -3.57 -70.94 -1.48
CA THR B 76 -3.28 -69.60 -0.95
C THR B 76 -4.58 -68.82 -0.73
N LYS B 77 -5.24 -68.51 -1.84
CA LYS B 77 -6.48 -67.73 -1.85
C LYS B 77 -6.22 -66.25 -1.58
N ARG B 78 -4.98 -65.92 -1.21
CA ARG B 78 -4.46 -64.55 -1.21
C ARG B 78 -5.55 -63.52 -0.88
N PHE B 79 -6.17 -63.71 0.29
CA PHE B 79 -7.24 -62.82 0.73
C PHE B 79 -6.61 -61.68 1.54
N ASP B 80 -6.62 -60.48 0.97
CA ASP B 80 -5.99 -59.31 1.56
C ASP B 80 -7.04 -58.27 1.92
N ASN B 81 -7.04 -57.85 3.19
CA ASN B 81 -7.79 -56.69 3.61
C ASN B 81 -7.12 -56.05 4.83
N PRO B 82 -5.85 -55.67 4.75
CA PRO B 82 -5.19 -55.08 5.92
C PRO B 82 -5.81 -53.76 6.32
N VAL B 83 -5.51 -53.34 7.54
CA VAL B 83 -5.89 -52.03 8.04
C VAL B 83 -4.74 -51.07 7.77
N LEU B 84 -5.00 -50.06 6.95
CA LEU B 84 -3.97 -49.14 6.47
C LEU B 84 -4.16 -47.75 7.07
N PRO B 85 -3.09 -46.96 7.18
CA PRO B 85 -3.25 -45.59 7.65
C PRO B 85 -3.96 -44.72 6.65
N PHE B 86 -4.56 -43.64 7.15
CA PHE B 86 -5.27 -42.64 6.34
C PHE B 86 -4.70 -41.28 6.75
N ASN B 87 -3.60 -40.89 6.11
CA ASN B 87 -2.88 -39.70 6.53
C ASN B 87 -3.63 -38.43 6.15
N ASP B 88 -3.85 -38.23 4.84
CA ASP B 88 -4.54 -37.04 4.37
C ASP B 88 -5.40 -37.31 3.13
N GLY B 89 -5.58 -38.57 2.76
CA GLY B 89 -6.34 -38.93 1.58
C GLY B 89 -5.75 -40.21 0.98
N VAL B 90 -6.56 -40.88 0.18
CA VAL B 90 -6.17 -42.17 -0.39
C VAL B 90 -6.74 -42.29 -1.79
N TYR B 91 -5.90 -42.72 -2.73
CA TYR B 91 -6.33 -43.12 -4.06
C TYR B 91 -6.41 -44.64 -4.10
N PHE B 92 -7.61 -45.15 -4.35
CA PHE B 92 -7.89 -46.59 -4.26
C PHE B 92 -8.44 -47.03 -5.61
N ALA B 93 -7.66 -47.85 -6.32
CA ALA B 93 -8.06 -48.36 -7.62
C ALA B 93 -8.37 -49.84 -7.50
N SER B 94 -9.37 -50.30 -8.24
CA SER B 94 -9.76 -51.71 -8.23
C SER B 94 -9.80 -52.21 -9.67
N THR B 95 -9.04 -53.27 -9.95
CA THR B 95 -9.08 -53.96 -11.23
C THR B 95 -9.83 -55.26 -10.99
N GLU B 96 -11.00 -55.40 -11.62
CA GLU B 96 -11.93 -56.46 -11.27
C GLU B 96 -12.66 -56.95 -12.51
N LYS B 97 -13.34 -58.09 -12.34
CA LYS B 97 -14.19 -58.67 -13.37
C LYS B 97 -15.57 -59.05 -12.88
N SER B 98 -15.77 -59.28 -11.58
CA SER B 98 -17.06 -59.70 -11.07
C SER B 98 -17.43 -59.03 -9.74
N ASN B 99 -16.90 -57.84 -9.47
CA ASN B 99 -17.23 -57.09 -8.26
C ASN B 99 -16.90 -57.89 -7.00
N ILE B 100 -15.63 -58.21 -6.84
CA ILE B 100 -15.18 -58.89 -5.63
C ILE B 100 -15.07 -57.91 -4.47
N ILE B 101 -14.32 -56.83 -4.65
CA ILE B 101 -14.23 -55.79 -3.63
C ILE B 101 -15.58 -55.09 -3.52
N ARG B 102 -16.05 -54.92 -2.29
CA ARG B 102 -17.37 -54.37 -2.04
C ARG B 102 -17.34 -52.98 -1.42
N GLY B 103 -16.64 -52.80 -0.30
CA GLY B 103 -16.75 -51.53 0.41
C GLY B 103 -15.52 -51.08 1.17
N TRP B 104 -15.70 -50.02 1.95
CA TRP B 104 -14.62 -49.42 2.73
C TRP B 104 -15.12 -49.06 4.12
N ILE B 105 -14.18 -49.02 5.06
CA ILE B 105 -14.42 -48.60 6.43
C ILE B 105 -13.34 -47.59 6.79
N PHE B 106 -13.75 -46.52 7.50
CA PHE B 106 -12.84 -45.47 7.93
C PHE B 106 -13.08 -45.19 9.41
N GLY B 107 -12.02 -44.86 10.13
CA GLY B 107 -12.17 -44.53 11.53
C GLY B 107 -10.82 -44.49 12.22
N THR B 108 -10.88 -44.54 13.56
CA THR B 108 -9.69 -44.49 14.39
C THR B 108 -9.49 -45.75 15.21
N THR B 109 -10.50 -46.18 15.97
CA THR B 109 -10.39 -47.32 16.87
C THR B 109 -11.04 -48.59 16.34
N LEU B 110 -12.10 -48.47 15.55
CA LEU B 110 -12.76 -49.59 14.89
C LEU B 110 -13.46 -50.52 15.86
N ASP B 111 -13.71 -50.09 17.10
CA ASP B 111 -14.36 -50.94 18.10
C ASP B 111 -15.39 -50.16 18.89
N SER B 112 -16.15 -49.30 18.23
CA SER B 112 -17.32 -48.60 18.76
C SER B 112 -16.98 -47.56 19.82
N LYS B 113 -15.72 -47.42 20.22
CA LYS B 113 -15.36 -46.37 21.16
C LYS B 113 -15.07 -45.04 20.48
N THR B 114 -15.16 -44.98 19.15
CA THR B 114 -15.06 -43.74 18.40
C THR B 114 -15.92 -43.86 17.15
N GLN B 115 -16.37 -42.71 16.66
CA GLN B 115 -17.23 -42.69 15.48
C GLN B 115 -16.44 -43.14 14.25
N SER B 116 -17.11 -43.92 13.39
CA SER B 116 -16.50 -44.46 12.19
C SER B 116 -17.48 -44.42 11.04
N LEU B 117 -16.94 -44.37 9.82
CA LEU B 117 -17.72 -44.31 8.60
C LEU B 117 -17.62 -45.62 7.85
N LEU B 118 -18.68 -45.96 7.11
CA LEU B 118 -18.78 -47.21 6.38
C LEU B 118 -19.47 -46.96 5.05
N ILE B 119 -18.94 -47.57 3.99
CA ILE B 119 -19.53 -47.48 2.66
C ILE B 119 -19.53 -48.90 2.08
N VAL B 120 -20.69 -49.53 2.02
CA VAL B 120 -20.79 -50.89 1.48
C VAL B 120 -21.73 -50.87 0.28
N ASN B 121 -21.50 -51.83 -0.62
CA ASN B 121 -22.34 -52.03 -1.80
C ASN B 121 -22.76 -53.49 -1.81
N ASN B 122 -23.83 -53.82 -1.10
CA ASN B 122 -24.33 -55.19 -1.12
C ASN B 122 -25.11 -55.43 -2.41
N ALA B 123 -25.61 -56.65 -2.58
CA ALA B 123 -26.20 -57.04 -3.85
C ALA B 123 -27.41 -56.19 -4.21
N THR B 124 -28.04 -55.53 -3.25
CA THR B 124 -29.29 -54.81 -3.47
C THR B 124 -29.12 -53.29 -3.45
N ASN B 125 -28.43 -52.74 -2.46
CA ASN B 125 -28.36 -51.30 -2.28
C ASN B 125 -26.93 -50.88 -1.95
N VAL B 126 -26.74 -49.57 -1.85
CA VAL B 126 -25.48 -48.96 -1.43
C VAL B 126 -25.75 -48.25 -0.10
N VAL B 127 -25.00 -48.61 0.92
CA VAL B 127 -25.21 -48.11 2.28
C VAL B 127 -24.02 -47.24 2.65
N ILE B 128 -24.31 -45.99 3.00
CA ILE B 128 -23.32 -45.06 3.55
C ILE B 128 -23.77 -44.72 4.96
N LYS B 129 -22.94 -45.07 5.94
CA LYS B 129 -23.36 -45.02 7.34
C LYS B 129 -22.21 -44.48 8.18
N VAL B 130 -22.40 -43.30 8.75
CA VAL B 130 -21.50 -42.78 9.77
C VAL B 130 -22.14 -43.06 11.12
N CYS B 131 -21.48 -43.88 11.92
CA CYS B 131 -22.13 -44.53 13.05
C CYS B 131 -21.02 -44.95 14.01
N GLU B 132 -21.34 -45.82 14.97
CA GLU B 132 -20.33 -46.36 15.88
C GLU B 132 -20.42 -47.89 15.84
N PHE B 133 -19.72 -48.49 14.89
CA PHE B 133 -19.69 -49.93 14.75
C PHE B 133 -18.57 -50.53 15.59
N GLN B 134 -18.86 -51.66 16.25
CA GLN B 134 -17.82 -52.48 16.87
C GLN B 134 -17.28 -53.45 15.81
N PHE B 135 -16.45 -52.91 14.93
CA PHE B 135 -16.04 -53.64 13.74
C PHE B 135 -15.28 -54.90 14.10
N CYS B 136 -15.51 -55.94 13.31
CA CYS B 136 -14.76 -57.18 13.42
C CYS B 136 -13.34 -57.00 12.90
N ASN B 137 -12.44 -57.86 13.36
CA ASN B 137 -11.07 -57.81 12.89
C ASN B 137 -10.92 -58.31 11.45
N ASP B 138 -11.91 -59.06 10.95
CA ASP B 138 -11.91 -59.55 9.58
C ASP B 138 -13.29 -59.33 8.96
N PRO B 139 -13.64 -58.08 8.66
CA PRO B 139 -14.91 -57.81 7.97
C PRO B 139 -14.91 -58.39 6.57
N PHE B 140 -16.10 -58.80 6.12
CA PHE B 140 -16.23 -59.34 4.77
C PHE B 140 -17.69 -59.60 4.44
N LEU B 141 -17.92 -59.92 3.17
CA LEU B 141 -19.20 -60.35 2.63
C LEU B 141 -19.08 -61.80 2.19
N GLY B 142 -20.23 -62.41 1.88
CA GLY B 142 -20.26 -63.80 1.48
C GLY B 142 -21.30 -64.09 0.43
N VAL B 143 -20.86 -64.66 -0.69
CA VAL B 143 -21.71 -64.99 -1.83
C VAL B 143 -21.82 -66.50 -1.91
N TYR B 144 -23.05 -67.00 -2.03
CA TYR B 144 -23.31 -68.43 -2.16
C TYR B 144 -23.67 -68.74 -3.60
N TYR B 145 -23.09 -69.82 -4.12
CA TYR B 145 -23.30 -70.25 -5.50
C TYR B 145 -24.06 -71.57 -5.49
N HIS B 146 -25.21 -71.60 -6.16
CA HIS B 146 -26.05 -72.79 -6.21
C HIS B 146 -25.79 -73.54 -7.50
N LYS B 147 -25.26 -74.76 -7.39
CA LYS B 147 -25.04 -75.59 -8.56
C LYS B 147 -26.35 -76.14 -9.11
N ASN B 148 -27.29 -76.48 -8.23
CA ASN B 148 -28.54 -77.08 -8.66
C ASN B 148 -29.29 -76.18 -9.64
N ASN B 149 -29.39 -74.89 -9.31
CA ASN B 149 -29.84 -73.88 -10.27
C ASN B 149 -28.79 -72.78 -10.31
N LYS B 150 -28.31 -72.45 -11.51
CA LYS B 150 -27.20 -71.52 -11.65
C LYS B 150 -27.57 -70.17 -11.06
N SER B 151 -26.96 -69.82 -9.93
CA SER B 151 -27.33 -68.59 -9.24
C SER B 151 -26.22 -68.21 -8.25
N TRP B 152 -25.84 -66.93 -8.29
CA TRP B 152 -24.94 -66.34 -7.31
C TRP B 152 -25.70 -65.24 -6.58
N MET B 153 -25.65 -65.27 -5.25
CA MET B 153 -26.38 -64.28 -4.47
C MET B 153 -25.68 -64.03 -3.14
N GLU B 154 -25.81 -62.79 -2.66
CA GLU B 154 -25.29 -62.43 -1.36
C GLU B 154 -25.90 -63.32 -0.29
N SER B 155 -25.06 -63.81 0.60
CA SER B 155 -25.51 -64.75 1.61
C SER B 155 -25.07 -64.39 3.02
N GLU B 156 -23.94 -63.70 3.17
CA GLU B 156 -23.44 -63.36 4.51
C GLU B 156 -22.88 -61.94 4.51
N PHE B 157 -22.92 -61.33 5.69
CA PHE B 157 -22.44 -59.96 5.86
C PHE B 157 -21.88 -59.88 7.29
N ARG B 158 -20.57 -60.06 7.43
CA ARG B 158 -19.92 -60.06 8.74
C ARG B 158 -18.96 -58.89 8.79
N VAL B 159 -19.46 -57.73 9.21
CA VAL B 159 -18.70 -56.49 9.23
C VAL B 159 -18.63 -55.90 10.64
N TYR B 160 -19.77 -55.81 11.31
CA TYR B 160 -19.85 -55.16 12.62
C TYR B 160 -20.76 -55.96 13.54
N SER B 161 -20.67 -55.64 14.83
CA SER B 161 -21.52 -56.26 15.84
C SER B 161 -22.80 -55.47 16.07
N SER B 162 -22.67 -54.20 16.46
CA SER B 162 -23.83 -53.37 16.72
C SER B 162 -23.36 -51.94 16.97
N ALA B 163 -24.28 -50.99 16.77
CA ALA B 163 -24.01 -49.58 17.00
C ALA B 163 -25.19 -48.96 17.75
N ASN B 164 -24.90 -48.17 18.77
CA ASN B 164 -25.94 -47.59 19.63
C ASN B 164 -26.23 -46.13 19.30
N ASN B 165 -25.22 -45.26 19.41
CA ASN B 165 -25.37 -43.84 19.09
C ASN B 165 -24.97 -43.65 17.63
N CYS B 166 -25.96 -43.48 16.75
CA CYS B 166 -25.73 -43.59 15.32
C CYS B 166 -26.32 -42.36 14.65
N THR B 167 -25.54 -41.70 13.80
CA THR B 167 -25.85 -40.35 13.35
C THR B 167 -26.25 -40.24 11.89
N PHE B 168 -25.44 -40.71 10.95
CA PHE B 168 -25.65 -40.45 9.52
C PHE B 168 -26.00 -41.75 8.82
N GLU B 169 -27.12 -41.75 8.11
CA GLU B 169 -27.60 -42.91 7.37
C GLU B 169 -27.96 -42.50 5.95
N TYR B 170 -27.63 -43.37 4.99
CA TYR B 170 -28.06 -43.18 3.61
C TYR B 170 -28.11 -44.52 2.91
N VAL B 171 -29.22 -44.81 2.26
CA VAL B 171 -29.39 -46.05 1.50
C VAL B 171 -30.00 -45.70 0.14
N SER B 172 -29.34 -46.11 -0.93
CA SER B 172 -29.86 -45.87 -2.26
C SER B 172 -31.05 -46.79 -2.53
N GLN B 173 -31.79 -46.46 -3.59
CA GLN B 173 -32.97 -47.24 -3.94
C GLN B 173 -32.57 -48.66 -4.32
N PRO B 174 -33.42 -49.65 -4.05
CA PRO B 174 -33.01 -51.04 -4.30
C PRO B 174 -32.76 -51.31 -5.78
N PHE B 175 -31.81 -52.21 -6.02
CA PHE B 175 -31.51 -52.69 -7.36
C PHE B 175 -31.10 -54.15 -7.26
N LEU B 176 -30.75 -54.75 -8.40
CA LEU B 176 -30.27 -56.12 -8.45
C LEU B 176 -28.91 -56.14 -9.14
N MET B 177 -27.95 -56.81 -8.51
CA MET B 177 -26.57 -56.83 -8.97
C MET B 177 -26.21 -58.22 -9.51
N ASP B 178 -25.18 -58.24 -10.35
CA ASP B 178 -24.81 -59.48 -11.04
C ASP B 178 -24.30 -60.54 -10.06
N LEU B 179 -23.17 -60.26 -9.40
CA LEU B 179 -22.54 -61.11 -8.40
C LEU B 179 -21.95 -62.40 -8.97
N GLU B 180 -22.11 -62.67 -10.26
CA GLU B 180 -21.57 -63.91 -10.83
C GLU B 180 -20.08 -63.78 -11.10
N GLY B 181 -19.34 -64.81 -10.71
CA GLY B 181 -17.90 -64.83 -10.94
C GLY B 181 -17.56 -65.21 -12.37
N LYS B 182 -17.13 -64.23 -13.16
CA LYS B 182 -16.79 -64.47 -14.55
C LYS B 182 -15.33 -64.86 -14.68
N GLN B 183 -15.02 -65.63 -15.71
CA GLN B 183 -13.66 -66.12 -15.97
C GLN B 183 -13.04 -65.33 -17.11
N GLY B 184 -11.74 -65.10 -17.01
CA GLY B 184 -10.99 -64.35 -17.99
C GLY B 184 -10.16 -63.27 -17.33
N ASN B 185 -9.51 -62.47 -18.17
CA ASN B 185 -8.70 -61.38 -17.67
C ASN B 185 -9.58 -60.26 -17.13
N PHE B 186 -9.00 -59.45 -16.24
CA PHE B 186 -9.72 -58.33 -15.65
C PHE B 186 -10.23 -57.40 -16.75
N LYS B 187 -11.45 -56.89 -16.57
CA LYS B 187 -12.07 -56.07 -17.60
C LYS B 187 -12.78 -54.84 -17.07
N ASN B 188 -12.56 -54.44 -15.82
CA ASN B 188 -13.18 -53.23 -15.29
C ASN B 188 -12.22 -52.57 -14.31
N LEU B 189 -12.11 -51.24 -14.41
CA LEU B 189 -11.28 -50.44 -13.52
C LEU B 189 -12.16 -49.42 -12.82
N ARG B 190 -12.13 -49.42 -11.49
CA ARG B 190 -12.89 -48.47 -10.67
C ARG B 190 -11.91 -47.71 -9.79
N GLU B 191 -11.75 -46.42 -10.06
CA GLU B 191 -10.81 -45.59 -9.34
C GLU B 191 -11.59 -44.64 -8.41
N PHE B 192 -11.11 -44.51 -7.18
CA PHE B 192 -11.72 -43.63 -6.20
C PHE B 192 -10.65 -42.82 -5.51
N VAL B 193 -11.03 -41.63 -5.05
CA VAL B 193 -10.17 -40.77 -4.24
C VAL B 193 -10.96 -40.32 -3.03
N PHE B 194 -10.42 -40.57 -1.84
CA PHE B 194 -11.07 -40.23 -0.58
C PHE B 194 -10.26 -39.16 0.13
N LYS B 195 -10.92 -38.08 0.52
CA LYS B 195 -10.29 -37.00 1.26
C LYS B 195 -11.17 -36.62 2.44
N ASN B 196 -10.55 -36.03 3.46
CA ASN B 196 -11.27 -35.57 4.65
C ASN B 196 -10.72 -34.20 5.02
N ILE B 197 -11.45 -33.14 4.67
CA ILE B 197 -10.99 -31.78 4.86
C ILE B 197 -12.12 -30.95 5.45
N ASP B 198 -11.82 -30.21 6.52
CA ASP B 198 -12.80 -29.35 7.19
C ASP B 198 -14.05 -30.13 7.59
N GLY B 199 -13.87 -31.36 8.04
CA GLY B 199 -14.97 -32.19 8.44
C GLY B 199 -15.82 -32.73 7.30
N TYR B 200 -15.46 -32.41 6.05
CA TYR B 200 -16.17 -32.89 4.88
C TYR B 200 -15.41 -34.08 4.30
N PHE B 201 -16.12 -35.18 4.06
CA PHE B 201 -15.54 -36.37 3.45
C PHE B 201 -15.87 -36.33 1.96
N LYS B 202 -14.85 -36.16 1.14
CA LYS B 202 -15.01 -36.01 -0.30
C LYS B 202 -14.64 -37.31 -1.00
N ILE B 203 -15.53 -37.79 -1.85
CA ILE B 203 -15.31 -39.01 -2.62
C ILE B 203 -15.41 -38.65 -4.09
N TYR B 204 -14.31 -38.85 -4.82
CA TYR B 204 -14.27 -38.72 -6.27
C TYR B 204 -14.17 -40.11 -6.88
N SER B 205 -14.78 -40.29 -8.05
CA SER B 205 -14.88 -41.62 -8.64
C SER B 205 -14.67 -41.54 -10.15
N LYS B 206 -14.33 -42.70 -10.72
CA LYS B 206 -14.28 -42.89 -12.16
C LYS B 206 -14.33 -44.38 -12.46
N HIS B 207 -14.92 -44.72 -13.60
CA HIS B 207 -15.03 -46.09 -14.06
C HIS B 207 -14.54 -46.16 -15.50
N THR B 208 -13.75 -47.19 -15.81
CA THR B 208 -13.17 -47.35 -17.13
C THR B 208 -13.22 -48.81 -17.57
N PRO B 209 -13.44 -49.06 -18.87
CA PRO B 209 -13.31 -50.43 -19.38
C PRO B 209 -11.90 -50.74 -19.85
N ILE B 210 -11.36 -51.87 -19.41
CA ILE B 210 -10.00 -52.29 -19.75
C ILE B 210 -10.02 -53.75 -20.15
N ASN B 211 -8.89 -54.21 -20.69
CA ASN B 211 -8.73 -55.61 -21.07
C ASN B 211 -7.34 -56.12 -20.70
N LEU B 212 -6.87 -55.76 -19.51
CA LEU B 212 -5.58 -56.23 -19.04
C LEU B 212 -5.75 -57.48 -18.17
N VAL B 213 -4.61 -58.09 -17.81
CA VAL B 213 -4.59 -59.30 -16.99
C VAL B 213 -4.04 -59.01 -15.60
N ARG B 214 -2.88 -58.34 -15.51
CA ARG B 214 -2.30 -57.99 -14.22
C ARG B 214 -1.39 -56.78 -14.44
N ASP B 215 -1.89 -55.59 -14.10
CA ASP B 215 -1.10 -54.37 -14.09
C ASP B 215 -2.00 -53.23 -13.65
N LEU B 216 -1.38 -52.14 -13.23
CA LEU B 216 -2.09 -50.87 -13.08
C LEU B 216 -2.02 -50.15 -14.42
N PRO B 217 -3.08 -50.17 -15.22
CA PRO B 217 -2.94 -49.74 -16.62
C PRO B 217 -2.50 -48.28 -16.72
N GLN B 218 -1.67 -48.00 -17.72
CA GLN B 218 -1.24 -46.65 -17.99
C GLN B 218 -2.38 -45.88 -18.67
N GLY B 219 -2.08 -44.66 -19.10
CA GLY B 219 -3.05 -43.79 -19.70
C GLY B 219 -3.41 -42.64 -18.77
N PHE B 220 -4.51 -41.97 -19.12
CA PHE B 220 -4.95 -40.80 -18.37
C PHE B 220 -6.46 -40.86 -18.19
N SER B 221 -6.92 -40.52 -16.99
CA SER B 221 -8.36 -40.47 -16.71
C SER B 221 -8.58 -39.63 -15.47
N ALA B 222 -9.26 -38.50 -15.63
CA ALA B 222 -9.53 -37.61 -14.51
C ALA B 222 -10.79 -38.06 -13.78
N LEU B 223 -10.70 -38.16 -12.45
CA LEU B 223 -11.80 -38.62 -11.64
C LEU B 223 -12.78 -37.49 -11.37
N GLU B 224 -14.07 -37.75 -11.57
CA GLU B 224 -15.05 -36.71 -11.33
C GLU B 224 -15.58 -36.79 -9.90
N PRO B 225 -15.86 -35.67 -9.24
CA PRO B 225 -16.40 -35.75 -7.87
C PRO B 225 -17.67 -36.57 -7.84
N LEU B 226 -17.80 -37.38 -6.78
CA LEU B 226 -18.96 -38.23 -6.59
C LEU B 226 -19.86 -37.76 -5.47
N VAL B 227 -19.30 -37.38 -4.32
CA VAL B 227 -20.11 -36.91 -3.21
C VAL B 227 -19.23 -36.15 -2.23
N ASP B 228 -19.85 -35.29 -1.43
CA ASP B 228 -19.17 -34.50 -0.39
C ASP B 228 -20.04 -34.57 0.86
N LEU B 229 -19.77 -35.55 1.71
CA LEU B 229 -20.62 -35.82 2.86
C LEU B 229 -20.20 -34.96 4.04
N PRO B 230 -21.14 -34.28 4.72
CA PRO B 230 -20.80 -33.48 5.91
C PRO B 230 -20.77 -34.34 7.18
N ILE B 231 -19.66 -35.04 7.37
CA ILE B 231 -19.53 -35.99 8.47
C ILE B 231 -18.91 -35.35 9.69
N GLY B 232 -17.79 -34.64 9.51
CA GLY B 232 -17.14 -34.00 10.64
C GLY B 232 -16.57 -34.96 11.67
N ILE B 233 -15.89 -36.02 11.21
CA ILE B 233 -15.25 -36.98 12.10
C ILE B 233 -13.75 -36.96 11.84
N ASN B 234 -13.00 -37.58 12.74
CA ASN B 234 -11.55 -37.69 12.64
C ASN B 234 -11.21 -39.06 12.08
N ILE B 235 -10.69 -39.09 10.86
CA ILE B 235 -10.33 -40.33 10.18
C ILE B 235 -8.81 -40.43 10.14
N THR B 236 -8.28 -41.57 10.60
CA THR B 236 -6.85 -41.82 10.57
C THR B 236 -6.48 -43.18 10.02
N ARG B 237 -7.41 -44.13 9.93
CA ARG B 237 -7.14 -45.46 9.42
C ARG B 237 -8.35 -45.93 8.63
N PHE B 238 -8.12 -46.87 7.72
CA PHE B 238 -9.19 -47.37 6.88
C PHE B 238 -8.88 -48.80 6.45
N GLN B 239 -9.91 -49.47 5.93
CA GLN B 239 -9.79 -50.86 5.52
C GLN B 239 -10.79 -51.12 4.40
N THR B 240 -10.52 -52.15 3.61
CA THR B 240 -11.40 -52.56 2.52
C THR B 240 -12.23 -53.77 2.93
N LEU B 241 -13.28 -54.03 2.14
CA LEU B 241 -14.21 -55.12 2.38
C LEU B 241 -14.46 -55.84 1.07
N LEU B 242 -14.03 -57.09 0.99
CA LEU B 242 -14.13 -57.91 -0.21
C LEU B 242 -15.28 -58.91 -0.06
N ALA B 243 -15.46 -59.72 -1.10
CA ALA B 243 -16.47 -60.77 -1.12
C ALA B 243 -15.81 -62.11 -1.43
N LEU B 244 -16.38 -63.18 -0.88
CA LEU B 244 -15.86 -64.52 -1.07
C LEU B 244 -16.99 -65.43 -1.55
N HIS B 245 -16.60 -66.50 -2.22
CA HIS B 245 -17.54 -67.45 -2.82
C HIS B 245 -17.62 -68.70 -1.96
N ARG B 246 -18.82 -69.26 -1.85
CA ARG B 246 -19.04 -70.48 -1.08
C ARG B 246 -20.09 -71.33 -1.77
N SER B 247 -20.04 -72.63 -1.50
CA SER B 247 -21.01 -73.57 -2.08
C SER B 247 -20.85 -74.95 -1.44
N GLY B 252 -15.98 -76.41 3.22
CA GLY B 252 -15.15 -76.44 4.40
C GLY B 252 -15.87 -75.95 5.64
N ASP B 253 -15.09 -75.54 6.65
CA ASP B 253 -15.66 -75.06 7.91
C ASP B 253 -16.04 -73.59 7.77
N SER B 254 -16.43 -72.96 8.88
CA SER B 254 -16.79 -71.56 8.87
C SER B 254 -15.61 -70.67 8.49
N SER B 255 -14.38 -71.15 8.63
CA SER B 255 -13.18 -70.35 8.39
C SER B 255 -12.25 -70.98 7.36
N SER B 256 -12.68 -72.05 6.69
CA SER B 256 -11.80 -72.74 5.74
C SER B 256 -12.49 -72.93 4.39
N GLY B 257 -13.81 -73.07 4.39
CA GLY B 257 -14.55 -73.31 3.17
C GLY B 257 -14.95 -72.04 2.45
N TRP B 258 -14.00 -71.36 1.81
CA TRP B 258 -14.28 -70.12 1.12
C TRP B 258 -13.23 -69.88 0.04
N THR B 259 -13.70 -69.49 -1.14
CA THR B 259 -12.84 -69.13 -2.26
C THR B 259 -12.61 -67.63 -2.28
N ALA B 260 -11.60 -67.22 -3.06
CA ALA B 260 -11.19 -65.82 -3.12
C ALA B 260 -11.87 -65.06 -4.26
N GLY B 261 -11.68 -65.52 -5.49
CA GLY B 261 -12.22 -64.82 -6.64
C GLY B 261 -11.27 -63.78 -7.17
N ALA B 262 -10.94 -63.86 -8.46
CA ALA B 262 -9.92 -62.98 -9.04
C ALA B 262 -10.29 -61.51 -8.86
N ALA B 263 -9.34 -60.72 -8.39
CA ALA B 263 -9.51 -59.28 -8.22
C ALA B 263 -8.19 -58.71 -7.73
N ALA B 264 -8.02 -57.40 -7.92
CA ALA B 264 -6.83 -56.73 -7.39
C ALA B 264 -7.18 -55.30 -7.06
N TYR B 265 -6.44 -54.71 -6.12
CA TYR B 265 -6.64 -53.30 -5.83
C TYR B 265 -5.33 -52.67 -5.38
N TYR B 266 -5.17 -51.40 -5.76
CA TYR B 266 -3.95 -50.64 -5.56
C TYR B 266 -4.26 -49.44 -4.68
N VAL B 267 -3.41 -49.19 -3.70
CA VAL B 267 -3.60 -48.11 -2.73
C VAL B 267 -2.41 -47.17 -2.80
N GLY B 268 -2.69 -45.88 -2.98
CA GLY B 268 -1.68 -44.86 -2.92
C GLY B 268 -2.13 -43.73 -2.02
N TYR B 269 -1.15 -42.96 -1.53
CA TYR B 269 -1.41 -41.91 -0.56
C TYR B 269 -1.19 -40.55 -1.20
N LEU B 270 -2.16 -39.66 -1.03
CA LEU B 270 -2.06 -38.32 -1.58
C LEU B 270 -1.10 -37.47 -0.77
N GLN B 271 -0.49 -36.50 -1.43
CA GLN B 271 0.40 -35.54 -0.80
C GLN B 271 0.11 -34.17 -1.37
N PRO B 272 0.45 -33.10 -0.64
CA PRO B 272 0.23 -31.74 -1.18
C PRO B 272 1.21 -31.41 -2.29
N ARG B 273 0.72 -31.38 -3.53
CA ARG B 273 1.54 -31.11 -4.70
C ARG B 273 0.83 -30.07 -5.57
N THR B 274 1.60 -29.44 -6.45
CA THR B 274 1.09 -28.47 -7.41
C THR B 274 1.13 -29.09 -8.80
N PHE B 275 -0.03 -29.18 -9.44
CA PHE B 275 -0.17 -29.80 -10.75
C PHE B 275 -0.66 -28.75 -11.74
N LEU B 276 -0.19 -28.85 -12.99
CA LEU B 276 -0.71 -28.03 -14.08
C LEU B 276 -1.64 -28.91 -14.91
N LEU B 277 -2.93 -28.56 -14.90
CA LEU B 277 -3.97 -29.31 -15.57
C LEU B 277 -4.34 -28.62 -16.88
N LYS B 278 -4.78 -29.41 -17.85
CA LYS B 278 -5.16 -28.88 -19.16
C LYS B 278 -6.64 -29.18 -19.40
N TYR B 279 -7.43 -28.13 -19.60
CA TYR B 279 -8.85 -28.25 -19.91
C TYR B 279 -9.04 -27.99 -21.39
N ASN B 280 -9.67 -28.93 -22.08
CA ASN B 280 -9.97 -28.78 -23.50
C ASN B 280 -11.26 -27.98 -23.67
N GLU B 281 -11.64 -27.75 -24.93
CA GLU B 281 -12.84 -26.96 -25.20
C GLU B 281 -14.08 -27.59 -24.60
N ASN B 282 -14.11 -28.93 -24.48
CA ASN B 282 -15.24 -29.59 -23.85
C ASN B 282 -15.40 -29.18 -22.40
N GLY B 283 -14.31 -28.80 -21.75
CA GLY B 283 -14.32 -28.51 -20.33
C GLY B 283 -13.80 -29.63 -19.46
N THR B 284 -13.27 -30.69 -20.05
CA THR B 284 -12.77 -31.84 -19.30
C THR B 284 -11.24 -31.81 -19.25
N ILE B 285 -10.69 -32.35 -18.16
CA ILE B 285 -9.25 -32.43 -18.00
C ILE B 285 -8.72 -33.53 -18.91
N THR B 286 -7.90 -33.16 -19.89
CA THR B 286 -7.35 -34.10 -20.85
C THR B 286 -5.89 -34.44 -20.60
N ASP B 287 -5.18 -33.64 -19.83
CA ASP B 287 -3.77 -33.91 -19.56
C ASP B 287 -3.35 -33.15 -18.31
N ALA B 288 -2.22 -33.57 -17.73
CA ALA B 288 -1.71 -32.95 -16.53
C ALA B 288 -0.20 -33.16 -16.47
N VAL B 289 0.47 -32.26 -15.75
CA VAL B 289 1.90 -32.41 -15.48
C VAL B 289 2.16 -32.09 -14.02
N ASP B 290 2.98 -32.92 -13.39
CA ASP B 290 3.36 -32.75 -11.99
C ASP B 290 4.62 -31.90 -11.93
N CYS B 291 4.54 -30.77 -11.23
CA CYS B 291 5.62 -29.79 -11.25
C CYS B 291 6.87 -30.27 -10.51
N ALA B 292 6.71 -31.19 -9.55
CA ALA B 292 7.83 -31.65 -8.74
C ALA B 292 8.37 -32.99 -9.22
N LEU B 293 7.91 -33.49 -10.37
CA LEU B 293 8.37 -34.79 -10.84
C LEU B 293 9.79 -34.71 -11.39
N ASP B 294 10.00 -33.93 -12.43
CA ASP B 294 11.29 -33.82 -13.09
C ASP B 294 11.50 -32.38 -13.54
N PRO B 295 12.75 -32.01 -13.85
CA PRO B 295 13.01 -30.61 -14.24
C PRO B 295 12.22 -30.16 -15.45
N LEU B 296 11.97 -31.05 -16.41
CA LEU B 296 11.19 -30.66 -17.59
C LEU B 296 9.76 -30.31 -17.19
N SER B 297 9.15 -31.11 -16.31
CA SER B 297 7.80 -30.80 -15.85
C SER B 297 7.79 -29.52 -15.04
N GLU B 298 8.84 -29.28 -14.24
CA GLU B 298 8.92 -28.02 -13.50
C GLU B 298 9.00 -26.84 -14.45
N THR B 299 9.78 -26.96 -15.53
CA THR B 299 9.85 -25.89 -16.53
C THR B 299 8.50 -25.69 -17.18
N LYS B 300 7.80 -26.78 -17.52
CA LYS B 300 6.48 -26.65 -18.10
C LYS B 300 5.54 -25.91 -17.17
N CYS B 301 5.59 -26.22 -15.88
CA CYS B 301 4.74 -25.53 -14.92
C CYS B 301 5.08 -24.05 -14.84
N THR B 302 6.37 -23.72 -14.81
CA THR B 302 6.76 -22.31 -14.75
C THR B 302 6.29 -21.55 -15.98
N LEU B 303 6.40 -22.16 -17.16
CA LEU B 303 5.94 -21.52 -18.38
C LEU B 303 4.44 -21.59 -18.57
N LYS B 304 3.72 -22.37 -17.77
CA LYS B 304 2.28 -22.57 -17.95
C LYS B 304 1.98 -23.04 -19.37
N SER B 305 2.83 -23.92 -19.88
CA SER B 305 2.68 -24.46 -21.23
C SER B 305 3.16 -25.90 -21.25
N PHE B 306 2.46 -26.75 -21.98
CA PHE B 306 2.86 -28.15 -22.13
C PHE B 306 3.93 -28.34 -23.20
N THR B 307 4.24 -27.31 -23.97
CA THR B 307 5.32 -27.34 -24.94
C THR B 307 6.32 -26.25 -24.59
N VAL B 308 7.60 -26.60 -24.59
CA VAL B 308 8.67 -25.70 -24.18
C VAL B 308 9.57 -25.46 -25.39
N GLU B 309 9.85 -24.19 -25.67
CA GLU B 309 10.74 -23.83 -26.75
C GLU B 309 12.19 -23.97 -26.30
N LYS B 310 13.07 -24.19 -27.28
CA LYS B 310 14.48 -24.37 -26.97
C LYS B 310 15.02 -23.16 -26.21
N GLY B 311 15.80 -23.43 -25.17
CA GLY B 311 16.43 -22.37 -24.42
C GLY B 311 16.69 -22.77 -22.99
N ILE B 312 17.16 -21.80 -22.22
CA ILE B 312 17.46 -21.95 -20.80
C ILE B 312 16.45 -21.14 -20.01
N TYR B 313 15.78 -21.79 -19.07
CA TYR B 313 14.73 -21.18 -18.27
C TYR B 313 15.08 -21.28 -16.80
N GLN B 314 15.07 -20.15 -16.11
CA GLN B 314 15.31 -20.13 -14.66
C GLN B 314 14.08 -20.70 -13.97
N THR B 315 14.20 -21.91 -13.44
CA THR B 315 13.07 -22.64 -12.89
C THR B 315 12.89 -22.45 -11.39
N SER B 316 13.90 -22.75 -10.58
CA SER B 316 13.68 -22.81 -9.15
C SER B 316 14.92 -22.30 -8.41
N ASN B 317 14.94 -22.53 -7.10
CA ASN B 317 16.07 -22.15 -6.26
C ASN B 317 16.62 -23.38 -5.56
N PHE B 318 17.93 -23.59 -5.70
CA PHE B 318 18.60 -24.68 -5.01
C PHE B 318 18.78 -24.32 -3.55
N ARG B 319 18.17 -25.12 -2.68
CA ARG B 319 18.25 -24.96 -1.24
C ARG B 319 18.80 -26.23 -0.61
N VAL B 320 19.69 -26.07 0.36
CA VAL B 320 20.27 -27.18 1.11
C VAL B 320 19.60 -27.20 2.48
N GLN B 321 18.82 -28.24 2.74
CA GLN B 321 18.11 -28.33 4.00
C GLN B 321 19.08 -28.67 5.14
N PRO B 322 18.84 -28.12 6.33
CA PRO B 322 19.71 -28.46 7.47
C PRO B 322 19.54 -29.90 7.89
N THR B 323 20.62 -30.46 8.44
CA THR B 323 20.63 -31.87 8.86
C THR B 323 20.29 -32.02 10.33
N GLU B 324 21.08 -31.42 11.21
CA GLU B 324 20.94 -31.57 12.65
C GLU B 324 20.52 -30.25 13.29
N SER B 325 20.13 -30.34 14.56
CA SER B 325 19.79 -29.18 15.37
C SER B 325 20.62 -29.20 16.64
N ILE B 326 21.25 -28.07 16.96
CA ILE B 326 22.14 -27.95 18.09
C ILE B 326 21.72 -26.77 18.94
N VAL B 327 21.73 -26.97 20.27
CA VAL B 327 21.40 -25.94 21.23
C VAL B 327 22.59 -25.81 22.18
N ARG B 328 23.09 -24.58 22.33
CA ARG B 328 24.24 -24.30 23.18
C ARG B 328 23.85 -23.24 24.20
N PHE B 329 23.65 -23.65 25.44
CA PHE B 329 23.23 -22.78 26.51
C PHE B 329 24.31 -22.68 27.58
N PRO B 330 24.24 -21.67 28.46
CA PRO B 330 25.32 -21.46 29.44
C PRO B 330 25.52 -22.62 30.38
N ASN B 331 26.56 -22.51 31.22
CA ASN B 331 26.92 -23.55 32.19
C ASN B 331 26.31 -23.21 33.54
N ILE B 332 24.98 -23.27 33.60
CA ILE B 332 24.23 -22.91 34.80
C ILE B 332 23.32 -24.09 35.17
N THR B 333 23.29 -24.41 36.46
CA THR B 333 22.44 -25.47 36.98
C THR B 333 21.43 -25.00 38.02
N ASN B 334 21.65 -23.84 38.63
CA ASN B 334 20.73 -23.35 39.65
C ASN B 334 19.34 -23.14 39.07
N LEU B 335 18.33 -23.53 39.84
CA LEU B 335 16.94 -23.28 39.48
C LEU B 335 16.50 -21.95 40.06
N CYS B 336 15.86 -21.13 39.23
CA CYS B 336 15.52 -19.78 39.64
C CYS B 336 14.54 -19.83 40.82
N PRO B 337 14.75 -19.01 41.85
CA PRO B 337 13.85 -19.04 43.02
C PRO B 337 12.59 -18.19 42.85
N PHE B 338 11.64 -18.73 42.08
CA PHE B 338 10.34 -18.10 41.93
C PHE B 338 9.44 -18.36 43.12
N GLY B 339 9.79 -19.32 43.97
CA GLY B 339 8.94 -19.63 45.11
C GLY B 339 8.82 -18.48 46.09
N GLU B 340 9.96 -17.88 46.45
CA GLU B 340 9.94 -16.81 47.45
C GLU B 340 9.28 -15.55 46.91
N VAL B 341 9.00 -15.47 45.61
CA VAL B 341 8.31 -14.34 45.02
C VAL B 341 6.82 -14.62 44.86
N PHE B 342 6.48 -15.76 44.26
CA PHE B 342 5.06 -16.07 44.03
C PHE B 342 4.36 -16.45 45.33
N ASN B 343 4.99 -17.29 46.14
CA ASN B 343 4.43 -17.75 47.40
C ASN B 343 4.93 -16.92 48.59
N ALA B 344 5.25 -15.66 48.36
CA ALA B 344 5.82 -14.83 49.42
C ALA B 344 4.84 -14.70 50.58
N THR B 345 5.38 -14.68 51.79
CA THR B 345 4.53 -14.54 52.98
C THR B 345 3.82 -13.20 52.99
N ARG B 346 4.53 -12.13 52.62
CA ARG B 346 3.97 -10.79 52.59
C ARG B 346 4.25 -10.14 51.24
N PHE B 347 3.30 -9.33 50.78
CA PHE B 347 3.40 -8.64 49.51
C PHE B 347 3.43 -7.13 49.76
N ALA B 348 4.39 -6.46 49.15
CA ALA B 348 4.53 -5.02 49.34
C ALA B 348 3.35 -4.27 48.75
N SER B 349 3.08 -3.10 49.32
CA SER B 349 2.00 -2.25 48.81
C SER B 349 2.33 -1.73 47.42
N VAL B 350 1.28 -1.41 46.66
CA VAL B 350 1.48 -0.96 45.29
C VAL B 350 2.32 0.30 45.25
N TYR B 351 2.02 1.26 46.12
CA TYR B 351 2.79 2.50 46.15
C TYR B 351 4.26 2.23 46.47
N ALA B 352 4.55 1.08 47.05
CA ALA B 352 5.92 0.62 47.29
C ALA B 352 6.12 -0.76 46.69
N TRP B 353 5.68 -0.93 45.44
CA TRP B 353 5.86 -2.20 44.74
C TRP B 353 7.33 -2.62 44.78
N ASN B 354 7.57 -3.86 45.17
CA ASN B 354 8.92 -4.34 45.45
C ASN B 354 9.47 -5.11 44.25
N ARG B 355 10.63 -4.69 43.77
CA ARG B 355 11.25 -5.22 42.57
C ARG B 355 12.49 -6.01 42.92
N LYS B 356 12.57 -7.25 42.44
CA LYS B 356 13.66 -8.16 42.73
C LYS B 356 14.38 -8.56 41.44
N ARG B 357 15.66 -8.87 41.58
CA ARG B 357 16.50 -9.28 40.48
C ARG B 357 16.66 -10.80 40.48
N ILE B 358 16.55 -11.39 39.28
CA ILE B 358 16.76 -12.84 39.12
C ILE B 358 17.78 -13.04 38.01
N SER B 359 18.86 -13.75 38.32
CA SER B 359 19.91 -14.01 37.36
C SER B 359 20.71 -15.22 37.81
N ASN B 360 21.46 -15.79 36.86
CA ASN B 360 22.32 -16.95 37.12
C ASN B 360 21.51 -18.12 37.68
N CYS B 361 20.57 -18.59 36.86
CA CYS B 361 19.72 -19.71 37.21
C CYS B 361 18.98 -20.15 35.94
N VAL B 362 18.16 -21.18 36.07
CA VAL B 362 17.31 -21.65 35.00
C VAL B 362 15.86 -21.49 35.42
N ALA B 363 15.08 -20.77 34.62
CA ALA B 363 13.68 -20.48 34.91
C ALA B 363 12.79 -21.39 34.07
N ASP B 364 12.02 -22.23 34.73
CA ASP B 364 11.09 -23.13 34.06
C ASP B 364 9.70 -22.51 34.11
N TYR B 365 9.27 -21.94 32.99
CA TYR B 365 7.97 -21.27 32.90
C TYR B 365 6.84 -22.23 32.58
N SER B 366 7.14 -23.48 32.21
CA SER B 366 6.08 -24.43 31.89
C SER B 366 5.21 -24.72 33.11
N VAL B 367 5.83 -24.86 34.28
CA VAL B 367 5.06 -25.12 35.49
C VAL B 367 4.15 -23.94 35.81
N LEU B 368 4.66 -22.72 35.66
CA LEU B 368 3.81 -21.54 35.87
C LEU B 368 2.66 -21.51 34.87
N TYR B 369 2.94 -21.84 33.60
CA TYR B 369 1.90 -21.79 32.59
C TYR B 369 0.81 -22.82 32.87
N ASN B 370 1.18 -24.03 33.24
CA ASN B 370 0.23 -25.11 33.44
C ASN B 370 -0.29 -25.20 34.88
N SER B 371 0.12 -24.28 35.75
CA SER B 371 -0.38 -24.30 37.13
C SER B 371 -1.89 -24.08 37.17
N ALA B 372 -2.39 -23.17 36.33
CA ALA B 372 -3.81 -22.84 36.23
C ALA B 372 -4.32 -22.11 37.46
N SER B 373 -3.45 -21.74 38.39
CA SER B 373 -3.83 -21.01 39.59
C SER B 373 -3.74 -19.50 39.42
N PHE B 374 -3.39 -19.01 38.23
CA PHE B 374 -3.23 -17.59 37.97
C PHE B 374 -4.43 -17.10 37.18
N SER B 375 -5.10 -16.06 37.70
CA SER B 375 -6.26 -15.50 37.02
C SER B 375 -5.86 -14.92 35.67
N THR B 376 -4.73 -14.21 35.62
CA THR B 376 -4.24 -13.59 34.40
C THR B 376 -2.78 -13.95 34.22
N PHE B 377 -2.41 -14.37 33.01
CA PHE B 377 -1.04 -14.72 32.65
C PHE B 377 -0.68 -14.04 31.33
N LYS B 378 -0.95 -12.74 31.26
CA LYS B 378 -0.93 -12.02 30.00
C LYS B 378 0.50 -11.60 29.66
N CYS B 379 1.05 -12.19 28.62
CA CYS B 379 2.46 -12.00 28.27
C CYS B 379 2.56 -11.13 27.03
N TYR B 380 3.33 -10.04 27.14
CA TYR B 380 3.51 -9.08 26.05
C TYR B 380 4.91 -9.22 25.48
N GLY B 381 4.98 -9.40 24.16
CA GLY B 381 6.25 -9.54 23.47
C GLY B 381 6.78 -10.95 23.43
N VAL B 382 6.24 -11.85 24.24
CA VAL B 382 6.68 -13.23 24.30
C VAL B 382 5.45 -14.12 24.46
N SER B 383 5.37 -15.18 23.67
CA SER B 383 4.29 -16.13 23.84
C SER B 383 4.49 -16.93 25.12
N PRO B 384 3.45 -17.12 25.92
CA PRO B 384 3.67 -17.77 27.23
C PRO B 384 4.32 -19.14 27.11
N THR B 385 3.92 -19.94 26.13
CA THR B 385 4.54 -21.24 25.91
C THR B 385 5.66 -21.15 24.86
N LYS B 386 6.54 -20.17 25.03
CA LYS B 386 7.68 -20.01 24.13
C LYS B 386 8.94 -19.58 24.86
N LEU B 387 8.93 -19.46 26.18
CA LEU B 387 10.08 -19.00 26.94
C LEU B 387 11.03 -20.12 27.34
N ASN B 388 10.66 -21.38 27.09
CA ASN B 388 11.51 -22.50 27.48
C ASN B 388 12.72 -22.65 26.58
N ASP B 389 12.63 -22.21 25.33
CA ASP B 389 13.75 -22.24 24.41
C ASP B 389 14.56 -20.95 24.41
N LEU B 390 13.98 -19.87 24.92
CA LEU B 390 14.61 -18.56 24.93
C LEU B 390 15.39 -18.36 26.22
N CYS B 391 16.15 -17.27 26.28
CA CYS B 391 16.67 -16.82 27.56
C CYS B 391 17.22 -15.40 27.45
N PHE B 392 17.45 -14.80 28.62
CA PHE B 392 17.59 -13.36 28.75
C PHE B 392 18.81 -13.05 29.61
N THR B 393 19.16 -11.77 29.68
CA THR B 393 20.26 -11.35 30.54
C THR B 393 19.87 -11.39 32.01
N ASN B 394 18.66 -10.94 32.34
CA ASN B 394 18.17 -10.97 33.71
C ASN B 394 16.65 -10.88 33.68
N VAL B 395 16.04 -11.17 34.83
CA VAL B 395 14.59 -11.07 34.99
C VAL B 395 14.31 -10.12 36.15
N TYR B 396 13.36 -9.22 35.93
CA TYR B 396 12.99 -8.21 36.91
C TYR B 396 11.59 -8.53 37.39
N ALA B 397 11.43 -8.96 38.64
CA ALA B 397 10.13 -9.36 39.15
C ALA B 397 9.62 -8.26 40.07
N ASP B 398 8.62 -7.53 39.62
CA ASP B 398 8.02 -6.45 40.40
C ASP B 398 6.69 -6.95 40.97
N SER B 399 6.61 -7.05 42.29
CA SER B 399 5.44 -7.61 42.97
C SER B 399 4.70 -6.51 43.73
N PHE B 400 3.37 -6.62 43.75
CA PHE B 400 2.51 -5.67 44.43
C PHE B 400 1.11 -6.28 44.52
N VAL B 401 0.17 -5.51 45.08
CA VAL B 401 -1.21 -5.94 45.26
C VAL B 401 -2.14 -4.82 44.82
N ILE B 402 -3.21 -5.18 44.13
CA ILE B 402 -4.20 -4.23 43.63
C ILE B 402 -5.58 -4.85 43.76
N ARG B 403 -6.60 -4.12 43.30
CA ARG B 403 -7.94 -4.67 43.17
C ARG B 403 -8.06 -5.44 41.86
N GLY B 404 -8.96 -6.42 41.84
CA GLY B 404 -9.15 -7.20 40.63
C GLY B 404 -9.53 -6.33 39.44
N ASP B 405 -10.48 -5.43 39.64
CA ASP B 405 -10.89 -4.53 38.57
C ASP B 405 -9.72 -3.68 38.07
N GLU B 406 -8.69 -3.50 38.89
CA GLU B 406 -7.54 -2.70 38.51
C GLU B 406 -6.47 -3.49 37.77
N VAL B 407 -6.64 -4.81 37.61
CA VAL B 407 -5.62 -5.59 36.90
C VAL B 407 -5.47 -5.11 35.47
N ARG B 408 -6.56 -4.59 34.88
CA ARG B 408 -6.48 -4.11 33.50
C ARG B 408 -5.52 -2.95 33.36
N GLN B 409 -5.46 -2.08 34.37
CA GLN B 409 -4.62 -0.89 34.27
C GLN B 409 -3.14 -1.20 34.17
N ILE B 410 -2.73 -2.41 34.54
CA ILE B 410 -1.32 -2.81 34.47
C ILE B 410 -1.08 -3.34 33.06
N ALA B 411 -0.77 -2.41 32.15
CA ALA B 411 -0.50 -2.76 30.76
C ALA B 411 0.13 -1.57 30.05
N PRO B 412 0.96 -1.80 29.04
CA PRO B 412 1.61 -0.68 28.36
C PRO B 412 0.59 0.22 27.68
N GLY B 413 0.86 1.53 27.70
CA GLY B 413 -0.02 2.48 27.05
C GLY B 413 -1.41 2.54 27.62
N GLN B 414 -1.61 2.03 28.83
CA GLN B 414 -2.91 2.05 29.48
C GLN B 414 -2.97 3.20 30.46
N THR B 415 -4.05 3.98 30.40
CA THR B 415 -4.22 5.17 31.22
C THR B 415 -5.11 4.84 32.40
N GLY B 416 -4.68 5.23 33.60
CA GLY B 416 -5.44 5.01 34.80
C GLY B 416 -4.69 5.57 35.99
N LYS B 417 -5.43 5.67 37.11
CA LYS B 417 -4.83 6.26 38.31
C LYS B 417 -3.63 5.47 38.77
N ILE B 418 -3.79 4.16 38.94
CA ILE B 418 -2.69 3.32 39.40
C ILE B 418 -1.59 3.29 38.35
N ALA B 419 -1.96 3.04 37.09
CA ALA B 419 -0.97 2.94 36.03
C ALA B 419 -0.17 4.22 35.85
N ASP B 420 -0.70 5.35 36.31
CA ASP B 420 -0.05 6.65 36.12
C ASP B 420 0.73 7.12 37.34
N TYR B 421 0.26 6.82 38.55
CA TYR B 421 0.88 7.36 39.75
C TYR B 421 1.43 6.30 40.70
N ASN B 422 1.33 5.02 40.36
CA ASN B 422 1.88 3.95 41.19
C ASN B 422 2.88 3.08 40.45
N TYR B 423 2.55 2.63 39.25
CA TYR B 423 3.42 1.71 38.51
C TYR B 423 3.08 1.83 37.03
N LYS B 424 3.96 2.47 36.27
CA LYS B 424 3.76 2.71 34.85
C LYS B 424 4.71 1.83 34.05
N LEU B 425 4.16 1.04 33.12
CA LEU B 425 5.00 0.23 32.26
C LEU B 425 5.36 1.02 31.00
N PRO B 426 6.52 0.74 30.40
CA PRO B 426 6.89 1.42 29.16
C PRO B 426 6.00 0.98 28.00
N ASP B 427 5.90 1.87 27.01
CA ASP B 427 5.07 1.58 25.84
C ASP B 427 5.56 0.33 25.11
N ASP B 428 6.88 0.18 24.98
CA ASP B 428 7.49 -0.99 24.36
C ASP B 428 7.84 -2.08 25.36
N PHE B 429 7.08 -2.18 26.44
CA PHE B 429 7.37 -3.17 27.47
C PHE B 429 7.39 -4.57 26.87
N THR B 430 8.41 -5.34 27.26
CA THR B 430 8.50 -6.76 26.93
C THR B 430 8.60 -7.54 28.23
N GLY B 431 7.77 -8.55 28.38
CA GLY B 431 7.68 -9.30 29.62
C GLY B 431 6.33 -9.97 29.73
N CYS B 432 5.88 -10.14 30.97
CA CYS B 432 4.58 -10.78 31.16
C CYS B 432 4.04 -10.43 32.55
N VAL B 433 2.73 -10.17 32.62
CA VAL B 433 2.06 -9.78 33.85
C VAL B 433 1.24 -10.97 34.35
N ILE B 434 1.45 -11.32 35.63
CA ILE B 434 0.74 -12.41 36.28
C ILE B 434 -0.08 -11.82 37.40
N ALA B 435 -1.36 -12.19 37.47
CA ALA B 435 -2.26 -11.72 38.51
C ALA B 435 -3.06 -12.90 39.04
N TRP B 436 -3.09 -13.06 40.36
CA TRP B 436 -3.82 -14.16 40.97
C TRP B 436 -4.52 -13.68 42.23
N ASN B 437 -5.74 -14.19 42.45
CA ASN B 437 -6.56 -13.74 43.56
C ASN B 437 -6.03 -14.28 44.88
N SER B 438 -5.99 -13.42 45.88
CA SER B 438 -5.54 -13.77 47.22
C SER B 438 -6.55 -13.32 48.26
N ASN B 439 -7.84 -13.49 47.96
CA ASN B 439 -8.87 -13.06 48.90
C ASN B 439 -8.78 -13.84 50.21
N ASN B 440 -8.63 -15.16 50.13
CA ASN B 440 -8.58 -15.98 51.33
C ASN B 440 -7.36 -15.69 52.19
N LEU B 441 -6.29 -15.15 51.61
CA LEU B 441 -5.07 -14.87 52.34
C LEU B 441 -4.90 -13.40 52.69
N ASP B 442 -5.75 -12.51 52.17
CA ASP B 442 -5.58 -11.08 52.38
C ASP B 442 -6.82 -10.39 52.93
N SER B 443 -7.99 -11.04 52.96
CA SER B 443 -9.22 -10.44 53.43
C SER B 443 -9.56 -11.00 54.81
N LYS B 444 -9.82 -10.10 55.76
CA LYS B 444 -10.19 -10.49 57.11
C LYS B 444 -11.39 -9.66 57.56
N VAL B 445 -12.19 -10.25 58.45
CA VAL B 445 -13.38 -9.56 58.94
C VAL B 445 -12.96 -8.30 59.68
N GLY B 446 -13.62 -7.19 59.36
CA GLY B 446 -13.30 -5.90 59.93
C GLY B 446 -12.56 -4.97 58.99
N GLY B 447 -12.06 -5.48 57.86
CA GLY B 447 -11.40 -4.64 56.88
C GLY B 447 -9.89 -4.67 56.97
N ASN B 448 -9.26 -5.27 55.96
CA ASN B 448 -7.80 -5.33 55.89
C ASN B 448 -7.30 -4.05 55.24
N TYR B 449 -6.86 -3.10 56.07
CA TYR B 449 -6.37 -1.81 55.60
C TYR B 449 -4.85 -1.78 55.46
N ASN B 450 -4.18 -2.92 55.62
CA ASN B 450 -2.73 -2.96 55.49
C ASN B 450 -2.27 -2.57 54.09
N TYR B 451 -3.12 -2.75 53.08
CA TYR B 451 -2.76 -2.44 51.71
C TYR B 451 -3.09 -0.97 51.42
N LEU B 452 -2.10 -0.24 50.91
CA LEU B 452 -2.21 1.19 50.69
C LEU B 452 -1.70 1.52 49.30
N TYR B 453 -2.31 2.54 48.68
CA TYR B 453 -1.94 2.94 47.33
C TYR B 453 -1.93 4.45 47.23
N ARG B 454 -0.89 4.99 46.60
CA ARG B 454 -0.79 6.42 46.38
C ARG B 454 -1.65 6.84 45.20
N LEU B 455 -2.31 7.98 45.35
CA LEU B 455 -3.27 8.44 44.36
C LEU B 455 -2.86 9.74 43.68
N PHE B 456 -2.51 10.77 44.45
CA PHE B 456 -2.25 12.10 43.91
C PHE B 456 -0.76 12.29 43.67
N ARG B 457 -0.43 12.75 42.47
CA ARG B 457 0.95 13.12 42.15
C ARG B 457 0.94 14.21 41.10
N LYS B 458 1.95 15.09 41.17
CA LYS B 458 1.99 16.25 40.29
C LYS B 458 2.14 15.83 38.82
N SER B 459 3.00 14.85 38.55
N SER B 459 3.00 14.85 38.55
CA SER B 459 3.29 14.42 37.18
CA SER B 459 3.29 14.42 37.18
C SER B 459 3.20 12.91 37.09
C SER B 459 3.20 12.91 37.09
N ASN B 460 2.85 12.43 35.90
CA ASN B 460 2.75 10.99 35.66
C ASN B 460 4.13 10.34 35.79
N LEU B 461 4.14 9.12 36.31
CA LEU B 461 5.40 8.42 36.54
C LEU B 461 5.99 7.92 35.24
N LYS B 462 7.33 7.99 35.15
CA LYS B 462 8.03 7.41 34.02
C LYS B 462 8.03 5.88 34.13
N PRO B 463 8.29 5.17 33.03
CA PRO B 463 8.24 3.72 33.08
C PRO B 463 9.14 3.15 34.16
N PHE B 464 8.61 2.18 34.90
CA PHE B 464 9.37 1.49 35.97
C PHE B 464 9.91 2.48 36.99
N GLU B 465 9.22 3.60 37.18
CA GLU B 465 9.65 4.62 38.13
C GLU B 465 8.87 4.44 39.43
N ARG B 466 9.56 4.02 40.49
CA ARG B 466 8.94 3.85 41.80
C ARG B 466 9.00 5.17 42.55
N ASP B 467 7.86 5.58 43.11
CA ASP B 467 7.75 6.83 43.86
C ASP B 467 7.44 6.51 45.31
N ILE B 468 8.36 6.81 46.20
CA ILE B 468 8.20 6.60 47.63
C ILE B 468 8.10 7.93 48.38
N SER B 469 7.93 9.03 47.66
CA SER B 469 7.83 10.34 48.31
C SER B 469 6.62 10.39 49.24
N THR B 470 6.82 10.91 50.44
CA THR B 470 5.76 11.05 51.43
C THR B 470 5.20 12.47 51.46
N GLU B 471 5.59 13.33 50.52
CA GLU B 471 5.11 14.70 50.51
C GLU B 471 3.61 14.74 50.34
N ILE B 472 2.97 15.71 51.00
CA ILE B 472 1.52 15.86 50.93
C ILE B 472 1.16 16.61 49.66
N TYR B 473 0.24 16.05 48.88
CA TYR B 473 -0.15 16.66 47.62
C TYR B 473 -0.72 18.05 47.86
N GLN B 474 -0.32 18.99 47.01
CA GLN B 474 -0.76 20.39 47.09
C GLN B 474 -1.75 20.65 45.95
N ALA B 475 -3.03 20.74 46.28
CA ALA B 475 -4.07 21.01 45.30
C ALA B 475 -4.47 22.48 45.25
N GLY B 476 -3.80 23.35 45.99
CA GLY B 476 -4.13 24.75 46.01
C GLY B 476 -2.91 25.64 45.91
N SER B 477 -3.16 26.91 45.60
CA SER B 477 -2.06 27.85 45.46
CA SER B 477 -2.07 27.86 45.46
C SER B 477 -1.32 28.04 46.78
N THR B 478 -2.05 28.12 47.88
CA THR B 478 -1.43 28.35 49.18
C THR B 478 -0.80 27.05 49.68
N PRO B 479 0.52 27.01 49.91
CA PRO B 479 1.11 25.82 50.54
C PRO B 479 0.76 25.74 52.01
N CYS B 480 0.50 24.52 52.48
CA CYS B 480 0.18 24.28 53.88
C CYS B 480 1.39 23.85 54.69
N ASN B 481 2.59 23.89 54.10
CA ASN B 481 3.83 23.62 54.82
C ASN B 481 3.81 22.26 55.51
N GLY B 482 3.25 21.26 54.82
CA GLY B 482 3.22 19.90 55.33
C GLY B 482 2.11 19.59 56.30
N VAL B 483 1.33 20.58 56.71
CA VAL B 483 0.18 20.38 57.60
C VAL B 483 -1.04 20.25 56.72
N GLU B 484 -1.44 19.02 56.42
CA GLU B 484 -2.53 18.78 55.49
C GLU B 484 -3.78 19.56 55.91
N GLY B 485 -4.38 20.24 54.94
CA GLY B 485 -5.54 21.06 55.21
C GLY B 485 -6.35 21.35 53.96
N PHE B 486 -6.83 22.59 53.83
CA PHE B 486 -7.64 22.96 52.69
C PHE B 486 -6.79 22.98 51.42
N ASN B 487 -7.27 22.30 50.38
CA ASN B 487 -6.63 22.27 49.07
C ASN B 487 -5.25 21.60 49.10
N CYS B 488 -4.93 20.88 50.18
CA CYS B 488 -3.73 20.05 50.22
C CYS B 488 -4.06 18.80 51.02
N TYR B 489 -3.84 17.63 50.42
CA TYR B 489 -4.33 16.38 50.97
C TYR B 489 -3.24 15.31 50.95
N PHE B 490 -3.42 14.31 51.81
CA PHE B 490 -2.53 13.16 51.83
C PHE B 490 -2.75 12.32 50.59
N PRO B 491 -1.71 11.99 49.81
CA PRO B 491 -1.93 11.34 48.51
C PRO B 491 -2.11 9.83 48.56
N LEU B 492 -2.28 9.23 49.73
CA LEU B 492 -2.40 7.77 49.85
C LEU B 492 -3.76 7.39 50.42
N GLN B 493 -4.33 6.32 49.88
CA GLN B 493 -5.62 5.81 50.30
C GLN B 493 -5.54 4.30 50.50
N SER B 494 -6.38 3.79 51.40
CA SER B 494 -6.34 2.39 51.80
C SER B 494 -7.43 1.60 51.08
N TYR B 495 -7.08 0.37 50.67
CA TYR B 495 -8.05 -0.48 49.98
C TYR B 495 -9.17 -0.93 50.90
N GLY B 496 -8.83 -1.34 52.12
CA GLY B 496 -9.83 -1.80 53.07
C GLY B 496 -10.54 -3.05 52.59
N PHE B 497 -9.77 -4.04 52.12
CA PHE B 497 -10.35 -5.27 51.59
C PHE B 497 -11.22 -5.95 52.64
N GLN B 498 -12.39 -6.43 52.21
CA GLN B 498 -13.31 -7.16 53.06
C GLN B 498 -13.49 -8.58 52.53
N PRO B 499 -13.77 -9.55 53.41
CA PRO B 499 -14.00 -10.91 52.92
C PRO B 499 -15.18 -11.03 51.97
N THR B 500 -16.21 -10.20 52.13
CA THR B 500 -17.40 -10.27 51.32
C THR B 500 -17.36 -9.31 50.13
N ASN B 501 -16.24 -8.63 49.91
CA ASN B 501 -16.15 -7.68 48.80
C ASN B 501 -16.28 -8.42 47.46
N GLY B 502 -16.79 -7.70 46.47
CA GLY B 502 -16.99 -8.28 45.16
C GLY B 502 -15.68 -8.54 44.43
N VAL B 503 -15.82 -9.20 43.28
CA VAL B 503 -14.64 -9.56 42.49
C VAL B 503 -13.84 -8.31 42.14
N GLY B 504 -14.52 -7.24 41.77
CA GLY B 504 -13.82 -6.00 41.46
C GLY B 504 -13.05 -5.46 42.65
N TYR B 505 -13.61 -5.60 43.85
CA TYR B 505 -12.98 -5.12 45.07
C TYR B 505 -12.16 -6.19 45.77
N GLN B 506 -12.16 -7.43 45.28
CA GLN B 506 -11.35 -8.46 45.91
C GLN B 506 -9.87 -8.24 45.62
N PRO B 507 -9.00 -8.56 46.56
CA PRO B 507 -7.57 -8.33 46.35
C PRO B 507 -7.00 -9.26 45.30
N TYR B 508 -5.92 -8.80 44.65
CA TYR B 508 -5.22 -9.58 43.65
C TYR B 508 -3.74 -9.27 43.75
N ARG B 509 -2.92 -10.32 43.88
CA ARG B 509 -1.48 -10.16 43.91
C ARG B 509 -0.95 -10.23 42.48
N VAL B 510 -0.10 -9.27 42.12
CA VAL B 510 0.37 -9.10 40.75
C VAL B 510 1.89 -9.10 40.76
N VAL B 511 2.48 -9.90 39.86
CA VAL B 511 3.92 -9.94 39.62
C VAL B 511 4.15 -9.66 38.15
N VAL B 512 4.97 -8.66 37.86
CA VAL B 512 5.33 -8.29 36.50
C VAL B 512 6.76 -8.74 36.27
N LEU B 513 6.96 -9.65 35.32
CA LEU B 513 8.29 -10.12 34.95
C LEU B 513 8.74 -9.34 33.72
N SER B 514 9.84 -8.61 33.86
CA SER B 514 10.39 -7.77 32.81
C SER B 514 11.72 -8.36 32.34
N PHE B 515 11.94 -8.34 31.03
CA PHE B 515 13.14 -8.90 30.44
C PHE B 515 13.85 -7.84 29.60
N GLU B 516 15.17 -7.91 29.58
CA GLU B 516 15.98 -7.01 28.75
C GLU B 516 17.14 -7.81 28.18
N LEU B 517 17.44 -7.59 26.90
CA LEU B 517 18.41 -8.40 26.17
C LEU B 517 19.58 -7.50 25.75
N LEU B 518 20.54 -7.32 26.65
CA LEU B 518 21.74 -6.56 26.35
C LEU B 518 22.89 -7.01 27.24
N PRO B 521 25.83 -10.86 27.75
CA PRO B 521 25.75 -12.32 27.62
C PRO B 521 24.58 -12.93 28.38
N ALA B 522 24.06 -14.05 27.87
CA ALA B 522 22.94 -14.71 28.53
C ALA B 522 23.35 -15.23 29.90
N THR B 523 22.49 -15.01 30.89
CA THR B 523 22.74 -15.45 32.26
C THR B 523 21.71 -16.45 32.73
N VAL B 524 20.42 -16.14 32.60
CA VAL B 524 19.33 -16.97 33.10
C VAL B 524 18.65 -17.61 31.90
N CYS B 525 18.88 -18.90 31.69
CA CYS B 525 18.28 -19.63 30.57
C CYS B 525 17.49 -20.83 31.07
N GLY B 526 16.31 -21.02 30.48
CA GLY B 526 15.34 -21.95 30.96
C GLY B 526 15.71 -23.41 30.74
N PRO B 527 14.73 -24.31 30.81
CA PRO B 527 15.00 -25.76 30.77
C PRO B 527 15.08 -26.30 29.35
N LYS B 528 16.22 -26.09 28.70
CA LYS B 528 16.50 -26.65 27.39
C LYS B 528 17.85 -27.35 27.45
N LYS B 529 17.88 -28.61 27.02
CA LYS B 529 19.10 -29.41 27.11
C LYS B 529 20.07 -29.04 26.00
N SER B 530 21.32 -28.83 26.36
CA SER B 530 22.34 -28.46 25.38
C SER B 530 22.70 -29.65 24.52
N THR B 531 23.37 -29.36 23.40
CA THR B 531 23.78 -30.37 22.44
C THR B 531 25.22 -30.12 22.03
N ASN B 532 25.89 -31.19 21.57
CA ASN B 532 27.27 -31.10 21.12
C ASN B 532 27.35 -30.29 19.83
N LEU B 533 28.40 -29.49 19.72
CA LEU B 533 28.57 -28.63 18.56
C LEU B 533 28.99 -29.44 17.35
N VAL B 534 28.41 -29.11 16.20
CA VAL B 534 28.72 -29.76 14.93
C VAL B 534 29.19 -28.70 13.94
N LYS B 535 30.25 -28.99 13.20
CA LYS B 535 30.86 -28.04 12.29
C LYS B 535 30.83 -28.57 10.86
N ASN B 536 30.87 -27.65 9.91
CA ASN B 536 30.99 -27.96 8.48
C ASN B 536 29.74 -28.68 7.96
N LYS B 537 28.57 -28.39 8.52
CA LYS B 537 27.32 -28.97 8.05
C LYS B 537 26.21 -27.96 8.28
N CYS B 538 25.37 -27.75 7.26
CA CYS B 538 24.23 -26.86 7.42
C CYS B 538 23.32 -27.42 8.50
N VAL B 539 23.22 -26.72 9.64
CA VAL B 539 22.42 -27.16 10.77
C VAL B 539 21.65 -25.98 11.33
N ASN B 540 20.58 -26.29 12.05
CA ASN B 540 19.88 -25.29 12.85
C ASN B 540 20.62 -25.15 14.18
N PHE B 541 20.83 -23.92 14.61
CA PHE B 541 21.57 -23.64 15.83
C PHE B 541 20.81 -22.66 16.70
N ASN B 542 20.94 -22.84 18.01
CA ASN B 542 20.32 -21.97 19.01
C ASN B 542 21.40 -21.66 20.05
N PHE B 543 22.04 -20.49 19.89
CA PHE B 543 23.11 -20.05 20.78
C PHE B 543 22.53 -19.03 21.76
N ASN B 544 22.28 -19.47 22.99
CA ASN B 544 21.78 -18.59 24.04
C ASN B 544 20.47 -17.92 23.63
N GLY B 545 19.62 -18.66 22.93
CA GLY B 545 18.36 -18.13 22.47
C GLY B 545 18.42 -17.45 21.11
N LEU B 546 19.62 -17.24 20.57
CA LEU B 546 19.78 -16.72 19.22
C LEU B 546 19.62 -17.86 18.23
N THR B 547 18.53 -17.84 17.46
CA THR B 547 18.21 -18.93 16.56
C THR B 547 18.67 -18.61 15.15
N GLY B 548 19.11 -19.64 14.43
CA GLY B 548 19.52 -19.45 13.05
C GLY B 548 19.79 -20.79 12.41
N THR B 549 20.19 -20.72 11.13
CA THR B 549 20.54 -21.90 10.37
C THR B 549 21.74 -21.60 9.48
N GLY B 550 22.68 -22.53 9.44
CA GLY B 550 23.85 -22.36 8.61
C GLY B 550 24.96 -23.31 9.04
N VAL B 551 26.14 -23.05 8.51
CA VAL B 551 27.33 -23.84 8.77
C VAL B 551 28.19 -23.11 9.79
N LEU B 552 28.59 -23.81 10.84
CA LEU B 552 29.46 -23.27 11.87
C LEU B 552 30.87 -23.81 11.67
N THR B 553 31.84 -22.91 11.63
CA THR B 553 33.23 -23.29 11.45
C THR B 553 34.10 -22.59 12.49
N GLU B 554 35.27 -23.15 12.73
CA GLU B 554 36.24 -22.49 13.60
C GLU B 554 36.68 -21.17 12.96
N SER B 555 36.75 -20.12 13.75
CA SER B 555 37.00 -18.78 13.26
C SER B 555 38.32 -18.24 13.79
N ASN B 556 38.96 -17.39 12.99
CA ASN B 556 40.22 -16.77 13.36
C ASN B 556 40.07 -15.34 13.84
N LYS B 557 38.89 -14.73 13.68
CA LYS B 557 38.69 -13.37 14.15
C LYS B 557 38.77 -13.33 15.68
N LYS B 558 39.30 -12.23 16.19
CA LYS B 558 39.56 -12.08 17.62
C LYS B 558 38.41 -11.29 18.26
N PHE B 559 37.72 -11.92 19.19
CA PHE B 559 36.71 -11.26 20.01
C PHE B 559 37.35 -10.80 21.30
N LEU B 560 37.11 -9.55 21.67
CA LEU B 560 37.56 -9.07 22.96
C LEU B 560 36.71 -9.70 24.06
N PRO B 561 37.27 -9.90 25.25
CA PRO B 561 36.55 -10.66 26.29
C PRO B 561 35.11 -10.20 26.51
N PHE B 562 34.80 -8.94 26.25
CA PHE B 562 33.47 -8.40 26.52
C PHE B 562 32.48 -8.64 25.40
N GLN B 563 32.93 -9.13 24.24
CA GLN B 563 32.06 -9.35 23.10
C GLN B 563 31.55 -10.78 23.07
N GLN B 564 30.31 -10.95 22.60
CA GLN B 564 29.68 -12.25 22.49
C GLN B 564 29.46 -12.68 21.05
N PHE B 565 28.79 -11.85 20.25
CA PHE B 565 28.51 -12.17 18.86
C PHE B 565 28.88 -10.99 17.97
N GLY B 566 29.34 -11.30 16.77
CA GLY B 566 29.74 -10.31 15.79
C GLY B 566 28.76 -10.28 14.63
N ARG B 567 28.31 -9.07 14.30
CA ARG B 567 27.30 -8.84 13.27
C ARG B 567 27.91 -8.08 12.11
N ASP B 568 27.67 -8.57 10.90
CA ASP B 568 28.13 -7.90 9.69
C ASP B 568 27.04 -6.96 9.20
N ILE B 569 27.19 -6.44 7.97
CA ILE B 569 26.18 -5.58 7.40
C ILE B 569 24.86 -6.32 7.32
N ALA B 570 23.75 -5.57 7.35
CA ALA B 570 22.38 -6.07 7.32
C ALA B 570 21.94 -6.61 8.68
N ASP B 571 22.72 -6.39 9.74
CA ASP B 571 22.35 -6.78 11.09
C ASP B 571 22.11 -8.29 11.23
N THR B 572 22.65 -9.09 10.31
CA THR B 572 22.56 -10.53 10.40
C THR B 572 23.80 -11.05 11.12
N THR B 573 23.60 -11.88 12.14
CA THR B 573 24.71 -12.38 12.93
C THR B 573 25.67 -13.17 12.04
N ASP B 574 26.97 -12.87 12.16
CA ASP B 574 27.99 -13.53 11.38
C ASP B 574 28.88 -14.45 12.20
N ALA B 575 29.19 -14.09 13.44
CA ALA B 575 30.00 -14.95 14.29
C ALA B 575 29.39 -14.99 15.68
N VAL B 576 29.61 -16.09 16.38
CA VAL B 576 29.06 -16.29 17.72
C VAL B 576 30.05 -17.08 18.56
N ARG B 577 30.09 -16.76 19.85
CA ARG B 577 30.94 -17.47 20.79
C ARG B 577 30.44 -18.91 20.99
N ILE B 584 35.46 -19.10 19.20
CA ILE B 584 34.72 -18.27 18.25
C ILE B 584 34.28 -19.11 17.07
N LEU B 585 33.06 -18.88 16.59
CA LEU B 585 32.47 -19.65 15.51
C LEU B 585 31.99 -18.71 14.42
N ASP B 586 32.37 -19.04 13.18
CA ASP B 586 31.90 -18.33 11.99
C ASP B 586 30.65 -19.01 11.47
N ILE B 587 29.62 -18.23 11.21
CA ILE B 587 28.36 -18.71 10.66
C ILE B 587 28.31 -18.34 9.18
N THR B 588 28.01 -19.33 8.34
CA THR B 588 27.92 -19.10 6.90
C THR B 588 26.61 -19.67 6.39
N PRO B 589 25.87 -18.93 5.56
CA PRO B 589 24.68 -19.52 4.94
C PRO B 589 25.07 -20.66 4.02
N CYS B 590 24.54 -21.85 4.30
CA CYS B 590 24.93 -23.02 3.54
C CYS B 590 24.48 -22.87 2.09
N SER B 591 25.15 -23.61 1.20
CA SER B 591 25.06 -23.37 -0.23
C SER B 591 23.62 -23.28 -0.71
N PHE B 592 23.34 -22.23 -1.47
CA PHE B 592 22.06 -22.07 -2.14
C PHE B 592 22.30 -21.29 -3.42
N GLY B 593 21.35 -21.37 -4.34
CA GLY B 593 21.51 -20.67 -5.60
C GLY B 593 20.27 -20.78 -6.45
N GLY B 594 20.45 -20.57 -7.76
CA GLY B 594 19.37 -20.70 -8.72
C GLY B 594 19.53 -22.00 -9.51
N VAL B 595 18.40 -22.54 -9.96
CA VAL B 595 18.37 -23.76 -10.75
C VAL B 595 17.67 -23.44 -12.07
N SER B 596 18.43 -23.53 -13.16
CA SER B 596 17.91 -23.31 -14.50
C SER B 596 17.91 -24.62 -15.27
N VAL B 597 16.99 -24.74 -16.23
CA VAL B 597 16.83 -25.93 -17.04
C VAL B 597 17.11 -25.54 -18.48
N ILE B 598 18.04 -26.26 -19.11
CA ILE B 598 18.37 -26.09 -20.51
C ILE B 598 17.66 -27.19 -21.29
N THR B 599 16.76 -26.78 -22.19
CA THR B 599 15.98 -27.74 -22.97
C THR B 599 16.17 -27.48 -24.45
N PRO B 600 16.34 -28.52 -25.27
CA PRO B 600 16.40 -28.34 -26.72
C PRO B 600 15.06 -28.16 -27.39
N GLY B 601 13.98 -28.06 -26.62
CA GLY B 601 12.64 -27.94 -27.18
C GLY B 601 11.86 -29.23 -27.03
N THR B 602 10.65 -29.14 -26.48
CA THR B 602 9.83 -30.34 -26.34
C THR B 602 9.56 -31.01 -27.68
N ASN B 603 9.53 -30.22 -28.76
CA ASN B 603 9.35 -30.80 -30.09
C ASN B 603 10.49 -31.76 -30.43
N THR B 604 11.73 -31.38 -30.11
CA THR B 604 12.89 -32.19 -30.48
C THR B 604 13.02 -33.41 -29.56
N SER B 605 13.17 -33.17 -28.26
CA SER B 605 13.38 -34.27 -27.32
C SER B 605 12.96 -33.81 -25.93
N ASN B 606 12.79 -34.79 -25.05
CA ASN B 606 12.45 -34.54 -23.65
C ASN B 606 13.69 -34.47 -22.76
N GLN B 607 14.88 -34.64 -23.31
CA GLN B 607 16.10 -34.57 -22.53
C GLN B 607 16.40 -33.13 -22.15
N VAL B 608 16.88 -32.93 -20.92
CA VAL B 608 17.19 -31.61 -20.41
C VAL B 608 18.49 -31.66 -19.61
N ALA B 609 19.09 -30.49 -19.42
CA ALA B 609 20.24 -30.31 -18.56
C ALA B 609 19.88 -29.34 -17.45
N VAL B 610 20.56 -29.44 -16.32
CA VAL B 610 20.28 -28.61 -15.15
C VAL B 610 21.53 -27.83 -14.78
N LEU B 611 21.40 -26.53 -14.66
CA LEU B 611 22.48 -25.65 -14.24
C LEU B 611 22.19 -25.14 -12.83
N TYR B 612 23.07 -25.46 -11.90
CA TYR B 612 23.05 -24.91 -10.55
C TYR B 612 23.99 -23.73 -10.52
N GLN B 613 23.44 -22.53 -10.38
CA GLN B 613 24.20 -21.31 -10.56
C GLN B 613 25.01 -20.97 -9.31
N ASP B 614 26.26 -20.56 -9.54
CA ASP B 614 27.16 -20.12 -8.46
C ASP B 614 27.20 -21.13 -7.32
N VAL B 615 27.07 -22.41 -7.65
CA VAL B 615 27.08 -23.50 -6.68
C VAL B 615 28.16 -24.48 -7.10
N ASN B 616 29.18 -24.62 -6.26
CA ASN B 616 30.17 -25.67 -6.47
C ASN B 616 29.53 -27.01 -6.19
N CYS B 617 29.32 -27.80 -7.24
CA CYS B 617 28.49 -29.00 -7.14
C CYS B 617 29.20 -30.17 -6.47
N THR B 618 30.30 -29.91 -5.76
CA THR B 618 30.70 -30.83 -4.71
C THR B 618 29.73 -30.80 -3.53
N GLU B 619 28.80 -29.84 -3.52
CA GLU B 619 27.84 -29.68 -2.44
C GLU B 619 26.44 -30.13 -2.80
N VAL B 620 26.16 -30.43 -4.07
CA VAL B 620 24.83 -30.88 -4.46
C VAL B 620 24.62 -32.32 -4.02
N ASN B 641 26.42 -36.34 -16.28
CA ASN B 641 27.77 -35.83 -16.41
C ASN B 641 27.91 -34.47 -15.72
N VAL B 642 28.72 -34.44 -14.66
CA VAL B 642 28.97 -33.22 -13.91
C VAL B 642 30.05 -32.42 -14.63
N PHE B 643 29.78 -31.14 -14.88
CA PHE B 643 30.72 -30.26 -15.55
C PHE B 643 30.72 -28.93 -14.81
N GLN B 644 31.90 -28.32 -14.71
CA GLN B 644 32.07 -27.06 -14.00
C GLN B 644 32.20 -25.90 -14.99
N THR B 645 31.64 -24.76 -14.62
CA THR B 645 31.71 -23.55 -15.41
C THR B 645 31.65 -22.36 -14.46
N ARG B 646 32.13 -21.21 -14.94
CA ARG B 646 32.12 -20.03 -14.09
C ARG B 646 30.71 -19.63 -13.69
N ALA B 647 29.70 -20.07 -14.43
CA ALA B 647 28.31 -19.80 -14.11
C ALA B 647 27.72 -20.78 -13.11
N GLY B 648 28.39 -21.90 -12.86
CA GLY B 648 27.91 -22.91 -11.94
C GLY B 648 28.20 -24.29 -12.46
N CYS B 649 27.44 -25.27 -11.97
CA CYS B 649 27.64 -26.66 -12.35
C CYS B 649 26.52 -27.12 -13.28
N LEU B 650 26.91 -27.77 -14.38
CA LEU B 650 25.98 -28.29 -15.36
C LEU B 650 25.92 -29.81 -15.23
N ILE B 651 24.71 -30.34 -15.13
CA ILE B 651 24.48 -31.77 -14.99
C ILE B 651 23.57 -32.21 -16.13
N GLY B 652 23.96 -33.28 -16.81
CA GLY B 652 23.21 -33.80 -17.93
C GLY B 652 23.68 -33.32 -19.28
N ALA B 653 24.75 -32.52 -19.34
CA ALA B 653 25.30 -32.01 -20.58
C ALA B 653 26.75 -32.44 -20.71
N GLU B 654 27.08 -33.08 -21.83
CA GLU B 654 28.45 -33.50 -22.09
C GLU B 654 29.29 -32.32 -22.54
N HIS B 655 30.53 -32.29 -22.09
CA HIS B 655 31.48 -31.26 -22.47
C HIS B 655 32.34 -31.75 -23.63
N VAL B 656 32.44 -30.93 -24.67
CA VAL B 656 33.21 -31.27 -25.86
C VAL B 656 34.24 -30.18 -26.10
N ASN B 657 35.31 -30.55 -26.80
CA ASN B 657 36.40 -29.63 -27.09
C ASN B 657 36.21 -28.88 -28.41
N ASN B 658 35.11 -29.12 -29.11
CA ASN B 658 34.83 -28.41 -30.35
C ASN B 658 34.34 -27.00 -30.01
N SER B 659 33.92 -26.25 -31.02
CA SER B 659 33.40 -24.89 -30.81
C SER B 659 32.49 -24.56 -31.97
N TYR B 660 31.19 -24.50 -31.70
CA TYR B 660 30.18 -24.14 -32.69
C TYR B 660 29.54 -22.80 -32.30
N GLU B 661 28.67 -22.31 -33.17
CA GLU B 661 27.94 -21.09 -32.85
C GLU B 661 27.05 -21.32 -31.65
N CYS B 662 26.90 -20.28 -30.83
CA CYS B 662 26.17 -20.41 -29.58
C CYS B 662 24.70 -20.65 -29.85
N ASP B 663 24.18 -21.79 -29.38
CA ASP B 663 22.77 -22.13 -29.56
C ASP B 663 21.94 -21.70 -28.35
N ILE B 664 22.26 -22.25 -27.18
CA ILE B 664 21.60 -21.88 -25.93
C ILE B 664 22.65 -21.27 -25.02
N PRO B 665 22.62 -19.97 -24.76
CA PRO B 665 23.69 -19.34 -23.96
C PRO B 665 23.55 -19.68 -22.49
N ILE B 666 24.63 -20.20 -21.90
CA ILE B 666 24.67 -20.48 -20.47
C ILE B 666 25.33 -19.34 -19.71
N GLY B 667 26.48 -18.89 -20.17
CA GLY B 667 27.19 -17.79 -19.54
C GLY B 667 28.68 -18.07 -19.47
N ALA B 668 29.45 -16.99 -19.30
CA ALA B 668 30.90 -17.08 -19.20
C ALA B 668 31.52 -17.70 -20.45
N GLY B 669 30.89 -17.49 -21.61
CA GLY B 669 31.39 -18.03 -22.85
C GLY B 669 31.03 -19.47 -23.12
N ILE B 670 30.27 -20.11 -22.23
CA ILE B 670 29.86 -21.49 -22.40
C ILE B 670 28.43 -21.50 -22.94
N CYS B 671 28.19 -22.28 -23.98
CA CYS B 671 26.87 -22.46 -24.55
C CYS B 671 26.56 -23.94 -24.64
N ALA B 672 25.30 -24.25 -24.91
CA ALA B 672 24.84 -25.62 -24.99
C ALA B 672 24.00 -25.81 -26.25
N SER B 673 24.00 -27.04 -26.76
CA SER B 673 23.27 -27.37 -27.97
C SER B 673 22.88 -28.85 -27.92
N TYR B 674 22.17 -29.29 -28.96
CA TYR B 674 21.68 -30.65 -29.03
C TYR B 674 22.13 -31.33 -30.33
N SER B 691 22.24 -36.20 -27.77
CA SER B 691 22.56 -35.77 -26.42
C SER B 691 22.83 -34.27 -26.37
N ILE B 692 22.70 -33.68 -25.19
CA ILE B 692 22.95 -32.26 -24.99
C ILE B 692 24.44 -32.08 -24.71
N ILE B 693 25.08 -31.21 -25.49
CA ILE B 693 26.51 -30.95 -25.35
C ILE B 693 26.69 -29.50 -24.88
N ALA B 694 27.73 -29.29 -24.09
CA ALA B 694 28.14 -27.96 -23.64
C ALA B 694 29.54 -27.68 -24.14
N TYR B 695 29.71 -26.54 -24.81
CA TYR B 695 30.97 -26.20 -25.44
C TYR B 695 31.25 -24.71 -25.21
N THR B 696 32.36 -24.25 -25.75
CA THR B 696 32.73 -22.84 -25.74
C THR B 696 32.36 -22.24 -27.08
N MET B 697 31.51 -21.21 -27.05
CA MET B 697 31.00 -20.64 -28.30
C MET B 697 32.15 -20.07 -29.13
N SER B 698 32.02 -20.22 -30.45
CA SER B 698 32.99 -19.69 -31.39
C SER B 698 32.49 -18.36 -31.94
N LEU B 699 33.39 -17.38 -32.01
CA LEU B 699 33.04 -16.06 -32.48
C LEU B 699 32.87 -15.99 -33.99
N GLY B 700 33.28 -17.03 -34.72
CA GLY B 700 33.13 -17.03 -36.17
C GLY B 700 34.36 -17.56 -36.86
N ALA B 701 34.31 -17.63 -38.20
CA ALA B 701 35.46 -18.09 -38.95
C ALA B 701 36.65 -17.16 -38.76
N GLU B 702 37.83 -17.74 -38.64
CA GLU B 702 39.07 -17.00 -38.45
C GLU B 702 39.84 -17.00 -39.76
N ASN B 703 39.66 -15.94 -40.54
CA ASN B 703 40.28 -15.81 -41.86
C ASN B 703 41.22 -14.61 -41.85
N SER B 704 42.45 -14.82 -42.33
CA SER B 704 43.43 -13.77 -42.41
C SER B 704 43.38 -13.11 -43.78
N VAL B 705 43.20 -11.79 -43.80
CA VAL B 705 43.16 -11.06 -45.06
C VAL B 705 44.55 -11.06 -45.68
N ALA B 706 44.62 -11.36 -46.97
CA ALA B 706 45.91 -11.44 -47.66
C ALA B 706 46.47 -10.05 -47.90
N TYR B 707 46.79 -9.35 -46.82
CA TYR B 707 47.24 -7.97 -46.93
C TYR B 707 48.67 -7.91 -47.43
N SER B 708 48.93 -6.99 -48.36
CA SER B 708 50.26 -6.66 -48.83
C SER B 708 50.32 -5.17 -49.12
N ASN B 709 51.53 -4.61 -49.08
CA ASN B 709 51.67 -3.17 -49.23
C ASN B 709 51.45 -2.68 -50.65
N ASN B 710 51.37 -3.57 -51.63
CA ASN B 710 51.11 -3.19 -53.02
C ASN B 710 50.12 -4.16 -53.65
N SER B 711 49.07 -4.52 -52.91
CA SER B 711 48.06 -5.42 -53.43
C SER B 711 46.69 -4.93 -53.00
N ILE B 712 45.75 -4.88 -53.95
CA ILE B 712 44.38 -4.47 -53.69
C ILE B 712 43.46 -5.55 -54.22
N ALA B 713 42.23 -5.55 -53.73
CA ALA B 713 41.20 -6.48 -54.18
C ALA B 713 39.98 -5.68 -54.58
N ILE B 714 39.60 -5.77 -55.86
CA ILE B 714 38.48 -4.99 -56.39
C ILE B 714 37.37 -5.93 -56.81
N PRO B 715 36.11 -5.63 -56.46
CA PRO B 715 35.01 -6.49 -56.90
C PRO B 715 34.75 -6.36 -58.39
N THR B 716 34.40 -7.48 -59.02
CA THR B 716 34.05 -7.50 -60.43
C THR B 716 32.57 -7.73 -60.67
N ASN B 717 31.80 -8.04 -59.64
CA ASN B 717 30.37 -8.26 -59.76
C ASN B 717 29.69 -7.67 -58.53
N PHE B 718 28.36 -7.66 -58.56
CA PHE B 718 27.61 -7.10 -57.44
C PHE B 718 26.34 -7.92 -57.21
N THR B 719 25.72 -7.67 -56.07
CA THR B 719 24.47 -8.29 -55.70
C THR B 719 23.55 -7.22 -55.14
N ILE B 720 22.27 -7.32 -55.47
CA ILE B 720 21.25 -6.41 -54.95
C ILE B 720 20.51 -7.18 -53.87
N SER B 721 20.79 -6.86 -52.61
CA SER B 721 20.24 -7.61 -51.48
C SER B 721 19.14 -6.80 -50.82
N VAL B 722 18.02 -7.45 -50.55
CA VAL B 722 16.88 -6.84 -49.87
C VAL B 722 16.83 -7.40 -48.45
N THR B 723 16.89 -6.50 -47.47
CA THR B 723 16.88 -6.87 -46.07
C THR B 723 15.61 -6.34 -45.41
N THR B 724 15.12 -7.06 -44.40
CA THR B 724 13.92 -6.67 -43.68
C THR B 724 14.31 -6.18 -42.30
N GLU B 725 13.79 -5.01 -41.91
CA GLU B 725 14.02 -4.44 -40.58
C GLU B 725 12.69 -4.08 -39.98
N ILE B 726 12.32 -4.75 -38.88
CA ILE B 726 11.05 -4.52 -38.21
C ILE B 726 11.29 -3.63 -37.01
N LEU B 727 10.49 -2.58 -36.87
CA LEU B 727 10.62 -1.63 -35.77
C LEU B 727 9.26 -1.38 -35.16
N PRO B 728 9.06 -1.65 -33.87
CA PRO B 728 7.79 -1.27 -33.24
C PRO B 728 7.62 0.25 -33.25
N VAL B 729 6.38 0.69 -33.43
CA VAL B 729 6.09 2.11 -33.54
C VAL B 729 5.04 2.52 -32.51
N SER B 730 4.23 1.57 -32.06
CA SER B 730 3.13 1.89 -31.16
C SER B 730 2.87 0.71 -30.25
N MET B 731 2.10 0.96 -29.19
CA MET B 731 1.63 -0.07 -28.28
C MET B 731 0.15 0.16 -28.02
N THR B 732 -0.52 -0.89 -27.59
CA THR B 732 -1.96 -0.79 -27.35
C THR B 732 -2.25 0.31 -26.34
N LYS B 733 -3.24 1.14 -26.65
CA LYS B 733 -3.65 2.22 -25.78
C LYS B 733 -4.63 1.69 -24.74
N THR B 734 -4.32 1.91 -23.47
CA THR B 734 -5.11 1.38 -22.38
C THR B 734 -5.43 2.48 -21.38
N SER B 735 -6.63 2.42 -20.82
CA SER B 735 -7.04 3.28 -19.73
C SER B 735 -7.66 2.42 -18.65
N VAL B 736 -7.56 2.89 -17.40
CA VAL B 736 -8.05 2.17 -16.25
C VAL B 736 -8.90 3.09 -15.40
N ASP B 737 -10.14 2.66 -15.14
CA ASP B 737 -10.99 3.35 -14.17
C ASP B 737 -10.57 2.86 -12.80
N CYS B 738 -9.73 3.64 -12.12
CA CYS B 738 -9.14 3.19 -10.86
C CYS B 738 -10.22 2.92 -9.82
N THR B 739 -11.22 3.80 -9.73
CA THR B 739 -12.27 3.60 -8.74
C THR B 739 -12.97 2.25 -8.94
N MET B 740 -13.37 1.95 -10.17
CA MET B 740 -14.08 0.69 -10.43
C MET B 740 -13.15 -0.51 -10.26
N TYR B 741 -11.89 -0.38 -10.69
CA TYR B 741 -10.97 -1.50 -10.55
C TYR B 741 -10.72 -1.84 -9.08
N ILE B 742 -10.53 -0.82 -8.25
CA ILE B 742 -10.20 -1.05 -6.85
C ILE B 742 -11.43 -1.48 -6.07
N CYS B 743 -12.55 -0.79 -6.28
CA CYS B 743 -13.77 -1.03 -5.52
C CYS B 743 -14.78 -1.89 -6.28
N GLY B 744 -15.07 -1.56 -7.53
CA GLY B 744 -16.02 -2.32 -8.31
C GLY B 744 -17.42 -2.26 -7.74
N ASP B 745 -18.04 -1.08 -7.78
CA ASP B 745 -19.42 -0.90 -7.35
C ASP B 745 -19.57 -1.15 -5.85
N SER B 746 -18.70 -0.54 -5.05
CA SER B 746 -18.75 -0.65 -3.61
C SER B 746 -18.68 0.75 -3.01
N THR B 747 -19.81 1.19 -2.42
CA THR B 747 -19.86 2.53 -1.86
C THR B 747 -18.89 2.69 -0.69
N GLU B 748 -18.79 1.68 0.17
CA GLU B 748 -17.88 1.76 1.30
C GLU B 748 -16.44 1.88 0.83
N CYS B 749 -16.05 1.06 -0.15
CA CYS B 749 -14.68 1.14 -0.67
C CYS B 749 -14.43 2.47 -1.34
N SER B 750 -15.42 2.99 -2.08
CA SER B 750 -15.24 4.29 -2.73
C SER B 750 -15.04 5.38 -1.69
N ASN B 751 -15.83 5.36 -0.61
CA ASN B 751 -15.67 6.35 0.44
C ASN B 751 -14.30 6.23 1.10
N LEU B 752 -13.84 5.00 1.31
CA LEU B 752 -12.51 4.80 1.88
C LEU B 752 -11.43 5.36 0.95
N LEU B 753 -11.61 5.17 -0.36
CA LEU B 753 -10.62 5.66 -1.31
C LEU B 753 -10.62 7.18 -1.40
N LEU B 754 -11.78 7.82 -1.25
CA LEU B 754 -11.82 9.27 -1.32
C LEU B 754 -10.82 9.91 -0.36
N GLN B 755 -10.79 9.44 0.87
CA GLN B 755 -9.91 10.00 1.89
C GLN B 755 -8.48 9.48 1.80
N TYR B 756 -8.11 8.82 0.70
CA TYR B 756 -6.76 8.31 0.53
C TYR B 756 -5.92 9.19 -0.39
N GLY B 757 -6.49 10.26 -0.92
CA GLY B 757 -5.75 11.19 -1.74
C GLY B 757 -6.25 11.22 -3.18
N SER B 758 -5.34 11.58 -4.08
CA SER B 758 -5.66 11.73 -5.49
C SER B 758 -4.72 10.90 -6.36
N PHE B 759 -4.50 9.64 -5.99
CA PHE B 759 -3.67 8.77 -6.81
C PHE B 759 -4.39 8.36 -8.09
N CYS B 760 -5.73 8.25 -8.04
CA CYS B 760 -6.46 7.84 -9.23
C CYS B 760 -6.29 8.84 -10.35
N THR B 761 -6.36 10.14 -10.05
CA THR B 761 -6.17 11.15 -11.08
C THR B 761 -4.77 11.08 -11.67
N GLN B 762 -3.76 10.87 -10.82
CA GLN B 762 -2.39 10.76 -11.32
C GLN B 762 -2.25 9.58 -12.27
N LEU B 763 -2.79 8.42 -11.89
CA LEU B 763 -2.69 7.24 -12.73
C LEU B 763 -3.41 7.44 -14.06
N ASN B 764 -4.61 8.01 -14.01
CA ASN B 764 -5.36 8.26 -15.24
C ASN B 764 -4.61 9.25 -16.13
N ARG B 765 -4.02 10.28 -15.54
CA ARG B 765 -3.25 11.25 -16.31
C ARG B 765 -2.06 10.59 -16.98
N ALA B 766 -1.35 9.73 -16.25
CA ALA B 766 -0.19 9.04 -16.84
C ALA B 766 -0.64 8.17 -18.01
N LEU B 767 -1.72 7.41 -17.85
CA LEU B 767 -2.18 6.54 -18.92
C LEU B 767 -2.63 7.36 -20.14
N THR B 768 -3.31 8.48 -19.89
CA THR B 768 -3.72 9.34 -20.99
C THR B 768 -2.53 9.89 -21.74
N GLY B 769 -1.49 10.31 -21.01
CA GLY B 769 -0.27 10.76 -21.67
C GLY B 769 0.35 9.67 -22.50
N ILE B 770 0.36 8.44 -21.99
CA ILE B 770 0.92 7.32 -22.75
C ILE B 770 0.15 7.14 -24.06
N ALA B 771 -1.17 7.16 -23.99
CA ALA B 771 -1.97 6.97 -25.20
C ALA B 771 -1.74 8.09 -26.20
N VAL B 772 -1.70 9.33 -25.71
CA VAL B 772 -1.49 10.47 -26.60
C VAL B 772 -0.13 10.35 -27.29
N GLU B 773 0.91 9.96 -26.55
CA GLU B 773 2.21 9.85 -27.18
C GLU B 773 2.29 8.66 -28.13
N GLN B 774 1.49 7.61 -27.90
CA GLN B 774 1.44 6.53 -28.88
C GLN B 774 0.85 7.02 -30.20
N ASP B 775 -0.24 7.79 -30.12
CA ASP B 775 -0.80 8.37 -31.34
C ASP B 775 0.21 9.29 -32.00
N LYS B 776 0.94 10.08 -31.20
CA LYS B 776 1.97 10.96 -31.76
C LYS B 776 3.07 10.17 -32.44
N ASN B 777 3.47 9.03 -31.86
CA ASN B 777 4.50 8.20 -32.46
C ASN B 777 4.06 7.71 -33.83
N THR B 778 2.84 7.17 -33.91
CA THR B 778 2.35 6.70 -35.21
C THR B 778 2.30 7.84 -36.22
N GLN B 779 1.78 9.00 -35.80
CA GLN B 779 1.68 10.13 -36.72
C GLN B 779 3.04 10.58 -37.21
N GLU B 780 4.01 10.69 -36.30
CA GLU B 780 5.34 11.14 -36.69
C GLU B 780 6.01 10.15 -37.63
N VAL B 781 5.82 8.85 -37.38
CA VAL B 781 6.49 7.85 -38.21
C VAL B 781 5.90 7.82 -39.60
N PHE B 782 4.56 7.82 -39.71
CA PHE B 782 3.94 7.51 -40.99
C PHE B 782 3.48 8.74 -41.78
N ALA B 783 3.35 9.90 -41.15
CA ALA B 783 2.79 11.08 -41.79
C ALA B 783 3.85 12.03 -42.29
N GLN B 784 4.97 11.50 -42.82
CA GLN B 784 6.04 12.36 -43.29
C GLN B 784 5.56 13.27 -44.43
N VAL B 785 4.77 12.73 -45.34
CA VAL B 785 4.27 13.45 -46.50
C VAL B 785 2.78 13.70 -46.32
N LYS B 786 2.34 14.92 -46.65
CA LYS B 786 0.94 15.31 -46.54
C LYS B 786 0.23 15.30 -47.89
N GLN B 787 0.78 14.61 -48.89
CA GLN B 787 0.15 14.46 -50.18
C GLN B 787 0.14 12.98 -50.54
N ILE B 788 -1.04 12.45 -50.85
CA ILE B 788 -1.21 11.02 -51.10
C ILE B 788 -0.93 10.80 -52.58
N TYR B 789 0.33 10.52 -52.90
CA TYR B 789 0.71 10.24 -54.28
C TYR B 789 0.13 8.90 -54.72
N LYS B 790 -0.25 8.82 -55.99
CA LYS B 790 -0.81 7.61 -56.57
C LYS B 790 0.14 7.06 -57.62
N THR B 791 0.36 5.75 -57.56
CA THR B 791 1.18 5.10 -58.59
C THR B 791 0.43 5.11 -59.91
N PRO B 792 1.12 5.27 -61.04
CA PRO B 792 0.44 5.37 -62.33
C PRO B 792 -0.19 4.04 -62.71
N PRO B 793 -1.11 4.04 -63.68
CA PRO B 793 -1.71 2.76 -64.10
C PRO B 793 -0.75 1.91 -64.92
N ILE B 794 0.04 2.53 -65.79
CA ILE B 794 1.09 1.82 -66.51
C ILE B 794 2.30 1.70 -65.60
N LYS B 795 2.76 0.47 -65.39
CA LYS B 795 3.88 0.18 -64.50
C LYS B 795 5.05 -0.28 -65.36
N ASP B 796 5.85 0.68 -65.83
CA ASP B 796 7.05 0.42 -66.62
C ASP B 796 8.21 1.07 -65.87
N PHE B 797 8.81 0.32 -64.96
CA PHE B 797 9.87 0.81 -64.10
C PHE B 797 11.23 0.21 -64.48
N GLY B 798 11.46 0.05 -65.79
CA GLY B 798 12.73 -0.45 -66.25
C GLY B 798 12.98 -1.91 -65.95
N GLY B 799 11.93 -2.69 -65.75
CA GLY B 799 12.06 -4.10 -65.43
C GLY B 799 11.86 -4.44 -63.97
N PHE B 800 11.89 -3.45 -63.08
CA PHE B 800 11.63 -3.71 -61.68
C PHE B 800 10.15 -3.98 -61.46
N ASN B 801 9.86 -4.90 -60.55
CA ASN B 801 8.49 -5.36 -60.29
C ASN B 801 8.16 -5.07 -58.83
N PHE B 802 7.34 -4.05 -58.59
CA PHE B 802 6.91 -3.68 -57.26
C PHE B 802 5.51 -4.16 -56.93
N SER B 803 4.92 -5.02 -57.77
CA SER B 803 3.57 -5.49 -57.52
C SER B 803 3.45 -6.15 -56.16
N GLN B 804 4.55 -6.72 -55.64
CA GLN B 804 4.51 -7.39 -54.35
C GLN B 804 4.41 -6.40 -53.21
N ILE B 805 4.79 -5.14 -53.42
CA ILE B 805 4.76 -4.14 -52.37
C ILE B 805 3.73 -3.04 -52.64
N LEU B 806 3.31 -2.84 -53.88
CA LEU B 806 2.28 -1.85 -54.15
C LEU B 806 0.90 -2.38 -53.73
N PRO B 807 -0.04 -1.50 -53.42
CA PRO B 807 -1.38 -1.95 -53.03
C PRO B 807 -2.03 -2.76 -54.14
N ASP B 808 -2.78 -3.79 -53.75
CA ASP B 808 -3.53 -4.59 -54.70
C ASP B 808 -4.98 -4.10 -54.74
N PRO B 809 -5.55 -3.80 -55.91
CA PRO B 809 -6.94 -3.34 -55.96
C PRO B 809 -7.97 -4.37 -55.51
N SER B 810 -7.55 -5.56 -55.10
CA SER B 810 -8.49 -6.56 -54.60
C SER B 810 -9.17 -6.13 -53.31
N LYS B 811 -8.67 -5.08 -52.65
CA LYS B 811 -9.24 -4.54 -51.43
C LYS B 811 -9.20 -5.55 -50.29
N PRO B 812 -8.03 -6.10 -49.95
CA PRO B 812 -7.85 -6.76 -48.65
C PRO B 812 -7.40 -5.74 -47.60
N SER B 813 -8.25 -4.75 -47.34
CA SER B 813 -7.88 -3.50 -46.68
C SER B 813 -6.99 -2.65 -47.56
N LYS B 814 -6.91 -2.97 -48.85
CA LYS B 814 -6.05 -2.27 -49.80
C LYS B 814 -4.60 -2.26 -49.33
N ARG B 815 -4.16 -3.40 -48.82
CA ARG B 815 -2.78 -3.59 -48.37
C ARG B 815 -2.03 -4.44 -49.38
N SER B 816 -0.73 -4.16 -49.52
CA SER B 816 0.09 -4.93 -50.44
C SER B 816 0.14 -6.39 -50.00
N PHE B 817 0.72 -7.23 -50.86
CA PHE B 817 0.82 -8.65 -50.55
C PHE B 817 1.67 -8.87 -49.30
N ILE B 818 2.84 -8.22 -49.24
CA ILE B 818 3.70 -8.38 -48.08
C ILE B 818 3.05 -7.80 -46.84
N GLU B 819 2.30 -6.71 -47.00
CA GLU B 819 1.58 -6.14 -45.86
C GLU B 819 0.56 -7.12 -45.33
N ASP B 820 -0.19 -7.79 -46.22
CA ASP B 820 -1.13 -8.81 -45.77
C ASP B 820 -0.41 -9.96 -45.08
N LEU B 821 0.73 -10.39 -45.61
CA LEU B 821 1.48 -11.47 -44.97
C LEU B 821 1.91 -11.06 -43.57
N LEU B 822 2.38 -9.82 -43.42
CA LEU B 822 2.80 -9.34 -42.10
C LEU B 822 1.62 -9.27 -41.14
N PHE B 823 0.47 -8.77 -41.62
CA PHE B 823 -0.69 -8.64 -40.74
C PHE B 823 -1.22 -10.01 -40.31
N ASN B 824 -1.15 -11.01 -41.18
CA ASN B 824 -1.62 -12.34 -40.85
C ASN B 824 -0.59 -13.14 -40.05
N LYS B 825 0.62 -12.63 -39.89
CA LYS B 825 1.70 -13.35 -39.20
C LYS B 825 1.84 -12.93 -37.75
N VAL B 826 0.99 -12.03 -37.25
CA VAL B 826 1.02 -11.59 -35.86
C VAL B 826 -0.30 -12.00 -35.23
N THR B 827 -0.23 -12.79 -34.17
CA THR B 827 -1.41 -13.30 -33.47
C THR B 827 -1.67 -12.42 -32.25
N LEU B 828 -2.71 -11.61 -32.32
CA LEU B 828 -3.06 -10.73 -31.22
C LEU B 828 -3.44 -11.54 -29.99
N PHE B 855 -15.87 -5.34 -17.70
CA PHE B 855 -14.71 -5.92 -17.05
C PHE B 855 -14.46 -5.21 -15.72
N ASN B 856 -13.19 -4.96 -15.38
CA ASN B 856 -12.81 -4.34 -14.13
C ASN B 856 -12.30 -2.92 -14.34
N GLY B 857 -12.95 -2.19 -15.25
CA GLY B 857 -12.54 -0.83 -15.55
C GLY B 857 -11.39 -0.72 -16.52
N LEU B 858 -10.95 -1.82 -17.10
CA LEU B 858 -9.83 -1.84 -18.04
C LEU B 858 -10.38 -1.68 -19.45
N THR B 859 -10.06 -0.56 -20.09
CA THR B 859 -10.56 -0.25 -21.42
C THR B 859 -9.40 -0.10 -22.39
N VAL B 860 -9.59 -0.57 -23.62
CA VAL B 860 -8.60 -0.46 -24.67
C VAL B 860 -9.11 0.57 -25.68
N LEU B 861 -8.38 1.66 -25.83
CA LEU B 861 -8.82 2.73 -26.73
C LEU B 861 -8.38 2.44 -28.15
N PRO B 862 -9.17 2.80 -29.16
CA PRO B 862 -8.75 2.56 -30.54
C PRO B 862 -7.73 3.59 -30.98
N PRO B 863 -6.80 3.21 -31.86
CA PRO B 863 -5.81 4.18 -32.34
C PRO B 863 -6.45 5.25 -33.21
N LEU B 864 -5.82 6.42 -33.23
CA LEU B 864 -6.34 7.51 -34.03
C LEU B 864 -6.32 7.17 -35.51
N LEU B 865 -5.23 6.58 -35.99
CA LEU B 865 -5.08 6.21 -37.39
C LEU B 865 -5.40 4.73 -37.55
N THR B 866 -6.36 4.43 -38.41
CA THR B 866 -6.72 3.04 -38.66
C THR B 866 -5.69 2.38 -39.58
N ASP B 867 -5.74 1.04 -39.62
CA ASP B 867 -4.83 0.30 -40.48
C ASP B 867 -4.99 0.71 -41.93
N GLU B 868 -6.22 1.02 -42.36
CA GLU B 868 -6.44 1.46 -43.73
C GLU B 868 -5.71 2.77 -44.00
N MET B 869 -5.78 3.72 -43.07
CA MET B 869 -5.10 5.00 -43.27
C MET B 869 -3.59 4.84 -43.22
N ILE B 870 -3.09 3.97 -42.36
CA ILE B 870 -1.65 3.71 -42.34
C ILE B 870 -1.20 3.08 -43.65
N ALA B 871 -2.00 2.16 -44.18
CA ALA B 871 -1.69 1.56 -45.47
C ALA B 871 -1.70 2.61 -46.57
N GLN B 872 -2.64 3.55 -46.50
CA GLN B 872 -2.66 4.64 -47.47
C GLN B 872 -1.39 5.47 -47.39
N TYR B 873 -0.94 5.77 -46.17
CA TYR B 873 0.30 6.53 -46.01
C TYR B 873 1.49 5.78 -46.60
N THR B 874 1.58 4.47 -46.32
CA THR B 874 2.70 3.70 -46.85
C THR B 874 2.64 3.61 -48.36
N SER B 875 1.44 3.47 -48.93
CA SER B 875 1.31 3.44 -50.37
C SER B 875 1.71 4.77 -50.99
N ALA B 876 1.35 5.87 -50.35
CA ALA B 876 1.78 7.19 -50.85
C ALA B 876 3.29 7.30 -50.82
N LEU B 877 3.92 6.84 -49.74
CA LEU B 877 5.38 6.88 -49.66
C LEU B 877 6.01 6.03 -50.75
N LEU B 878 5.47 4.82 -50.97
CA LEU B 878 5.99 3.96 -52.03
C LEU B 878 5.86 4.60 -53.40
N ALA B 879 4.69 5.17 -53.69
CA ALA B 879 4.47 5.79 -54.98
C ALA B 879 5.42 6.96 -55.20
N GLY B 880 5.57 7.80 -54.17
CA GLY B 880 6.52 8.89 -54.28
C GLY B 880 7.93 8.41 -54.52
N THR B 881 8.36 7.39 -53.78
CA THR B 881 9.72 6.88 -53.91
C THR B 881 9.96 6.33 -55.31
N ILE B 882 9.02 5.54 -55.84
CA ILE B 882 9.26 4.89 -57.12
C ILE B 882 8.95 5.79 -58.31
N THR B 883 8.29 6.92 -58.09
CA THR B 883 7.96 7.83 -59.18
C THR B 883 8.86 9.05 -59.25
N SER B 884 9.38 9.52 -58.13
CA SER B 884 10.13 10.77 -58.09
C SER B 884 11.43 10.69 -57.31
N GLY B 885 11.74 9.57 -56.67
CA GLY B 885 12.98 9.46 -55.92
C GLY B 885 12.93 10.17 -54.59
N TRP B 886 13.99 10.89 -54.26
CA TRP B 886 14.04 11.67 -53.03
C TRP B 886 13.49 13.08 -53.22
N THR B 887 13.15 13.48 -54.44
CA THR B 887 12.73 14.84 -54.69
C THR B 887 11.42 15.19 -54.00
N PHE B 888 10.59 14.20 -53.68
CA PHE B 888 9.31 14.46 -53.04
C PHE B 888 9.43 14.71 -51.55
N GLY B 889 10.59 14.46 -50.95
CA GLY B 889 10.82 14.79 -49.56
C GLY B 889 11.41 16.15 -49.32
N ALA B 890 11.95 16.78 -50.36
CA ALA B 890 12.50 18.12 -50.27
C ALA B 890 11.59 19.19 -50.86
N GLY B 891 10.36 18.83 -51.21
CA GLY B 891 9.44 19.78 -51.81
C GLY B 891 8.36 19.09 -52.61
N ALA B 892 8.17 19.54 -53.85
CA ALA B 892 7.18 18.94 -54.75
C ALA B 892 7.81 17.79 -55.52
N ALA B 893 7.06 16.69 -55.63
CA ALA B 893 7.59 15.51 -56.30
C ALA B 893 7.93 15.83 -57.75
N LEU B 894 9.08 15.33 -58.18
CA LEU B 894 9.58 15.52 -59.55
C LEU B 894 9.67 14.16 -60.19
N GLN B 895 8.86 13.90 -61.22
CA GLN B 895 8.90 12.59 -61.85
C GLN B 895 10.26 12.36 -62.51
N ILE B 896 10.67 11.10 -62.53
CA ILE B 896 11.93 10.71 -63.16
C ILE B 896 11.85 9.22 -63.48
N PRO B 897 12.33 8.76 -64.63
CA PRO B 897 12.30 7.34 -64.93
C PRO B 897 13.05 6.55 -63.85
N PHE B 898 12.51 5.39 -63.50
CA PHE B 898 13.10 4.62 -62.42
C PHE B 898 14.51 4.18 -62.74
N ALA B 899 14.80 3.89 -64.01
CA ALA B 899 16.17 3.55 -64.39
C ALA B 899 17.11 4.70 -64.09
N MET B 900 16.70 5.93 -64.41
CA MET B 900 17.54 7.09 -64.13
C MET B 900 17.65 7.35 -62.62
N GLN B 901 16.58 7.08 -61.86
CA GLN B 901 16.69 7.21 -60.42
C GLN B 901 17.70 6.21 -59.85
N MET B 902 17.65 4.97 -60.33
CA MET B 902 18.63 3.99 -59.87
C MET B 902 20.04 4.38 -60.30
N ALA B 903 20.18 5.01 -61.48
CA ALA B 903 21.49 5.51 -61.87
C ALA B 903 21.96 6.59 -60.91
N TYR B 904 21.07 7.50 -60.51
CA TYR B 904 21.39 8.47 -59.48
C TYR B 904 21.94 7.78 -58.24
N ARG B 905 21.24 6.75 -57.77
CA ARG B 905 21.62 6.09 -56.52
C ARG B 905 22.94 5.34 -56.67
N PHE B 906 23.16 4.69 -57.81
CA PHE B 906 24.43 4.05 -58.07
C PHE B 906 25.57 5.06 -58.05
N ASN B 907 25.37 6.21 -58.70
CA ASN B 907 26.35 7.28 -58.61
C ASN B 907 26.53 7.73 -57.17
N GLY B 908 25.47 7.66 -56.38
CA GLY B 908 25.56 8.07 -54.98
C GLY B 908 26.44 7.16 -54.16
N ILE B 909 26.39 5.85 -54.43
CA ILE B 909 27.20 4.91 -53.66
C ILE B 909 28.60 4.80 -54.25
N GLY B 910 28.91 5.65 -55.23
CA GLY B 910 30.25 5.69 -55.79
C GLY B 910 30.47 4.81 -57.01
N VAL B 911 29.41 4.31 -57.63
CA VAL B 911 29.50 3.50 -58.84
C VAL B 911 28.90 4.29 -59.99
N THR B 912 29.64 4.40 -61.08
CA THR B 912 29.20 5.22 -62.20
C THR B 912 27.86 4.74 -62.74
N GLN B 913 27.26 5.55 -63.61
CA GLN B 913 25.94 5.24 -64.15
C GLN B 913 26.02 4.13 -65.19
N ASN B 914 27.08 4.10 -65.99
CA ASN B 914 27.18 3.11 -67.05
C ASN B 914 27.09 1.70 -66.49
N VAL B 915 27.53 1.49 -65.26
CA VAL B 915 27.39 0.17 -64.64
C VAL B 915 25.93 -0.25 -64.62
N LEU B 916 25.05 0.62 -64.12
CA LEU B 916 23.62 0.32 -64.13
C LEU B 916 23.11 0.17 -65.55
N TYR B 917 23.36 1.16 -66.41
CA TYR B 917 22.74 1.15 -67.72
C TYR B 917 23.19 -0.03 -68.56
N GLU B 918 24.33 -0.64 -68.21
CA GLU B 918 24.79 -1.84 -68.90
C GLU B 918 24.37 -3.12 -68.19
N ASN B 919 24.06 -3.05 -66.89
CA ASN B 919 23.58 -4.21 -66.13
C ASN B 919 22.15 -4.00 -65.67
N GLN B 920 21.34 -3.29 -66.47
CA GLN B 920 19.99 -2.97 -66.05
C GLN B 920 19.14 -4.23 -65.91
N LYS B 921 19.19 -5.12 -66.91
CA LYS B 921 18.38 -6.33 -66.85
C LYS B 921 18.81 -7.23 -65.68
N LEU B 922 20.12 -7.41 -65.50
CA LEU B 922 20.62 -8.22 -64.41
C LEU B 922 20.20 -7.65 -63.06
N ILE B 923 20.30 -6.33 -62.90
CA ILE B 923 19.95 -5.71 -61.63
C ILE B 923 18.46 -5.83 -61.37
N ALA B 924 17.64 -5.65 -62.40
CA ALA B 924 16.20 -5.80 -62.23
C ALA B 924 15.84 -7.24 -61.84
N ASN B 925 16.48 -8.21 -62.48
CA ASN B 925 16.22 -9.61 -62.13
C ASN B 925 16.64 -9.90 -60.71
N GLN B 926 17.80 -9.39 -60.28
CA GLN B 926 18.25 -9.61 -58.92
C GLN B 926 17.30 -8.98 -57.91
N PHE B 927 16.81 -7.77 -58.21
CA PHE B 927 15.86 -7.13 -57.31
C PHE B 927 14.57 -7.93 -57.21
N ASN B 928 14.05 -8.40 -58.35
CA ASN B 928 12.83 -9.20 -58.33
C ASN B 928 13.03 -10.50 -57.55
N SER B 929 14.18 -11.16 -57.74
CA SER B 929 14.47 -12.38 -56.99
C SER B 929 14.56 -12.10 -55.50
N ALA B 930 15.17 -10.98 -55.12
CA ALA B 930 15.26 -10.64 -53.70
C ALA B 930 13.88 -10.41 -53.10
N ILE B 931 13.01 -9.71 -53.83
CA ILE B 931 11.65 -9.49 -53.33
C ILE B 931 10.93 -10.82 -53.18
N GLY B 932 11.09 -11.71 -54.15
CA GLY B 932 10.47 -13.02 -54.04
C GLY B 932 10.99 -13.82 -52.85
N LYS B 933 12.30 -13.72 -52.59
CA LYS B 933 12.87 -14.40 -51.44
C LYS B 933 12.33 -13.84 -50.13
N ILE B 934 12.15 -12.52 -50.05
CA ILE B 934 11.55 -11.94 -48.87
C ILE B 934 10.13 -12.43 -48.70
N GLN B 935 9.37 -12.49 -49.80
CA GLN B 935 8.03 -13.06 -49.75
C GLN B 935 8.05 -14.47 -49.15
N ASP B 936 8.92 -15.33 -49.68
CA ASP B 936 8.97 -16.70 -49.20
C ASP B 936 9.37 -16.77 -47.73
N SER B 937 10.36 -15.97 -47.33
CA SER B 937 10.81 -15.99 -45.95
C SER B 937 9.69 -15.57 -45.00
N LEU B 938 8.94 -14.52 -45.35
CA LEU B 938 7.84 -14.10 -44.50
C LEU B 938 6.70 -15.10 -44.53
N SER B 939 6.51 -15.81 -45.65
CA SER B 939 5.40 -16.74 -45.77
C SER B 939 5.66 -18.00 -44.94
N SER B 940 6.76 -18.70 -45.23
CA SER B 940 7.02 -19.99 -44.59
C SER B 940 7.83 -19.83 -43.31
N THR B 941 9.04 -19.26 -43.41
CA THR B 941 9.90 -19.14 -42.25
C THR B 941 9.24 -18.27 -41.19
N ALA B 942 9.28 -18.75 -39.94
CA ALA B 942 8.69 -18.05 -38.82
C ALA B 942 9.79 -17.35 -38.02
N SER B 943 9.41 -16.75 -36.89
CA SER B 943 10.35 -16.06 -36.02
C SER B 943 10.95 -14.85 -36.72
N ALA B 944 10.12 -14.12 -37.46
CA ALA B 944 10.55 -12.91 -38.16
C ALA B 944 9.97 -11.63 -37.56
N LEU B 945 8.76 -11.68 -37.02
CA LEU B 945 8.13 -10.52 -36.39
C LEU B 945 8.22 -10.62 -34.87
N GLY B 946 9.35 -11.12 -34.39
CA GLY B 946 9.52 -11.33 -32.97
C GLY B 946 9.38 -10.07 -32.14
N LYS B 947 9.85 -8.95 -32.66
CA LYS B 947 9.79 -7.70 -31.89
C LYS B 947 8.34 -7.27 -31.66
N LEU B 948 7.56 -7.22 -32.74
CA LEU B 948 6.15 -6.84 -32.60
C LEU B 948 5.40 -7.84 -31.74
N GLN B 949 5.64 -9.14 -31.95
CA GLN B 949 4.95 -10.13 -31.14
C GLN B 949 5.34 -10.01 -29.67
N ASP B 950 6.60 -9.69 -29.38
CA ASP B 950 7.04 -9.50 -28.01
C ASP B 950 6.36 -8.30 -27.37
N VAL B 951 6.22 -7.20 -28.12
CA VAL B 951 5.52 -6.04 -27.58
C VAL B 951 4.07 -6.41 -27.24
N VAL B 952 3.40 -7.10 -28.16
CA VAL B 952 2.02 -7.49 -27.92
C VAL B 952 1.92 -8.40 -26.71
N ASN B 953 2.83 -9.38 -26.60
CA ASN B 953 2.81 -10.31 -25.48
C ASN B 953 3.08 -9.60 -24.16
N GLN B 954 4.01 -8.63 -24.16
CA GLN B 954 4.30 -7.89 -22.94
C GLN B 954 3.06 -7.14 -22.47
N ASN B 955 2.39 -6.44 -23.39
CA ASN B 955 1.18 -5.73 -23.00
C ASN B 955 0.11 -6.69 -22.48
N ALA B 956 -0.09 -7.80 -23.19
CA ALA B 956 -1.12 -8.75 -22.78
C ALA B 956 -0.82 -9.33 -21.40
N GLN B 957 0.43 -9.70 -21.15
CA GLN B 957 0.75 -10.29 -19.85
C GLN B 957 0.68 -9.25 -18.74
N ALA B 958 1.02 -7.99 -19.03
CA ALA B 958 0.85 -6.95 -18.03
C ALA B 958 -0.61 -6.81 -17.63
N LEU B 959 -1.51 -6.75 -18.61
CA LEU B 959 -2.94 -6.65 -18.30
C LEU B 959 -3.41 -7.89 -17.55
N ASN B 960 -2.99 -9.08 -17.99
CA ASN B 960 -3.41 -10.30 -17.32
C ASN B 960 -2.92 -10.34 -15.89
N THR B 961 -1.68 -9.92 -15.65
CA THR B 961 -1.15 -9.90 -14.29
C THR B 961 -1.91 -8.93 -13.41
N LEU B 962 -2.29 -7.77 -13.97
CA LEU B 962 -3.12 -6.84 -13.22
C LEU B 962 -4.44 -7.51 -12.80
N VAL B 963 -5.10 -8.17 -13.76
CA VAL B 963 -6.37 -8.82 -13.44
C VAL B 963 -6.17 -9.92 -12.41
N LYS B 964 -5.08 -10.68 -12.51
CA LYS B 964 -4.79 -11.67 -11.49
C LYS B 964 -4.67 -11.02 -10.11
N GLN B 965 -3.84 -9.97 -10.02
CA GLN B 965 -3.62 -9.29 -8.75
C GLN B 965 -4.92 -8.73 -8.20
N LEU B 966 -5.92 -8.53 -9.06
CA LEU B 966 -7.21 -8.07 -8.56
C LEU B 966 -7.89 -9.12 -7.68
N SER B 967 -7.41 -10.36 -7.67
CA SER B 967 -8.04 -11.45 -6.91
C SER B 967 -7.11 -12.02 -5.85
N SER B 968 -6.44 -11.15 -5.10
CA SER B 968 -5.53 -11.58 -4.03
C SER B 968 -6.02 -11.02 -2.70
N ASN B 969 -5.71 -11.74 -1.63
CA ASN B 969 -6.17 -11.34 -0.30
C ASN B 969 -5.39 -10.15 0.23
N PHE B 970 -4.08 -10.11 -0.03
CA PHE B 970 -3.21 -9.08 0.52
C PHE B 970 -3.29 -9.04 2.04
N GLY B 971 -3.44 -10.21 2.66
CA GLY B 971 -3.54 -10.28 4.10
C GLY B 971 -4.92 -10.02 4.66
N ALA B 972 -5.93 -9.88 3.82
CA ALA B 972 -7.29 -9.62 4.27
C ALA B 972 -8.04 -10.93 4.45
N ILE B 973 -9.28 -10.83 4.93
CA ILE B 973 -10.10 -12.02 5.16
C ILE B 973 -10.34 -12.74 3.85
N SER B 974 -10.71 -12.01 2.79
CA SER B 974 -10.97 -12.60 1.50
C SER B 974 -10.60 -11.58 0.42
N SER B 975 -10.81 -11.96 -0.82
CA SER B 975 -10.46 -11.13 -1.96
C SER B 975 -11.66 -10.42 -2.58
N VAL B 976 -12.85 -10.54 -1.98
CA VAL B 976 -14.06 -9.95 -2.54
C VAL B 976 -14.72 -9.07 -1.48
N LEU B 977 -14.94 -7.81 -1.83
CA LEU B 977 -15.49 -6.83 -0.90
C LEU B 977 -16.89 -7.23 -0.44
N ASN B 978 -17.68 -7.84 -1.35
CA ASN B 978 -19.03 -8.24 -0.96
C ASN B 978 -19.00 -9.23 0.18
N ASP B 979 -18.16 -10.27 0.09
CA ASP B 979 -18.06 -11.24 1.16
C ASP B 979 -17.50 -10.60 2.42
N ILE B 980 -16.46 -9.77 2.29
CA ILE B 980 -15.90 -9.13 3.47
C ILE B 980 -16.97 -8.33 4.20
N LEU B 981 -17.78 -7.57 3.46
CA LEU B 981 -18.86 -6.82 4.08
C LEU B 981 -19.92 -7.75 4.68
N SER B 982 -20.26 -8.83 3.99
CA SER B 982 -21.30 -9.73 4.44
C SER B 982 -20.92 -10.51 5.70
N ARG B 983 -19.63 -10.65 6.00
CA ARG B 983 -19.21 -11.37 7.19
C ARG B 983 -18.87 -10.49 8.38
N LEU B 984 -18.47 -9.23 8.18
CA LEU B 984 -17.95 -8.41 9.25
C LEU B 984 -18.73 -7.11 9.36
N ASP B 985 -18.57 -6.45 10.50
CA ASP B 985 -19.24 -5.21 10.84
C ASP B 985 -18.31 -4.02 10.59
N PRO B 986 -18.84 -2.81 10.63
CA PRO B 986 -18.15 -1.67 9.99
C PRO B 986 -16.68 -1.56 10.37
N PRO B 987 -16.31 -1.67 11.65
CA PRO B 987 -14.91 -1.37 12.02
C PRO B 987 -13.88 -2.29 11.38
N GLU B 988 -13.97 -3.60 11.64
CA GLU B 988 -12.98 -4.50 11.06
C GLU B 988 -13.25 -4.75 9.58
N ALA B 989 -14.49 -4.60 9.13
CA ALA B 989 -14.74 -4.60 7.69
C ALA B 989 -13.95 -3.49 7.02
N GLU B 990 -13.94 -2.30 7.64
CA GLU B 990 -13.16 -1.19 7.11
C GLU B 990 -11.67 -1.48 7.16
N VAL B 991 -11.21 -2.13 8.23
CA VAL B 991 -9.79 -2.50 8.31
C VAL B 991 -9.41 -3.41 7.15
N GLN B 992 -10.19 -4.46 6.92
CA GLN B 992 -9.89 -5.39 5.84
C GLN B 992 -10.00 -4.71 4.48
N ILE B 993 -11.00 -3.86 4.30
CA ILE B 993 -11.16 -3.16 3.03
C ILE B 993 -9.99 -2.22 2.80
N ASP B 994 -9.46 -1.60 3.87
CA ASP B 994 -8.28 -0.76 3.73
C ASP B 994 -7.07 -1.60 3.31
N ARG B 995 -6.94 -2.80 3.88
CA ARG B 995 -5.85 -3.68 3.44
C ARG B 995 -5.97 -3.98 1.95
N LEU B 996 -7.17 -4.35 1.51
CA LEU B 996 -7.37 -4.65 0.09
C LEU B 996 -7.10 -3.43 -0.78
N ILE B 997 -7.56 -2.26 -0.34
CA ILE B 997 -7.35 -1.04 -1.12
C ILE B 997 -5.87 -0.74 -1.25
N THR B 998 -5.12 -0.87 -0.17
CA THR B 998 -3.67 -0.64 -0.25
C THR B 998 -3.03 -1.62 -1.22
N GLY B 999 -3.40 -2.90 -1.15
CA GLY B 999 -2.83 -3.87 -2.07
C GLY B 999 -3.14 -3.54 -3.52
N ARG B 1000 -4.38 -3.19 -3.80
CA ARG B 1000 -4.79 -2.93 -5.18
C ARG B 1000 -4.18 -1.63 -5.70
N LEU B 1001 -4.04 -0.61 -4.85
CA LEU B 1001 -3.33 0.59 -5.25
C LEU B 1001 -1.88 0.29 -5.56
N GLN B 1002 -1.23 -0.53 -4.75
CA GLN B 1002 0.15 -0.90 -5.05
C GLN B 1002 0.24 -1.61 -6.39
N SER B 1003 -0.68 -2.54 -6.65
CA SER B 1003 -0.67 -3.25 -7.93
C SER B 1003 -0.87 -2.29 -9.09
N LEU B 1004 -1.82 -1.37 -8.97
CA LEU B 1004 -2.10 -0.44 -10.05
C LEU B 1004 -0.91 0.49 -10.31
N GLN B 1005 -0.30 1.00 -9.23
CA GLN B 1005 0.87 1.85 -9.41
C GLN B 1005 2.02 1.09 -10.05
N THR B 1006 2.21 -0.17 -9.66
CA THR B 1006 3.23 -1.00 -10.29
C THR B 1006 2.97 -1.13 -11.79
N TYR B 1007 1.72 -1.42 -12.15
CA TYR B 1007 1.37 -1.56 -13.56
C TYR B 1007 1.64 -0.27 -14.32
N VAL B 1008 1.24 0.86 -13.74
CA VAL B 1008 1.42 2.13 -14.43
C VAL B 1008 2.90 2.46 -14.59
N THR B 1009 3.72 2.12 -13.60
CA THR B 1009 5.14 2.41 -13.69
C THR B 1009 5.80 1.62 -14.81
N GLN B 1010 5.57 0.30 -14.85
CA GLN B 1010 6.12 -0.47 -15.97
C GLN B 1010 5.52 -0.04 -17.30
N GLN B 1011 4.26 0.38 -17.32
CA GLN B 1011 3.69 0.89 -18.55
C GLN B 1011 4.42 2.13 -19.03
N LEU B 1012 4.76 3.04 -18.10
CA LEU B 1012 5.50 4.24 -18.48
C LEU B 1012 6.87 3.90 -19.02
N ILE B 1013 7.57 2.97 -18.36
CA ILE B 1013 8.91 2.60 -18.83
C ILE B 1013 8.83 1.96 -20.22
N ARG B 1014 7.88 1.05 -20.41
CA ARG B 1014 7.71 0.42 -21.71
C ARG B 1014 7.33 1.44 -22.77
N ALA B 1015 6.51 2.44 -22.40
CA ALA B 1015 6.15 3.49 -23.35
C ALA B 1015 7.37 4.32 -23.74
N ALA B 1016 8.26 4.58 -22.79
CA ALA B 1016 9.50 5.29 -23.13
C ALA B 1016 10.34 4.47 -24.11
N GLU B 1017 10.43 3.16 -23.87
CA GLU B 1017 11.17 2.30 -24.80
C GLU B 1017 10.55 2.33 -26.18
N ILE B 1018 9.22 2.22 -26.26
CA ILE B 1018 8.54 2.24 -27.54
C ILE B 1018 8.69 3.60 -28.21
N ARG B 1019 8.73 4.68 -27.43
CA ARG B 1019 8.94 6.01 -28.00
C ARG B 1019 10.34 6.12 -28.62
N ALA B 1020 11.34 5.57 -27.94
CA ALA B 1020 12.67 5.54 -28.54
C ALA B 1020 12.67 4.76 -29.84
N SER B 1021 12.01 3.61 -29.86
CA SER B 1021 11.93 2.83 -31.09
C SER B 1021 11.20 3.58 -32.19
N ALA B 1022 10.15 4.32 -31.83
CA ALA B 1022 9.39 5.08 -32.82
C ALA B 1022 10.20 6.23 -33.36
N ASN B 1023 11.00 6.89 -32.51
CA ASN B 1023 11.89 7.93 -33.01
C ASN B 1023 12.92 7.35 -33.98
N LEU B 1024 13.45 6.17 -33.66
CA LEU B 1024 14.38 5.53 -34.59
C LEU B 1024 13.68 5.19 -35.91
N ALA B 1025 12.44 4.72 -35.84
CA ALA B 1025 11.70 4.39 -37.06
C ALA B 1025 11.43 5.63 -37.89
N ALA B 1026 11.07 6.74 -37.23
CA ALA B 1026 10.85 7.99 -37.96
C ALA B 1026 12.13 8.48 -38.62
N THR B 1027 13.26 8.36 -37.92
CA THR B 1027 14.53 8.73 -38.53
C THR B 1027 14.85 7.85 -39.74
N LYS B 1028 14.60 6.55 -39.62
CA LYS B 1028 14.82 5.66 -40.75
C LYS B 1028 13.95 6.03 -41.93
N MET B 1029 12.67 6.31 -41.68
CA MET B 1029 11.77 6.70 -42.75
C MET B 1029 12.24 7.98 -43.41
N SER B 1030 12.67 8.96 -42.63
CA SER B 1030 13.10 10.23 -43.19
C SER B 1030 14.37 10.07 -44.01
N GLU B 1031 15.35 9.32 -43.51
CA GLU B 1031 16.69 9.33 -44.09
C GLU B 1031 16.95 8.19 -45.08
N CYS B 1032 16.07 7.20 -45.16
CA CYS B 1032 16.26 6.07 -46.07
C CYS B 1032 15.12 5.90 -47.05
N VAL B 1033 13.88 6.14 -46.66
CA VAL B 1033 12.78 6.09 -47.62
C VAL B 1033 12.71 7.38 -48.43
N LEU B 1034 12.82 8.53 -47.76
CA LEU B 1034 12.77 9.82 -48.45
C LEU B 1034 14.11 10.26 -48.99
N GLY B 1035 15.16 9.45 -48.83
CA GLY B 1035 16.45 9.78 -49.37
C GLY B 1035 17.36 8.59 -49.38
N GLN B 1036 18.61 8.83 -49.75
CA GLN B 1036 19.65 7.81 -49.74
C GLN B 1036 20.61 8.09 -48.59
N SER B 1037 20.85 7.08 -47.76
CA SER B 1037 21.63 7.24 -46.54
C SER B 1037 23.07 6.83 -46.79
N LYS B 1038 24.01 7.69 -46.42
CA LYS B 1038 25.42 7.38 -46.50
C LYS B 1038 25.97 6.81 -45.20
N ARG B 1039 25.15 6.67 -44.17
CA ARG B 1039 25.60 6.10 -42.91
C ARG B 1039 25.71 4.58 -43.02
N VAL B 1040 26.78 4.04 -42.44
CA VAL B 1040 27.10 2.63 -42.61
C VAL B 1040 26.20 1.79 -41.73
N ASP B 1041 25.59 0.77 -42.31
CA ASP B 1041 24.75 -0.21 -41.63
C ASP B 1041 23.51 0.41 -41.00
N PHE B 1042 23.24 1.69 -41.27
CA PHE B 1042 22.03 2.30 -40.75
C PHE B 1042 20.78 1.66 -41.34
N CYS B 1043 20.81 1.34 -42.62
CA CYS B 1043 19.69 0.80 -43.35
C CYS B 1043 20.09 -0.44 -44.14
N GLY B 1044 20.75 -1.37 -43.46
CA GLY B 1044 21.10 -2.66 -44.05
C GLY B 1044 22.59 -2.78 -44.30
N LYS B 1045 23.04 -4.02 -44.37
CA LYS B 1045 24.45 -4.31 -44.62
C LYS B 1045 24.74 -4.15 -46.10
N GLY B 1046 25.70 -3.29 -46.42
CA GLY B 1046 26.03 -2.94 -47.78
C GLY B 1046 25.80 -1.46 -48.03
N TYR B 1047 26.09 -1.06 -49.27
CA TYR B 1047 25.90 0.33 -49.66
C TYR B 1047 24.42 0.58 -49.95
N HIS B 1048 23.78 1.37 -49.10
CA HIS B 1048 22.34 1.57 -49.21
C HIS B 1048 21.98 2.17 -50.55
N LEU B 1049 21.03 1.54 -51.24
CA LEU B 1049 20.47 2.08 -52.47
C LEU B 1049 19.12 2.76 -52.23
N MET B 1050 18.16 2.03 -51.66
CA MET B 1050 16.86 2.61 -51.37
C MET B 1050 16.18 1.77 -50.30
N SER B 1051 14.97 2.19 -49.91
CA SER B 1051 14.20 1.45 -48.93
C SER B 1051 12.73 1.65 -49.20
N PHE B 1052 11.93 0.65 -48.84
CA PHE B 1052 10.49 0.68 -49.04
C PHE B 1052 9.80 0.38 -47.71
N PRO B 1053 8.84 1.20 -47.28
CA PRO B 1053 8.14 0.93 -46.03
C PRO B 1053 6.92 0.05 -46.22
N GLN B 1054 6.61 -0.71 -45.18
CA GLN B 1054 5.40 -1.51 -45.11
C GLN B 1054 4.84 -1.40 -43.70
N SER B 1055 3.51 -1.35 -43.59
CA SER B 1055 2.90 -1.28 -42.29
C SER B 1055 2.89 -2.66 -41.63
N ALA B 1056 2.72 -2.66 -40.32
CA ALA B 1056 2.56 -3.89 -39.57
C ALA B 1056 1.57 -3.62 -38.44
N PRO B 1057 1.14 -4.63 -37.69
CA PRO B 1057 0.12 -4.36 -36.65
C PRO B 1057 0.45 -3.21 -35.74
N HIS B 1058 1.66 -3.14 -35.19
CA HIS B 1058 2.08 -2.02 -34.36
C HIS B 1058 3.50 -1.62 -34.68
N GLY B 1059 3.83 -1.54 -35.96
CA GLY B 1059 5.19 -1.21 -36.32
C GLY B 1059 5.35 -1.02 -37.81
N VAL B 1060 6.59 -0.85 -38.21
CA VAL B 1060 6.95 -0.60 -39.61
C VAL B 1060 8.05 -1.56 -40.01
N VAL B 1061 7.93 -2.12 -41.22
CA VAL B 1061 8.93 -3.01 -41.78
C VAL B 1061 9.57 -2.32 -42.96
N PHE B 1062 10.88 -2.14 -42.89
CA PHE B 1062 11.63 -1.52 -43.98
C PHE B 1062 12.28 -2.61 -44.81
N LEU B 1063 12.04 -2.57 -46.12
CA LEU B 1063 12.75 -3.42 -47.08
C LEU B 1063 13.88 -2.57 -47.65
N HIS B 1064 15.10 -2.81 -47.18
CA HIS B 1064 16.26 -2.05 -47.60
C HIS B 1064 16.89 -2.75 -48.80
N VAL B 1065 16.90 -2.06 -49.94
CA VAL B 1065 17.60 -2.53 -51.13
C VAL B 1065 19.01 -1.95 -51.08
N THR B 1066 20.01 -2.82 -51.06
CA THR B 1066 21.39 -2.42 -50.89
C THR B 1066 22.27 -3.12 -51.90
N TYR B 1067 23.43 -2.50 -52.15
CA TYR B 1067 24.43 -2.95 -53.11
C TYR B 1067 25.56 -3.65 -52.34
N VAL B 1068 25.87 -4.88 -52.72
CA VAL B 1068 26.90 -5.67 -52.06
C VAL B 1068 27.91 -6.12 -53.11
N PRO B 1069 29.16 -5.68 -53.08
CA PRO B 1069 30.13 -6.15 -54.07
C PRO B 1069 30.45 -7.64 -53.85
N ALA B 1070 30.87 -8.28 -54.94
CA ALA B 1070 31.15 -9.71 -54.90
C ALA B 1070 32.07 -10.07 -56.07
N GLN B 1071 32.67 -11.25 -55.96
CA GLN B 1071 33.59 -11.76 -56.97
C GLN B 1071 34.78 -10.83 -57.15
N GLU B 1072 35.55 -10.68 -56.07
CA GLU B 1072 36.70 -9.78 -56.06
C GLU B 1072 37.93 -10.45 -56.62
N LYS B 1073 38.72 -9.68 -57.36
CA LYS B 1073 39.99 -10.12 -57.91
C LYS B 1073 41.11 -9.25 -57.35
N ASN B 1074 42.28 -9.84 -57.16
CA ASN B 1074 43.42 -9.16 -56.57
C ASN B 1074 44.35 -8.67 -57.67
N PHE B 1075 44.73 -7.39 -57.57
CA PHE B 1075 45.64 -6.74 -58.49
C PHE B 1075 46.78 -6.09 -57.71
N THR B 1076 47.79 -5.66 -58.44
CA THR B 1076 48.87 -4.85 -57.88
C THR B 1076 48.55 -3.38 -58.14
N THR B 1077 48.87 -2.52 -57.17
CA THR B 1077 48.54 -1.11 -57.25
C THR B 1077 49.80 -0.26 -57.03
N ALA B 1078 49.60 1.06 -57.12
CA ALA B 1078 50.67 2.01 -56.92
C ALA B 1078 50.05 3.33 -56.52
N PRO B 1079 50.64 4.09 -55.59
CA PRO B 1079 50.03 5.38 -55.21
C PRO B 1079 49.95 6.35 -56.38
N ALA B 1080 50.93 6.36 -57.26
CA ALA B 1080 51.00 7.32 -58.35
C ALA B 1080 51.70 6.67 -59.53
N ILE B 1081 51.86 7.44 -60.60
CA ILE B 1081 52.52 6.99 -61.82
C ILE B 1081 53.53 8.03 -62.25
N CYS B 1082 54.75 7.60 -62.54
CA CYS B 1082 55.81 8.51 -62.99
C CYS B 1082 55.79 8.61 -64.51
N HIS B 1083 55.64 9.82 -65.02
CA HIS B 1083 55.74 10.08 -66.45
C HIS B 1083 56.35 11.45 -66.66
N ASP B 1084 57.36 11.52 -67.52
CA ASP B 1084 58.05 12.78 -67.81
C ASP B 1084 58.63 13.39 -66.55
N GLY B 1085 58.97 12.56 -65.56
CA GLY B 1085 59.49 13.04 -64.31
C GLY B 1085 58.47 13.65 -63.38
N LYS B 1086 57.18 13.46 -63.64
CA LYS B 1086 56.11 13.99 -62.81
C LYS B 1086 55.26 12.85 -62.29
N ALA B 1087 54.68 13.06 -61.11
CA ALA B 1087 53.85 12.06 -60.45
C ALA B 1087 52.38 12.36 -60.76
N HIS B 1088 51.65 11.32 -61.19
CA HIS B 1088 50.24 11.43 -61.53
C HIS B 1088 49.43 10.61 -60.55
N PHE B 1089 48.33 11.19 -60.08
CA PHE B 1089 47.42 10.53 -59.16
C PHE B 1089 46.03 10.45 -59.78
N PRO B 1090 45.25 9.41 -59.47
CA PRO B 1090 43.91 9.31 -60.05
C PRO B 1090 43.02 10.44 -59.58
N ARG B 1091 42.12 10.89 -60.46
CA ARG B 1091 41.12 11.86 -60.04
C ARG B 1091 40.13 11.22 -59.08
N GLU B 1092 39.45 10.17 -59.53
CA GLU B 1092 38.49 9.48 -58.68
C GLU B 1092 38.56 7.97 -58.89
N GLY B 1093 39.74 7.44 -59.19
CA GLY B 1093 39.92 6.02 -59.37
C GLY B 1093 41.13 5.48 -58.65
N VAL B 1094 41.55 4.27 -59.03
CA VAL B 1094 42.72 3.62 -58.44
C VAL B 1094 43.55 3.04 -59.58
N PHE B 1095 44.87 3.12 -59.43
CA PHE B 1095 45.77 2.47 -60.36
C PHE B 1095 45.87 0.99 -60.02
N VAL B 1096 45.63 0.13 -61.02
CA VAL B 1096 45.75 -1.31 -60.85
C VAL B 1096 46.50 -1.87 -62.04
N SER B 1097 46.99 -3.09 -61.90
CA SER B 1097 47.63 -3.79 -63.00
C SER B 1097 47.18 -5.24 -63.01
N ASN B 1098 46.84 -5.74 -64.19
CA ASN B 1098 46.47 -7.13 -64.36
C ASN B 1098 47.70 -8.03 -64.50
N GLY B 1099 48.88 -7.52 -64.16
CA GLY B 1099 50.10 -8.29 -64.23
C GLY B 1099 51.17 -7.61 -65.05
N THR B 1100 50.80 -7.03 -66.17
CA THR B 1100 51.74 -6.34 -67.04
C THR B 1100 51.32 -4.92 -67.40
N HIS B 1101 50.03 -4.68 -67.59
CA HIS B 1101 49.52 -3.39 -68.00
C HIS B 1101 48.92 -2.65 -66.81
N TRP B 1102 48.93 -1.32 -66.88
CA TRP B 1102 48.41 -0.46 -65.82
C TRP B 1102 47.16 0.26 -66.31
N PHE B 1103 46.13 0.28 -65.46
CA PHE B 1103 44.86 0.88 -65.79
C PHE B 1103 44.36 1.67 -64.58
N VAL B 1104 43.42 2.57 -64.84
CA VAL B 1104 42.70 3.29 -63.80
C VAL B 1104 41.29 2.74 -63.75
N THR B 1105 40.90 2.22 -62.59
CA THR B 1105 39.56 1.71 -62.39
C THR B 1105 38.87 2.51 -61.30
N GLN B 1106 37.64 2.10 -60.98
CA GLN B 1106 36.90 2.71 -59.89
C GLN B 1106 36.92 1.78 -58.68
N ARG B 1107 36.74 2.37 -57.50
CA ARG B 1107 37.00 1.64 -56.26
C ARG B 1107 36.07 0.44 -56.12
N ASN B 1108 34.78 0.63 -56.43
CA ASN B 1108 33.76 -0.35 -56.09
C ASN B 1108 33.34 -1.23 -57.26
N PHE B 1109 34.11 -1.22 -58.34
CA PHE B 1109 33.76 -2.03 -59.51
C PHE B 1109 34.96 -2.08 -60.44
N TYR B 1110 35.25 -3.26 -60.97
CA TYR B 1110 36.40 -3.41 -61.85
C TYR B 1110 36.01 -2.96 -63.26
N GLU B 1111 36.56 -1.82 -63.69
CA GLU B 1111 36.33 -1.30 -65.03
C GLU B 1111 37.59 -0.58 -65.48
N PRO B 1112 38.62 -1.33 -65.87
CA PRO B 1112 39.90 -0.71 -66.20
C PRO B 1112 39.81 0.20 -67.41
N GLN B 1113 40.62 1.26 -67.39
CA GLN B 1113 40.69 2.20 -68.49
C GLN B 1113 42.11 2.71 -68.61
N ILE B 1114 42.59 2.86 -69.85
CA ILE B 1114 43.95 3.31 -70.07
C ILE B 1114 44.18 4.63 -69.34
N ILE B 1115 45.38 4.80 -68.81
CA ILE B 1115 45.73 6.00 -68.07
C ILE B 1115 45.96 7.13 -69.06
N THR B 1116 45.23 8.23 -68.90
CA THR B 1116 45.36 9.40 -69.74
C THR B 1116 45.52 10.62 -68.83
N THR B 1117 45.67 11.79 -69.46
CA THR B 1117 45.72 13.03 -68.70
C THR B 1117 44.34 13.53 -68.30
N ASP B 1118 43.28 12.92 -68.82
CA ASP B 1118 41.91 13.31 -68.49
C ASP B 1118 41.38 12.63 -67.23
N ASN B 1119 42.07 11.62 -66.72
CA ASN B 1119 41.66 10.94 -65.50
C ASN B 1119 42.76 10.90 -64.45
N THR B 1120 43.85 11.64 -64.64
CA THR B 1120 44.91 11.75 -63.65
C THR B 1120 45.36 13.19 -63.58
N PHE B 1121 45.90 13.58 -62.42
CA PHE B 1121 46.39 14.93 -62.20
C PHE B 1121 47.78 14.88 -61.60
N VAL B 1122 48.58 15.88 -61.92
CA VAL B 1122 49.99 15.94 -61.56
C VAL B 1122 50.15 16.80 -60.31
N SER B 1123 50.93 16.31 -59.33
CA SER B 1123 51.13 17.03 -58.09
C SER B 1123 52.57 16.96 -57.59
N GLY B 1124 53.54 16.90 -58.50
CA GLY B 1124 54.93 16.95 -58.08
C GLY B 1124 55.88 16.12 -58.92
N ASN B 1125 56.98 15.69 -58.32
CA ASN B 1125 58.01 14.89 -58.99
C ASN B 1125 58.09 13.50 -58.35
N CYS B 1126 59.06 12.72 -58.81
CA CYS B 1126 59.16 11.30 -58.46
C CYS B 1126 60.19 11.04 -57.36
N ASP B 1127 60.33 11.94 -56.40
CA ASP B 1127 61.27 11.77 -55.30
C ASP B 1127 60.62 11.81 -53.93
N VAL B 1128 59.29 11.91 -53.85
CA VAL B 1128 58.58 12.09 -52.59
C VAL B 1128 57.64 10.93 -52.30
N VAL B 1129 56.92 10.45 -53.31
CA VAL B 1129 55.90 9.43 -53.09
C VAL B 1129 56.58 8.10 -52.82
N ILE B 1130 56.12 7.40 -51.79
CA ILE B 1130 56.63 6.08 -51.42
C ILE B 1130 55.80 5.04 -52.17
N GLY B 1131 56.43 4.33 -53.09
CA GLY B 1131 55.75 3.31 -53.86
C GLY B 1131 55.38 3.70 -55.28
N ILE B 1132 55.88 4.84 -55.77
CA ILE B 1132 55.54 5.26 -57.12
C ILE B 1132 56.04 4.23 -58.14
N VAL B 1133 55.35 4.17 -59.27
CA VAL B 1133 55.62 3.17 -60.30
C VAL B 1133 55.80 3.87 -61.64
N ASN B 1134 56.79 3.43 -62.40
CA ASN B 1134 57.01 3.98 -63.74
C ASN B 1134 55.98 3.46 -64.72
N ASN B 1135 55.47 4.34 -65.56
CA ASN B 1135 54.53 3.97 -66.61
C ASN B 1135 54.33 5.17 -67.51
N THR B 1136 53.65 4.94 -68.63
CA THR B 1136 53.37 5.99 -69.60
C THR B 1136 51.92 6.43 -69.46
N VAL B 1137 51.71 7.74 -69.45
CA VAL B 1137 50.38 8.33 -69.34
C VAL B 1137 50.00 8.86 -70.72
N TYR B 1138 49.03 8.23 -71.35
CA TYR B 1138 48.62 8.61 -72.68
C TYR B 1138 48.14 10.06 -72.72
N ASP B 1139 48.56 10.79 -73.75
CA ASP B 1139 48.15 12.18 -73.94
C ASP B 1139 47.27 12.25 -75.18
N PRO B 1140 45.93 12.41 -75.04
CA PRO B 1140 45.02 12.36 -76.19
C PRO B 1140 44.89 13.69 -76.93
N LEU B 1141 46.03 14.33 -77.20
CA LEU B 1141 46.04 15.55 -78.00
C LEU B 1141 47.10 15.48 -79.09
N GLN B 1142 48.21 14.79 -78.82
CA GLN B 1142 49.25 14.66 -79.83
C GLN B 1142 48.76 13.95 -81.09
N PRO B 1143 48.04 12.83 -81.00
CA PRO B 1143 47.47 12.25 -82.23
C PRO B 1143 46.56 13.22 -82.96
N GLU B 1144 45.82 14.05 -82.23
CA GLU B 1144 44.95 15.03 -82.87
C GLU B 1144 45.77 16.07 -83.62
N LEU B 1145 46.92 16.47 -83.07
CA LEU B 1145 47.76 17.44 -83.77
C LEU B 1145 48.13 16.94 -85.16
N ASP B 1146 48.42 15.65 -85.29
CA ASP B 1146 48.79 15.06 -86.58
C ASP B 1146 47.55 14.71 -87.40
N GLN C 14 38.44 8.16 61.38
CA GLN C 14 38.08 9.58 61.48
C GLN C 14 38.88 10.40 60.47
N CYS C 15 38.20 11.35 59.83
CA CYS C 15 38.80 12.22 58.83
C CYS C 15 38.85 13.64 59.36
N VAL C 16 39.99 14.30 59.13
CA VAL C 16 40.24 15.67 59.58
C VAL C 16 40.39 16.54 58.35
N ASN C 17 39.71 17.69 58.34
CA ASN C 17 39.78 18.59 57.20
C ASN C 17 41.22 19.00 56.93
N LEU C 18 41.60 18.99 55.66
CA LEU C 18 42.96 19.29 55.25
C LEU C 18 43.14 20.79 55.07
N THR C 19 44.25 21.30 55.59
CA THR C 19 44.61 22.71 55.49
C THR C 19 45.94 22.83 54.74
N THR C 20 46.48 24.06 54.70
CA THR C 20 47.73 24.33 54.01
C THR C 20 47.58 24.08 52.51
N ARG C 21 46.56 24.70 51.91
CA ARG C 21 46.25 24.53 50.50
C ARG C 21 45.83 25.88 49.95
N THR C 22 46.75 26.53 49.22
CA THR C 22 46.44 27.82 48.61
C THR C 22 45.37 27.66 47.55
N GLN C 23 44.50 28.66 47.45
CA GLN C 23 43.38 28.64 46.51
C GLN C 23 43.75 29.37 45.23
N LEU C 24 43.52 28.72 44.10
CA LEU C 24 43.78 29.27 42.78
C LEU C 24 42.55 29.06 41.91
N PRO C 25 42.39 29.88 40.86
CA PRO C 25 41.22 29.74 40.01
C PRO C 25 41.26 28.42 39.25
N PRO C 26 40.11 27.86 38.89
CA PRO C 26 40.10 26.60 38.15
C PRO C 26 40.72 26.76 36.76
N ALA C 27 41.32 25.67 36.28
CA ALA C 27 41.99 25.64 34.99
C ALA C 27 41.20 24.77 34.01
N TYR C 28 41.37 25.05 32.73
CA TYR C 28 40.68 24.33 31.67
C TYR C 28 41.69 23.90 30.61
N THR C 29 41.40 22.79 29.94
CA THR C 29 42.26 22.28 28.88
C THR C 29 41.37 21.78 27.74
N ASN C 30 41.96 21.66 26.56
CA ASN C 30 41.24 21.19 25.39
C ASN C 30 41.47 19.69 25.22
N SER C 31 40.37 18.95 25.11
CA SER C 31 40.41 17.52 24.85
C SER C 31 40.29 17.31 23.34
N PHE C 32 41.36 16.78 22.74
CA PHE C 32 41.44 16.55 21.30
C PHE C 32 41.14 15.08 21.04
N THR C 33 40.00 14.79 20.41
CA THR C 33 39.65 13.45 19.98
C THR C 33 39.82 12.45 21.13
N ARG C 34 39.02 12.65 22.17
CA ARG C 34 39.08 11.82 23.36
C ARG C 34 37.66 11.53 23.84
N GLY C 35 37.54 10.53 24.71
CA GLY C 35 36.24 10.17 25.25
C GLY C 35 35.42 9.29 24.35
N VAL C 36 36.05 8.39 23.61
CA VAL C 36 35.37 7.48 22.70
C VAL C 36 35.43 6.07 23.27
N TYR C 37 34.30 5.38 23.22
CA TYR C 37 34.20 4.03 23.75
C TYR C 37 33.38 3.17 22.80
N TYR C 38 33.48 1.87 22.98
CA TYR C 38 32.70 0.93 22.18
C TYR C 38 31.24 1.03 22.58
N PRO C 39 30.36 1.59 21.76
CA PRO C 39 28.97 1.78 22.21
C PRO C 39 28.26 0.49 22.56
N ASP C 40 28.57 -0.60 21.86
CA ASP C 40 27.93 -1.89 22.10
C ASP C 40 28.97 -2.98 22.07
N LYS C 41 28.61 -4.13 22.66
CA LYS C 41 29.51 -5.28 22.77
C LYS C 41 29.41 -6.21 21.56
N VAL C 42 28.98 -5.68 20.41
CA VAL C 42 28.86 -6.46 19.18
C VAL C 42 30.14 -6.28 18.38
N PHE C 43 30.72 -7.39 17.93
CA PHE C 43 31.97 -7.34 17.18
C PHE C 43 31.70 -6.87 15.76
N ARG C 44 32.47 -5.87 15.32
CA ARG C 44 32.43 -5.37 13.96
C ARG C 44 33.84 -5.13 13.47
N SER C 45 34.11 -5.46 12.21
CA SER C 45 35.45 -5.32 11.65
C SER C 45 35.37 -4.74 10.25
N SER C 46 36.27 -3.82 9.95
CA SER C 46 36.37 -3.21 8.62
C SER C 46 35.03 -2.63 8.19
N VAL C 47 34.56 -1.64 8.96
CA VAL C 47 33.27 -1.01 8.70
C VAL C 47 33.27 0.37 9.33
N LEU C 48 32.53 1.29 8.71
CA LEU C 48 32.27 2.61 9.27
C LEU C 48 30.84 2.61 9.80
N HIS C 49 30.70 2.68 11.11
CA HIS C 49 29.42 2.54 11.78
C HIS C 49 29.01 3.87 12.41
N SER C 50 27.77 4.29 12.18
CA SER C 50 27.24 5.52 12.74
C SER C 50 26.38 5.19 13.95
N THR C 51 26.71 5.77 15.10
CA THR C 51 26.05 5.47 16.36
C THR C 51 25.71 6.76 17.08
N GLN C 52 24.47 6.87 17.56
CA GLN C 52 24.01 8.02 18.33
C GLN C 52 23.92 7.62 19.79
N ASP C 53 24.74 8.23 20.63
CA ASP C 53 24.83 7.87 22.05
C ASP C 53 25.58 9.00 22.76
N LEU C 54 25.70 8.87 24.08
CA LEU C 54 26.41 9.87 24.87
C LEU C 54 27.90 9.73 24.63
N PHE C 55 28.49 10.74 23.97
CA PHE C 55 29.92 10.80 23.73
C PHE C 55 30.45 12.14 24.19
N LEU C 56 31.76 12.21 24.37
CA LEU C 56 32.42 13.47 24.69
C LEU C 56 32.76 14.19 23.39
N PRO C 57 32.21 15.38 23.14
CA PRO C 57 32.49 16.06 21.87
C PRO C 57 33.98 16.29 21.66
N PHE C 58 34.40 16.19 20.41
CA PHE C 58 35.79 16.39 20.06
C PHE C 58 36.21 17.85 20.30
N PHE C 59 37.48 18.03 20.62
CA PHE C 59 38.04 19.36 20.85
C PHE C 59 37.22 20.11 21.89
N SER C 60 36.87 19.41 22.97
CA SER C 60 36.02 19.99 24.00
C SER C 60 36.87 20.67 25.07
N ASN C 61 36.21 21.24 26.07
CA ASN C 61 36.90 21.86 27.20
C ASN C 61 36.64 21.04 28.45
N VAL C 62 37.72 20.58 29.08
CA VAL C 62 37.66 19.72 30.24
C VAL C 62 38.38 20.41 31.39
N THR C 63 37.78 20.36 32.58
CA THR C 63 38.40 20.97 33.74
C THR C 63 39.64 20.21 34.15
N TRP C 64 40.69 20.95 34.50
CA TRP C 64 42.00 20.41 34.81
C TRP C 64 42.28 20.59 36.29
N PHE C 65 42.62 19.49 36.98
CA PHE C 65 42.92 19.52 38.40
C PHE C 65 44.32 18.97 38.64
N HIS C 66 45.07 19.63 39.52
CA HIS C 66 46.47 19.35 39.77
C HIS C 66 46.67 18.67 41.10
N ALA C 67 47.86 18.08 41.27
CA ALA C 67 48.35 17.65 42.58
C ALA C 67 49.87 17.77 42.52
N ILE C 68 50.38 18.90 42.99
CA ILE C 68 51.79 19.24 42.86
C ILE C 68 52.27 19.85 44.17
N HIS C 69 53.49 19.49 44.58
CA HIS C 69 54.09 20.05 45.78
C HIS C 69 54.74 21.40 45.48
N VAL C 70 55.74 21.41 44.61
CA VAL C 70 56.50 22.62 44.26
C VAL C 70 56.75 23.48 45.49
N THR C 76 51.71 26.23 48.25
CA THR C 76 50.36 25.93 47.77
C THR C 76 50.02 24.46 47.97
N LYS C 77 50.81 23.60 47.32
CA LYS C 77 50.63 22.14 47.38
C LYS C 77 49.44 21.69 46.54
N ARG C 78 48.62 22.64 46.08
CA ARG C 78 47.58 22.42 45.08
C ARG C 78 46.95 21.04 45.19
N PHE C 79 46.38 20.72 46.36
CA PHE C 79 45.69 19.44 46.56
C PHE C 79 44.20 19.65 46.28
N ASP C 80 43.86 19.67 45.00
CA ASP C 80 42.51 19.95 44.54
C ASP C 80 41.73 18.66 44.35
N ASN C 81 40.56 18.58 44.98
CA ASN C 81 39.65 17.46 44.79
C ASN C 81 38.21 17.91 44.99
N PRO C 82 37.74 18.91 44.24
CA PRO C 82 36.38 19.41 44.46
C PRO C 82 35.32 18.41 44.05
N VAL C 83 34.17 18.53 44.70
CA VAL C 83 32.99 17.72 44.35
C VAL C 83 32.33 18.37 43.13
N LEU C 84 32.05 17.55 42.12
CA LEU C 84 31.59 18.02 40.82
C LEU C 84 30.22 17.45 40.47
N PRO C 85 29.45 18.12 39.61
CA PRO C 85 28.16 17.57 39.19
C PRO C 85 28.34 16.38 38.26
N PHE C 86 27.26 15.61 38.13
CA PHE C 86 27.19 14.42 37.27
C PHE C 86 25.90 14.53 36.46
N ASN C 87 25.99 15.09 35.26
CA ASN C 87 24.79 15.35 34.47
C ASN C 87 24.32 14.10 33.72
N ASP C 88 25.14 13.62 32.79
CA ASP C 88 24.75 12.48 31.96
C ASP C 88 25.88 11.48 31.76
N GLY C 89 26.96 11.58 32.53
CA GLY C 89 28.13 10.74 32.32
C GLY C 89 29.38 11.57 32.46
N VAL C 90 30.55 10.93 32.55
CA VAL C 90 31.78 11.68 32.79
C VAL C 90 32.95 10.93 32.16
N TYR C 91 33.82 11.67 31.48
CA TYR C 91 35.12 11.18 31.04
C TYR C 91 36.18 11.70 31.99
N PHE C 92 36.97 10.79 32.55
CA PHE C 92 37.93 11.09 33.60
C PHE C 92 39.30 10.59 33.15
N ALA C 93 40.19 11.51 32.81
CA ALA C 93 41.55 11.16 32.43
C ALA C 93 42.50 11.50 33.55
N SER C 94 43.64 10.82 33.58
CA SER C 94 44.62 11.02 34.64
C SER C 94 46.01 10.73 34.11
N THR C 95 46.88 11.74 34.16
CA THR C 95 48.29 11.59 33.84
C THR C 95 49.08 11.59 35.13
N GLU C 96 49.72 10.46 35.44
CA GLU C 96 50.35 10.28 36.74
C GLU C 96 51.51 9.30 36.64
N LYS C 97 52.34 9.32 37.68
CA LYS C 97 53.49 8.41 37.78
C LYS C 97 53.63 7.83 39.18
N SER C 98 52.71 8.13 40.10
CA SER C 98 52.81 7.63 41.47
C SER C 98 51.48 7.16 42.03
N ASN C 99 50.47 6.92 41.19
CA ASN C 99 49.20 6.35 41.63
C ASN C 99 48.53 7.22 42.69
N ILE C 100 48.51 8.54 42.46
CA ILE C 100 47.93 9.45 43.43
C ILE C 100 46.42 9.22 43.55
N ILE C 101 45.73 9.17 42.41
CA ILE C 101 44.28 8.94 42.44
C ILE C 101 44.04 7.48 42.76
N ARG C 102 42.96 7.21 43.51
CA ARG C 102 42.66 5.86 43.93
C ARG C 102 41.21 5.46 43.75
N GLY C 103 40.27 6.40 43.67
CA GLY C 103 38.89 5.99 43.51
C GLY C 103 37.97 7.17 43.29
N TRP C 104 36.67 6.87 43.38
CA TRP C 104 35.63 7.86 43.15
C TRP C 104 34.46 7.58 44.06
N ILE C 105 33.67 8.63 44.30
CA ILE C 105 32.42 8.55 45.05
C ILE C 105 31.33 9.16 44.20
N PHE C 106 30.16 8.51 44.18
CA PHE C 106 29.01 9.01 43.42
C PHE C 106 27.80 9.01 44.32
N GLY C 107 26.93 10.01 44.15
CA GLY C 107 25.73 10.08 44.94
C GLY C 107 24.99 11.38 44.68
N THR C 108 23.92 11.57 45.45
CA THR C 108 23.09 12.76 45.36
C THR C 108 23.24 13.69 46.54
N THR C 109 23.52 13.17 47.73
CA THR C 109 23.69 13.98 48.93
C THR C 109 24.99 13.69 49.66
N LEU C 110 25.46 12.45 49.65
CA LEU C 110 26.68 12.07 50.36
C LEU C 110 26.58 12.41 51.85
N ASP C 111 25.40 12.18 52.42
CA ASP C 111 25.17 12.51 53.83
C ASP C 111 24.38 11.42 54.54
N SER C 112 24.49 10.18 54.07
CA SER C 112 23.85 9.00 54.64
C SER C 112 22.34 9.02 54.52
N LYS C 113 21.75 10.06 53.92
CA LYS C 113 20.30 10.11 53.79
C LYS C 113 19.80 9.17 52.69
N THR C 114 20.62 8.93 51.67
CA THR C 114 20.25 8.05 50.56
C THR C 114 21.46 7.21 50.18
N GLN C 115 21.25 6.32 49.20
CA GLN C 115 22.30 5.40 48.79
C GLN C 115 23.41 6.14 48.06
N SER C 116 24.66 5.74 48.32
CA SER C 116 25.81 6.32 47.66
C SER C 116 26.80 5.22 47.28
N LEU C 117 27.46 5.39 46.14
CA LEU C 117 28.39 4.40 45.61
C LEU C 117 29.82 4.87 45.82
N LEU C 118 30.70 3.92 46.11
CA LEU C 118 32.12 4.18 46.32
C LEU C 118 32.92 3.12 45.58
N ILE C 119 33.94 3.56 44.84
CA ILE C 119 34.84 2.66 44.12
C ILE C 119 36.25 3.09 44.50
N VAL C 120 36.87 2.38 45.43
CA VAL C 120 38.20 2.71 45.91
C VAL C 120 39.17 1.62 45.46
N ASN C 121 40.43 2.01 45.33
CA ASN C 121 41.52 1.07 45.03
C ASN C 121 42.63 1.32 46.05
N ASN C 122 42.51 0.69 47.21
CA ASN C 122 43.54 0.83 48.23
C ASN C 122 44.72 -0.07 47.87
N ALA C 123 45.81 0.08 48.64
CA ALA C 123 47.06 -0.56 48.27
C ALA C 123 46.95 -2.08 48.19
N THR C 124 45.95 -2.67 48.83
CA THR C 124 45.83 -4.13 48.88
C THR C 124 44.80 -4.70 47.91
N ASN C 125 43.63 -4.07 47.79
CA ASN C 125 42.54 -4.63 46.99
C ASN C 125 41.76 -3.51 46.32
N VAL C 126 40.90 -3.90 45.39
CA VAL C 126 39.97 -3.00 44.72
C VAL C 126 38.61 -3.22 45.35
N VAL C 127 38.07 -2.19 46.01
CA VAL C 127 36.83 -2.29 46.76
C VAL C 127 35.75 -1.51 46.02
N ILE C 128 34.57 -2.10 45.90
CA ILE C 128 33.40 -1.43 45.36
C ILE C 128 32.27 -1.65 46.36
N LYS C 129 31.69 -0.55 46.84
CA LYS C 129 30.64 -0.59 47.84
C LYS C 129 29.49 0.29 47.38
N VAL C 130 28.27 -0.12 47.75
CA VAL C 130 27.07 0.67 47.49
C VAL C 130 26.34 0.72 48.82
N CYS C 131 26.48 1.83 49.55
CA CYS C 131 26.01 1.89 50.92
C CYS C 131 25.76 3.35 51.28
N GLU C 132 25.26 3.58 52.48
CA GLU C 132 24.92 4.92 52.96
C GLU C 132 26.06 5.42 53.84
N PHE C 133 26.87 6.32 53.30
CA PHE C 133 28.00 6.88 54.01
C PHE C 133 27.73 8.33 54.39
N GLN C 134 28.28 8.74 55.53
CA GLN C 134 28.30 10.15 55.93
C GLN C 134 29.66 10.73 55.57
N PHE C 135 29.88 10.85 54.26
CA PHE C 135 31.16 11.34 53.76
C PHE C 135 31.46 12.72 54.32
N CYS C 136 32.69 12.90 54.79
CA CYS C 136 33.14 14.22 55.23
C CYS C 136 33.63 15.02 54.03
N ASN C 137 34.01 16.28 54.29
CA ASN C 137 34.29 17.22 53.21
C ASN C 137 35.65 16.99 52.55
N ASP C 138 36.53 16.20 53.17
CA ASP C 138 37.87 15.95 52.62
C ASP C 138 38.18 14.46 52.69
N PRO C 139 37.54 13.65 51.86
CA PRO C 139 37.95 12.23 51.76
C PRO C 139 39.29 12.10 51.06
N PHE C 140 40.09 11.14 51.53
CA PHE C 140 41.39 10.87 50.93
C PHE C 140 42.09 9.66 51.51
N LEU C 141 43.27 9.38 50.96
CA LEU C 141 44.15 8.31 51.42
C LEU C 141 45.51 8.90 51.72
N GLY C 142 46.32 8.16 52.47
CA GLY C 142 47.62 8.64 52.87
C GLY C 142 48.69 7.58 52.93
N VAL C 143 49.82 7.84 52.27
CA VAL C 143 50.95 6.92 52.22
C VAL C 143 52.09 7.53 53.03
N TYR C 144 52.60 6.77 53.99
CA TYR C 144 53.68 7.21 54.86
C TYR C 144 54.98 6.57 54.40
N TYR C 145 56.00 7.39 54.17
CA TYR C 145 57.31 6.93 53.74
C TYR C 145 58.26 6.96 54.94
N HIS C 146 58.93 5.84 55.17
CA HIS C 146 59.83 5.69 56.32
C HIS C 146 61.25 5.93 55.86
N LYS C 147 61.93 6.88 56.49
CA LYS C 147 63.32 7.16 56.16
C LYS C 147 64.26 6.09 56.71
N ASN C 148 63.89 5.46 57.82
CA ASN C 148 64.72 4.40 58.39
C ASN C 148 64.96 3.29 57.38
N ASN C 149 63.88 2.79 56.77
CA ASN C 149 63.97 1.81 55.70
C ASN C 149 63.07 2.25 54.55
N LYS C 150 63.60 2.15 53.33
CA LYS C 150 62.85 2.59 52.16
C LYS C 150 61.63 1.71 51.99
N SER C 151 60.45 2.26 52.29
CA SER C 151 59.21 1.49 52.22
C SER C 151 58.04 2.46 52.13
N TRP C 152 57.19 2.25 51.13
CA TRP C 152 55.96 3.01 50.97
C TRP C 152 54.78 2.06 51.08
N MET C 153 53.86 2.35 52.00
CA MET C 153 52.67 1.53 52.17
C MET C 153 51.53 2.39 52.67
N GLU C 154 50.33 2.13 52.16
CA GLU C 154 49.17 2.90 52.57
C GLU C 154 48.97 2.80 54.08
N SER C 155 48.72 3.95 54.72
CA SER C 155 48.58 3.98 56.17
C SER C 155 47.28 4.67 56.58
N GLU C 156 46.87 5.70 55.84
CA GLU C 156 45.71 6.51 56.19
C GLU C 156 44.57 6.24 55.22
N PHE C 157 43.39 5.98 55.76
CA PHE C 157 42.17 5.73 54.99
C PHE C 157 41.07 6.62 55.57
N ARG C 158 40.99 7.88 55.15
CA ARG C 158 40.06 8.83 55.78
C ARG C 158 39.04 9.26 54.73
N VAL C 159 37.99 8.46 54.57
CA VAL C 159 37.02 8.66 53.51
C VAL C 159 35.65 8.96 54.09
N TYR C 160 35.10 8.02 54.84
CA TYR C 160 33.74 8.12 55.35
C TYR C 160 33.73 8.03 56.87
N SER C 161 32.54 8.25 57.44
CA SER C 161 32.34 8.19 58.88
C SER C 161 31.41 7.08 59.32
N SER C 162 30.52 6.60 58.45
CA SER C 162 29.56 5.57 58.82
C SER C 162 29.16 4.79 57.58
N ALA C 163 28.61 3.60 57.83
CA ALA C 163 28.07 2.76 56.75
C ALA C 163 26.98 1.90 57.37
N ASN C 164 25.72 2.31 57.18
CA ASN C 164 24.60 1.67 57.86
C ASN C 164 23.96 0.57 57.01
N ASN C 165 23.43 0.94 55.85
CA ASN C 165 22.74 0.00 54.98
C ASN C 165 23.52 -0.12 53.68
N CYS C 166 24.18 -1.27 53.49
CA CYS C 166 25.05 -1.51 52.36
C CYS C 166 24.44 -2.60 51.47
N THR C 167 24.34 -2.30 50.18
CA THR C 167 23.63 -3.16 49.24
C THR C 167 24.54 -4.02 48.37
N PHE C 168 25.49 -3.41 47.67
CA PHE C 168 26.37 -4.12 46.74
C PHE C 168 27.79 -4.08 47.29
N GLU C 169 28.46 -5.22 47.25
CA GLU C 169 29.82 -5.34 47.73
C GLU C 169 30.65 -6.13 46.71
N TYR C 170 31.89 -5.69 46.52
CA TYR C 170 32.82 -6.41 45.65
C TYR C 170 34.24 -6.11 46.09
N VAL C 171 35.07 -7.15 46.14
CA VAL C 171 36.48 -7.00 46.48
C VAL C 171 37.30 -7.93 45.61
N SER C 172 38.26 -7.38 44.88
CA SER C 172 39.12 -8.17 44.01
C SER C 172 40.18 -8.90 44.83
N GLN C 173 40.87 -9.83 44.18
CA GLN C 173 41.89 -10.60 44.86
C GLN C 173 43.04 -9.68 45.28
N PRO C 174 43.72 -9.99 46.39
CA PRO C 174 44.73 -9.07 46.91
C PRO C 174 45.90 -8.88 45.97
N PHE C 175 46.47 -7.67 46.02
CA PHE C 175 47.70 -7.36 45.30
C PHE C 175 48.37 -6.21 46.04
N LEU C 176 49.60 -5.90 45.63
CA LEU C 176 50.39 -4.86 46.30
C LEU C 176 50.98 -3.94 45.25
N MET C 177 50.68 -2.65 45.34
CA MET C 177 51.07 -1.67 44.35
C MET C 177 52.53 -1.25 44.57
N ASP C 178 52.94 -0.17 43.91
CA ASP C 178 54.29 0.37 44.10
C ASP C 178 54.34 1.36 45.27
N LEU C 179 53.38 2.28 45.33
CA LEU C 179 53.30 3.26 46.41
C LEU C 179 54.50 4.20 46.44
N GLU C 180 55.38 4.10 45.45
CA GLU C 180 56.62 4.85 45.45
C GLU C 180 56.50 6.06 44.51
N GLY C 181 56.91 7.23 44.99
CA GLY C 181 56.94 8.41 44.17
C GLY C 181 58.17 8.44 43.29
N LYS C 182 57.97 8.31 41.98
CA LYS C 182 59.08 8.23 41.04
C LYS C 182 59.52 9.63 40.60
N GLN C 183 60.77 9.70 40.15
CA GLN C 183 61.37 10.94 39.68
C GLN C 183 61.30 10.99 38.15
N GLY C 184 60.65 12.02 37.62
CA GLY C 184 60.51 12.18 36.19
C GLY C 184 59.13 12.65 35.79
N ASN C 185 58.89 12.76 34.48
CA ASN C 185 57.60 13.20 33.99
C ASN C 185 56.56 12.08 34.16
N PHE C 186 55.31 12.41 33.87
CA PHE C 186 54.23 11.43 33.97
C PHE C 186 54.51 10.24 33.06
N LYS C 187 54.26 9.03 33.58
CA LYS C 187 54.57 7.81 32.86
C LYS C 187 53.37 6.87 32.76
N ASN C 188 52.15 7.34 33.04
CA ASN C 188 50.97 6.51 32.84
C ASN C 188 49.76 7.40 32.63
N LEU C 189 48.89 7.00 31.70
CA LEU C 189 47.64 7.70 31.41
C LEU C 189 46.49 6.72 31.59
N ARG C 190 45.59 7.04 32.50
CA ARG C 190 44.41 6.23 32.76
C ARG C 190 43.17 7.00 32.33
N GLU C 191 42.36 6.40 31.46
CA GLU C 191 41.14 7.02 30.96
C GLU C 191 39.96 6.16 31.39
N PHE C 192 38.93 6.80 31.92
CA PHE C 192 37.71 6.14 32.35
C PHE C 192 36.51 6.90 31.83
N VAL C 193 35.41 6.18 31.63
CA VAL C 193 34.13 6.77 31.29
C VAL C 193 33.06 6.13 32.15
N PHE C 194 32.29 6.98 32.85
CA PHE C 194 31.26 6.52 33.77
C PHE C 194 29.90 6.96 33.26
N LYS C 195 28.96 6.02 33.17
CA LYS C 195 27.60 6.30 32.72
C LYS C 195 26.60 5.68 33.68
N ASN C 196 25.54 6.43 33.96
CA ASN C 196 24.41 5.93 34.75
C ASN C 196 23.22 5.80 33.81
N ILE C 197 22.98 4.58 33.33
CA ILE C 197 22.00 4.35 32.28
C ILE C 197 21.19 3.09 32.59
N ASP C 198 19.86 3.22 32.56
CA ASP C 198 18.96 2.08 32.69
C ASP C 198 19.16 1.33 34.01
N GLY C 199 19.46 2.08 35.07
CA GLY C 199 19.69 1.45 36.36
C GLY C 199 21.03 0.76 36.49
N TYR C 200 21.89 0.88 35.49
CA TYR C 200 23.21 0.27 35.49
C TYR C 200 24.25 1.38 35.57
N PHE C 201 25.41 1.05 36.15
CA PHE C 201 26.56 1.95 36.21
C PHE C 201 27.66 1.35 35.37
N LYS C 202 27.86 1.89 34.17
CA LYS C 202 28.82 1.36 33.22
C LYS C 202 30.15 2.10 33.36
N ILE C 203 31.23 1.34 33.51
CA ILE C 203 32.58 1.89 33.60
C ILE C 203 33.38 1.32 32.43
N TYR C 204 33.81 2.22 31.55
CA TYR C 204 34.68 1.92 30.43
C TYR C 204 36.07 2.41 30.79
N SER C 205 37.12 1.75 30.28
CA SER C 205 38.47 2.08 30.73
C SER C 205 39.48 1.87 29.62
N LYS C 206 40.65 2.48 29.82
CA LYS C 206 41.83 2.26 29.00
C LYS C 206 43.06 2.75 29.74
N HIS C 207 44.17 2.07 29.54
CA HIS C 207 45.46 2.43 30.10
C HIS C 207 46.47 2.61 28.97
N THR C 208 47.31 3.64 29.07
CA THR C 208 48.25 3.96 28.01
C THR C 208 49.59 4.41 28.59
N PRO C 209 50.70 4.07 27.93
CA PRO C 209 51.99 4.64 28.33
C PRO C 209 52.16 6.05 27.79
N ILE C 210 52.94 6.84 28.51
CA ILE C 210 53.09 8.26 28.21
C ILE C 210 54.48 8.71 28.61
N ASN C 211 55.05 9.63 27.82
CA ASN C 211 56.27 10.36 28.17
C ASN C 211 55.96 11.83 27.92
N LEU C 212 55.38 12.50 28.91
CA LEU C 212 54.80 13.82 28.72
C LEU C 212 54.63 14.51 30.06
N VAL C 213 54.61 15.83 30.02
CA VAL C 213 54.58 16.67 31.22
C VAL C 213 53.15 17.08 31.58
N ARG C 214 52.43 17.72 30.67
CA ARG C 214 51.08 18.21 30.98
C ARG C 214 50.29 18.34 29.68
N ASP C 215 48.99 18.57 29.82
CA ASP C 215 48.08 18.89 28.71
C ASP C 215 47.77 17.67 27.84
N LEU C 216 47.47 16.53 28.46
CA LEU C 216 46.63 15.52 27.82
C LEU C 216 47.10 15.12 26.43
N PRO C 217 48.11 14.26 26.29
CA PRO C 217 48.66 13.97 24.96
C PRO C 217 47.62 13.78 23.87
N GLN C 218 47.94 14.21 22.66
CA GLN C 218 47.08 13.96 21.52
C GLN C 218 47.08 12.47 21.19
N GLY C 219 46.32 12.11 20.16
CA GLY C 219 46.20 10.74 19.74
C GLY C 219 44.77 10.23 19.87
N PHE C 220 44.61 8.95 19.57
CA PHE C 220 43.29 8.33 19.57
C PHE C 220 43.39 6.97 20.23
N SER C 221 42.40 6.63 21.05
CA SER C 221 42.37 5.31 21.69
C SER C 221 40.98 5.07 22.25
N ALA C 222 40.39 3.93 21.89
CA ALA C 222 39.06 3.59 22.33
C ALA C 222 39.08 2.94 23.71
N LEU C 223 38.06 3.23 24.52
CA LEU C 223 37.96 2.73 25.87
C LEU C 223 37.15 1.44 25.85
N GLU C 224 37.79 0.32 26.20
CA GLU C 224 37.06 -0.94 26.21
C GLU C 224 36.20 -1.03 27.47
N PRO C 225 35.06 -1.71 27.41
CA PRO C 225 34.26 -1.90 28.62
C PRO C 225 35.09 -2.57 29.71
N LEU C 226 34.95 -2.06 30.94
CA LEU C 226 35.66 -2.60 32.09
C LEU C 226 34.72 -3.33 33.04
N VAL C 227 33.62 -2.70 33.43
CA VAL C 227 32.65 -3.34 34.31
C VAL C 227 31.31 -2.66 34.13
N ASP C 228 30.24 -3.34 34.53
CA ASP C 228 28.89 -2.79 34.46
C ASP C 228 28.22 -3.17 35.79
N LEU C 229 28.34 -2.28 36.78
CA LEU C 229 27.81 -2.54 38.11
C LEU C 229 26.29 -2.38 38.12
N PRO C 230 25.53 -3.42 38.44
CA PRO C 230 24.06 -3.27 38.55
C PRO C 230 23.61 -2.71 39.90
N ILE C 231 23.64 -1.40 40.03
CA ILE C 231 23.34 -0.73 41.29
C ILE C 231 21.95 -0.12 41.29
N GLY C 232 21.53 0.51 40.18
CA GLY C 232 20.22 1.11 40.10
C GLY C 232 19.96 2.16 41.17
N ILE C 233 20.72 3.25 41.14
CA ILE C 233 20.57 4.36 42.07
C ILE C 233 20.49 5.66 41.27
N ASN C 234 20.25 6.76 41.99
CA ASN C 234 20.10 8.09 41.40
C ASN C 234 21.36 8.90 41.71
N ILE C 235 22.23 9.01 40.72
CA ILE C 235 23.49 9.75 40.85
C ILE C 235 23.34 11.10 40.18
N THR C 236 23.76 12.15 40.88
CA THR C 236 23.78 13.50 40.32
C THR C 236 25.10 14.23 40.58
N ARG C 237 25.97 13.72 41.43
CA ARG C 237 27.20 14.40 41.79
C ARG C 237 28.24 13.34 42.15
N PHE C 238 29.52 13.72 42.05
CA PHE C 238 30.59 12.78 42.37
C PHE C 238 31.80 13.54 42.86
N GLN C 239 32.81 12.79 43.29
CA GLN C 239 34.07 13.35 43.75
C GLN C 239 35.17 12.30 43.56
N THR C 240 36.41 12.77 43.45
CA THR C 240 37.55 11.88 43.32
C THR C 240 38.24 11.70 44.66
N LEU C 241 38.80 10.50 44.86
CA LEU C 241 39.54 10.16 46.07
C LEU C 241 40.98 9.82 45.67
N LEU C 242 41.93 10.52 46.27
CA LEU C 242 43.32 10.42 45.91
C LEU C 242 44.18 10.32 47.17
N ALA C 243 45.46 10.04 46.99
CA ALA C 243 46.37 9.78 48.08
C ALA C 243 47.40 10.90 48.21
N LEU C 244 47.69 11.24 49.47
CA LEU C 244 48.73 12.19 49.81
C LEU C 244 49.94 11.44 50.36
N HIS C 245 51.05 12.15 50.48
CA HIS C 245 52.30 11.58 50.96
C HIS C 245 52.72 12.25 52.26
N ARG C 246 53.24 11.45 53.19
CA ARG C 246 53.70 11.96 54.48
C ARG C 246 55.03 11.29 54.82
N SER C 247 55.81 11.98 55.66
CA SER C 247 57.11 11.48 56.07
C SER C 247 57.52 12.07 57.42
N GLY C 252 54.79 18.02 60.71
CA GLY C 252 53.84 18.96 61.30
C GLY C 252 52.53 18.29 61.69
N ASP C 253 51.48 19.10 61.86
CA ASP C 253 50.19 18.57 62.23
C ASP C 253 49.62 17.71 61.10
N SER C 254 48.65 16.86 61.46
CA SER C 254 48.02 16.01 60.45
C SER C 254 47.42 16.83 59.32
N SER C 255 46.96 18.05 59.62
CA SER C 255 46.37 18.93 58.63
C SER C 255 47.37 19.84 57.94
N SER C 256 48.65 19.76 58.30
CA SER C 256 49.67 20.60 57.69
C SER C 256 50.88 19.79 57.24
N GLY C 257 51.14 18.66 57.90
CA GLY C 257 52.29 17.84 57.58
C GLY C 257 51.99 16.77 56.54
N TRP C 258 51.80 17.19 55.29
CA TRP C 258 51.48 16.26 54.21
C TRP C 258 51.98 16.83 52.90
N THR C 259 52.33 15.94 51.97
CA THR C 259 52.79 16.29 50.65
C THR C 259 51.81 15.77 49.61
N ALA C 260 51.76 16.46 48.47
CA ALA C 260 50.79 16.14 47.42
C ALA C 260 51.29 15.04 46.49
N GLY C 261 52.42 15.27 45.83
CA GLY C 261 52.93 14.33 44.85
C GLY C 261 52.41 14.62 43.46
N ALA C 262 53.32 14.70 42.48
CA ALA C 262 52.95 15.11 41.14
C ALA C 262 51.88 14.19 40.56
N ALA C 263 50.84 14.80 39.99
CA ALA C 263 49.76 14.08 39.32
C ALA C 263 48.81 15.11 38.74
N ALA C 264 48.08 14.70 37.70
CA ALA C 264 47.07 15.58 37.11
C ALA C 264 45.90 14.74 36.64
N TYR C 265 44.70 15.32 36.71
CA TYR C 265 43.53 14.65 36.15
C TYR C 265 42.61 15.67 35.49
N TYR C 266 41.77 15.17 34.61
CA TYR C 266 40.95 16.00 33.73
C TYR C 266 39.54 15.43 33.71
N VAL C 267 38.54 16.30 33.83
CA VAL C 267 37.15 15.90 33.91
C VAL C 267 36.39 16.56 32.77
N GLY C 268 35.74 15.75 31.94
CA GLY C 268 34.88 16.25 30.90
C GLY C 268 33.52 15.58 30.97
N TYR C 269 32.52 16.27 30.42
CA TYR C 269 31.13 15.84 30.52
C TYR C 269 30.62 15.36 29.16
N LEU C 270 29.90 14.25 29.18
CA LEU C 270 29.37 13.67 27.95
C LEU C 270 28.08 14.37 27.52
N GLN C 271 27.80 14.30 26.23
CA GLN C 271 26.58 14.85 25.65
C GLN C 271 26.08 13.90 24.58
N PRO C 272 24.79 13.91 24.28
CA PRO C 272 24.27 13.01 23.24
C PRO C 272 24.70 13.44 21.84
N ARG C 273 25.56 12.66 21.20
CA ARG C 273 26.10 12.99 19.90
C ARG C 273 26.06 11.76 19.01
N THR C 274 26.11 12.01 17.70
CA THR C 274 26.20 10.97 16.69
C THR C 274 27.64 10.92 16.18
N PHE C 275 28.26 9.76 16.26
CA PHE C 275 29.65 9.58 15.88
C PHE C 275 29.75 8.54 14.76
N LEU C 276 30.76 8.72 13.91
CA LEU C 276 31.07 7.75 12.86
C LEU C 276 32.39 7.10 13.22
N LEU C 277 32.35 5.80 13.52
CA LEU C 277 33.49 5.06 14.04
C LEU C 277 34.03 4.13 12.97
N LYS C 278 35.35 4.10 12.81
CA LYS C 278 36.01 3.23 11.85
C LYS C 278 36.57 2.02 12.60
N TYR C 279 36.20 0.83 12.17
CA TYR C 279 36.67 -0.41 12.77
C TYR C 279 37.76 -1.01 11.91
N ASN C 280 38.89 -1.35 12.52
CA ASN C 280 39.98 -1.99 11.80
C ASN C 280 39.61 -3.45 11.51
N GLU C 281 40.43 -4.10 10.68
CA GLU C 281 40.23 -5.51 10.39
C GLU C 281 40.47 -6.39 11.61
N ASN C 282 41.07 -5.85 12.68
CA ASN C 282 41.14 -6.57 13.94
C ASN C 282 39.87 -6.40 14.77
N GLY C 283 38.93 -5.58 14.33
CA GLY C 283 37.72 -5.34 15.09
C GLY C 283 37.83 -4.26 16.15
N THR C 284 38.81 -3.37 16.02
CA THR C 284 39.04 -2.32 17.00
C THR C 284 38.82 -0.95 16.37
N ILE C 285 38.38 0.00 17.19
CA ILE C 285 38.14 1.36 16.73
C ILE C 285 39.46 2.09 16.64
N THR C 286 39.74 2.68 15.47
CA THR C 286 41.00 3.37 15.24
C THR C 286 40.85 4.83 14.85
N ASP C 287 39.65 5.27 14.45
CA ASP C 287 39.45 6.69 14.20
C ASP C 287 37.96 6.97 14.21
N ALA C 288 37.60 8.25 14.36
CA ALA C 288 36.21 8.64 14.51
C ALA C 288 35.97 10.03 13.95
N VAL C 289 34.72 10.30 13.62
CA VAL C 289 34.25 11.60 13.16
C VAL C 289 33.10 12.03 14.06
N ASP C 290 33.13 13.29 14.49
CA ASP C 290 32.16 13.78 15.48
C ASP C 290 30.78 13.94 14.88
N CYS C 291 30.67 14.22 13.59
CA CYS C 291 29.43 14.41 12.83
C CYS C 291 28.79 15.76 13.12
N ALA C 292 29.30 16.54 14.09
CA ALA C 292 28.77 17.88 14.33
C ALA C 292 29.84 18.89 14.70
N LEU C 293 31.12 18.51 14.70
CA LEU C 293 32.17 19.44 15.10
C LEU C 293 32.35 20.55 14.06
N ASP C 294 32.46 20.17 12.79
CA ASP C 294 32.70 21.11 11.70
C ASP C 294 31.81 20.72 10.53
N PRO C 295 31.61 21.63 9.57
CA PRO C 295 30.93 21.24 8.33
C PRO C 295 31.65 20.11 7.60
N LEU C 296 32.97 20.09 7.64
CA LEU C 296 33.72 18.99 7.03
C LEU C 296 33.40 17.67 7.73
N SER C 297 33.35 17.69 9.06
CA SER C 297 32.98 16.48 9.79
C SER C 297 31.56 16.05 9.45
N GLU C 298 30.65 17.02 9.32
CA GLU C 298 29.27 16.69 8.98
C GLU C 298 29.16 16.07 7.59
N THR C 299 29.91 16.59 6.62
CA THR C 299 29.85 16.02 5.28
C THR C 299 30.51 14.65 5.23
N LYS C 300 31.60 14.45 5.98
CA LYS C 300 32.15 13.11 6.11
C LYS C 300 31.11 12.16 6.69
N CYS C 301 30.39 12.62 7.72
CA CYS C 301 29.39 11.80 8.38
C CYS C 301 28.25 11.43 7.44
N THR C 302 27.80 12.39 6.61
CA THR C 302 26.69 12.10 5.72
C THR C 302 27.12 11.25 4.53
N LEU C 303 28.37 11.38 4.09
CA LEU C 303 28.89 10.54 3.02
C LEU C 303 29.39 9.18 3.51
N LYS C 304 29.43 8.96 4.83
CA LYS C 304 29.83 7.68 5.39
C LYS C 304 31.26 7.31 4.95
N SER C 305 32.13 8.32 4.90
CA SER C 305 33.52 8.12 4.54
C SER C 305 34.37 9.08 5.33
N PHE C 306 35.62 8.68 5.59
CA PHE C 306 36.55 9.52 6.32
C PHE C 306 37.32 10.48 5.41
N THR C 307 37.19 10.31 4.09
CA THR C 307 37.78 11.22 3.11
C THR C 307 36.73 11.56 2.08
N VAL C 308 36.65 12.84 1.72
CA VAL C 308 35.66 13.32 0.76
C VAL C 308 36.39 14.03 -0.36
N GLU C 309 36.03 13.72 -1.60
CA GLU C 309 36.66 14.35 -2.75
C GLU C 309 36.11 15.75 -2.96
N LYS C 310 36.78 16.52 -3.81
CA LYS C 310 36.36 17.89 -4.10
C LYS C 310 34.93 17.91 -4.61
N GLY C 311 34.17 18.90 -4.15
CA GLY C 311 32.82 19.10 -4.65
C GLY C 311 31.95 19.81 -3.63
N ILE C 312 30.69 19.95 -4.01
CA ILE C 312 29.66 20.56 -3.17
C ILE C 312 28.66 19.46 -2.80
N TYR C 313 28.47 19.26 -1.50
CA TYR C 313 27.56 18.24 -0.99
C TYR C 313 26.50 18.90 -0.13
N GLN C 314 25.23 18.64 -0.45
CA GLN C 314 24.12 19.16 0.33
C GLN C 314 24.05 18.37 1.63
N THR C 315 24.52 18.98 2.72
CA THR C 315 24.67 18.27 3.99
C THR C 315 23.42 18.31 4.84
N SER C 316 22.96 19.51 5.21
CA SER C 316 21.96 19.62 6.26
C SER C 316 20.89 20.63 5.85
N ASN C 317 20.04 20.98 6.80
CA ASN C 317 18.98 21.97 6.59
C ASN C 317 19.08 23.03 7.67
N PHE C 318 19.22 24.28 7.26
CA PHE C 318 19.18 25.40 8.18
C PHE C 318 17.74 25.66 8.61
N ARG C 319 17.52 25.74 9.92
CA ARG C 319 16.21 26.00 10.49
C ARG C 319 16.37 26.96 11.66
N VAL C 320 15.31 27.73 11.92
CA VAL C 320 15.28 28.68 13.04
C VAL C 320 14.31 28.13 14.07
N GLN C 321 14.81 27.87 15.26
CA GLN C 321 13.98 27.34 16.32
C GLN C 321 13.11 28.43 16.93
N PRO C 322 11.94 28.07 17.46
CA PRO C 322 11.09 29.08 18.11
C PRO C 322 11.72 29.61 19.39
N THR C 323 11.40 30.85 19.70
CA THR C 323 11.95 31.53 20.88
C THR C 323 10.99 31.45 22.07
N GLU C 324 9.76 31.91 21.88
CA GLU C 324 8.78 32.01 22.95
C GLU C 324 7.61 31.07 22.68
N SER C 325 6.63 31.10 23.59
CA SER C 325 5.39 30.36 23.44
C SER C 325 4.24 31.27 23.86
N ILE C 326 3.20 31.34 23.04
CA ILE C 326 2.09 32.25 23.26
C ILE C 326 0.77 31.49 23.14
N VAL C 327 -0.19 31.87 23.97
CA VAL C 327 -1.54 31.29 23.96
C VAL C 327 -2.54 32.43 23.84
N ARG C 328 -3.55 32.24 23.00
CA ARG C 328 -4.57 33.25 22.72
C ARG C 328 -5.96 32.62 22.84
N PHE C 329 -6.23 32.03 24.00
CA PHE C 329 -7.55 31.47 24.23
C PHE C 329 -8.55 32.59 24.53
N PRO C 330 -9.85 32.31 24.38
CA PRO C 330 -10.85 33.38 24.48
C PRO C 330 -10.85 34.07 25.84
N ASN C 331 -11.54 35.22 25.88
CA ASN C 331 -11.63 36.00 27.11
C ASN C 331 -12.57 35.37 28.13
N ILE C 332 -13.55 34.59 27.67
CA ILE C 332 -14.62 34.14 28.54
C ILE C 332 -14.04 33.49 29.79
N THR C 333 -14.66 33.79 30.93
CA THR C 333 -14.27 33.22 32.21
C THR C 333 -15.40 32.45 32.89
N ASN C 334 -16.59 32.40 32.27
CA ASN C 334 -17.72 31.69 32.85
C ASN C 334 -17.44 30.20 32.84
N LEU C 335 -17.23 29.62 34.02
CA LEU C 335 -16.96 28.19 34.11
C LEU C 335 -18.13 27.39 33.52
N CYS C 336 -17.81 26.38 32.73
CA CYS C 336 -18.85 25.59 32.09
C CYS C 336 -19.68 24.89 33.16
N PRO C 337 -21.01 24.88 33.05
CA PRO C 337 -21.84 24.30 34.13
C PRO C 337 -22.02 22.80 34.01
N PHE C 338 -20.98 22.06 34.41
CA PHE C 338 -21.04 20.61 34.46
C PHE C 338 -21.70 20.09 35.73
N GLY C 339 -22.01 20.97 36.68
CA GLY C 339 -22.61 20.52 37.92
C GLY C 339 -23.95 19.84 37.69
N GLU C 340 -24.81 20.47 36.89
CA GLU C 340 -26.11 19.87 36.59
C GLU C 340 -26.00 18.72 35.58
N VAL C 341 -24.83 18.51 35.00
CA VAL C 341 -24.64 17.41 34.07
C VAL C 341 -24.11 16.17 34.78
N PHE C 342 -23.37 16.33 35.88
CA PHE C 342 -22.81 15.22 36.62
C PHE C 342 -23.53 14.96 37.94
N ASN C 343 -23.67 15.99 38.78
CA ASN C 343 -24.25 15.83 40.12
C ASN C 343 -25.76 15.98 40.15
N ALA C 344 -26.41 16.13 38.99
CA ALA C 344 -27.86 16.27 38.98
C ALA C 344 -28.51 15.03 39.57
N THR C 345 -29.61 15.25 40.29
CA THR C 345 -30.24 14.17 41.03
C THR C 345 -30.78 13.09 40.10
N ARG C 346 -31.52 13.48 39.07
CA ARG C 346 -32.24 12.55 38.22
C ARG C 346 -31.73 12.61 36.78
N PHE C 347 -31.57 11.44 36.18
CA PHE C 347 -31.26 11.30 34.77
C PHE C 347 -32.34 10.47 34.09
N ALA C 348 -32.52 10.71 32.79
CA ALA C 348 -33.54 10.01 32.03
C ALA C 348 -33.10 8.59 31.73
N SER C 349 -34.03 7.81 31.17
CA SER C 349 -33.75 6.43 30.81
C SER C 349 -32.81 6.39 29.61
N VAL C 350 -32.25 5.20 29.37
CA VAL C 350 -31.29 5.05 28.28
C VAL C 350 -31.96 5.32 26.93
N TYR C 351 -33.18 4.81 26.74
CA TYR C 351 -33.87 5.05 25.48
C TYR C 351 -34.28 6.50 25.32
N ALA C 352 -34.30 7.27 26.41
CA ALA C 352 -34.58 8.70 26.38
C ALA C 352 -33.43 9.48 27.02
N TRP C 353 -32.20 9.12 26.64
CA TRP C 353 -31.01 9.73 27.24
C TRP C 353 -31.09 11.24 27.20
N ASN C 354 -30.81 11.87 28.33
CA ASN C 354 -30.91 13.33 28.42
C ASN C 354 -29.71 13.98 27.75
N ARG C 355 -29.96 15.03 26.98
CA ARG C 355 -28.93 15.74 26.23
C ARG C 355 -28.84 17.18 26.69
N LYS C 356 -27.61 17.66 26.86
CA LYS C 356 -27.35 19.03 27.28
C LYS C 356 -26.28 19.67 26.41
N ARG C 357 -26.38 20.99 26.27
CA ARG C 357 -25.60 21.81 25.37
C ARG C 357 -24.60 22.61 26.19
N ILE C 358 -23.31 22.57 25.83
CA ILE C 358 -22.29 23.34 26.52
C ILE C 358 -21.50 24.15 25.50
N SER C 359 -21.45 25.47 25.72
CA SER C 359 -20.76 26.42 24.87
C SER C 359 -20.46 27.67 25.69
N ASN C 360 -19.70 28.57 25.07
CA ASN C 360 -19.54 29.94 25.58
C ASN C 360 -19.23 29.93 27.07
N CYS C 361 -18.30 29.06 27.44
CA CYS C 361 -17.91 28.91 28.84
C CYS C 361 -16.51 28.31 28.86
N VAL C 362 -15.95 28.21 30.07
CA VAL C 362 -14.62 27.66 30.27
C VAL C 362 -14.76 26.34 31.02
N ALA C 363 -14.30 25.27 30.38
CA ALA C 363 -14.45 23.93 30.93
C ALA C 363 -13.14 23.49 31.57
N ASP C 364 -13.19 23.20 32.87
CA ASP C 364 -12.04 22.71 33.61
C ASP C 364 -12.17 21.19 33.71
N TYR C 365 -11.47 20.48 32.82
CA TYR C 365 -11.54 19.02 32.81
C TYR C 365 -10.59 18.37 33.80
N SER C 366 -9.65 19.13 34.37
CA SER C 366 -8.73 18.55 35.34
C SER C 366 -9.48 18.07 36.58
N VAL C 367 -10.43 18.86 37.06
CA VAL C 367 -11.20 18.47 38.25
C VAL C 367 -12.01 17.22 37.95
N LEU C 368 -12.64 17.17 36.77
CA LEU C 368 -13.41 15.98 36.40
C LEU C 368 -12.52 14.75 36.34
N TYR C 369 -11.34 14.88 35.73
CA TYR C 369 -10.44 13.74 35.62
C TYR C 369 -9.91 13.30 36.97
N ASN C 370 -9.72 14.24 37.90
CA ASN C 370 -9.17 13.95 39.21
C ASN C 370 -10.24 13.66 40.25
N SER C 371 -11.52 13.60 39.86
CA SER C 371 -12.58 13.30 40.82
C SER C 371 -12.36 11.95 41.48
N ALA C 372 -11.78 10.99 40.75
CA ALA C 372 -11.43 9.66 41.22
C ALA C 372 -12.64 8.78 41.49
N SER C 373 -13.86 9.29 41.31
CA SER C 373 -15.07 8.52 41.55
C SER C 373 -15.62 7.87 40.28
N PHE C 374 -14.92 8.00 39.15
CA PHE C 374 -15.41 7.50 37.87
C PHE C 374 -14.78 6.13 37.60
N SER C 375 -15.63 5.12 37.45
CA SER C 375 -15.15 3.77 37.19
C SER C 375 -14.40 3.70 35.87
N THR C 376 -14.96 4.30 34.82
CA THR C 376 -14.33 4.33 33.50
C THR C 376 -14.37 5.74 32.96
N PHE C 377 -13.27 6.17 32.36
CA PHE C 377 -13.11 7.50 31.77
C PHE C 377 -12.57 7.37 30.35
N LYS C 378 -13.21 6.50 29.56
CA LYS C 378 -12.64 6.09 28.28
C LYS C 378 -12.77 7.22 27.26
N CYS C 379 -11.65 7.82 26.87
CA CYS C 379 -11.66 8.91 25.90
C CYS C 379 -11.22 8.38 24.55
N TYR C 380 -12.04 8.64 23.53
CA TYR C 380 -11.83 8.15 22.17
C TYR C 380 -11.62 9.33 21.24
N GLY C 381 -10.57 9.25 20.43
CA GLY C 381 -10.22 10.33 19.52
C GLY C 381 -9.38 11.41 20.15
N VAL C 382 -9.53 11.64 21.45
CA VAL C 382 -8.71 12.59 22.19
C VAL C 382 -8.21 11.89 23.45
N SER C 383 -7.06 12.33 23.94
CA SER C 383 -6.49 11.72 25.13
C SER C 383 -7.23 12.20 26.38
N PRO C 384 -7.31 11.35 27.41
CA PRO C 384 -7.89 11.83 28.68
C PRO C 384 -7.16 13.05 29.21
N THR C 385 -5.83 12.98 29.30
CA THR C 385 -5.03 14.16 29.52
C THR C 385 -4.86 14.92 28.22
N LYS C 386 -4.27 16.11 28.31
CA LYS C 386 -4.09 17.03 27.18
C LYS C 386 -5.42 17.57 26.67
N LEU C 387 -6.52 17.31 27.39
CA LEU C 387 -7.82 17.83 27.04
C LEU C 387 -8.09 19.20 27.67
N ASN C 388 -7.20 19.65 28.55
CA ASN C 388 -7.37 20.92 29.25
C ASN C 388 -6.84 22.11 28.46
N ASP C 389 -6.22 21.87 27.30
CA ASP C 389 -5.68 22.94 26.47
C ASP C 389 -6.28 22.96 25.07
N LEU C 390 -7.37 22.24 24.84
CA LEU C 390 -8.01 22.19 23.55
C LEU C 390 -9.25 23.07 23.54
N CYS C 391 -9.66 23.47 22.34
CA CYS C 391 -10.82 24.34 22.14
C CYS C 391 -11.82 23.65 21.22
N PHE C 392 -13.10 23.79 21.57
CA PHE C 392 -14.18 23.17 20.82
C PHE C 392 -15.27 24.21 20.54
N THR C 393 -15.97 24.01 19.44
CA THR C 393 -17.17 24.80 19.16
C THR C 393 -18.34 24.35 20.01
N ASN C 394 -18.39 23.07 20.36
CA ASN C 394 -19.53 22.51 21.06
C ASN C 394 -19.08 21.44 22.05
N VAL C 395 -19.92 21.20 23.06
CA VAL C 395 -19.88 19.97 23.83
C VAL C 395 -21.31 19.50 24.04
N TYR C 396 -21.59 18.26 23.64
CA TYR C 396 -22.87 17.62 23.92
C TYR C 396 -22.66 16.65 25.07
N ALA C 397 -23.49 16.74 26.09
CA ALA C 397 -23.45 15.84 27.24
C ALA C 397 -24.69 14.96 27.21
N ASP C 398 -24.50 13.67 27.01
CA ASP C 398 -25.60 12.70 26.95
C ASP C 398 -25.52 11.81 28.19
N SER C 399 -26.50 11.94 29.07
CA SER C 399 -26.51 11.25 30.35
C SER C 399 -27.64 10.24 30.40
N PHE C 400 -27.37 9.10 31.05
CA PHE C 400 -28.36 8.05 31.24
C PHE C 400 -27.80 7.07 32.25
N VAL C 401 -28.52 5.96 32.47
CA VAL C 401 -28.10 4.91 33.41
C VAL C 401 -28.29 3.57 32.72
N ILE C 402 -27.32 2.67 32.89
CA ILE C 402 -27.33 1.36 32.25
C ILE C 402 -26.83 0.32 33.24
N ARG C 403 -26.77 -0.93 32.79
CA ARG C 403 -26.27 -2.03 33.60
C ARG C 403 -24.77 -2.21 33.40
N GLY C 404 -24.14 -2.94 34.32
CA GLY C 404 -22.71 -3.09 34.33
C GLY C 404 -22.12 -3.79 33.13
N ASP C 405 -22.71 -4.93 32.75
CA ASP C 405 -22.18 -5.69 31.62
C ASP C 405 -22.39 -4.98 30.29
N GLU C 406 -23.21 -3.94 30.24
CA GLU C 406 -23.51 -3.22 29.01
C GLU C 406 -22.67 -1.96 28.84
N VAL C 407 -21.86 -1.59 29.84
CA VAL C 407 -21.01 -0.41 29.70
C VAL C 407 -20.08 -0.56 28.50
N ARG C 408 -19.56 -1.77 28.30
CA ARG C 408 -18.68 -2.02 27.16
C ARG C 408 -19.39 -1.69 25.84
N GLN C 409 -20.71 -1.82 25.79
CA GLN C 409 -21.44 -1.52 24.56
C GLN C 409 -21.47 -0.04 24.24
N ILE C 410 -21.05 0.83 25.15
CA ILE C 410 -21.00 2.28 24.88
C ILE C 410 -19.62 2.54 24.28
N ALA C 411 -19.52 2.31 22.98
CA ALA C 411 -18.27 2.52 22.25
C ALA C 411 -18.55 2.49 20.76
N PRO C 412 -17.81 3.25 19.95
CA PRO C 412 -18.09 3.28 18.51
C PRO C 412 -17.91 1.91 17.88
N GLY C 413 -18.79 1.59 16.94
CA GLY C 413 -18.71 0.35 16.21
C GLY C 413 -19.03 -0.89 17.01
N GLN C 414 -19.62 -0.75 18.19
CA GLN C 414 -19.94 -1.88 19.05
C GLN C 414 -21.42 -2.20 18.94
N THR C 415 -21.76 -3.49 18.95
CA THR C 415 -23.13 -3.95 18.81
C THR C 415 -23.67 -4.45 20.15
N GLY C 416 -24.95 -4.78 20.15
CA GLY C 416 -25.66 -5.17 21.34
C GLY C 416 -27.06 -4.58 21.32
N LYS C 417 -27.89 -5.05 22.25
CA LYS C 417 -29.27 -4.57 22.28
C LYS C 417 -29.33 -3.08 22.57
N ILE C 418 -28.61 -2.63 23.59
CA ILE C 418 -28.64 -1.21 23.95
C ILE C 418 -28.04 -0.36 22.84
N ALA C 419 -26.88 -0.77 22.32
CA ALA C 419 -26.26 0.00 21.25
C ALA C 419 -27.16 0.07 20.03
N ASP C 420 -27.82 -1.03 19.68
CA ASP C 420 -28.61 -1.08 18.46
C ASP C 420 -29.91 -0.29 18.58
N TYR C 421 -30.59 -0.36 19.73
CA TYR C 421 -31.94 0.17 19.83
C TYR C 421 -32.08 1.40 20.71
N ASN C 422 -31.05 1.81 21.45
CA ASN C 422 -31.16 2.91 22.38
C ASN C 422 -30.20 4.04 22.08
N TYR C 423 -28.92 3.75 21.86
CA TYR C 423 -27.91 4.80 21.72
C TYR C 423 -26.76 4.29 20.87
N LYS C 424 -26.59 4.86 19.67
CA LYS C 424 -25.45 4.57 18.82
C LYS C 424 -24.42 5.69 18.90
N LEU C 425 -23.15 5.32 18.81
CA LEU C 425 -22.06 6.26 18.70
C LEU C 425 -21.46 6.21 17.31
N PRO C 426 -21.12 7.35 16.70
CA PRO C 426 -20.55 7.32 15.36
C PRO C 426 -19.28 6.48 15.31
N ASP C 427 -19.10 5.80 14.18
CA ASP C 427 -17.90 4.96 14.01
C ASP C 427 -16.64 5.80 14.21
N ASP C 428 -16.67 7.06 13.79
CA ASP C 428 -15.57 7.99 14.02
C ASP C 428 -15.84 8.89 15.23
N PHE C 429 -16.52 8.36 16.24
CA PHE C 429 -16.89 9.16 17.40
C PHE C 429 -15.65 9.76 18.06
N THR C 430 -15.73 11.04 18.39
CA THR C 430 -14.70 11.73 19.15
C THR C 430 -15.34 12.29 20.42
N GLY C 431 -14.71 12.01 21.56
CA GLY C 431 -15.27 12.44 22.82
C GLY C 431 -14.74 11.58 23.95
N CYS C 432 -15.54 11.48 25.01
CA CYS C 432 -15.20 10.66 26.16
C CYS C 432 -16.48 10.08 26.75
N VAL C 433 -16.33 8.92 27.39
CA VAL C 433 -17.43 8.23 28.06
C VAL C 433 -17.02 8.04 29.51
N ILE C 434 -17.81 8.60 30.42
CA ILE C 434 -17.53 8.57 31.86
C ILE C 434 -18.64 7.77 32.50
N ALA C 435 -18.31 6.61 33.06
CA ALA C 435 -19.27 5.74 33.71
C ALA C 435 -18.84 5.51 35.15
N TRP C 436 -19.76 5.74 36.08
CA TRP C 436 -19.47 5.56 37.50
C TRP C 436 -20.64 4.87 38.18
N ASN C 437 -20.33 4.07 39.20
CA ASN C 437 -21.36 3.37 39.94
C ASN C 437 -22.27 4.36 40.66
N SER C 438 -23.58 4.13 40.58
CA SER C 438 -24.58 4.96 41.25
C SER C 438 -25.57 4.09 42.00
N ASN C 439 -25.13 2.90 42.42
CA ASN C 439 -26.03 1.96 43.09
C ASN C 439 -26.66 2.58 44.33
N ASN C 440 -25.83 3.14 45.22
CA ASN C 440 -26.33 3.65 46.49
C ASN C 440 -27.39 4.73 46.31
N LEU C 441 -27.42 5.40 45.16
CA LEU C 441 -28.38 6.46 44.89
C LEU C 441 -29.59 6.01 44.09
N ASP C 442 -29.42 5.15 43.10
CA ASP C 442 -30.50 4.78 42.20
C ASP C 442 -31.10 3.40 42.50
N SER C 443 -30.66 2.74 43.56
CA SER C 443 -31.18 1.42 43.93
C SER C 443 -31.97 1.54 45.23
N LYS C 444 -33.18 0.99 45.22
CA LYS C 444 -34.05 0.97 46.38
C LYS C 444 -34.42 -0.46 46.72
N VAL C 445 -34.58 -0.73 48.02
CA VAL C 445 -34.94 -2.07 48.45
C VAL C 445 -36.27 -2.47 47.82
N GLY C 446 -36.33 -3.70 47.31
CA GLY C 446 -37.50 -4.18 46.62
C GLY C 446 -37.49 -3.97 45.11
N GLY C 447 -36.52 -3.22 44.60
CA GLY C 447 -36.39 -3.03 43.17
C GLY C 447 -36.79 -1.64 42.70
N ASN C 448 -35.95 -1.04 41.86
CA ASN C 448 -36.23 0.24 41.23
C ASN C 448 -36.37 0.02 39.73
N TYR C 449 -37.60 0.06 39.23
CA TYR C 449 -37.90 -0.27 37.85
C TYR C 449 -38.28 0.96 37.03
N ASN C 450 -37.93 2.16 37.51
CA ASN C 450 -38.25 3.38 36.79
C ASN C 450 -37.39 3.59 35.54
N TYR C 451 -36.32 2.82 35.39
CA TYR C 451 -35.40 2.96 34.27
C TYR C 451 -35.77 1.95 33.19
N LEU C 452 -36.09 2.45 32.00
CA LEU C 452 -36.57 1.64 30.89
C LEU C 452 -35.55 1.64 29.77
N TYR C 453 -35.74 0.75 28.80
CA TYR C 453 -34.87 0.71 27.64
C TYR C 453 -35.61 0.05 26.49
N ARG C 454 -35.12 0.31 25.28
CA ARG C 454 -35.73 -0.19 24.06
C ARG C 454 -35.13 -1.54 23.69
N LEU C 455 -35.98 -2.55 23.51
CA LEU C 455 -35.53 -3.89 23.19
C LEU C 455 -35.94 -4.36 21.80
N PHE C 456 -37.02 -3.83 21.25
CA PHE C 456 -37.50 -4.21 19.93
C PHE C 456 -37.52 -3.00 19.02
N ARG C 457 -36.89 -3.12 17.85
CA ARG C 457 -36.92 -2.07 16.85
C ARG C 457 -36.71 -2.70 15.48
N LYS C 458 -37.27 -2.05 14.46
CA LYS C 458 -37.20 -2.57 13.10
C LYS C 458 -35.82 -2.39 12.47
N SER C 459 -35.05 -1.38 12.90
N SER C 459 -35.06 -1.37 12.90
CA SER C 459 -33.74 -1.12 12.34
CA SER C 459 -33.75 -1.12 12.34
C SER C 459 -32.86 -0.49 13.40
C SER C 459 -32.86 -0.49 13.40
N ASN C 460 -31.55 -0.62 13.20
CA ASN C 460 -30.59 -0.04 14.13
C ASN C 460 -30.63 1.48 14.05
N LEU C 461 -30.47 2.13 15.20
CA LEU C 461 -30.45 3.58 15.24
C LEU C 461 -29.23 4.12 14.50
N LYS C 462 -29.39 5.30 13.91
CA LYS C 462 -28.25 6.02 13.37
C LYS C 462 -27.55 6.77 14.52
N PRO C 463 -26.30 7.16 14.31
CA PRO C 463 -25.54 7.77 15.42
C PRO C 463 -26.25 8.99 15.99
N PHE C 464 -26.23 9.10 17.31
CA PHE C 464 -26.83 10.24 18.03
C PHE C 464 -28.28 10.45 17.63
N GLU C 465 -29.03 9.35 17.54
CA GLU C 465 -30.46 9.41 17.32
C GLU C 465 -31.21 9.18 18.62
N ARG C 466 -32.36 9.84 18.75
CA ARG C 466 -33.20 9.75 19.94
C ARG C 466 -34.56 9.18 19.50
N ASP C 467 -34.75 7.88 19.71
CA ASP C 467 -35.99 7.22 19.35
C ASP C 467 -36.90 7.19 20.57
N ILE C 468 -37.97 7.99 20.53
CA ILE C 468 -38.93 8.07 21.62
C ILE C 468 -40.26 7.42 21.26
N SER C 469 -40.43 6.94 20.03
CA SER C 469 -41.67 6.31 19.63
C SER C 469 -41.95 5.09 20.51
N THR C 470 -43.22 4.93 20.90
CA THR C 470 -43.65 3.84 21.75
C THR C 470 -44.65 2.93 21.04
N GLU C 471 -44.68 2.95 19.71
CA GLU C 471 -45.60 2.10 18.97
C GLU C 471 -45.29 0.63 19.24
N ILE C 472 -46.35 -0.18 19.33
CA ILE C 472 -46.17 -1.60 19.60
C ILE C 472 -45.40 -2.24 18.44
N TYR C 473 -44.37 -3.01 18.78
CA TYR C 473 -43.55 -3.65 17.77
C TYR C 473 -44.24 -4.87 17.19
N GLN C 474 -44.11 -5.03 15.87
CA GLN C 474 -44.71 -6.14 15.14
C GLN C 474 -43.62 -7.16 14.83
N ALA C 475 -43.86 -8.41 15.22
CA ALA C 475 -42.89 -9.50 15.03
C ALA C 475 -43.46 -10.59 14.12
N GLY C 476 -44.50 -10.29 13.36
CA GLY C 476 -45.11 -11.29 12.50
C GLY C 476 -45.80 -10.64 11.32
N SER C 477 -46.29 -11.49 10.41
CA SER C 477 -46.97 -11.00 9.22
CA SER C 477 -46.97 -11.00 9.22
C SER C 477 -48.25 -10.26 9.58
N THR C 478 -49.01 -10.78 10.54
CA THR C 478 -50.27 -10.17 10.92
C THR C 478 -50.05 -8.73 11.39
N PRO C 479 -50.73 -7.75 10.81
CA PRO C 479 -50.57 -6.37 11.29
C PRO C 479 -51.01 -6.23 12.74
N CYS C 480 -50.33 -5.37 13.48
CA CYS C 480 -50.65 -5.12 14.87
C CYS C 480 -51.73 -4.04 15.02
N ASN C 481 -51.60 -2.95 14.28
CA ASN C 481 -52.58 -1.86 14.31
C ASN C 481 -52.72 -1.28 15.71
N GLY C 482 -51.64 -1.28 16.48
CA GLY C 482 -51.67 -0.70 17.81
C GLY C 482 -52.43 -1.51 18.83
N VAL C 483 -52.63 -2.81 18.59
CA VAL C 483 -53.34 -3.69 19.51
C VAL C 483 -52.40 -4.81 19.91
N GLU C 484 -52.25 -5.03 21.21
CA GLU C 484 -51.37 -6.07 21.70
C GLU C 484 -51.92 -7.45 21.36
N GLY C 485 -51.02 -8.42 21.21
CA GLY C 485 -51.42 -9.77 20.90
C GLY C 485 -50.23 -10.55 20.36
N PHE C 486 -50.54 -11.69 19.75
CA PHE C 486 -49.50 -12.51 19.15
C PHE C 486 -48.75 -11.71 18.08
N ASN C 487 -47.43 -11.79 18.12
CA ASN C 487 -46.57 -11.04 17.20
C ASN C 487 -46.75 -9.53 17.38
N CYS C 488 -47.15 -9.11 18.57
CA CYS C 488 -47.32 -7.69 18.90
C CYS C 488 -46.78 -7.48 20.31
N TYR C 489 -45.53 -7.04 20.40
CA TYR C 489 -44.83 -6.93 21.67
C TYR C 489 -44.56 -5.46 22.00
N PHE C 490 -44.77 -5.10 23.26
CA PHE C 490 -44.43 -3.76 23.71
C PHE C 490 -42.92 -3.58 23.66
N PRO C 491 -42.42 -2.49 23.08
CA PRO C 491 -40.98 -2.39 22.81
C PRO C 491 -40.12 -1.99 24.00
N LEU C 492 -40.70 -1.73 25.17
CA LEU C 492 -39.95 -1.26 26.32
C LEU C 492 -39.75 -2.38 27.33
N GLN C 493 -38.61 -2.33 28.03
CA GLN C 493 -38.31 -3.30 29.08
C GLN C 493 -37.52 -2.60 30.18
N SER C 494 -37.76 -3.00 31.42
CA SER C 494 -37.23 -2.30 32.58
C SER C 494 -35.98 -2.98 33.12
N TYR C 495 -35.15 -2.19 33.82
CA TYR C 495 -33.96 -2.71 34.48
C TYR C 495 -34.31 -3.40 35.79
N GLY C 496 -34.84 -2.65 36.75
CA GLY C 496 -35.17 -3.20 38.06
C GLY C 496 -33.99 -3.35 38.98
N PHE C 497 -33.40 -2.23 39.39
CA PHE C 497 -32.23 -2.22 40.25
C PHE C 497 -32.65 -2.25 41.72
N GLN C 498 -32.07 -3.18 42.48
CA GLN C 498 -32.12 -3.18 43.93
C GLN C 498 -30.73 -3.42 44.47
N PRO C 499 -30.44 -2.96 45.69
CA PRO C 499 -29.04 -2.94 46.15
C PRO C 499 -28.37 -4.30 46.21
N THR C 500 -29.13 -5.39 46.26
CA THR C 500 -28.56 -6.72 46.46
C THR C 500 -28.06 -7.37 45.18
N ASN C 501 -28.22 -6.73 44.02
CA ASN C 501 -27.77 -7.32 42.78
C ASN C 501 -26.24 -7.37 42.72
N GLY C 502 -25.74 -8.24 41.84
CA GLY C 502 -24.31 -8.38 41.67
C GLY C 502 -23.69 -7.20 40.94
N VAL C 503 -22.36 -7.19 40.91
CA VAL C 503 -21.64 -6.10 40.28
C VAL C 503 -21.98 -6.02 38.80
N GLY C 504 -22.03 -7.15 38.12
CA GLY C 504 -22.31 -7.14 36.69
C GLY C 504 -23.63 -6.47 36.37
N TYR C 505 -24.66 -6.76 37.14
CA TYR C 505 -25.98 -6.16 36.94
C TYR C 505 -26.16 -4.88 37.75
N GLN C 506 -25.17 -4.49 38.55
CA GLN C 506 -25.31 -3.28 39.35
C GLN C 506 -25.45 -2.07 38.43
N PRO C 507 -26.32 -1.12 38.76
CA PRO C 507 -26.49 0.05 37.88
C PRO C 507 -25.25 0.92 37.84
N TYR C 508 -25.03 1.56 36.69
CA TYR C 508 -23.97 2.53 36.50
C TYR C 508 -24.51 3.72 35.73
N ARG C 509 -24.17 4.93 36.18
CA ARG C 509 -24.58 6.16 35.54
C ARG C 509 -23.50 6.56 34.53
N VAL C 510 -23.92 6.81 33.29
CA VAL C 510 -23.01 7.03 32.18
C VAL C 510 -23.32 8.37 31.54
N VAL C 511 -22.26 9.16 31.31
CA VAL C 511 -22.35 10.45 30.64
C VAL C 511 -21.31 10.48 29.52
N VAL C 512 -21.75 10.80 28.32
CA VAL C 512 -20.89 10.87 27.14
C VAL C 512 -20.73 12.34 26.78
N LEU C 513 -19.49 12.82 26.78
CA LEU C 513 -19.16 14.17 26.36
C LEU C 513 -18.57 14.10 24.96
N SER C 514 -19.33 14.54 23.96
CA SER C 514 -18.90 14.53 22.57
C SER C 514 -18.57 15.95 22.14
N PHE C 515 -17.39 16.13 21.59
CA PHE C 515 -16.93 17.43 21.12
C PHE C 515 -17.12 17.53 19.61
N GLU C 516 -17.18 18.78 19.14
CA GLU C 516 -17.34 19.09 17.71
C GLU C 516 -16.15 19.97 17.30
N LEU C 517 -15.08 19.33 16.85
CA LEU C 517 -13.89 20.02 16.38
C LEU C 517 -13.99 20.18 14.87
N LEU C 518 -14.27 21.40 14.42
CA LEU C 518 -14.41 21.68 12.99
C LEU C 518 -13.29 22.60 12.51
N PRO C 521 -14.51 28.64 14.50
CA PRO C 521 -14.95 29.55 15.56
C PRO C 521 -15.20 28.83 16.88
N ALA C 522 -14.13 28.52 17.60
CA ALA C 522 -14.26 27.83 18.87
C ALA C 522 -14.95 28.72 19.90
N THR C 523 -15.73 28.10 20.78
CA THR C 523 -16.47 28.80 21.82
C THR C 523 -16.06 28.37 23.22
N VAL C 524 -15.86 27.08 23.46
CA VAL C 524 -15.46 26.56 24.76
C VAL C 524 -13.97 26.24 24.71
N CYS C 525 -13.24 26.66 25.74
CA CYS C 525 -11.81 26.41 25.82
C CYS C 525 -11.43 26.14 27.27
N GLY C 526 -10.38 25.35 27.45
CA GLY C 526 -9.93 24.99 28.77
C GLY C 526 -9.20 26.13 29.46
N PRO C 527 -9.12 26.09 30.79
CA PRO C 527 -8.43 27.17 31.51
C PRO C 527 -6.96 27.29 31.15
N LYS C 528 -6.61 28.41 30.51
CA LYS C 528 -5.22 28.72 30.21
C LYS C 528 -5.04 30.23 30.26
N LYS C 529 -3.79 30.66 30.22
CA LYS C 529 -3.44 32.07 30.34
C LYS C 529 -3.10 32.62 28.96
N SER C 530 -3.73 33.74 28.61
CA SER C 530 -3.49 34.41 27.34
C SER C 530 -2.33 35.38 27.51
N THR C 531 -1.18 35.02 26.95
CA THR C 531 0.02 35.84 27.08
C THR C 531 -0.02 36.98 26.07
N ASN C 532 1.02 37.83 26.09
CA ASN C 532 1.10 38.95 25.18
C ASN C 532 1.41 38.45 23.76
N LEU C 533 1.04 39.28 22.78
CA LEU C 533 1.26 38.96 21.38
C LEU C 533 2.67 39.36 20.97
N VAL C 534 3.40 38.42 20.37
CA VAL C 534 4.76 38.65 19.90
C VAL C 534 4.73 38.59 18.37
N LYS C 535 5.35 39.56 17.73
CA LYS C 535 5.32 39.69 16.28
C LYS C 535 6.72 39.94 15.74
N ASN C 536 6.93 39.53 14.49
CA ASN C 536 8.18 39.78 13.77
C ASN C 536 9.34 38.98 14.36
N LYS C 537 9.09 37.73 14.71
CA LYS C 537 10.14 36.82 15.14
C LYS C 537 9.56 35.42 15.27
N CYS C 538 10.39 34.41 15.04
CA CYS C 538 9.94 33.03 15.10
C CYS C 538 9.46 32.69 16.50
N VAL C 539 8.21 32.20 16.59
CA VAL C 539 7.59 31.89 17.87
C VAL C 539 6.62 30.73 17.67
N ASN C 540 6.44 29.95 18.72
CA ASN C 540 5.42 28.90 18.74
C ASN C 540 4.14 29.50 19.29
N PHE C 541 3.04 29.34 18.55
CA PHE C 541 1.77 29.96 18.87
C PHE C 541 0.68 28.90 18.98
N ASN C 542 -0.35 29.23 19.77
CA ASN C 542 -1.51 28.37 19.98
C ASN C 542 -2.73 29.30 20.01
N PHE C 543 -3.44 29.37 18.89
CA PHE C 543 -4.58 30.27 18.73
C PHE C 543 -5.86 29.43 18.76
N ASN C 544 -6.58 29.49 19.87
CA ASN C 544 -7.85 28.77 20.02
C ASN C 544 -7.68 27.28 19.71
N GLY C 545 -6.60 26.70 20.21
CA GLY C 545 -6.31 25.29 19.99
C GLY C 545 -5.53 25.00 18.74
N LEU C 546 -5.46 25.94 17.80
CA LEU C 546 -4.67 25.78 16.59
C LEU C 546 -3.20 26.00 16.93
N THR C 547 -2.44 24.91 16.99
CA THR C 547 -1.02 24.98 17.31
C THR C 547 -0.20 25.19 16.05
N GLY C 548 0.92 25.89 16.20
CA GLY C 548 1.81 26.09 15.05
C GLY C 548 3.07 26.79 15.48
N THR C 549 3.99 26.94 14.51
CA THR C 549 5.24 27.64 14.73
C THR C 549 5.49 28.54 13.53
N GLY C 550 5.86 29.79 13.79
CA GLY C 550 6.10 30.72 12.71
C GLY C 550 6.20 32.14 13.24
N VAL C 551 6.16 33.07 12.28
CA VAL C 551 6.29 34.49 12.55
C VAL C 551 4.94 35.14 12.27
N LEU C 552 4.47 35.93 13.23
CA LEU C 552 3.20 36.65 13.11
C LEU C 552 3.49 38.07 12.65
N THR C 553 2.78 38.52 11.62
CA THR C 553 2.98 39.85 11.06
C THR C 553 1.63 40.50 10.82
N GLU C 554 1.63 41.83 10.78
CA GLU C 554 0.42 42.56 10.41
C GLU C 554 0.05 42.24 8.97
N SER C 555 -1.24 42.05 8.73
CA SER C 555 -1.74 41.57 7.45
C SER C 555 -2.54 42.66 6.74
N ASN C 556 -2.29 42.82 5.44
CA ASN C 556 -3.08 43.71 4.61
C ASN C 556 -4.34 43.05 4.08
N LYS C 557 -4.49 41.74 4.25
CA LYS C 557 -5.69 41.05 3.79
C LYS C 557 -6.89 41.50 4.62
N LYS C 558 -8.08 41.34 4.03
CA LYS C 558 -9.32 41.82 4.61
C LYS C 558 -10.18 40.62 4.98
N PHE C 559 -10.28 40.34 6.28
CA PHE C 559 -11.16 39.30 6.80
C PHE C 559 -12.54 39.89 7.05
N LEU C 560 -13.56 39.27 6.47
CA LEU C 560 -14.92 39.67 6.78
C LEU C 560 -15.26 39.25 8.20
N PRO C 561 -16.25 39.90 8.82
CA PRO C 561 -16.48 39.67 10.26
C PRO C 561 -16.71 38.21 10.62
N PHE C 562 -17.18 37.39 9.69
CA PHE C 562 -17.49 35.99 9.97
C PHE C 562 -16.30 35.06 9.78
N GLN C 563 -15.15 35.57 9.32
CA GLN C 563 -13.99 34.74 9.00
C GLN C 563 -13.00 34.75 10.16
N GLN C 564 -12.47 33.57 10.46
CA GLN C 564 -11.51 33.39 11.54
C GLN C 564 -10.12 33.01 11.05
N PHE C 565 -10.01 31.93 10.28
CA PHE C 565 -8.75 31.49 9.71
C PHE C 565 -8.68 31.83 8.24
N GLY C 566 -7.47 31.87 7.70
CA GLY C 566 -7.27 32.16 6.30
C GLY C 566 -6.23 31.24 5.68
N ARG C 567 -6.63 30.49 4.65
CA ARG C 567 -5.80 29.48 4.05
C ARG C 567 -5.42 29.86 2.63
N ASP C 568 -4.16 29.63 2.27
CA ASP C 568 -3.70 29.77 0.90
C ASP C 568 -3.82 28.42 0.21
N ILE C 569 -3.20 28.29 -0.97
CA ILE C 569 -3.17 26.99 -1.63
C ILE C 569 -2.52 25.98 -0.70
N ALA C 570 -2.88 24.71 -0.91
CA ALA C 570 -2.43 23.55 -0.12
C ALA C 570 -3.22 23.42 1.19
N ASP C 571 -4.18 24.29 1.45
CA ASP C 571 -5.02 24.22 2.64
C ASP C 571 -4.22 24.30 3.93
N THR C 572 -3.10 25.01 3.91
CA THR C 572 -2.30 25.27 5.11
C THR C 572 -2.63 26.65 5.63
N THR C 573 -2.87 26.75 6.93
CA THR C 573 -3.27 28.01 7.53
C THR C 573 -2.20 29.07 7.26
N ASP C 574 -2.66 30.24 6.77
CA ASP C 574 -1.77 31.34 6.44
C ASP C 574 -2.01 32.58 7.29
N ALA C 575 -3.25 32.81 7.74
CA ALA C 575 -3.53 33.94 8.61
C ALA C 575 -4.52 33.50 9.68
N VAL C 576 -4.46 34.15 10.84
CA VAL C 576 -5.35 33.84 11.94
C VAL C 576 -5.77 35.13 12.63
N ARG C 577 -7.03 35.16 13.05
CA ARG C 577 -7.57 36.32 13.76
C ARG C 577 -7.07 36.34 15.20
N ILE C 584 -6.10 40.57 12.72
CA ILE C 584 -5.69 39.46 11.87
C ILE C 584 -4.18 39.51 11.65
N LEU C 585 -3.55 38.34 11.73
CA LEU C 585 -2.11 38.21 11.66
C LEU C 585 -1.74 37.18 10.60
N ASP C 586 -0.83 37.56 9.71
CA ASP C 586 -0.27 36.64 8.74
C ASP C 586 0.79 35.77 9.38
N ILE C 587 0.80 34.50 9.00
CA ILE C 587 1.76 33.52 9.51
C ILE C 587 2.78 33.25 8.41
N THR C 588 4.07 33.33 8.75
CA THR C 588 5.13 33.03 7.81
C THR C 588 6.07 32.01 8.45
N PRO C 589 6.42 30.93 7.76
CA PRO C 589 7.35 29.96 8.37
C PRO C 589 8.69 30.60 8.70
N CYS C 590 9.26 30.20 9.82
CA CYS C 590 10.56 30.71 10.22
C CYS C 590 11.59 30.37 9.15
N SER C 591 12.51 31.31 8.91
CA SER C 591 13.46 31.18 7.82
C SER C 591 14.16 29.83 7.86
N PHE C 592 14.16 29.13 6.74
CA PHE C 592 14.77 27.81 6.65
C PHE C 592 15.24 27.60 5.22
N GLY C 593 16.08 26.58 5.04
CA GLY C 593 16.60 26.27 3.73
C GLY C 593 17.59 25.13 3.80
N GLY C 594 18.29 24.91 2.68
CA GLY C 594 19.32 23.89 2.64
C GLY C 594 20.68 24.44 3.07
N VAL C 595 21.59 23.53 3.40
CA VAL C 595 22.94 23.88 3.80
C VAL C 595 23.88 22.91 3.11
N SER C 596 24.69 23.41 2.18
CA SER C 596 25.65 22.62 1.43
C SER C 596 27.07 23.03 1.83
N VAL C 597 27.99 22.10 1.68
CA VAL C 597 29.39 22.31 2.01
C VAL C 597 30.20 22.18 0.71
N ILE C 598 30.96 23.21 0.40
CA ILE C 598 31.89 23.21 -0.73
C ILE C 598 33.27 22.91 -0.17
N THR C 599 33.87 21.81 -0.61
CA THR C 599 35.17 21.40 -0.11
C THR C 599 36.12 21.11 -1.25
N PRO C 600 37.39 21.49 -1.12
CA PRO C 600 38.39 21.14 -2.14
C PRO C 600 38.94 19.73 -2.03
N GLY C 601 38.38 18.91 -1.16
CA GLY C 601 38.86 17.55 -0.96
C GLY C 601 39.76 17.43 0.24
N THR C 602 39.47 16.49 1.13
CA THR C 602 40.31 16.30 2.31
C THR C 602 41.74 15.94 1.92
N ASN C 603 41.96 15.41 0.72
CA ASN C 603 43.32 15.17 0.25
C ASN C 603 44.09 16.47 0.15
N THR C 604 43.45 17.52 -0.36
CA THR C 604 44.13 18.80 -0.52
C THR C 604 44.15 19.59 0.78
N SER C 605 42.98 19.91 1.32
CA SER C 605 42.90 20.69 2.55
C SER C 605 41.56 20.42 3.22
N ASN C 606 41.50 20.76 4.51
CA ASN C 606 40.29 20.61 5.31
C ASN C 606 39.46 21.89 5.36
N GLN C 607 39.90 22.96 4.72
CA GLN C 607 39.14 24.19 4.69
C GLN C 607 37.93 24.04 3.77
N VAL C 608 36.77 24.49 4.24
CA VAL C 608 35.52 24.35 3.51
C VAL C 608 34.74 25.65 3.58
N ALA C 609 33.79 25.81 2.66
CA ALA C 609 32.86 26.92 2.66
C ALA C 609 31.45 26.39 2.79
N VAL C 610 30.55 27.21 3.32
CA VAL C 610 29.17 26.80 3.61
C VAL C 610 28.23 27.67 2.80
N LEU C 611 27.37 27.02 2.02
CA LEU C 611 26.34 27.71 1.23
C LEU C 611 24.99 27.49 1.88
N TYR C 612 24.35 28.58 2.30
CA TYR C 612 22.98 28.56 2.76
C TYR C 612 22.08 28.90 1.58
N GLN C 613 21.22 27.96 1.20
CA GLN C 613 20.46 28.06 -0.03
C GLN C 613 19.11 28.72 0.22
N ASP C 614 18.71 29.58 -0.71
CA ASP C 614 17.41 30.28 -0.62
C ASP C 614 17.30 31.04 0.70
N VAL C 615 18.44 31.50 1.22
CA VAL C 615 18.48 32.23 2.48
C VAL C 615 19.23 33.52 2.26
N ASN C 616 18.60 34.64 2.59
CA ASN C 616 19.25 35.95 2.60
C ASN C 616 19.85 36.12 4.00
N CYS C 617 21.15 35.87 4.13
CA CYS C 617 21.78 35.78 5.44
C CYS C 617 22.15 37.15 6.01
N THR C 618 21.51 38.22 5.54
CA THR C 618 21.38 39.39 6.38
C THR C 618 20.60 39.06 7.64
N GLU C 619 19.82 37.97 7.61
CA GLU C 619 19.20 37.43 8.80
C GLU C 619 20.20 36.67 9.67
N VAL C 620 20.87 35.69 9.08
CA VAL C 620 21.87 34.90 9.80
C VAL C 620 23.26 35.44 9.49
N ASN C 641 33.61 36.36 5.61
CA ASN C 641 33.67 36.34 4.15
C ASN C 641 32.30 36.07 3.55
N VAL C 642 31.27 36.67 4.15
CA VAL C 642 29.90 36.47 3.66
C VAL C 642 29.77 37.07 2.27
N PHE C 643 29.18 36.30 1.36
CA PHE C 643 28.95 36.74 -0.01
C PHE C 643 27.56 36.32 -0.44
N GLN C 644 26.87 37.19 -1.16
CA GLN C 644 25.51 36.94 -1.61
C GLN C 644 25.51 36.41 -3.04
N THR C 645 24.55 35.54 -3.33
CA THR C 645 24.42 34.97 -4.67
C THR C 645 22.95 34.62 -4.88
N ARG C 646 22.56 34.47 -6.15
CA ARG C 646 21.18 34.15 -6.47
C ARG C 646 20.77 32.80 -5.88
N ALA C 647 21.73 31.92 -5.61
CA ALA C 647 21.46 30.62 -5.02
C ALA C 647 21.43 30.65 -3.50
N GLY C 648 21.61 31.82 -2.89
CA GLY C 648 21.65 31.93 -1.44
C GLY C 648 22.80 32.81 -0.99
N CYS C 649 23.59 32.33 -0.03
CA CYS C 649 24.80 33.05 0.32
C CYS C 649 25.87 32.08 0.80
N LEU C 650 27.11 32.41 0.47
CA LEU C 650 28.26 31.56 0.68
C LEU C 650 29.17 32.22 1.70
N ILE C 651 29.58 31.45 2.71
CA ILE C 651 30.38 31.93 3.83
C ILE C 651 31.67 31.13 3.86
N GLY C 652 32.79 31.81 4.00
CA GLY C 652 34.09 31.18 4.05
C GLY C 652 34.86 31.21 2.75
N ALA C 653 34.33 31.85 1.71
CA ALA C 653 34.98 31.93 0.41
C ALA C 653 35.19 33.39 0.04
N GLU C 654 36.39 33.72 -0.43
CA GLU C 654 36.71 35.08 -0.83
C GLU C 654 36.21 35.33 -2.24
N HIS C 655 35.38 36.36 -2.40
CA HIS C 655 34.85 36.70 -3.72
C HIS C 655 35.87 37.53 -4.48
N VAL C 656 36.23 37.08 -5.69
CA VAL C 656 37.21 37.74 -6.52
C VAL C 656 36.52 38.26 -7.78
N ASN C 657 37.14 39.26 -8.40
CA ASN C 657 36.61 39.87 -9.62
C ASN C 657 37.17 39.24 -10.89
N ASN C 658 38.01 38.22 -10.77
CA ASN C 658 38.54 37.52 -11.94
C ASN C 658 37.47 36.55 -12.45
N SER C 659 37.83 35.73 -13.43
CA SER C 659 36.91 34.73 -13.97
C SER C 659 37.74 33.59 -14.54
N TYR C 660 37.64 32.43 -13.91
CA TYR C 660 38.32 31.21 -14.36
C TYR C 660 37.29 30.19 -14.80
N GLU C 661 37.78 29.05 -15.26
CA GLU C 661 36.89 27.93 -15.57
C GLU C 661 36.21 27.43 -14.30
N CYS C 662 34.97 26.99 -14.45
CA CYS C 662 34.21 26.54 -13.29
C CYS C 662 34.81 25.26 -12.73
N ASP C 663 35.26 25.30 -11.48
CA ASP C 663 35.83 24.13 -10.82
C ASP C 663 34.77 23.39 -10.01
N ILE C 664 34.15 24.07 -9.06
CA ILE C 664 33.05 23.54 -8.27
C ILE C 664 31.81 24.39 -8.56
N PRO C 665 30.78 23.85 -9.21
CA PRO C 665 29.62 24.68 -9.56
C PRO C 665 28.73 24.94 -8.35
N ILE C 666 28.43 26.21 -8.10
CA ILE C 666 27.53 26.59 -7.01
C ILE C 666 26.13 26.86 -7.53
N GLY C 667 26.01 27.64 -8.59
CA GLY C 667 24.72 27.94 -9.19
C GLY C 667 24.61 29.39 -9.60
N ALA C 668 23.74 29.65 -10.57
CA ALA C 668 23.48 31.01 -11.04
C ALA C 668 24.75 31.66 -11.59
N GLY C 669 25.61 30.86 -12.21
CA GLY C 669 26.82 31.37 -12.81
C GLY C 669 27.97 31.59 -11.86
N ILE C 670 27.79 31.30 -10.57
CA ILE C 670 28.85 31.43 -9.57
C ILE C 670 29.48 30.06 -9.37
N CYS C 671 30.80 30.01 -9.37
CA CYS C 671 31.55 28.79 -9.14
C CYS C 671 32.62 29.07 -8.10
N ALA C 672 33.22 28.01 -7.57
CA ALA C 672 34.23 28.16 -6.52
C ALA C 672 35.40 27.23 -6.81
N SER C 673 36.55 27.59 -6.27
CA SER C 673 37.76 26.81 -6.44
C SER C 673 38.71 27.07 -5.27
N TYR C 674 39.87 26.44 -5.32
CA TYR C 674 40.86 26.55 -4.25
C TYR C 674 42.14 27.19 -4.76
N SER C 691 43.33 29.28 -0.10
CA SER C 691 42.01 29.76 0.33
C SER C 691 40.95 29.45 -0.73
N ILE C 692 39.70 29.32 -0.28
CA ILE C 692 38.60 29.05 -1.18
C ILE C 692 38.10 30.36 -1.77
N ILE C 693 38.02 30.42 -3.10
CA ILE C 693 37.57 31.61 -3.80
C ILE C 693 36.27 31.30 -4.53
N ALA C 694 35.42 32.30 -4.64
CA ALA C 694 34.16 32.21 -5.38
C ALA C 694 34.15 33.31 -6.43
N TYR C 695 33.94 32.90 -7.68
CA TYR C 695 34.00 33.81 -8.82
C TYR C 695 32.85 33.52 -9.77
N THR C 696 32.82 34.22 -10.88
CA THR C 696 31.84 34.01 -11.95
C THR C 696 32.51 33.22 -13.06
N MET C 697 31.97 32.03 -13.35
CA MET C 697 32.60 31.15 -14.33
C MET C 697 32.72 31.86 -15.67
N SER C 698 33.88 31.71 -16.30
CA SER C 698 34.13 32.28 -17.62
C SER C 698 33.75 31.27 -18.69
N LEU C 699 33.04 31.75 -19.71
CA LEU C 699 32.65 30.88 -20.80
C LEU C 699 33.84 30.47 -21.65
N GLY C 700 34.82 31.34 -21.78
CA GLY C 700 36.02 31.02 -22.53
C GLY C 700 36.68 32.29 -23.04
N ALA C 701 37.83 32.10 -23.67
CA ALA C 701 38.56 33.22 -24.24
C ALA C 701 37.70 33.91 -25.30
N GLU C 702 37.63 35.23 -25.23
CA GLU C 702 36.80 36.02 -26.14
C GLU C 702 37.70 36.57 -27.24
N ASN C 703 37.49 36.08 -28.47
CA ASN C 703 38.29 36.50 -29.61
C ASN C 703 37.35 36.86 -30.76
N SER C 704 37.65 37.96 -31.44
CA SER C 704 36.88 38.39 -32.58
C SER C 704 37.59 37.94 -33.85
N VAL C 705 36.85 37.27 -34.74
CA VAL C 705 37.41 36.81 -35.99
C VAL C 705 37.57 38.00 -36.93
N ALA C 706 38.69 38.03 -37.65
CA ALA C 706 39.01 39.17 -38.53
C ALA C 706 38.20 39.10 -39.81
N TYR C 707 36.88 39.16 -39.65
CA TYR C 707 35.98 39.04 -40.79
C TYR C 707 36.02 40.29 -41.65
N SER C 708 35.96 40.08 -42.97
CA SER C 708 35.79 41.14 -43.94
C SER C 708 35.57 40.49 -45.28
N ASN C 709 34.68 41.07 -46.09
CA ASN C 709 34.51 40.55 -47.44
C ASN C 709 35.85 40.55 -48.16
N ASN C 710 35.90 39.83 -49.28
CA ASN C 710 37.14 39.53 -50.01
C ASN C 710 38.32 39.35 -49.07
N SER C 711 38.15 38.49 -48.06
CA SER C 711 39.25 38.09 -47.19
C SER C 711 38.97 36.69 -46.66
N ILE C 712 39.88 35.75 -46.90
CA ILE C 712 39.74 34.37 -46.46
C ILE C 712 40.99 33.97 -45.70
N ALA C 713 40.86 32.90 -44.92
CA ALA C 713 41.98 32.31 -44.21
C ALA C 713 42.04 30.83 -44.55
N ILE C 714 43.22 30.37 -44.99
CA ILE C 714 43.37 28.98 -45.40
C ILE C 714 44.48 28.33 -44.58
N PRO C 715 44.30 27.08 -44.13
CA PRO C 715 45.36 26.43 -43.36
C PRO C 715 46.45 25.87 -44.25
N THR C 716 47.70 26.13 -43.85
CA THR C 716 48.86 25.67 -44.58
C THR C 716 49.47 24.41 -43.99
N ASN C 717 48.89 23.85 -42.94
CA ASN C 717 49.42 22.66 -42.29
C ASN C 717 48.27 21.93 -41.62
N PHE C 718 48.54 20.71 -41.17
CA PHE C 718 47.52 19.89 -40.55
C PHE C 718 48.06 19.24 -39.29
N THR C 719 47.16 18.59 -38.56
CA THR C 719 47.51 17.84 -37.37
C THR C 719 46.59 16.63 -37.31
N ILE C 720 47.17 15.48 -37.00
CA ILE C 720 46.42 14.23 -36.84
C ILE C 720 46.23 14.04 -35.34
N SER C 721 45.03 14.29 -34.86
CA SER C 721 44.72 14.22 -33.43
C SER C 721 43.89 12.99 -33.15
N VAL C 722 44.30 12.21 -32.15
CA VAL C 722 43.60 11.00 -31.75
C VAL C 722 42.93 11.29 -30.42
N THR C 723 41.60 11.35 -30.44
CA THR C 723 40.79 11.60 -29.27
C THR C 723 40.26 10.28 -28.71
N THR C 724 39.91 10.28 -27.44
CA THR C 724 39.36 9.11 -26.78
C THR C 724 37.93 9.39 -26.34
N GLU C 725 37.02 8.47 -26.68
CA GLU C 725 35.62 8.58 -26.27
C GLU C 725 35.21 7.29 -25.58
N ILE C 726 34.81 7.39 -24.32
CA ILE C 726 34.44 6.24 -23.51
C ILE C 726 32.91 6.19 -23.44
N LEU C 727 32.35 5.01 -23.72
CA LEU C 727 30.90 4.84 -23.75
C LEU C 727 30.54 3.57 -22.97
N PRO C 728 29.73 3.66 -21.92
CA PRO C 728 29.22 2.44 -21.28
C PRO C 728 28.39 1.62 -22.26
N VAL C 729 28.51 0.31 -22.17
CA VAL C 729 27.81 -0.58 -23.10
C VAL C 729 26.89 -1.52 -22.35
N SER C 730 27.24 -1.84 -21.09
CA SER C 730 26.46 -2.80 -20.32
C SER C 730 26.74 -2.57 -18.84
N MET C 731 25.93 -3.21 -18.01
CA MET C 731 26.04 -3.11 -16.57
C MET C 731 25.99 -4.50 -15.96
N THR C 732 26.45 -4.60 -14.71
CA THR C 732 26.49 -5.88 -14.05
C THR C 732 25.10 -6.49 -13.97
N LYS C 733 25.00 -7.77 -14.32
CA LYS C 733 23.74 -8.50 -14.28
C LYS C 733 23.53 -9.04 -12.88
N THR C 734 22.41 -8.67 -12.25
CA THR C 734 22.10 -9.08 -10.90
C THR C 734 20.74 -9.75 -10.87
N SER C 735 20.59 -10.70 -9.96
CA SER C 735 19.34 -11.40 -9.74
C SER C 735 19.05 -11.41 -8.25
N VAL C 736 17.77 -11.23 -7.91
CA VAL C 736 17.32 -11.21 -6.52
C VAL C 736 16.16 -12.19 -6.39
N ASP C 737 16.31 -13.16 -5.49
CA ASP C 737 15.25 -14.10 -5.18
C ASP C 737 14.35 -13.43 -4.15
N CYS C 738 13.22 -12.89 -4.63
CA CYS C 738 12.37 -12.06 -3.77
C CYS C 738 11.97 -12.81 -2.51
N THR C 739 11.65 -14.10 -2.63
CA THR C 739 11.26 -14.87 -1.44
C THR C 739 12.39 -14.89 -0.43
N MET C 740 13.61 -15.22 -0.88
CA MET C 740 14.74 -15.27 0.03
C MET C 740 15.03 -13.90 0.64
N TYR C 741 14.94 -12.84 -0.15
CA TYR C 741 15.25 -11.50 0.34
C TYR C 741 14.23 -11.07 1.39
N ILE C 742 12.95 -11.16 1.07
CA ILE C 742 11.91 -10.65 1.97
C ILE C 742 11.79 -11.52 3.21
N CYS C 743 11.75 -12.83 3.02
CA CYS C 743 11.50 -13.75 4.13
C CYS C 743 12.79 -14.29 4.74
N GLY C 744 13.67 -14.85 3.92
CA GLY C 744 14.91 -15.37 4.43
C GLY C 744 14.75 -16.65 5.24
N ASP C 745 14.38 -17.73 4.56
CA ASP C 745 14.40 -19.09 5.11
C ASP C 745 13.25 -19.39 6.05
N SER C 746 12.13 -18.67 5.94
CA SER C 746 10.97 -18.88 6.81
C SER C 746 9.78 -19.34 5.98
N THR C 747 9.26 -20.52 6.31
CA THR C 747 8.09 -21.04 5.60
C THR C 747 6.83 -20.26 5.96
N GLU C 748 6.70 -19.83 7.22
CA GLU C 748 5.56 -19.01 7.59
C GLU C 748 5.55 -17.69 6.81
N CYS C 749 6.71 -17.04 6.70
CA CYS C 749 6.76 -15.81 5.92
C CYS C 749 6.57 -16.10 4.43
N SER C 750 7.03 -17.25 3.95
CA SER C 750 6.80 -17.59 2.55
C SER C 750 5.30 -17.70 2.29
N ASN C 751 4.55 -18.32 3.20
CA ASN C 751 3.10 -18.38 3.06
C ASN C 751 2.49 -16.98 3.10
N LEU C 752 2.93 -16.17 4.06
CA LEU C 752 2.41 -14.80 4.19
C LEU C 752 2.68 -14.01 2.91
N LEU C 753 3.80 -14.28 2.25
CA LEU C 753 4.12 -13.57 1.02
C LEU C 753 3.27 -14.07 -0.14
N LEU C 754 3.13 -15.40 -0.28
CA LEU C 754 2.36 -15.93 -1.40
C LEU C 754 0.89 -15.59 -1.31
N GLN C 755 0.37 -15.32 -0.10
CA GLN C 755 -0.97 -14.74 -0.02
C GLN C 755 -0.98 -13.28 -0.43
N TYR C 756 0.18 -12.67 -0.66
CA TYR C 756 0.32 -11.25 -0.92
C TYR C 756 0.50 -10.96 -2.41
N GLY C 757 -0.20 -11.73 -3.24
CA GLY C 757 -0.18 -11.49 -4.68
C GLY C 757 0.95 -12.20 -5.40
N SER C 758 1.40 -11.62 -6.50
CA SER C 758 2.43 -12.22 -7.34
C SER C 758 3.47 -11.18 -7.72
N PHE C 759 3.90 -10.36 -6.76
CA PHE C 759 4.91 -9.35 -7.04
C PHE C 759 6.29 -9.98 -7.26
N CYS C 760 6.57 -11.11 -6.60
CA CYS C 760 7.87 -11.73 -6.73
C CYS C 760 8.13 -12.16 -8.16
N THR C 761 7.13 -12.75 -8.81
CA THR C 761 7.30 -13.17 -10.20
C THR C 761 7.54 -11.96 -11.10
N GLN C 762 6.82 -10.86 -10.88
CA GLN C 762 7.02 -9.67 -11.68
C GLN C 762 8.44 -9.14 -11.52
N LEU C 763 8.93 -9.07 -10.29
CA LEU C 763 10.27 -8.55 -10.05
C LEU C 763 11.33 -9.46 -10.68
N ASN C 764 11.18 -10.77 -10.52
CA ASN C 764 12.12 -11.70 -11.13
C ASN C 764 12.11 -11.57 -12.64
N ARG C 765 10.93 -11.44 -13.24
CA ARG C 765 10.83 -11.29 -14.69
C ARG C 765 11.52 -10.01 -15.14
N ALA C 766 11.32 -8.91 -14.41
CA ALA C 766 11.96 -7.66 -14.77
C ALA C 766 13.48 -7.77 -14.71
N LEU C 767 14.00 -8.38 -13.64
CA LEU C 767 15.45 -8.51 -13.52
C LEU C 767 16.02 -9.40 -14.61
N THR C 768 15.33 -10.50 -14.93
CA THR C 768 15.79 -11.36 -16.01
C THR C 768 15.79 -10.63 -17.34
N GLY C 769 14.74 -9.83 -17.59
CA GLY C 769 14.72 -9.02 -18.79
C GLY C 769 15.90 -8.06 -18.85
N ILE C 770 16.23 -7.44 -17.72
CA ILE C 770 17.36 -6.53 -17.69
C ILE C 770 18.66 -7.26 -18.03
N ALA C 771 18.82 -8.46 -17.47
CA ALA C 771 20.05 -9.23 -17.71
C ALA C 771 20.19 -9.60 -19.18
N VAL C 772 19.12 -10.16 -19.76
CA VAL C 772 19.18 -10.52 -21.17
C VAL C 772 19.38 -9.27 -22.02
N GLU C 773 18.86 -8.13 -21.58
CA GLU C 773 19.08 -6.87 -22.29
C GLU C 773 20.55 -6.49 -22.27
N GLN C 774 21.23 -6.69 -21.13
CA GLN C 774 22.65 -6.40 -21.06
C GLN C 774 23.43 -7.29 -22.02
N ASP C 775 23.09 -8.57 -22.06
CA ASP C 775 23.74 -9.46 -23.02
C ASP C 775 23.53 -8.99 -24.44
N LYS C 776 22.29 -8.59 -24.77
CA LYS C 776 21.99 -8.09 -26.11
C LYS C 776 22.77 -6.82 -26.41
N ASN C 777 22.91 -5.94 -25.43
CA ASN C 777 23.69 -4.72 -25.63
C ASN C 777 25.13 -5.05 -26.02
N THR C 778 25.77 -5.91 -25.24
CA THR C 778 27.16 -6.27 -25.54
C THR C 778 27.26 -6.92 -26.92
N GLN C 779 26.34 -7.83 -27.23
CA GLN C 779 26.39 -8.51 -28.52
C GLN C 779 26.22 -7.53 -29.67
N GLU C 780 25.26 -6.62 -29.55
CA GLU C 780 25.02 -5.66 -30.62
C GLU C 780 26.23 -4.75 -30.81
N VAL C 781 26.85 -4.31 -29.71
CA VAL C 781 27.96 -3.38 -29.83
C VAL C 781 29.18 -4.05 -30.45
N PHE C 782 29.51 -5.27 -30.02
CA PHE C 782 30.80 -5.85 -30.37
C PHE C 782 30.75 -6.90 -31.47
N ALA C 783 29.58 -7.41 -31.82
CA ALA C 783 29.45 -8.50 -32.80
C ALA C 783 29.09 -7.97 -34.19
N GLN C 784 29.63 -6.81 -34.57
CA GLN C 784 29.30 -6.24 -35.87
C GLN C 784 29.74 -7.16 -37.01
N VAL C 785 30.92 -7.76 -36.88
CA VAL C 785 31.48 -8.61 -37.93
C VAL C 785 31.24 -10.06 -37.57
N LYS C 786 30.96 -10.87 -38.60
CA LYS C 786 30.74 -12.30 -38.43
C LYS C 786 32.00 -13.13 -38.68
N GLN C 787 33.12 -12.49 -39.00
CA GLN C 787 34.38 -13.17 -39.25
C GLN C 787 35.48 -12.55 -38.40
N ILE C 788 36.37 -13.41 -37.89
CA ILE C 788 37.44 -12.97 -36.99
C ILE C 788 38.67 -12.76 -37.86
N TYR C 789 38.82 -11.53 -38.35
CA TYR C 789 39.97 -11.20 -39.18
C TYR C 789 41.24 -11.14 -38.34
N LYS C 790 42.35 -11.51 -38.95
CA LYS C 790 43.65 -11.55 -38.29
C LYS C 790 44.63 -10.65 -39.03
N THR C 791 45.37 -9.85 -38.27
CA THR C 791 46.37 -8.99 -38.87
C THR C 791 47.51 -9.83 -39.43
N PRO C 792 48.11 -9.42 -40.55
CA PRO C 792 49.18 -10.23 -41.14
C PRO C 792 50.40 -10.26 -40.25
N PRO C 793 51.21 -11.31 -40.31
CA PRO C 793 52.42 -11.35 -39.47
C PRO C 793 53.37 -10.19 -39.73
N ILE C 794 53.50 -9.75 -40.98
CA ILE C 794 54.36 -8.63 -41.32
C ILE C 794 53.54 -7.35 -41.26
N LYS C 795 54.02 -6.39 -40.49
CA LYS C 795 53.29 -5.15 -40.22
C LYS C 795 54.05 -4.00 -40.88
N ASP C 796 53.71 -3.72 -42.13
CA ASP C 796 54.27 -2.59 -42.88
C ASP C 796 53.08 -1.76 -43.37
N PHE C 797 52.62 -0.84 -42.54
CA PHE C 797 51.45 -0.02 -42.83
C PHE C 797 51.83 1.38 -43.26
N GLY C 798 52.93 1.53 -44.01
CA GLY C 798 53.33 2.84 -44.48
C GLY C 798 53.93 3.73 -43.42
N GLY C 799 54.43 3.15 -42.33
CA GLY C 799 55.01 3.90 -41.24
C GLY C 799 54.11 4.02 -40.02
N PHE C 800 52.82 3.74 -40.17
CA PHE C 800 51.93 3.78 -39.02
C PHE C 800 52.23 2.62 -38.07
N ASN C 801 52.08 2.88 -36.77
CA ASN C 801 52.46 1.93 -35.73
C ASN C 801 51.25 1.62 -34.88
N PHE C 802 50.62 0.47 -35.12
CA PHE C 802 49.47 0.02 -34.36
C PHE C 802 49.84 -1.02 -33.32
N SER C 803 51.13 -1.23 -33.07
CA SER C 803 51.57 -2.31 -32.19
C SER C 803 50.97 -2.18 -30.80
N GLN C 804 50.63 -0.97 -30.39
CA GLN C 804 50.14 -0.72 -29.04
C GLN C 804 48.62 -0.69 -28.95
N ILE C 805 47.92 -0.96 -30.05
CA ILE C 805 46.49 -1.24 -30.01
C ILE C 805 46.16 -2.65 -30.49
N LEU C 806 47.08 -3.32 -31.17
CA LEU C 806 46.91 -4.71 -31.55
C LEU C 806 47.25 -5.62 -30.38
N PRO C 807 46.84 -6.88 -30.44
CA PRO C 807 47.18 -7.81 -29.36
C PRO C 807 48.68 -7.93 -29.18
N ASP C 808 49.09 -8.08 -27.92
CA ASP C 808 50.50 -8.07 -27.55
C ASP C 808 51.06 -9.48 -27.46
N PRO C 809 52.38 -9.64 -27.60
CA PRO C 809 52.98 -10.98 -27.45
C PRO C 809 52.84 -11.56 -26.06
N SER C 810 52.62 -10.73 -25.03
CA SER C 810 52.56 -11.24 -23.66
C SER C 810 51.34 -12.14 -23.44
N LYS C 811 50.24 -11.88 -24.15
CA LYS C 811 49.01 -12.65 -24.00
C LYS C 811 48.44 -12.54 -22.59
N PRO C 812 48.22 -11.33 -22.06
CA PRO C 812 47.42 -11.19 -20.84
C PRO C 812 45.93 -11.12 -21.20
N SER C 813 45.36 -12.28 -21.50
CA SER C 813 44.06 -12.41 -22.15
C SER C 813 44.08 -11.91 -23.59
N LYS C 814 45.26 -11.85 -24.20
CA LYS C 814 45.41 -11.40 -25.58
C LYS C 814 44.82 -10.01 -25.78
N ARG C 815 45.04 -9.14 -24.80
CA ARG C 815 44.58 -7.76 -24.86
C ARG C 815 45.73 -6.85 -25.24
N SER C 816 45.41 -5.81 -26.00
CA SER C 816 46.42 -4.83 -26.40
C SER C 816 46.93 -4.08 -25.18
N PHE C 817 47.98 -3.29 -25.39
CA PHE C 817 48.55 -2.51 -24.30
C PHE C 817 47.54 -1.51 -23.75
N ILE C 818 46.87 -0.78 -24.65
CA ILE C 818 45.89 0.21 -24.19
C ILE C 818 44.71 -0.48 -23.53
N GLU C 819 44.31 -1.64 -24.02
CA GLU C 819 43.23 -2.37 -23.36
C GLU C 819 43.63 -2.82 -21.96
N ASP C 820 44.88 -3.25 -21.79
CA ASP C 820 45.38 -3.58 -20.45
C ASP C 820 45.35 -2.36 -19.55
N LEU C 821 45.79 -1.21 -20.07
CA LEU C 821 45.76 0.01 -19.26
C LEU C 821 44.33 0.36 -18.86
N LEU C 822 43.39 0.23 -19.78
CA LEU C 822 42.00 0.54 -19.46
C LEU C 822 41.44 -0.41 -18.42
N PHE C 823 41.78 -1.70 -18.51
CA PHE C 823 41.25 -2.67 -17.57
C PHE C 823 41.87 -2.53 -16.19
N ASN C 824 43.12 -2.06 -16.13
CA ASN C 824 43.77 -1.81 -14.84
C ASN C 824 43.41 -0.46 -14.25
N LYS C 825 42.61 0.34 -14.95
CA LYS C 825 42.25 1.68 -14.50
C LYS C 825 40.88 1.72 -13.83
N VAL C 826 40.06 0.69 -14.00
CA VAL C 826 38.73 0.63 -13.40
C VAL C 826 38.75 -0.43 -12.31
N THR C 827 38.43 -0.02 -11.08
CA THR C 827 38.41 -0.91 -9.93
C THR C 827 36.99 -1.41 -9.73
N LEU C 828 36.78 -2.71 -9.89
CA LEU C 828 35.46 -3.29 -9.74
C LEU C 828 35.04 -3.30 -8.27
N PHE C 855 24.55 -13.02 -0.33
CA PHE C 855 24.20 -13.97 0.72
C PHE C 855 22.71 -13.89 1.06
N ASN C 856 22.11 -12.74 0.76
CA ASN C 856 20.70 -12.50 1.05
C ASN C 856 19.81 -12.71 -0.18
N GLY C 857 20.18 -13.66 -1.04
CA GLY C 857 19.46 -13.88 -2.28
C GLY C 857 19.91 -13.00 -3.43
N LEU C 858 20.92 -12.15 -3.23
CA LEU C 858 21.42 -11.27 -4.27
C LEU C 858 22.62 -11.94 -4.93
N THR C 859 22.47 -12.34 -6.18
CA THR C 859 23.53 -13.00 -6.93
C THR C 859 23.87 -12.17 -8.16
N VAL C 860 25.08 -12.37 -8.67
CA VAL C 860 25.58 -11.67 -9.85
C VAL C 860 25.82 -12.70 -10.93
N LEU C 861 25.02 -12.65 -11.99
CA LEU C 861 25.19 -13.57 -13.10
C LEU C 861 26.41 -13.17 -13.92
N PRO C 862 27.13 -14.14 -14.49
CA PRO C 862 28.30 -13.82 -15.29
C PRO C 862 27.91 -13.32 -16.68
N PRO C 863 28.72 -12.47 -17.29
CA PRO C 863 28.39 -12.00 -18.64
C PRO C 863 28.48 -13.13 -19.65
N LEU C 864 27.66 -13.04 -20.70
CA LEU C 864 27.67 -14.07 -21.73
C LEU C 864 29.01 -14.11 -22.46
N LEU C 865 29.56 -12.95 -22.81
CA LEU C 865 30.84 -12.87 -23.50
C LEU C 865 31.92 -12.52 -22.50
N THR C 866 32.93 -13.38 -22.38
CA THR C 866 34.03 -13.10 -21.50
C THR C 866 34.86 -11.94 -22.03
N ASP C 867 35.66 -11.36 -21.14
CA ASP C 867 36.51 -10.25 -21.55
C ASP C 867 37.46 -10.67 -22.67
N GLU C 868 37.92 -11.92 -22.66
CA GLU C 868 38.76 -12.40 -23.74
C GLU C 868 38.02 -12.44 -25.06
N MET C 869 36.76 -12.89 -25.04
CA MET C 869 35.97 -12.90 -26.27
C MET C 869 35.73 -11.49 -26.79
N ILE C 870 35.44 -10.55 -25.88
CA ILE C 870 35.23 -9.17 -26.31
C ILE C 870 36.51 -8.59 -26.89
N ALA C 871 37.65 -8.89 -26.26
CA ALA C 871 38.93 -8.43 -26.80
C ALA C 871 39.18 -9.03 -28.17
N GLN C 872 38.80 -10.30 -28.37
CA GLN C 872 38.94 -10.92 -29.69
C GLN C 872 38.07 -10.22 -30.72
N TYR C 873 36.84 -9.88 -30.34
CA TYR C 873 35.97 -9.13 -31.25
C TYR C 873 36.60 -7.79 -31.65
N THR C 874 37.11 -7.04 -30.66
CA THR C 874 37.71 -5.75 -30.97
C THR C 874 38.94 -5.92 -31.83
N SER C 875 39.74 -6.95 -31.57
CA SER C 875 40.92 -7.20 -32.39
C SER C 875 40.53 -7.54 -33.82
N ALA C 876 39.45 -8.32 -33.99
CA ALA C 876 38.98 -8.64 -35.34
C ALA C 876 38.54 -7.38 -36.06
N LEU C 877 37.77 -6.52 -35.38
CA LEU C 877 37.32 -5.28 -35.99
C LEU C 877 38.51 -4.42 -36.39
N LEU C 878 39.48 -4.27 -35.50
CA LEU C 878 40.65 -3.45 -35.80
C LEU C 878 41.46 -4.02 -36.95
N ALA C 879 41.70 -5.33 -36.94
CA ALA C 879 42.46 -5.94 -38.03
C ALA C 879 41.75 -5.74 -39.37
N GLY C 880 40.44 -5.93 -39.38
CA GLY C 880 39.70 -5.66 -40.60
C GLY C 880 39.82 -4.21 -41.05
N THR C 881 39.76 -3.28 -40.09
CA THR C 881 39.82 -1.87 -40.43
C THR C 881 41.15 -1.52 -41.08
N ILE C 882 42.26 -1.97 -40.49
CA ILE C 882 43.57 -1.67 -41.07
C ILE C 882 43.76 -2.40 -42.39
N THR C 883 43.46 -3.69 -42.45
CA THR C 883 43.81 -4.46 -43.65
C THR C 883 42.88 -4.20 -44.82
N SER C 884 41.66 -3.71 -44.59
CA SER C 884 40.70 -3.59 -45.67
C SER C 884 39.94 -2.27 -45.72
N GLY C 885 40.02 -1.43 -44.69
CA GLY C 885 39.29 -0.18 -44.71
C GLY C 885 37.84 -0.35 -44.30
N TRP C 886 36.93 0.28 -45.04
CA TRP C 886 35.51 0.13 -44.78
C TRP C 886 34.86 -0.99 -45.60
N THR C 887 35.62 -1.66 -46.47
CA THR C 887 35.03 -2.67 -47.33
C THR C 887 34.47 -3.82 -46.52
N PHE C 888 35.17 -4.24 -45.46
CA PHE C 888 34.72 -5.38 -44.68
C PHE C 888 33.40 -5.13 -43.98
N GLY C 889 32.98 -3.86 -43.88
CA GLY C 889 31.70 -3.55 -43.26
C GLY C 889 30.54 -3.66 -44.23
N ALA C 890 30.84 -3.54 -45.52
CA ALA C 890 29.83 -3.61 -46.57
C ALA C 890 29.73 -5.00 -47.19
N GLY C 891 30.49 -5.97 -46.71
CA GLY C 891 30.47 -7.30 -47.26
C GLY C 891 31.76 -8.04 -47.03
N ALA C 892 32.33 -8.62 -48.08
CA ALA C 892 33.60 -9.33 -47.97
C ALA C 892 34.75 -8.34 -47.88
N ALA C 893 35.65 -8.56 -46.94
CA ALA C 893 36.78 -7.67 -46.75
C ALA C 893 37.71 -7.73 -47.95
N LEU C 894 38.01 -6.57 -48.52
CA LEU C 894 38.91 -6.45 -49.65
C LEU C 894 40.16 -5.72 -49.19
N GLN C 895 41.33 -6.33 -49.39
CA GLN C 895 42.56 -5.76 -48.90
C GLN C 895 42.90 -4.48 -49.66
N ILE C 896 43.72 -3.64 -49.03
CA ILE C 896 44.18 -2.40 -49.63
C ILE C 896 45.32 -1.85 -48.79
N PRO C 897 46.40 -1.35 -49.39
CA PRO C 897 47.50 -0.80 -48.57
C PRO C 897 47.00 0.35 -47.71
N PHE C 898 47.55 0.44 -46.49
CA PHE C 898 47.05 1.43 -45.55
C PHE C 898 47.34 2.85 -46.03
N ALA C 899 48.44 3.06 -46.75
CA ALA C 899 48.69 4.38 -47.32
C ALA C 899 47.57 4.77 -48.28
N MET C 900 47.16 3.83 -49.13
CA MET C 900 46.07 4.12 -50.06
C MET C 900 44.74 4.30 -49.34
N GLN C 901 44.51 3.56 -48.26
CA GLN C 901 43.30 3.78 -47.48
C GLN C 901 43.28 5.17 -46.86
N MET C 902 44.42 5.62 -46.31
CA MET C 902 44.45 6.95 -45.73
C MET C 902 44.30 8.02 -46.80
N ALA C 903 44.83 7.78 -48.00
CA ALA C 903 44.58 8.68 -49.11
C ALA C 903 43.09 8.73 -49.45
N TYR C 904 42.44 7.57 -49.47
CA TYR C 904 40.99 7.51 -49.64
C TYR C 904 40.31 8.43 -48.66
N ARG C 905 40.71 8.35 -47.38
CA ARG C 905 40.01 9.06 -46.34
C ARG C 905 40.27 10.57 -46.40
N PHE C 906 41.50 10.98 -46.73
CA PHE C 906 41.72 12.41 -46.96
C PHE C 906 40.87 12.90 -48.13
N ASN C 907 40.85 12.14 -49.23
CA ASN C 907 39.96 12.52 -50.32
C ASN C 907 38.52 12.61 -49.84
N GLY C 908 38.16 11.80 -48.85
CA GLY C 908 36.81 11.86 -48.29
C GLY C 908 36.55 13.15 -47.54
N ILE C 909 37.53 13.65 -46.80
CA ILE C 909 37.32 14.85 -46.00
C ILE C 909 37.57 16.10 -46.85
N GLY C 910 37.75 15.92 -48.16
CA GLY C 910 37.92 17.05 -49.05
C GLY C 910 39.35 17.49 -49.26
N VAL C 911 40.33 16.65 -48.97
CA VAL C 911 41.74 16.95 -49.17
C VAL C 911 42.30 15.94 -50.18
N THR C 912 43.00 16.43 -51.19
CA THR C 912 43.47 15.57 -52.26
C THR C 912 44.45 14.52 -51.73
N GLN C 913 44.73 13.52 -52.57
CA GLN C 913 45.58 12.41 -52.16
C GLN C 913 47.04 12.82 -52.06
N ASN C 914 47.49 13.71 -52.94
CA ASN C 914 48.87 14.15 -52.89
C ASN C 914 49.18 14.81 -51.56
N VAL C 915 48.18 15.39 -50.90
CA VAL C 915 48.41 15.98 -49.58
C VAL C 915 48.91 14.91 -48.61
N LEU C 916 48.48 13.67 -48.79
CA LEU C 916 49.02 12.57 -48.00
C LEU C 916 50.34 12.06 -48.55
N TYR C 917 50.36 11.67 -49.82
CA TYR C 917 51.53 10.99 -50.36
C TYR C 917 52.78 11.86 -50.25
N GLU C 918 52.62 13.18 -50.29
CA GLU C 918 53.74 14.09 -50.09
C GLU C 918 54.12 14.22 -48.62
N ASN C 919 53.19 14.00 -47.69
CA ASN C 919 53.43 14.17 -46.26
C ASN C 919 53.17 12.87 -45.51
N GLN C 920 53.49 11.74 -46.14
CA GLN C 920 53.18 10.45 -45.53
C GLN C 920 53.98 10.22 -44.25
N LYS C 921 55.29 10.51 -44.29
CA LYS C 921 56.11 10.30 -43.11
C LYS C 921 55.68 11.21 -41.97
N LEU C 922 55.41 12.47 -42.28
CA LEU C 922 54.96 13.40 -41.24
C LEU C 922 53.64 12.94 -40.63
N ILE C 923 52.71 12.47 -41.47
CA ILE C 923 51.42 12.02 -40.97
C ILE C 923 51.59 10.80 -40.08
N ALA C 924 52.44 9.85 -40.49
CA ALA C 924 52.68 8.67 -39.68
C ALA C 924 53.30 9.04 -38.33
N ASN C 925 54.27 9.96 -38.35
CA ASN C 925 54.89 10.38 -37.10
C ASN C 925 53.88 11.06 -36.19
N GLN C 926 53.02 11.91 -36.75
CA GLN C 926 52.01 12.58 -35.93
C GLN C 926 51.03 11.57 -35.33
N PHE C 927 50.62 10.58 -36.11
CA PHE C 927 49.73 9.56 -35.58
C PHE C 927 50.39 8.78 -34.44
N ASN C 928 51.66 8.40 -34.63
CA ASN C 928 52.37 7.68 -33.57
C ASN C 928 52.50 8.53 -32.32
N SER C 929 52.81 9.82 -32.48
CA SER C 929 52.92 10.70 -31.33
C SER C 929 51.59 10.84 -30.60
N ALA C 930 50.48 10.94 -31.34
CA ALA C 930 49.18 11.03 -30.70
C ALA C 930 48.86 9.76 -29.93
N ILE C 931 49.20 8.59 -30.49
CA ILE C 931 48.96 7.34 -29.79
C ILE C 931 49.80 7.29 -28.52
N GLY C 932 51.06 7.72 -28.58
CA GLY C 932 51.88 7.76 -27.39
C GLY C 932 51.33 8.71 -26.34
N LYS C 933 50.78 9.85 -26.78
CA LYS C 933 50.17 10.77 -25.85
C LYS C 933 48.98 10.13 -25.15
N ILE C 934 48.17 9.38 -25.89
CA ILE C 934 47.06 8.67 -25.26
C ILE C 934 47.58 7.66 -24.25
N GLN C 935 48.66 6.96 -24.60
CA GLN C 935 49.27 6.02 -23.67
C GLN C 935 49.63 6.71 -22.36
N ASP C 936 50.34 7.83 -22.47
CA ASP C 936 50.78 8.55 -21.27
C ASP C 936 49.59 9.06 -20.47
N SER C 937 48.56 9.58 -21.16
CA SER C 937 47.39 10.07 -20.46
C SER C 937 46.70 8.97 -19.67
N LEU C 938 46.49 7.81 -20.30
CA LEU C 938 45.83 6.71 -19.61
C LEU C 938 46.70 6.13 -18.51
N SER C 939 48.02 6.19 -18.66
CA SER C 939 48.91 5.66 -17.63
C SER C 939 48.92 6.57 -16.41
N SER C 940 49.01 7.89 -16.61
CA SER C 940 49.19 8.82 -15.50
C SER C 940 47.86 9.38 -15.00
N THR C 941 47.12 10.07 -15.87
CA THR C 941 45.92 10.76 -15.43
C THR C 941 44.86 9.77 -15.00
N ALA C 942 44.29 9.99 -13.82
CA ALA C 942 43.22 9.16 -13.30
C ALA C 942 41.87 9.77 -13.68
N SER C 943 40.80 9.07 -13.32
CA SER C 943 39.43 9.50 -13.61
C SER C 943 39.16 9.58 -15.10
N ALA C 944 40.00 8.94 -15.92
CA ALA C 944 39.76 8.91 -17.36
C ALA C 944 38.61 7.99 -17.73
N LEU C 945 38.26 7.05 -16.86
CA LEU C 945 37.17 6.12 -17.12
C LEU C 945 35.99 6.50 -16.24
N GLY C 946 35.76 7.81 -16.11
CA GLY C 946 34.76 8.30 -15.18
C GLY C 946 33.37 7.75 -15.40
N LYS C 947 32.96 7.62 -16.67
CA LYS C 947 31.60 7.16 -16.95
C LYS C 947 31.41 5.71 -16.50
N LEU C 948 32.34 4.83 -16.86
CA LEU C 948 32.24 3.44 -16.44
C LEU C 948 32.32 3.32 -14.93
N GLN C 949 33.23 4.07 -14.30
CA GLN C 949 33.33 4.02 -12.85
C GLN C 949 32.04 4.51 -12.20
N ASP C 950 31.40 5.53 -12.79
CA ASP C 950 30.16 6.06 -12.23
C ASP C 950 29.04 5.04 -12.32
N VAL C 951 28.91 4.35 -13.45
CA VAL C 951 27.86 3.34 -13.55
C VAL C 951 28.11 2.20 -12.57
N VAL C 952 29.37 1.77 -12.45
CA VAL C 952 29.69 0.71 -11.49
C VAL C 952 29.35 1.16 -10.07
N ASN C 953 29.71 2.40 -9.73
CA ASN C 953 29.42 2.91 -8.39
C ASN C 953 27.93 2.99 -8.15
N GLN C 954 27.16 3.41 -9.15
CA GLN C 954 25.71 3.50 -8.98
C GLN C 954 25.11 2.12 -8.70
N ASN C 955 25.52 1.11 -9.47
CA ASN C 955 25.01 -0.24 -9.24
C ASN C 955 25.39 -0.74 -7.85
N ALA C 956 26.66 -0.55 -7.46
CA ALA C 956 27.11 -1.01 -6.17
C ALA C 956 26.36 -0.31 -5.04
N GLN C 957 26.14 0.99 -5.18
CA GLN C 957 25.44 1.74 -4.15
C GLN C 957 23.98 1.30 -4.05
N ALA C 958 23.34 1.02 -5.18
CA ALA C 958 21.97 0.51 -5.14
C ALA C 958 21.91 -0.81 -4.38
N LEU C 959 22.84 -1.73 -4.69
CA LEU C 959 22.85 -3.01 -3.99
C LEU C 959 23.11 -2.82 -2.50
N ASN C 960 24.05 -1.95 -2.14
CA ASN C 960 24.36 -1.71 -0.74
C ASN C 960 23.15 -1.12 -0.03
N THR C 961 22.44 -0.20 -0.67
CA THR C 961 21.25 0.38 -0.06
C THR C 961 20.19 -0.68 0.17
N LEU C 962 20.01 -1.59 -0.79
CA LEU C 962 19.06 -2.68 -0.59
C LEU C 962 19.45 -3.52 0.62
N VAL C 963 20.71 -3.95 0.67
CA VAL C 963 21.15 -4.82 1.76
C VAL C 963 20.98 -4.13 3.10
N LYS C 964 21.36 -2.85 3.18
CA LYS C 964 21.19 -2.11 4.42
C LYS C 964 19.72 -1.99 4.79
N GLN C 965 18.86 -1.73 3.80
CA GLN C 965 17.43 -1.65 4.06
C GLN C 965 16.89 -2.95 4.61
N LEU C 966 17.57 -4.08 4.33
CA LEU C 966 17.19 -5.33 4.96
C LEU C 966 17.24 -5.30 6.48
N SER C 967 17.84 -4.27 7.09
CA SER C 967 18.01 -4.20 8.53
C SER C 967 17.19 -3.06 9.15
N SER C 968 15.96 -2.88 8.68
CA SER C 968 15.08 -1.82 9.18
C SER C 968 13.82 -2.45 9.76
N ASN C 969 13.37 -1.91 10.89
CA ASN C 969 12.20 -2.47 11.56
C ASN C 969 10.94 -2.27 10.73
N PHE C 970 10.79 -1.10 10.10
CA PHE C 970 9.56 -0.74 9.40
C PHE C 970 8.36 -0.72 10.33
N GLY C 971 8.59 -0.36 11.59
CA GLY C 971 7.53 -0.32 12.58
C GLY C 971 7.29 -1.61 13.32
N ALA C 972 8.24 -2.55 13.29
CA ALA C 972 8.07 -3.85 13.90
C ALA C 972 8.92 -3.97 15.17
N ILE C 973 8.74 -5.08 15.87
CA ILE C 973 9.47 -5.30 17.11
C ILE C 973 10.95 -5.53 16.85
N SER C 974 11.29 -6.20 15.75
CA SER C 974 12.69 -6.48 15.43
C SER C 974 12.86 -6.52 13.92
N SER C 975 14.08 -6.29 13.48
CA SER C 975 14.42 -6.28 12.07
C SER C 975 14.91 -7.63 11.56
N VAL C 976 14.94 -8.66 12.41
CA VAL C 976 15.37 -9.99 12.03
C VAL C 976 14.19 -10.93 12.20
N LEU C 977 13.89 -11.70 11.15
CA LEU C 977 12.70 -12.53 11.16
C LEU C 977 12.81 -13.69 12.15
N ASN C 978 14.01 -14.24 12.32
CA ASN C 978 14.18 -15.38 13.20
C ASN C 978 13.82 -15.04 14.64
N ASP C 979 14.22 -13.86 15.11
CA ASP C 979 13.90 -13.46 16.47
C ASP C 979 12.39 -13.31 16.67
N ILE C 980 11.70 -12.70 15.71
CA ILE C 980 10.26 -12.56 15.81
C ILE C 980 9.60 -13.94 15.85
N LEU C 981 10.03 -14.84 14.95
CA LEU C 981 9.43 -16.16 14.90
C LEU C 981 9.66 -16.92 16.20
N SER C 982 10.85 -16.81 16.77
CA SER C 982 11.19 -17.55 17.98
C SER C 982 10.63 -16.90 19.25
N ARG C 983 10.22 -15.63 19.20
CA ARG C 983 9.74 -14.96 20.39
C ARG C 983 8.23 -14.72 20.41
N LEU C 984 7.54 -14.84 19.28
CA LEU C 984 6.11 -14.56 19.24
C LEU C 984 5.32 -15.80 18.80
N ASP C 985 4.05 -15.81 19.21
CA ASP C 985 3.12 -16.85 18.81
C ASP C 985 2.65 -16.59 17.39
N PRO C 986 1.93 -17.53 16.77
CA PRO C 986 1.61 -17.42 15.35
C PRO C 986 0.88 -16.12 15.01
N PRO C 987 -0.13 -15.69 15.78
CA PRO C 987 -0.88 -14.49 15.37
C PRO C 987 -0.08 -13.19 15.41
N GLU C 988 0.55 -12.88 16.55
CA GLU C 988 1.36 -11.67 16.63
C GLU C 988 2.55 -11.75 15.69
N ALA C 989 3.15 -12.93 15.55
CA ALA C 989 4.21 -13.10 14.56
C ALA C 989 3.69 -12.81 13.16
N GLU C 990 2.45 -13.21 12.88
CA GLU C 990 1.85 -12.94 11.58
C GLU C 990 1.72 -11.45 11.33
N VAL C 991 1.28 -10.71 12.36
CA VAL C 991 1.14 -9.26 12.21
C VAL C 991 2.50 -8.61 11.97
N GLN C 992 3.49 -8.97 12.78
CA GLN C 992 4.81 -8.36 12.66
C GLN C 992 5.46 -8.73 11.33
N ILE C 993 5.25 -9.96 10.88
CA ILE C 993 5.77 -10.38 9.59
C ILE C 993 5.06 -9.64 8.47
N ASP C 994 3.77 -9.32 8.64
CA ASP C 994 3.10 -8.49 7.65
C ASP C 994 3.79 -7.14 7.53
N ARG C 995 4.11 -6.54 8.68
CA ARG C 995 4.84 -5.27 8.65
C ARG C 995 6.16 -5.41 7.90
N LEU C 996 6.93 -6.43 8.25
CA LEU C 996 8.24 -6.61 7.64
C LEU C 996 8.15 -6.88 6.15
N ILE C 997 7.19 -7.73 5.74
CA ILE C 997 7.01 -8.01 4.32
C ILE C 997 6.62 -6.75 3.57
N THR C 998 5.68 -5.96 4.12
CA THR C 998 5.33 -4.72 3.46
C THR C 998 6.56 -3.86 3.23
N GLY C 999 7.35 -3.64 4.28
CA GLY C 999 8.52 -2.79 4.15
C GLY C 999 9.52 -3.32 3.13
N ARG C 1000 9.86 -4.60 3.24
CA ARG C 1000 10.90 -5.16 2.38
C ARG C 1000 10.44 -5.25 0.93
N LEU C 1001 9.17 -5.59 0.70
CA LEU C 1001 8.64 -5.61 -0.65
C LEU C 1001 8.63 -4.22 -1.26
N GLN C 1002 8.28 -3.20 -0.47
CA GLN C 1002 8.35 -1.84 -0.98
C GLN C 1002 9.78 -1.48 -1.37
N SER C 1003 10.74 -1.83 -0.52
CA SER C 1003 12.14 -1.55 -0.84
C SER C 1003 12.57 -2.26 -2.11
N LEU C 1004 12.19 -3.52 -2.27
CA LEU C 1004 12.57 -4.27 -3.46
C LEU C 1004 11.94 -3.69 -4.71
N GLN C 1005 10.66 -3.30 -4.63
CA GLN C 1005 10.01 -2.68 -5.77
C GLN C 1005 10.71 -1.39 -6.16
N THR C 1006 11.06 -0.56 -5.18
CA THR C 1006 11.81 0.66 -5.47
C THR C 1006 13.10 0.32 -6.19
N TYR C 1007 13.89 -0.59 -5.63
CA TYR C 1007 15.16 -0.94 -6.23
C TYR C 1007 14.98 -1.39 -7.67
N VAL C 1008 13.98 -2.24 -7.92
CA VAL C 1008 13.74 -2.72 -9.28
C VAL C 1008 13.35 -1.58 -10.20
N THR C 1009 12.61 -0.60 -9.69
CA THR C 1009 12.20 0.52 -10.53
C THR C 1009 13.40 1.34 -10.99
N GLN C 1010 14.24 1.77 -10.05
CA GLN C 1010 15.43 2.51 -10.49
C GLN C 1010 16.37 1.63 -11.29
N GLN C 1011 16.36 0.32 -11.04
CA GLN C 1011 17.19 -0.57 -11.83
C GLN C 1011 16.73 -0.58 -13.28
N LEU C 1012 15.41 -0.61 -13.49
CA LEU C 1012 14.87 -0.57 -14.86
C LEU C 1012 15.19 0.76 -15.52
N ILE C 1013 15.08 1.87 -14.80
CA ILE C 1013 15.39 3.17 -15.39
C ILE C 1013 16.86 3.24 -15.79
N ARG C 1014 17.74 2.79 -14.91
CA ARG C 1014 19.17 2.78 -15.22
C ARG C 1014 19.47 1.85 -16.39
N ALA C 1015 18.75 0.73 -16.47
CA ALA C 1015 18.93 -0.17 -17.60
C ALA C 1015 18.53 0.48 -18.90
N ALA C 1016 17.44 1.26 -18.88
CA ALA C 1016 17.05 2.00 -20.08
C ALA C 1016 18.11 3.01 -20.49
N GLU C 1017 18.68 3.72 -19.51
CA GLU C 1017 19.76 4.66 -19.82
C GLU C 1017 20.95 3.94 -20.43
N ILE C 1018 21.33 2.79 -19.86
CA ILE C 1018 22.46 2.04 -20.38
C ILE C 1018 22.16 1.50 -21.77
N ARG C 1019 20.90 1.11 -22.03
CA ARG C 1019 20.54 0.65 -23.36
C ARG C 1019 20.66 1.77 -24.38
N ALA C 1020 20.26 2.99 -24.00
CA ALA C 1020 20.47 4.13 -24.90
C ALA C 1020 21.95 4.34 -25.17
N SER C 1021 22.78 4.25 -24.14
CA SER C 1021 24.22 4.41 -24.33
C SER C 1021 24.78 3.31 -25.23
N ALA C 1022 24.29 2.08 -25.06
CA ALA C 1022 24.77 0.97 -25.88
C ALA C 1022 24.34 1.13 -27.33
N ASN C 1023 23.13 1.62 -27.56
CA ASN C 1023 22.70 1.91 -28.93
C ASN C 1023 23.59 2.98 -29.56
N LEU C 1024 23.93 4.02 -28.79
CA LEU C 1024 24.85 5.03 -29.29
C LEU C 1024 26.21 4.42 -29.61
N ALA C 1025 26.69 3.54 -28.75
CA ALA C 1025 27.99 2.90 -29.00
C ALA C 1025 27.96 2.04 -30.25
N ALA C 1026 26.88 1.30 -30.46
CA ALA C 1026 26.76 0.49 -31.66
C ALA C 1026 26.70 1.36 -32.90
N THR C 1027 25.98 2.47 -32.83
CA THR C 1027 25.94 3.40 -33.96
C THR C 1027 27.32 3.96 -34.26
N LYS C 1028 28.07 4.32 -33.22
CA LYS C 1028 29.43 4.82 -33.42
C LYS C 1028 30.31 3.76 -34.06
N MET C 1029 30.21 2.52 -33.58
CA MET C 1029 31.01 1.43 -34.15
C MET C 1029 30.68 1.24 -35.62
N SER C 1030 29.39 1.26 -35.96
CA SER C 1030 29.00 1.04 -37.35
C SER C 1030 29.48 2.19 -38.25
N GLU C 1031 29.29 3.43 -37.80
CA GLU C 1031 29.45 4.58 -38.69
C GLU C 1031 30.83 5.20 -38.65
N CYS C 1032 31.70 4.80 -37.72
CA CYS C 1032 33.03 5.36 -37.62
C CYS C 1032 34.15 4.34 -37.63
N VAL C 1033 33.90 3.10 -37.23
CA VAL C 1033 34.89 2.05 -37.36
C VAL C 1033 34.75 1.32 -38.69
N LEU C 1034 33.51 1.02 -39.10
CA LEU C 1034 33.25 0.37 -40.37
C LEU C 1034 33.11 1.36 -41.52
N GLY C 1035 33.32 2.65 -41.27
CA GLY C 1035 33.25 3.64 -42.33
C GLY C 1035 33.73 4.99 -41.83
N GLN C 1036 33.74 5.95 -42.74
CA GLN C 1036 34.14 7.31 -42.43
C GLN C 1036 32.90 8.18 -42.31
N SER C 1037 32.78 8.88 -41.18
CA SER C 1037 31.58 9.63 -40.85
C SER C 1037 31.73 11.08 -41.31
N LYS C 1038 30.72 11.59 -42.01
CA LYS C 1038 30.64 12.99 -42.37
C LYS C 1038 29.91 13.82 -41.32
N ARG C 1039 29.28 13.19 -40.34
CA ARG C 1039 28.59 13.92 -39.30
C ARG C 1039 29.60 14.69 -38.46
N VAL C 1040 29.28 15.96 -38.16
CA VAL C 1040 30.22 16.84 -37.49
C VAL C 1040 30.22 16.53 -36.00
N ASP C 1041 31.41 16.44 -35.41
CA ASP C 1041 31.61 16.21 -33.98
C ASP C 1041 30.98 14.90 -33.51
N PHE C 1042 30.53 14.05 -34.42
CA PHE C 1042 29.98 12.75 -34.01
C PHE C 1042 31.07 11.81 -33.53
N CYS C 1043 32.23 11.87 -34.16
CA CYS C 1043 33.36 10.98 -33.85
C CYS C 1043 34.64 11.79 -33.73
N GLY C 1044 34.60 12.85 -32.93
CA GLY C 1044 35.79 13.61 -32.62
C GLY C 1044 35.73 15.04 -33.13
N LYS C 1045 36.48 15.93 -32.49
CA LYS C 1045 36.56 17.31 -32.94
C LYS C 1045 37.54 17.41 -34.09
N GLY C 1046 37.04 17.78 -35.26
CA GLY C 1046 37.83 17.80 -36.48
C GLY C 1046 37.16 16.98 -37.56
N TYR C 1047 37.84 16.90 -38.70
CA TYR C 1047 37.33 16.12 -39.82
C TYR C 1047 37.69 14.66 -39.59
N HIS C 1048 36.67 13.84 -39.34
CA HIS C 1048 36.91 12.45 -38.96
C HIS C 1048 37.69 11.72 -40.04
N LEU C 1049 38.73 11.00 -39.64
CA LEU C 1049 39.48 10.14 -40.53
C LEU C 1049 39.18 8.67 -40.30
N MET C 1050 39.32 8.19 -39.07
CA MET C 1050 38.99 6.80 -38.77
C MET C 1050 38.81 6.66 -37.27
N SER C 1051 38.49 5.45 -36.84
CA SER C 1051 38.34 5.18 -35.42
C SER C 1051 38.78 3.75 -35.15
N PHE C 1052 39.29 3.53 -33.94
CA PHE C 1052 39.74 2.22 -33.50
C PHE C 1052 39.02 1.85 -32.21
N PRO C 1053 38.37 0.70 -32.12
CA PRO C 1053 37.71 0.31 -30.88
C PRO C 1053 38.63 -0.40 -29.92
N GLN C 1054 38.37 -0.20 -28.64
CA GLN C 1054 39.05 -0.91 -27.58
C GLN C 1054 38.03 -1.29 -26.53
N SER C 1055 38.20 -2.46 -25.92
CA SER C 1055 37.28 -2.91 -24.89
C SER C 1055 37.61 -2.27 -23.56
N ALA C 1056 36.60 -2.15 -22.71
CA ALA C 1056 36.76 -1.68 -21.34
C ALA C 1056 35.81 -2.49 -20.47
N PRO C 1057 36.10 -2.60 -19.17
CA PRO C 1057 35.38 -3.58 -18.33
C PRO C 1057 33.90 -3.68 -18.62
N HIS C 1058 33.21 -2.56 -18.80
CA HIS C 1058 31.79 -2.59 -19.17
C HIS C 1058 31.47 -1.55 -20.23
N GLY C 1059 32.41 -1.27 -21.13
CA GLY C 1059 32.18 -0.27 -22.13
C GLY C 1059 33.15 -0.38 -23.28
N VAL C 1060 33.13 0.64 -24.13
CA VAL C 1060 33.99 0.68 -25.30
C VAL C 1060 34.65 2.04 -25.38
N VAL C 1061 35.94 2.04 -25.72
CA VAL C 1061 36.73 3.25 -25.88
C VAL C 1061 37.08 3.38 -27.35
N PHE C 1062 36.63 4.46 -27.98
CA PHE C 1062 36.91 4.74 -29.37
C PHE C 1062 38.06 5.72 -29.46
N LEU C 1063 39.11 5.34 -30.19
CA LEU C 1063 40.21 6.23 -30.52
C LEU C 1063 39.89 6.82 -31.88
N HIS C 1064 39.40 8.05 -31.89
CA HIS C 1064 39.01 8.75 -33.10
C HIS C 1064 40.22 9.49 -33.65
N VAL C 1065 40.73 9.03 -34.78
CA VAL C 1065 41.79 9.74 -35.51
C VAL C 1065 41.11 10.75 -36.43
N THR C 1066 41.43 12.02 -36.24
CA THR C 1066 40.79 13.11 -36.95
C THR C 1066 41.84 14.08 -37.47
N TYR C 1067 41.46 14.80 -38.52
CA TYR C 1067 42.32 15.78 -39.18
C TYR C 1067 41.88 17.17 -38.72
N VAL C 1068 42.83 17.94 -38.21
CA VAL C 1068 42.57 19.29 -37.71
C VAL C 1068 43.50 20.24 -38.45
N PRO C 1069 42.99 21.22 -39.20
CA PRO C 1069 43.89 22.16 -39.87
C PRO C 1069 44.60 23.06 -38.87
N ALA C 1070 45.69 23.65 -39.33
CA ALA C 1070 46.50 24.51 -38.48
C ALA C 1070 47.43 25.33 -39.37
N GLN C 1071 48.02 26.37 -38.78
CA GLN C 1071 48.89 27.31 -39.47
C GLN C 1071 48.12 28.02 -40.60
N GLU C 1072 47.10 28.76 -40.17
CA GLU C 1072 46.28 29.52 -41.10
C GLU C 1072 47.05 30.72 -41.65
N LYS C 1073 46.62 31.17 -42.82
CA LYS C 1073 47.22 32.33 -43.46
C LYS C 1073 46.13 33.11 -44.19
N ASN C 1074 46.25 34.43 -44.16
CA ASN C 1074 45.27 35.31 -44.79
C ASN C 1074 45.53 35.41 -46.29
N PHE C 1075 44.44 35.59 -47.04
CA PHE C 1075 44.51 35.83 -48.47
C PHE C 1075 43.30 36.67 -48.88
N THR C 1076 43.41 37.30 -50.04
CA THR C 1076 42.31 38.03 -50.65
C THR C 1076 41.63 37.11 -51.67
N THR C 1077 40.31 37.08 -51.64
CA THR C 1077 39.54 36.18 -52.49
C THR C 1077 38.65 36.98 -53.43
N ALA C 1078 38.01 36.25 -54.34
CA ALA C 1078 37.08 36.82 -55.30
C ALA C 1078 36.11 35.73 -55.72
N PRO C 1079 34.82 36.01 -55.81
CA PRO C 1079 33.88 34.95 -56.22
C PRO C 1079 34.20 34.34 -57.57
N ALA C 1080 34.67 35.14 -58.52
CA ALA C 1080 34.97 34.64 -59.86
C ALA C 1080 35.99 35.57 -60.51
N ILE C 1081 36.44 35.18 -61.70
CA ILE C 1081 37.47 35.90 -62.43
C ILE C 1081 36.90 36.33 -63.78
N CYS C 1082 37.06 37.59 -64.13
CA CYS C 1082 36.56 38.10 -65.41
C CYS C 1082 37.67 37.96 -66.45
N HIS C 1083 37.46 37.08 -67.42
CA HIS C 1083 38.38 36.93 -68.54
C HIS C 1083 37.57 36.92 -69.83
N ASP C 1084 37.99 37.75 -70.79
CA ASP C 1084 37.32 37.85 -72.09
C ASP C 1084 35.84 38.12 -71.90
N GLY C 1085 35.50 38.96 -70.92
CA GLY C 1085 34.12 39.30 -70.69
C GLY C 1085 33.26 38.17 -70.17
N LYS C 1086 33.87 37.14 -69.58
CA LYS C 1086 33.13 36.02 -69.03
C LYS C 1086 33.60 35.74 -67.61
N ALA C 1087 32.67 35.26 -66.79
CA ALA C 1087 32.94 35.00 -65.38
C ALA C 1087 33.31 33.53 -65.21
N HIS C 1088 34.49 33.28 -64.66
CA HIS C 1088 35.00 31.94 -64.41
C HIS C 1088 34.95 31.66 -62.91
N PHE C 1089 34.36 30.53 -62.55
CA PHE C 1089 34.27 30.07 -61.18
C PHE C 1089 35.11 28.81 -61.00
N PRO C 1090 35.65 28.56 -59.82
CA PRO C 1090 36.51 27.39 -59.63
C PRO C 1090 35.69 26.10 -59.64
N ARG C 1091 36.22 25.09 -60.33
CA ARG C 1091 35.56 23.79 -60.32
C ARG C 1091 35.36 23.29 -58.90
N GLU C 1092 36.47 23.06 -58.20
CA GLU C 1092 36.44 22.66 -56.79
C GLU C 1092 37.66 23.29 -56.14
N GLY C 1093 37.43 24.26 -55.27
CA GLY C 1093 38.48 25.03 -54.68
C GLY C 1093 38.03 26.45 -54.45
N VAL C 1094 38.99 27.36 -54.39
CA VAL C 1094 38.70 28.77 -54.10
C VAL C 1094 39.81 29.61 -54.71
N PHE C 1095 39.43 30.79 -55.21
CA PHE C 1095 40.40 31.75 -55.73
C PHE C 1095 41.01 32.51 -54.56
N VAL C 1096 42.34 32.63 -54.58
CA VAL C 1096 43.07 33.38 -53.57
C VAL C 1096 44.15 34.20 -54.27
N SER C 1097 44.68 35.19 -53.55
CA SER C 1097 45.78 35.99 -54.08
C SER C 1097 46.77 36.26 -52.95
N ASN C 1098 48.05 36.10 -53.25
CA ASN C 1098 49.11 36.39 -52.29
C ASN C 1098 49.54 37.85 -52.33
N GLY C 1099 48.70 38.73 -52.87
CA GLY C 1099 49.01 40.14 -52.93
C GLY C 1099 49.08 40.68 -54.35
N THR C 1100 49.68 39.91 -55.25
CA THR C 1100 49.87 40.34 -56.62
C THR C 1100 49.35 39.34 -57.64
N HIS C 1101 49.48 38.04 -57.37
CA HIS C 1101 49.06 36.99 -58.29
C HIS C 1101 47.82 36.30 -57.77
N TRP C 1102 47.08 35.68 -58.69
CA TRP C 1102 45.86 34.96 -58.36
C TRP C 1102 46.04 33.48 -58.65
N PHE C 1103 45.69 32.65 -57.68
CA PHE C 1103 45.77 31.20 -57.78
C PHE C 1103 44.44 30.60 -57.40
N VAL C 1104 44.27 29.34 -57.75
CA VAL C 1104 43.11 28.55 -57.34
C VAL C 1104 43.62 27.41 -56.48
N THR C 1105 43.20 27.38 -55.23
CA THR C 1105 43.65 26.39 -54.26
C THR C 1105 42.47 25.53 -53.83
N GLN C 1106 42.73 24.60 -52.93
CA GLN C 1106 41.68 23.80 -52.33
C GLN C 1106 41.32 24.37 -50.97
N ARG C 1107 40.07 24.16 -50.57
CA ARG C 1107 39.53 24.88 -49.43
C ARG C 1107 40.24 24.53 -48.12
N ASN C 1108 40.55 23.25 -47.92
CA ASN C 1108 41.06 22.77 -46.64
C ASN C 1108 42.58 22.70 -46.57
N PHE C 1109 43.29 23.15 -47.59
CA PHE C 1109 44.74 23.09 -47.59
C PHE C 1109 45.26 24.07 -48.62
N TYR C 1110 46.38 24.72 -48.33
CA TYR C 1110 46.93 25.74 -49.22
C TYR C 1110 47.85 25.06 -50.22
N GLU C 1111 47.35 24.84 -51.44
CA GLU C 1111 48.12 24.31 -52.55
C GLU C 1111 47.82 25.17 -53.77
N PRO C 1112 48.41 26.36 -53.85
CA PRO C 1112 48.05 27.28 -54.94
C PRO C 1112 48.43 26.72 -56.30
N GLN C 1113 47.62 27.06 -57.30
CA GLN C 1113 47.87 26.64 -58.67
C GLN C 1113 47.37 27.73 -59.61
N ILE C 1114 48.11 27.95 -60.70
CA ILE C 1114 47.71 28.97 -61.66
C ILE C 1114 46.32 28.66 -62.19
N ILE C 1115 45.53 29.71 -62.41
CA ILE C 1115 44.17 29.53 -62.89
C ILE C 1115 44.19 29.10 -64.34
N THR C 1116 43.40 28.09 -64.67
CA THR C 1116 43.38 27.49 -66.00
C THR C 1116 41.94 27.20 -66.38
N THR C 1117 41.72 26.99 -67.69
CA THR C 1117 40.40 26.61 -68.16
C THR C 1117 40.00 25.22 -67.71
N ASP C 1118 40.94 24.43 -67.19
CA ASP C 1118 40.65 23.06 -66.75
C ASP C 1118 40.24 22.98 -65.28
N ASN C 1119 40.56 23.99 -64.48
CA ASN C 1119 40.12 24.05 -63.09
C ASN C 1119 39.12 25.17 -62.85
N THR C 1120 38.52 25.72 -63.91
CA THR C 1120 37.48 26.72 -63.79
C THR C 1120 36.45 26.48 -64.88
N PHE C 1121 35.22 26.94 -64.62
CA PHE C 1121 34.12 26.83 -65.58
C PHE C 1121 33.46 28.19 -65.74
N VAL C 1122 32.96 28.44 -66.95
CA VAL C 1122 32.37 29.73 -67.32
C VAL C 1122 30.87 29.63 -67.17
N SER C 1123 30.27 30.64 -66.52
CA SER C 1123 28.83 30.66 -66.30
C SER C 1123 28.27 32.06 -66.52
N GLY C 1124 28.68 32.72 -67.61
CA GLY C 1124 28.06 33.97 -67.99
C GLY C 1124 29.04 35.11 -68.22
N ASN C 1125 28.60 36.33 -67.94
CA ASN C 1125 29.38 37.54 -68.15
C ASN C 1125 29.73 38.18 -66.80
N CYS C 1126 30.48 39.27 -66.86
CA CYS C 1126 31.06 39.90 -65.69
C CYS C 1126 30.18 41.01 -65.11
N ASP C 1127 28.89 41.01 -65.40
CA ASP C 1127 28.01 42.09 -65.00
C ASP C 1127 27.10 41.76 -63.82
N VAL C 1128 26.88 40.48 -63.54
CA VAL C 1128 25.90 40.07 -62.54
C VAL C 1128 26.55 39.80 -61.19
N VAL C 1129 27.70 39.13 -61.18
CA VAL C 1129 28.32 38.72 -59.93
C VAL C 1129 28.85 39.92 -59.18
N ILE C 1130 28.76 39.87 -57.85
CA ILE C 1130 29.20 40.94 -56.97
C ILE C 1130 30.56 40.54 -56.42
N GLY C 1131 31.62 41.19 -56.89
CA GLY C 1131 32.95 40.92 -56.39
C GLY C 1131 33.91 40.39 -57.44
N ILE C 1132 33.51 40.47 -58.71
CA ILE C 1132 34.36 39.97 -59.78
C ILE C 1132 35.71 40.68 -59.74
N VAL C 1133 36.74 39.93 -60.09
CA VAL C 1133 38.11 40.43 -60.15
C VAL C 1133 38.66 40.17 -61.54
N ASN C 1134 39.34 41.16 -62.11
CA ASN C 1134 39.97 40.99 -63.41
C ASN C 1134 41.27 40.21 -63.27
N ASN C 1135 41.43 39.18 -64.08
CA ASN C 1135 42.66 38.40 -64.08
C ASN C 1135 42.69 37.53 -65.33
N THR C 1136 43.85 36.96 -65.60
CA THR C 1136 44.05 36.10 -66.76
C THR C 1136 43.77 34.65 -66.42
N VAL C 1137 43.17 33.94 -67.36
CA VAL C 1137 42.89 32.51 -67.22
C VAL C 1137 43.72 31.79 -68.27
N TYR C 1138 44.67 31.00 -67.82
CA TYR C 1138 45.57 30.29 -68.73
C TYR C 1138 44.78 29.32 -69.61
N ASP C 1139 45.10 29.31 -70.90
CA ASP C 1139 44.52 28.36 -71.85
C ASP C 1139 45.61 27.43 -72.33
N PRO C 1140 45.66 26.17 -71.86
CA PRO C 1140 46.77 25.26 -72.19
C PRO C 1140 46.62 24.55 -73.53
N LEU C 1141 46.26 25.30 -74.56
CA LEU C 1141 46.21 24.79 -75.92
C LEU C 1141 46.99 25.65 -76.90
N GLN C 1142 46.99 26.97 -76.71
CA GLN C 1142 47.75 27.84 -77.61
C GLN C 1142 49.24 27.51 -77.59
N PRO C 1143 49.88 27.32 -76.44
CA PRO C 1143 51.31 26.95 -76.47
C PRO C 1143 51.58 25.69 -77.27
N GLU C 1144 50.70 24.69 -77.19
CA GLU C 1144 50.91 23.46 -77.95
C GLU C 1144 50.68 23.70 -79.43
N LEU C 1145 49.60 24.38 -79.79
CA LEU C 1145 49.30 24.60 -81.20
C LEU C 1145 50.32 25.50 -81.87
N ASP C 1146 50.97 26.38 -81.10
CA ASP C 1146 51.94 27.31 -81.66
C ASP C 1146 53.36 26.81 -81.46
N GLN D 3 -41.90 -45.92 31.86
CA GLN D 3 -43.34 -45.83 31.67
C GLN D 3 -44.04 -47.09 32.16
N VAL D 4 -44.59 -47.02 33.37
CA VAL D 4 -45.32 -48.15 33.92
C VAL D 4 -46.71 -48.21 33.28
N GLN D 5 -47.05 -49.38 32.74
CA GLN D 5 -48.32 -49.59 32.05
C GLN D 5 -49.16 -50.57 32.88
N LEU D 6 -50.24 -50.07 33.47
CA LEU D 6 -51.13 -50.89 34.28
C LEU D 6 -52.32 -51.33 33.43
N VAL D 7 -52.03 -52.27 32.53
CA VAL D 7 -53.06 -52.81 31.64
C VAL D 7 -53.99 -53.70 32.45
N GLU D 8 -55.30 -53.47 32.32
CA GLU D 8 -56.31 -54.21 33.06
C GLU D 8 -57.16 -55.01 32.09
N THR D 9 -57.34 -56.29 32.40
CA THR D 9 -58.12 -57.17 31.54
C THR D 9 -59.58 -56.75 31.52
N GLY D 10 -60.17 -56.81 30.33
CA GLY D 10 -61.57 -56.42 30.19
C GLY D 10 -62.50 -57.37 30.91
N GLY D 11 -63.66 -56.84 31.31
CA GLY D 11 -64.67 -57.62 32.01
C GLY D 11 -66.02 -57.53 31.34
N GLY D 12 -66.52 -58.67 30.87
CA GLY D 12 -67.80 -58.72 30.20
C GLY D 12 -68.97 -58.83 31.18
N LEU D 13 -70.15 -59.03 30.61
CA LEU D 13 -71.37 -59.17 31.39
C LEU D 13 -71.53 -60.61 31.85
N VAL D 14 -71.73 -60.80 33.15
CA VAL D 14 -71.90 -62.12 33.75
C VAL D 14 -73.20 -62.13 34.54
N GLN D 15 -74.03 -63.13 34.27
CA GLN D 15 -75.31 -63.23 34.95
C GLN D 15 -75.11 -63.64 36.42
N PRO D 16 -76.01 -63.21 37.31
CA PRO D 16 -75.92 -63.66 38.71
C PRO D 16 -76.09 -65.17 38.81
N GLY D 17 -75.45 -65.75 39.83
CA GLY D 17 -75.49 -67.17 40.09
C GLY D 17 -74.18 -67.88 39.82
N GLY D 18 -73.27 -67.26 39.07
CA GLY D 18 -71.96 -67.83 38.82
C GLY D 18 -70.85 -66.96 39.36
N SER D 19 -69.93 -67.56 40.11
CA SER D 19 -68.81 -66.80 40.66
C SER D 19 -68.04 -66.11 39.55
N LEU D 20 -67.74 -64.83 39.76
CA LEU D 20 -67.09 -64.00 38.74
C LEU D 20 -65.65 -63.74 39.15
N ARG D 21 -64.78 -63.71 38.14
CA ARG D 21 -63.34 -63.58 38.32
C ARG D 21 -62.82 -62.45 37.45
N LEU D 22 -62.03 -61.55 38.03
CA LEU D 22 -61.45 -60.42 37.33
C LEU D 22 -59.93 -60.46 37.48
N SER D 23 -59.24 -60.14 36.38
CA SER D 23 -57.79 -60.16 36.34
C SER D 23 -57.24 -58.75 36.17
N CYS D 24 -56.03 -58.54 36.71
CA CYS D 24 -55.39 -57.23 36.66
C CYS D 24 -53.89 -57.44 36.49
N ALA D 25 -53.33 -56.91 35.41
CA ALA D 25 -51.92 -57.09 35.09
C ALA D 25 -51.17 -55.77 35.22
N ALA D 26 -49.89 -55.88 35.58
CA ALA D 26 -49.03 -54.71 35.73
C ALA D 26 -47.70 -54.98 35.02
N SER D 27 -47.04 -53.90 34.61
CA SER D 27 -45.78 -54.00 33.89
C SER D 27 -45.03 -52.69 34.04
N GLY D 28 -43.79 -52.69 33.56
CA GLY D 28 -42.95 -51.52 33.60
C GLY D 28 -42.21 -51.31 34.90
N PHE D 29 -42.26 -52.26 35.83
CA PHE D 29 -41.58 -52.16 37.10
C PHE D 29 -41.59 -53.54 37.75
N THR D 30 -41.04 -53.61 38.96
CA THR D 30 -41.01 -54.85 39.72
C THR D 30 -42.26 -54.91 40.59
N PHE D 31 -43.22 -55.77 40.20
CA PHE D 31 -44.43 -55.91 40.99
C PHE D 31 -44.17 -56.63 42.31
N SER D 32 -43.07 -57.38 42.39
CA SER D 32 -42.77 -58.12 43.60
C SER D 32 -42.62 -57.22 44.81
N SER D 33 -42.34 -55.93 44.59
CA SER D 33 -42.11 -55.02 45.71
C SER D 33 -43.42 -54.40 46.21
N VAL D 34 -44.12 -53.69 45.33
CA VAL D 34 -45.29 -52.91 45.75
C VAL D 34 -46.55 -53.75 45.57
N TYR D 35 -47.60 -53.36 46.29
CA TYR D 35 -48.90 -54.03 46.21
C TYR D 35 -49.89 -53.12 45.50
N MET D 36 -50.85 -53.74 44.82
CA MET D 36 -51.93 -53.02 44.14
C MET D 36 -53.23 -53.28 44.87
N ASN D 37 -53.98 -52.22 45.13
CA ASN D 37 -55.28 -52.30 45.77
C ASN D 37 -56.38 -52.10 44.74
N TRP D 38 -57.44 -52.89 44.85
CA TRP D 38 -58.58 -52.81 43.93
C TRP D 38 -59.61 -51.88 44.53
N VAL D 39 -59.85 -50.74 43.88
CA VAL D 39 -60.83 -49.78 44.35
C VAL D 39 -61.67 -49.33 43.15
N ARG D 40 -62.81 -48.72 43.46
CA ARG D 40 -63.92 -48.69 42.52
C ARG D 40 -64.44 -47.29 42.26
N GLN D 41 -65.01 -47.08 41.07
CA GLN D 41 -66.08 -46.09 40.91
C GLN D 41 -67.34 -46.79 40.44
N ALA D 42 -68.44 -46.60 41.17
CA ALA D 42 -69.74 -46.95 40.61
C ALA D 42 -70.31 -45.76 39.83
N PRO D 43 -71.13 -46.01 38.81
CA PRO D 43 -71.70 -44.90 38.05
C PRO D 43 -72.62 -44.06 38.93
N GLY D 44 -72.23 -42.81 39.15
CA GLY D 44 -73.04 -41.87 39.92
C GLY D 44 -72.43 -41.41 41.23
N LYS D 45 -71.21 -41.83 41.58
CA LYS D 45 -70.59 -41.38 42.82
C LYS D 45 -69.08 -41.42 42.66
N GLY D 46 -68.39 -40.78 43.60
CA GLY D 46 -66.96 -40.62 43.54
C GLY D 46 -66.19 -41.86 43.95
N PRO D 47 -64.86 -41.74 44.04
CA PRO D 47 -64.04 -42.90 44.36
C PRO D 47 -64.31 -43.43 45.77
N GLU D 48 -64.14 -44.73 45.92
CA GLU D 48 -64.32 -45.41 47.19
C GLU D 48 -63.19 -46.41 47.39
N TRP D 49 -62.53 -46.35 48.54
CA TRP D 49 -61.46 -47.30 48.87
C TRP D 49 -62.09 -48.59 49.38
N VAL D 50 -62.11 -49.61 48.53
CA VAL D 50 -62.84 -50.84 48.82
C VAL D 50 -61.95 -51.86 49.51
N SER D 51 -60.91 -52.31 48.82
CA SER D 51 -60.10 -53.44 49.30
C SER D 51 -58.62 -53.19 49.04
N ARG D 52 -57.79 -53.85 49.83
CA ARG D 52 -56.34 -53.76 49.69
C ARG D 52 -55.68 -55.02 50.22
N ILE D 53 -54.49 -55.29 49.69
CA ILE D 53 -53.70 -56.47 50.04
C ILE D 53 -52.28 -56.01 50.33
N SER D 54 -51.62 -56.67 51.31
CA SER D 54 -50.22 -56.38 51.59
C SER D 54 -49.34 -57.50 51.03
N PRO D 55 -48.12 -57.18 50.55
CA PRO D 55 -47.28 -58.23 49.95
C PRO D 55 -46.83 -59.27 50.96
N ASN D 56 -46.21 -58.83 52.05
CA ASN D 56 -45.65 -59.74 53.04
C ASN D 56 -46.68 -60.13 54.10
N SER D 57 -47.42 -59.14 54.62
CA SER D 57 -48.43 -59.44 55.64
C SER D 57 -49.52 -60.35 55.08
N GLY D 58 -49.92 -60.12 53.83
CA GLY D 58 -50.97 -60.92 53.24
C GLY D 58 -52.31 -60.78 53.94
N ASN D 59 -52.66 -59.55 54.32
CA ASN D 59 -53.92 -59.28 55.01
C ASN D 59 -54.91 -58.66 54.03
N ILE D 60 -56.11 -59.23 53.95
CA ILE D 60 -57.14 -58.77 53.03
C ILE D 60 -57.98 -57.74 53.79
N GLY D 61 -57.69 -56.46 53.57
CA GLY D 61 -58.40 -55.42 54.29
C GLY D 61 -59.35 -54.65 53.40
N TYR D 62 -60.66 -54.73 53.68
CA TYR D 62 -61.63 -54.07 52.83
C TYR D 62 -62.83 -53.64 53.67
N THR D 63 -63.66 -52.77 53.08
CA THR D 63 -64.68 -52.04 53.82
C THR D 63 -65.70 -52.98 54.44
N ASP D 64 -66.20 -52.58 55.62
CA ASP D 64 -67.13 -53.42 56.36
C ASP D 64 -68.38 -53.72 55.54
N SER D 65 -68.92 -52.71 54.86
CA SER D 65 -70.13 -52.91 54.05
C SER D 65 -69.94 -53.93 52.95
N VAL D 66 -68.70 -54.38 52.70
CA VAL D 66 -68.42 -55.35 51.65
C VAL D 66 -67.96 -56.69 52.23
N LYS D 67 -68.12 -56.89 53.54
CA LYS D 67 -67.63 -58.12 54.16
C LYS D 67 -68.26 -59.35 53.53
N GLY D 68 -67.42 -60.33 53.21
CA GLY D 68 -67.90 -61.64 52.82
C GLY D 68 -68.39 -61.79 51.40
N ARG D 69 -67.97 -60.92 50.48
CA ARG D 69 -68.36 -61.06 49.08
C ARG D 69 -67.25 -60.76 48.09
N PHE D 70 -66.01 -60.54 48.54
CA PHE D 70 -64.89 -60.29 47.64
C PHE D 70 -63.62 -60.89 48.24
N THR D 71 -62.80 -61.50 47.39
CA THR D 71 -61.51 -62.04 47.79
C THR D 71 -60.47 -61.68 46.74
N ILE D 72 -59.24 -61.41 47.19
CA ILE D 72 -58.17 -61.01 46.30
C ILE D 72 -57.01 -61.99 46.47
N SER D 73 -56.28 -62.19 45.37
CA SER D 73 -55.10 -63.06 45.39
C SER D 73 -54.05 -62.48 44.46
N ARG D 74 -52.85 -62.25 44.98
CA ARG D 74 -51.75 -61.67 44.21
C ARG D 74 -50.75 -62.77 43.87
N ASP D 75 -50.44 -62.89 42.58
CA ASP D 75 -49.48 -63.87 42.09
C ASP D 75 -48.24 -63.11 41.61
N ASN D 76 -47.16 -63.17 42.40
CA ASN D 76 -45.92 -62.51 42.01
C ASN D 76 -45.30 -63.20 40.79
N ALA D 77 -45.31 -64.53 40.77
CA ALA D 77 -44.75 -65.25 39.63
C ALA D 77 -45.49 -64.89 38.35
N LYS D 78 -46.82 -64.84 38.41
CA LYS D 78 -47.62 -64.37 37.28
C LYS D 78 -47.66 -62.85 37.19
N ASN D 79 -47.23 -62.14 38.23
CA ASN D 79 -47.22 -60.69 38.25
C ASN D 79 -48.63 -60.15 37.94
N THR D 80 -49.60 -60.60 38.71
CA THR D 80 -50.99 -60.25 38.45
C THR D 80 -51.79 -60.32 39.74
N LEU D 81 -53.00 -59.76 39.68
CA LEU D 81 -53.96 -59.80 40.76
C LEU D 81 -55.27 -60.40 40.25
N TYR D 82 -55.89 -61.24 41.07
CA TYR D 82 -57.15 -61.89 40.72
C TYR D 82 -58.17 -61.60 41.82
N LEU D 83 -59.31 -61.05 41.42
CA LEU D 83 -60.40 -60.74 42.33
C LEU D 83 -61.55 -61.69 42.05
N GLN D 84 -61.95 -62.45 43.05
CA GLN D 84 -63.09 -63.37 42.94
C GLN D 84 -64.24 -62.80 43.76
N MET D 85 -65.39 -62.62 43.11
CA MET D 85 -66.59 -62.12 43.77
C MET D 85 -67.76 -63.03 43.44
N ASN D 86 -68.51 -63.41 44.47
CA ASN D 86 -69.67 -64.27 44.35
C ASN D 86 -70.91 -63.52 44.82
N ASN D 87 -72.07 -64.17 44.64
CA ASN D 87 -73.37 -63.58 45.00
C ASN D 87 -73.41 -62.11 44.58
N LEU D 88 -72.88 -61.80 43.41
CA LEU D 88 -72.80 -60.41 42.97
C LEU D 88 -74.20 -59.84 42.80
N LYS D 89 -74.37 -58.62 43.30
CA LYS D 89 -75.63 -57.89 43.25
C LYS D 89 -75.57 -56.78 42.21
N PRO D 90 -76.73 -56.27 41.76
CA PRO D 90 -76.70 -55.20 40.76
C PRO D 90 -75.90 -53.98 41.18
N GLU D 91 -75.95 -53.61 42.47
CA GLU D 91 -75.19 -52.45 42.91
C GLU D 91 -73.69 -52.64 42.74
N ASP D 92 -73.23 -53.89 42.56
CA ASP D 92 -71.82 -54.14 42.31
C ASP D 92 -71.37 -53.59 40.96
N THR D 93 -72.30 -53.29 40.06
CA THR D 93 -71.93 -52.75 38.76
C THR D 93 -71.06 -51.50 38.93
N ALA D 94 -69.82 -51.59 38.47
CA ALA D 94 -68.88 -50.47 38.67
C ALA D 94 -67.58 -50.78 37.92
N LEU D 95 -66.67 -49.83 37.99
CA LEU D 95 -65.31 -49.98 37.47
C LEU D 95 -64.40 -50.40 38.62
N TYR D 96 -63.81 -51.60 38.49
CA TYR D 96 -62.97 -52.22 39.51
C TYR D 96 -61.51 -52.07 39.08
N TYR D 97 -60.84 -51.01 39.51
CA TYR D 97 -59.54 -50.69 38.95
C TYR D 97 -58.44 -50.81 39.99
N CYS D 98 -57.24 -51.16 39.53
CA CYS D 98 -56.08 -51.32 40.40
C CYS D 98 -55.35 -49.99 40.55
N ALA D 99 -54.86 -49.74 41.76
CA ALA D 99 -54.04 -48.57 42.03
C ALA D 99 -52.88 -48.96 42.94
N ILE D 100 -51.75 -48.28 42.78
CA ILE D 100 -50.61 -48.52 43.66
C ILE D 100 -50.99 -48.00 45.03
N GLY D 101 -51.27 -48.92 45.95
CA GLY D 101 -51.82 -48.57 47.25
C GLY D 101 -50.75 -48.30 48.27
N LEU D 102 -50.92 -47.22 49.02
CA LEU D 102 -50.10 -46.86 50.15
C LEU D 102 -50.98 -46.79 51.39
N ASN D 103 -50.40 -46.35 52.51
CA ASN D 103 -51.19 -46.20 53.73
C ASN D 103 -52.31 -45.20 53.52
N LEU D 104 -52.03 -44.07 52.88
CA LEU D 104 -53.07 -43.10 52.57
C LEU D 104 -54.00 -43.63 51.48
N SER D 105 -53.42 -44.16 50.41
CA SER D 105 -54.20 -44.71 49.30
C SER D 105 -55.19 -43.68 48.76
N SER D 106 -54.74 -42.44 48.64
CA SER D 106 -55.58 -41.33 48.18
C SER D 106 -54.90 -40.66 46.98
N SER D 107 -55.67 -40.49 45.90
CA SER D 107 -55.17 -39.80 44.71
C SER D 107 -53.86 -40.42 44.23
N SER D 108 -53.81 -41.74 44.20
CA SER D 108 -52.64 -42.47 43.75
C SER D 108 -52.76 -42.84 42.27
N VAL D 109 -51.67 -43.34 41.70
CA VAL D 109 -51.69 -43.76 40.32
C VAL D 109 -52.68 -44.91 40.15
N ARG D 110 -53.35 -44.92 39.00
CA ARG D 110 -54.37 -45.92 38.73
C ARG D 110 -54.47 -46.13 37.23
N GLY D 111 -55.04 -47.27 36.85
CA GLY D 111 -55.26 -47.61 35.45
C GLY D 111 -56.68 -47.30 35.00
N GLN D 112 -56.86 -47.32 33.68
CA GLN D 112 -58.18 -47.04 33.12
C GLN D 112 -59.20 -48.08 33.57
N GLY D 113 -58.82 -49.35 33.56
CA GLY D 113 -59.69 -50.41 34.03
C GLY D 113 -60.81 -50.71 33.05
N THR D 114 -61.70 -51.61 33.49
CA THR D 114 -62.87 -52.00 32.72
C THR D 114 -64.08 -52.04 33.64
N GLN D 115 -65.20 -51.49 33.17
CA GLN D 115 -66.42 -51.44 33.95
C GLN D 115 -67.21 -52.73 33.75
N VAL D 116 -67.57 -53.38 34.85
CA VAL D 116 -68.32 -54.63 34.85
C VAL D 116 -69.70 -54.35 35.40
N THR D 117 -70.72 -54.89 34.74
CA THR D 117 -72.11 -54.66 35.10
C THR D 117 -72.83 -55.99 35.25
N VAL D 118 -73.88 -56.00 36.08
CA VAL D 118 -74.71 -57.17 36.29
C VAL D 118 -75.98 -56.99 35.47
N SER D 119 -76.21 -57.91 34.53
CA SER D 119 -77.37 -57.87 33.65
C SER D 119 -78.33 -58.98 34.06
N SER D 120 -79.55 -58.61 34.40
CA SER D 120 -80.56 -59.57 34.83
C SER D 120 -80.99 -60.46 33.68
N GLN E 3 5.63 1.21 53.28
CA GLN E 3 4.52 0.52 53.91
C GLN E 3 4.27 1.07 55.31
N VAL E 4 3.51 2.16 55.39
CA VAL E 4 3.19 2.76 56.67
C VAL E 4 2.28 1.81 57.45
N GLN E 5 2.64 1.53 58.69
CA GLN E 5 1.90 0.63 59.56
C GLN E 5 1.28 1.43 60.69
N LEU E 6 -0.05 1.41 60.79
CA LEU E 6 -0.77 2.11 61.86
C LEU E 6 -1.05 1.16 63.01
N VAL E 7 0.03 0.63 63.59
CA VAL E 7 -0.11 -0.30 64.71
C VAL E 7 -0.75 0.43 65.88
N GLU E 8 -1.89 -0.08 66.34
CA GLU E 8 -2.64 0.52 67.44
C GLU E 8 -2.67 -0.44 68.62
N THR E 9 -2.48 0.11 69.81
CA THR E 9 -2.46 -0.71 71.01
C THR E 9 -3.86 -1.24 71.30
N GLY E 10 -3.93 -2.51 71.71
CA GLY E 10 -5.21 -3.11 72.02
C GLY E 10 -5.82 -2.52 73.27
N GLY E 11 -7.15 -2.50 73.30
CA GLY E 11 -7.88 -1.99 74.45
C GLY E 11 -8.68 -3.06 75.15
N GLY E 12 -8.28 -3.41 76.37
CA GLY E 12 -8.95 -4.45 77.13
C GLY E 12 -10.21 -3.95 77.80
N LEU E 13 -10.90 -4.88 78.45
CA LEU E 13 -12.14 -4.57 79.15
C LEU E 13 -11.82 -3.80 80.42
N VAL E 14 -12.53 -2.68 80.63
CA VAL E 14 -12.32 -1.82 81.80
C VAL E 14 -13.67 -1.53 82.43
N GLN E 15 -13.70 -1.54 83.76
CA GLN E 15 -14.94 -1.31 84.49
C GLN E 15 -15.22 0.19 84.60
N PRO E 16 -16.49 0.58 84.76
CA PRO E 16 -16.80 2.00 84.95
C PRO E 16 -16.19 2.54 86.23
N GLY E 17 -15.90 3.84 86.22
CA GLY E 17 -15.34 4.53 87.36
C GLY E 17 -13.91 4.99 87.17
N GLY E 18 -13.21 4.45 86.17
CA GLY E 18 -11.84 4.86 85.90
C GLY E 18 -11.66 5.31 84.47
N SER E 19 -11.06 6.48 84.28
CA SER E 19 -10.82 6.99 82.94
C SER E 19 -9.97 6.02 82.14
N LEU E 20 -10.38 5.75 80.92
CA LEU E 20 -9.70 4.78 80.06
C LEU E 20 -8.81 5.51 79.05
N ARG E 21 -7.60 5.00 78.90
CA ARG E 21 -6.62 5.50 77.94
C ARG E 21 -6.42 4.45 76.85
N LEU E 22 -6.48 4.89 75.60
CA LEU E 22 -6.26 4.01 74.45
C LEU E 22 -5.15 4.60 73.60
N SER E 23 -4.06 3.87 73.46
CA SER E 23 -2.91 4.32 72.69
C SER E 23 -3.04 3.91 71.23
N CYS E 24 -2.41 4.70 70.36
CA CYS E 24 -2.49 4.45 68.92
C CYS E 24 -1.20 4.96 68.28
N ALA E 25 -0.43 4.05 67.69
CA ALA E 25 0.89 4.36 67.16
C ALA E 25 0.90 4.16 65.64
N ALA E 26 2.01 4.59 65.04
CA ALA E 26 2.20 4.44 63.60
C ALA E 26 3.69 4.50 63.30
N SER E 27 4.05 4.09 62.09
CA SER E 27 5.45 4.06 61.67
C SER E 27 5.52 4.15 60.15
N GLY E 28 6.72 4.46 59.66
CA GLY E 28 6.98 4.52 58.24
C GLY E 28 6.74 5.87 57.59
N PHE E 29 6.39 6.90 58.36
CA PHE E 29 6.18 8.23 57.79
C PHE E 29 6.33 9.27 58.90
N THR E 30 6.58 10.50 58.47
CA THR E 30 6.70 11.60 59.42
C THR E 30 5.35 11.88 60.08
N PHE E 31 5.37 12.09 61.39
CA PHE E 31 4.15 12.28 62.17
C PHE E 31 3.94 13.73 62.62
N SER E 32 5.00 14.48 62.87
CA SER E 32 4.84 15.86 63.31
C SER E 32 4.19 16.73 62.25
N SER E 33 4.26 16.33 60.97
CA SER E 33 3.68 17.11 59.89
C SER E 33 2.23 16.73 59.60
N VAL E 34 1.85 15.48 59.85
CA VAL E 34 0.51 14.98 59.55
C VAL E 34 -0.17 14.60 60.86
N TYR E 35 -1.38 15.08 61.06
CA TYR E 35 -2.15 14.76 62.25
C TYR E 35 -3.09 13.58 61.99
N MET E 36 -3.65 13.05 63.07
CA MET E 36 -4.48 11.86 63.01
C MET E 36 -5.85 12.14 63.64
N ASN E 37 -6.85 11.39 63.19
CA ASN E 37 -8.22 11.54 63.66
C ASN E 37 -8.71 10.21 64.23
N TRP E 38 -9.39 10.28 65.37
CA TRP E 38 -9.98 9.11 65.99
C TRP E 38 -11.41 8.93 65.50
N VAL E 39 -11.77 7.70 65.13
CA VAL E 39 -13.06 7.38 64.55
C VAL E 39 -13.62 6.15 65.25
N ARG E 40 -14.92 6.20 65.55
CA ARG E 40 -15.61 5.18 66.34
C ARG E 40 -16.60 4.45 65.44
N GLN E 41 -16.41 3.13 65.30
CA GLN E 41 -17.31 2.30 64.50
C GLN E 41 -17.95 1.25 65.40
N ALA E 42 -19.22 0.97 65.16
CA ALA E 42 -20.01 0.11 66.03
C ALA E 42 -20.66 -1.02 65.22
N PRO E 43 -20.92 -2.17 65.84
CA PRO E 43 -21.70 -3.20 65.16
C PRO E 43 -23.11 -2.73 64.88
N GLY E 44 -23.59 -3.01 63.67
CA GLY E 44 -24.94 -2.64 63.28
C GLY E 44 -25.09 -1.25 62.71
N LYS E 45 -24.03 -0.44 62.73
CA LYS E 45 -24.09 0.90 62.15
C LYS E 45 -22.72 1.27 61.62
N GLY E 46 -22.69 2.26 60.73
CA GLY E 46 -21.49 2.65 60.04
C GLY E 46 -20.54 3.45 60.91
N PRO E 47 -19.40 3.81 60.32
CA PRO E 47 -18.40 4.57 61.07
C PRO E 47 -18.87 5.97 61.42
N GLU E 48 -18.32 6.50 62.51
CA GLU E 48 -18.66 7.83 63.00
C GLU E 48 -17.38 8.58 63.33
N TRP E 49 -17.18 9.72 62.68
CA TRP E 49 -16.01 10.55 62.97
C TRP E 49 -16.10 11.09 64.39
N VAL E 50 -15.05 10.85 65.19
CA VAL E 50 -15.09 11.18 66.60
C VAL E 50 -14.33 12.48 66.86
N SER E 51 -13.02 12.48 66.60
CA SER E 51 -12.20 13.60 67.04
C SER E 51 -11.03 13.82 66.10
N ARG E 52 -10.50 15.03 66.14
CA ARG E 52 -9.31 15.40 65.39
C ARG E 52 -8.51 16.41 66.20
N ILE E 53 -7.21 16.47 65.93
CA ILE E 53 -6.30 17.42 66.56
C ILE E 53 -5.34 17.94 65.49
N SER E 54 -5.10 19.25 65.50
CA SER E 54 -4.19 19.83 64.53
C SER E 54 -2.75 19.68 65.00
N PRO E 55 -1.78 19.60 64.09
CA PRO E 55 -0.38 19.47 64.51
C PRO E 55 0.14 20.74 65.16
N ASN E 56 -0.07 21.88 64.51
CA ASN E 56 0.49 23.13 65.00
C ASN E 56 -0.42 23.81 66.02
N SER E 57 -1.66 24.10 65.62
CA SER E 57 -2.58 24.79 66.53
C SER E 57 -2.93 23.90 67.72
N GLY E 58 -3.04 22.59 67.51
CA GLY E 58 -3.35 21.67 68.58
C GLY E 58 -4.73 21.86 69.17
N ASN E 59 -5.73 22.04 68.32
CA ASN E 59 -7.11 22.22 68.76
C ASN E 59 -7.84 20.88 68.69
N ILE E 60 -8.42 20.46 69.81
CA ILE E 60 -9.11 19.18 69.90
C ILE E 60 -10.55 19.42 69.49
N GLY E 61 -10.91 19.01 68.27
CA GLY E 61 -12.26 19.18 67.77
C GLY E 61 -12.99 17.87 67.62
N TYR E 62 -14.16 17.76 68.25
CA TYR E 62 -14.93 16.53 68.21
C TYR E 62 -16.41 16.86 68.29
N THR E 63 -17.24 15.88 67.94
CA THR E 63 -18.67 16.12 67.75
C THR E 63 -19.33 16.62 69.03
N ASP E 64 -20.31 17.51 68.84
CA ASP E 64 -21.01 18.09 69.99
C ASP E 64 -21.62 17.01 70.88
N SER E 65 -22.19 15.97 70.27
CA SER E 65 -22.82 14.90 71.05
C SER E 65 -21.85 14.22 72.00
N VAL E 66 -20.55 14.53 71.92
CA VAL E 66 -19.55 13.89 72.77
C VAL E 66 -18.74 14.93 73.55
N LYS E 67 -19.28 16.15 73.72
CA LYS E 67 -18.57 17.16 74.49
C LYS E 67 -18.37 16.71 75.92
N GLY E 68 -17.17 16.96 76.45
CA GLY E 68 -16.90 16.80 77.86
C GLY E 68 -16.57 15.39 78.31
N ARG E 69 -16.42 14.43 77.39
CA ARG E 69 -16.12 13.07 77.80
C ARG E 69 -15.08 12.39 76.89
N PHE E 70 -14.41 13.12 76.02
CA PHE E 70 -13.37 12.55 75.18
C PHE E 70 -12.31 13.60 74.91
N THR E 71 -11.04 13.18 74.96
CA THR E 71 -9.92 14.07 74.69
C THR E 71 -8.79 13.26 74.08
N ILE E 72 -7.87 13.96 73.41
CA ILE E 72 -6.73 13.33 72.77
C ILE E 72 -5.45 14.03 73.22
N SER E 73 -4.35 13.29 73.22
CA SER E 73 -3.04 13.84 73.55
C SER E 73 -2.01 13.18 72.63
N ARG E 74 -1.34 13.98 71.82
CA ARG E 74 -0.35 13.49 70.87
C ARG E 74 1.06 13.74 71.39
N ASP E 75 1.97 12.82 71.07
CA ASP E 75 3.39 12.99 71.40
C ASP E 75 4.22 12.68 70.18
N ASN E 76 4.96 13.68 69.69
CA ASN E 76 5.84 13.48 68.55
C ASN E 76 7.11 12.72 68.95
N ALA E 77 7.59 12.92 70.18
CA ALA E 77 8.80 12.24 70.62
C ALA E 77 8.64 10.74 70.51
N LYS E 78 7.54 10.20 71.03
CA LYS E 78 7.23 8.79 70.85
C LYS E 78 6.38 8.54 69.62
N ASN E 79 5.87 9.59 68.97
CA ASN E 79 5.14 9.47 67.72
C ASN E 79 3.90 8.60 67.88
N THR E 80 2.97 9.06 68.72
CA THR E 80 1.74 8.31 68.94
C THR E 80 0.67 9.25 69.49
N LEU E 81 -0.53 8.69 69.67
CA LEU E 81 -1.67 9.40 70.23
C LEU E 81 -2.22 8.59 71.40
N TYR E 82 -2.86 9.29 72.34
CA TYR E 82 -3.55 8.67 73.46
C TYR E 82 -4.92 9.30 73.59
N LEU E 83 -5.96 8.49 73.49
CA LEU E 83 -7.34 8.92 73.66
C LEU E 83 -7.75 8.66 75.10
N GLN E 84 -8.09 9.73 75.82
CA GLN E 84 -8.55 9.66 77.20
C GLN E 84 -10.04 9.89 77.24
N MET E 85 -10.77 8.98 77.88
CA MET E 85 -12.21 9.15 78.07
C MET E 85 -12.57 8.85 79.52
N ASN E 86 -13.30 9.77 80.14
CA ASN E 86 -13.78 9.61 81.50
C ASN E 86 -15.26 9.23 81.49
N ASN E 87 -15.78 8.95 82.68
CA ASN E 87 -17.16 8.50 82.86
C ASN E 87 -17.54 7.48 81.79
N LEU E 88 -16.62 6.55 81.53
CA LEU E 88 -16.85 5.53 80.53
C LEU E 88 -18.03 4.66 80.91
N LYS E 89 -18.92 4.45 79.94
CA LYS E 89 -20.17 3.71 80.12
C LYS E 89 -20.21 2.51 79.18
N PRO E 90 -21.04 1.51 79.48
CA PRO E 90 -21.09 0.32 78.61
C PRO E 90 -21.43 0.64 77.17
N GLU E 91 -22.24 1.67 76.92
CA GLU E 91 -22.60 2.01 75.55
C GLU E 91 -21.38 2.44 74.74
N ASP E 92 -20.26 2.74 75.38
CA ASP E 92 -19.02 3.06 74.68
C ASP E 92 -18.39 1.83 74.03
N THR E 93 -18.98 0.64 74.17
CA THR E 93 -18.50 -0.52 73.42
C THR E 93 -18.34 -0.15 71.96
N ALA E 94 -17.11 -0.28 71.45
CA ALA E 94 -16.79 0.38 70.19
C ALA E 94 -15.53 -0.20 69.57
N LEU E 95 -15.27 0.23 68.34
CA LEU E 95 -13.98 0.08 67.69
C LEU E 95 -13.44 1.50 67.48
N TYR E 96 -12.45 1.88 68.28
CA TYR E 96 -11.83 3.20 68.20
C TYR E 96 -10.56 3.07 67.35
N TYR E 97 -10.68 3.37 66.07
CA TYR E 97 -9.54 3.26 65.16
C TYR E 97 -9.04 4.65 64.78
N CYS E 98 -7.88 4.67 64.14
CA CYS E 98 -7.18 5.90 63.78
C CYS E 98 -7.13 6.03 62.27
N ALA E 99 -7.21 7.26 61.79
CA ALA E 99 -7.05 7.57 60.37
C ALA E 99 -6.10 8.74 60.22
N ILE E 100 -5.37 8.76 59.10
CA ILE E 100 -4.50 9.89 58.82
C ILE E 100 -5.36 11.14 58.70
N GLY E 101 -5.10 12.11 59.56
CA GLY E 101 -5.97 13.27 59.70
C GLY E 101 -6.17 14.04 58.42
N LEU E 102 -7.43 14.25 58.05
CA LEU E 102 -7.79 15.07 56.90
C LEU E 102 -9.11 15.77 57.20
N ASN E 103 -9.33 16.91 56.54
CA ASN E 103 -10.55 17.67 56.79
C ASN E 103 -11.78 16.84 56.45
N LEU E 104 -11.77 16.15 55.31
CA LEU E 104 -12.90 15.29 54.94
C LEU E 104 -13.03 14.12 55.90
N SER E 105 -11.93 13.40 56.13
CA SER E 105 -11.94 12.25 57.05
C SER E 105 -13.06 11.28 56.70
N SER E 106 -13.24 11.02 55.41
CA SER E 106 -14.30 10.16 54.91
C SER E 106 -13.68 9.03 54.10
N SER E 107 -13.80 7.81 54.62
CA SER E 107 -13.29 6.62 53.93
C SER E 107 -11.83 6.78 53.54
N SER E 108 -11.05 7.37 54.43
CA SER E 108 -9.62 7.57 54.21
C SER E 108 -8.85 6.37 54.77
N VAL E 109 -7.53 6.49 54.79
CA VAL E 109 -6.71 5.42 55.35
C VAL E 109 -7.01 5.28 56.83
N ARG E 110 -7.10 4.03 57.29
CA ARG E 110 -7.43 3.76 58.68
C ARG E 110 -6.81 2.44 59.10
N GLY E 111 -6.66 2.27 60.42
CA GLY E 111 -6.12 1.05 60.97
C GLY E 111 -7.21 0.04 61.30
N GLN E 112 -6.76 -1.12 61.76
CA GLN E 112 -7.62 -2.30 61.99
C GLN E 112 -8.37 -2.13 63.32
N GLY E 113 -7.84 -1.29 64.23
CA GLY E 113 -8.50 -0.92 65.46
C GLY E 113 -8.63 -2.09 66.42
N THR E 114 -9.05 -1.77 67.64
CA THR E 114 -9.25 -2.75 68.69
C THR E 114 -10.61 -2.54 69.35
N GLN E 115 -11.31 -3.64 69.61
CA GLN E 115 -12.62 -3.56 70.26
C GLN E 115 -12.45 -3.27 71.74
N VAL E 116 -13.08 -2.21 72.21
CA VAL E 116 -13.00 -1.79 73.61
C VAL E 116 -14.41 -1.59 74.14
N THR E 117 -14.72 -2.26 75.25
CA THR E 117 -16.05 -2.18 75.86
C THR E 117 -15.90 -2.00 77.35
N VAL E 118 -16.80 -1.21 77.93
CA VAL E 118 -16.83 -1.02 79.38
C VAL E 118 -17.66 -2.13 80.00
N SER E 119 -17.02 -2.93 80.86
CA SER E 119 -17.68 -4.06 81.49
C SER E 119 -18.31 -3.61 82.80
N SER E 120 -19.64 -3.61 82.85
CA SER E 120 -20.35 -3.19 84.06
C SER E 120 -20.00 -4.07 85.25
N GLN F 3 -40.36 9.15 28.33
CA GLN F 3 -40.27 8.60 29.68
C GLN F 3 -41.66 8.27 30.21
N VAL F 4 -42.04 6.99 30.12
CA VAL F 4 -43.32 6.54 30.63
C VAL F 4 -43.22 6.37 32.13
N GLN F 5 -44.15 6.99 32.86
CA GLN F 5 -44.18 6.92 34.32
C GLN F 5 -45.46 6.20 34.75
N LEU F 6 -45.30 5.11 35.48
CA LEU F 6 -46.43 4.35 36.00
C LEU F 6 -46.71 4.76 37.45
N VAL F 7 -47.14 6.01 37.60
CA VAL F 7 -47.44 6.53 38.93
C VAL F 7 -48.56 5.71 39.56
N GLU F 8 -48.30 5.18 40.75
CA GLU F 8 -49.23 4.31 41.45
C GLU F 8 -49.66 4.97 42.75
N THR F 9 -50.98 5.08 42.94
CA THR F 9 -51.51 5.72 44.14
C THR F 9 -51.26 4.86 45.37
N GLY F 10 -50.92 5.51 46.47
CA GLY F 10 -50.67 4.79 47.70
C GLY F 10 -51.94 4.17 48.27
N GLY F 11 -51.76 3.09 49.02
CA GLY F 11 -52.86 2.39 49.65
C GLY F 11 -52.72 2.33 51.16
N GLY F 12 -53.64 2.98 51.87
CA GLY F 12 -53.58 3.00 53.32
C GLY F 12 -54.06 1.71 53.95
N LEU F 13 -53.93 1.64 55.27
CA LEU F 13 -54.34 0.46 56.01
C LEU F 13 -55.86 0.42 56.11
N VAL F 14 -56.44 -0.73 55.76
CA VAL F 14 -57.89 -0.93 55.78
C VAL F 14 -58.19 -2.16 56.63
N GLN F 15 -59.12 -2.02 57.56
CA GLN F 15 -59.52 -3.11 58.43
C GLN F 15 -60.48 -4.05 57.69
N PRO F 16 -60.47 -5.34 58.02
CA PRO F 16 -61.45 -6.25 57.42
C PRO F 16 -62.88 -5.82 57.73
N GLY F 17 -63.76 -6.05 56.76
CA GLY F 17 -65.15 -5.66 56.89
C GLY F 17 -65.65 -4.93 55.66
N GLY F 18 -64.72 -4.33 54.90
CA GLY F 18 -65.07 -3.64 53.69
C GLY F 18 -64.11 -3.95 52.55
N SER F 19 -64.66 -4.25 51.37
CA SER F 19 -63.83 -4.53 50.22
C SER F 19 -62.91 -3.35 49.94
N LEU F 20 -61.62 -3.63 49.69
CA LEU F 20 -60.66 -2.57 49.49
C LEU F 20 -60.62 -2.15 48.03
N ARG F 21 -60.49 -0.84 47.82
CA ARG F 21 -60.44 -0.18 46.52
C ARG F 21 -59.06 0.45 46.38
N LEU F 22 -58.35 0.10 45.30
CA LEU F 22 -57.00 0.59 45.07
C LEU F 22 -56.90 1.11 43.64
N SER F 23 -56.12 2.18 43.45
CA SER F 23 -55.95 2.82 42.16
C SER F 23 -54.50 2.71 41.70
N CYS F 24 -54.32 2.72 40.38
CA CYS F 24 -52.99 2.63 39.78
C CYS F 24 -53.03 3.31 38.42
N ALA F 25 -52.28 4.38 38.26
CA ALA F 25 -52.35 5.20 37.06
C ALA F 25 -51.14 5.00 36.16
N ALA F 26 -51.29 5.38 34.90
CA ALA F 26 -50.23 5.30 33.91
C ALA F 26 -50.23 6.58 33.09
N SER F 27 -49.06 6.90 32.54
CA SER F 27 -48.90 8.13 31.76
C SER F 27 -47.67 7.99 30.88
N GLY F 28 -47.56 8.92 29.92
CA GLY F 28 -46.40 8.98 29.05
C GLY F 28 -46.51 8.19 27.77
N PHE F 29 -47.61 7.50 27.52
CA PHE F 29 -47.76 6.70 26.32
C PHE F 29 -49.25 6.49 26.04
N THR F 30 -49.54 6.07 24.82
CA THR F 30 -50.91 5.74 24.45
C THR F 30 -51.36 4.51 25.22
N PHE F 31 -52.42 4.67 26.02
CA PHE F 31 -52.84 3.60 26.91
C PHE F 31 -53.92 2.72 26.31
N SER F 32 -54.70 3.23 25.36
CA SER F 32 -55.74 2.43 24.73
C SER F 32 -55.18 1.31 23.87
N SER F 33 -53.90 1.39 23.49
CA SER F 33 -53.30 0.36 22.65
C SER F 33 -52.98 -0.89 23.45
N VAL F 34 -52.11 -0.76 24.45
CA VAL F 34 -51.71 -1.88 25.28
C VAL F 34 -52.56 -1.89 26.54
N TYR F 35 -52.70 -3.07 27.13
CA TYR F 35 -53.45 -3.24 28.36
C TYR F 35 -52.51 -3.27 29.56
N MET F 36 -53.10 -3.17 30.75
CA MET F 36 -52.34 -3.06 31.98
C MET F 36 -52.58 -4.33 32.79
N ASN F 37 -51.73 -4.61 33.77
CA ASN F 37 -51.80 -5.86 34.50
C ASN F 37 -51.51 -5.65 35.98
N TRP F 38 -52.26 -6.35 36.83
CA TRP F 38 -52.04 -6.34 38.27
C TRP F 38 -51.26 -7.59 38.66
N VAL F 39 -50.20 -7.42 39.45
CA VAL F 39 -49.33 -8.52 39.82
C VAL F 39 -48.76 -8.25 41.21
N ARG F 40 -48.71 -9.27 42.06
CA ARG F 40 -48.42 -9.09 43.47
C ARG F 40 -47.10 -9.74 43.87
N GLN F 41 -46.37 -9.08 44.76
CA GLN F 41 -45.17 -9.64 45.38
C GLN F 41 -45.35 -9.57 46.88
N ALA F 42 -45.24 -10.73 47.55
CA ALA F 42 -45.39 -10.73 49.00
C ALA F 42 -44.04 -10.87 49.67
N PRO F 43 -43.87 -10.32 50.87
CA PRO F 43 -42.57 -10.46 51.57
C PRO F 43 -42.23 -11.93 51.78
N GLY F 44 -40.95 -12.26 51.62
CA GLY F 44 -40.47 -13.61 51.80
C GLY F 44 -40.70 -14.53 50.61
N LYS F 45 -41.25 -14.02 49.51
CA LYS F 45 -41.50 -14.85 48.34
C LYS F 45 -41.42 -13.98 47.09
N GLY F 46 -41.22 -14.63 45.95
CA GLY F 46 -41.08 -13.93 44.69
C GLY F 46 -42.40 -13.43 44.16
N PRO F 47 -42.32 -12.59 43.14
CA PRO F 47 -43.55 -12.04 42.55
C PRO F 47 -44.34 -13.09 41.79
N GLU F 48 -45.64 -12.84 41.67
CA GLU F 48 -46.54 -13.73 40.94
C GLU F 48 -47.65 -12.90 40.30
N TRP F 49 -48.07 -13.31 39.11
CA TRP F 49 -49.08 -12.58 38.38
C TRP F 49 -50.45 -12.79 39.01
N VAL F 50 -51.21 -11.70 39.15
CA VAL F 50 -52.50 -11.74 39.82
C VAL F 50 -53.63 -11.74 38.79
N SER F 51 -53.74 -10.66 38.02
CA SER F 51 -54.89 -10.48 37.15
C SER F 51 -54.51 -9.64 35.93
N ARG F 52 -55.25 -9.85 34.85
CA ARG F 52 -55.03 -9.15 33.59
C ARG F 52 -56.38 -8.83 32.95
N ILE F 53 -56.41 -7.75 32.18
CA ILE F 53 -57.60 -7.32 31.46
C ILE F 53 -57.21 -7.02 30.02
N SER F 54 -58.02 -7.50 29.08
CA SER F 54 -57.76 -7.27 27.67
C SER F 54 -58.18 -5.86 27.25
N PRO F 55 -57.55 -5.29 26.22
CA PRO F 55 -57.94 -3.93 25.80
C PRO F 55 -59.33 -3.87 25.20
N ASN F 56 -59.61 -4.75 24.23
CA ASN F 56 -60.86 -4.73 23.49
C ASN F 56 -61.87 -5.72 24.05
N SER F 57 -61.50 -7.00 24.14
CA SER F 57 -62.42 -8.00 24.65
C SER F 57 -62.82 -7.72 26.09
N GLY F 58 -61.91 -7.15 26.87
CA GLY F 58 -62.22 -6.82 28.26
C GLY F 58 -62.56 -8.04 29.10
N ASN F 59 -61.81 -9.12 28.93
CA ASN F 59 -62.00 -10.34 29.70
C ASN F 59 -61.00 -10.36 30.84
N ILE F 60 -61.50 -10.46 32.07
CA ILE F 60 -60.64 -10.46 33.24
C ILE F 60 -60.14 -11.89 33.49
N GLY F 61 -58.83 -12.06 33.47
CA GLY F 61 -58.23 -13.36 33.71
C GLY F 61 -57.27 -13.33 34.88
N TYR F 62 -57.48 -14.20 35.86
CA TYR F 62 -56.67 -14.18 37.06
C TYR F 62 -56.62 -15.58 37.66
N THR F 63 -55.63 -15.79 38.54
CA THR F 63 -55.41 -17.11 39.10
C THR F 63 -56.65 -17.62 39.81
N ASP F 64 -56.96 -18.90 39.58
CA ASP F 64 -58.16 -19.49 40.19
C ASP F 64 -58.09 -19.45 41.71
N SER F 65 -56.88 -19.44 42.28
CA SER F 65 -56.74 -19.35 43.72
C SER F 65 -57.34 -18.07 44.28
N VAL F 66 -57.47 -17.03 43.47
CA VAL F 66 -58.04 -15.76 43.89
C VAL F 66 -59.41 -15.61 43.24
N LYS F 67 -60.05 -16.72 42.90
CA LYS F 67 -61.33 -16.69 42.23
C LYS F 67 -62.42 -16.14 43.15
N GLY F 68 -63.25 -15.26 42.58
CA GLY F 68 -64.43 -14.79 43.28
C GLY F 68 -64.23 -13.67 44.26
N ARG F 69 -63.02 -13.09 44.34
CA ARG F 69 -62.78 -12.00 45.28
C ARG F 69 -62.01 -10.82 44.70
N PHE F 70 -61.39 -10.94 43.53
CA PHE F 70 -60.64 -9.85 42.92
C PHE F 70 -61.33 -9.41 41.64
N THR F 71 -61.46 -8.10 41.45
CA THR F 71 -62.07 -7.55 40.24
C THR F 71 -61.28 -6.33 39.80
N ILE F 72 -61.29 -6.09 38.48
CA ILE F 72 -60.56 -5.00 37.86
C ILE F 72 -61.55 -4.09 37.14
N SER F 73 -61.19 -2.81 37.05
CA SER F 73 -61.95 -1.85 36.26
C SER F 73 -60.99 -0.85 35.66
N ARG F 74 -60.90 -0.82 34.33
CA ARG F 74 -60.02 0.09 33.62
C ARG F 74 -60.83 1.24 33.04
N ASP F 75 -60.25 2.44 33.08
CA ASP F 75 -60.89 3.63 32.51
C ASP F 75 -59.86 4.38 31.67
N ASN F 76 -60.08 4.38 30.34
CA ASN F 76 -59.19 5.10 29.44
C ASN F 76 -59.41 6.60 29.49
N ALA F 77 -60.64 7.03 29.80
CA ALA F 77 -60.90 8.46 29.93
C ALA F 77 -60.04 9.07 31.03
N LYS F 78 -59.97 8.40 32.19
CA LYS F 78 -59.03 8.77 33.24
C LYS F 78 -57.69 8.09 33.09
N ASN F 79 -57.58 7.08 32.22
CA ASN F 79 -56.32 6.41 31.93
C ASN F 79 -55.72 5.81 33.20
N THR F 80 -56.45 4.86 33.79
CA THR F 80 -55.98 4.22 35.01
C THR F 80 -56.73 2.91 35.24
N LEU F 81 -56.25 2.16 36.22
CA LEU F 81 -56.84 0.89 36.64
C LEU F 81 -57.25 0.97 38.10
N TYR F 82 -58.32 0.26 38.44
CA TYR F 82 -58.77 0.13 39.81
C TYR F 82 -58.96 -1.34 40.13
N LEU F 83 -58.48 -1.74 41.31
CA LEU F 83 -58.58 -3.11 41.80
C LEU F 83 -59.47 -3.11 43.03
N GLN F 84 -60.47 -3.99 43.01
CA GLN F 84 -61.37 -4.19 44.15
C GLN F 84 -61.18 -5.60 44.67
N MET F 85 -60.97 -5.72 45.98
CA MET F 85 -60.92 -7.05 46.61
C MET F 85 -62.00 -7.15 47.68
N ASN F 86 -62.78 -8.21 47.60
CA ASN F 86 -63.81 -8.53 48.58
C ASN F 86 -63.29 -9.58 49.56
N ASN F 87 -64.00 -9.70 50.69
CA ASN F 87 -63.65 -10.64 51.76
C ASN F 87 -62.14 -10.67 51.98
N LEU F 88 -61.56 -9.47 52.08
CA LEU F 88 -60.12 -9.35 52.24
C LEU F 88 -59.67 -10.06 53.52
N LYS F 89 -58.61 -10.87 53.39
CA LYS F 89 -58.03 -11.62 54.49
C LYS F 89 -56.60 -11.16 54.77
N PRO F 90 -56.07 -11.42 55.96
CA PRO F 90 -54.69 -10.99 56.25
C PRO F 90 -53.68 -11.46 55.22
N GLU F 91 -53.86 -12.65 54.66
CA GLU F 91 -52.93 -13.18 53.66
C GLU F 91 -52.77 -12.25 52.46
N ASP F 92 -53.67 -11.28 52.28
CA ASP F 92 -53.54 -10.32 51.19
C ASP F 92 -52.39 -9.35 51.38
N THR F 93 -51.75 -9.33 52.55
CA THR F 93 -50.68 -8.38 52.81
C THR F 93 -49.53 -8.57 51.83
N ALA F 94 -49.33 -7.58 50.94
CA ALA F 94 -48.28 -7.66 49.94
C ALA F 94 -48.23 -6.37 49.13
N LEU F 95 -47.31 -6.30 48.15
CA LEU F 95 -47.23 -5.18 47.22
C LEU F 95 -47.96 -5.59 45.94
N TYR F 96 -49.15 -5.03 45.74
CA TYR F 96 -49.93 -5.29 44.53
C TYR F 96 -49.55 -4.25 43.48
N TYR F 97 -48.44 -4.52 42.80
CA TYR F 97 -47.89 -3.56 41.86
C TYR F 97 -48.49 -3.79 40.47
N CYS F 98 -48.14 -2.89 39.55
CA CYS F 98 -48.72 -2.86 38.21
C CYS F 98 -47.62 -3.02 37.17
N ALA F 99 -47.96 -3.67 36.07
CA ALA F 99 -47.03 -3.85 34.97
C ALA F 99 -47.79 -3.78 33.65
N ILE F 100 -47.21 -3.12 32.65
CA ILE F 100 -47.85 -3.09 31.34
C ILE F 100 -47.96 -4.52 30.83
N GLY F 101 -49.18 -4.99 30.69
CA GLY F 101 -49.44 -6.40 30.45
C GLY F 101 -49.07 -6.90 29.07
N LEU F 102 -48.12 -7.83 29.03
CA LEU F 102 -47.79 -8.60 27.84
C LEU F 102 -48.23 -10.04 28.07
N ASN F 103 -48.40 -10.79 26.98
CA ASN F 103 -48.95 -12.14 27.09
C ASN F 103 -48.20 -12.96 28.14
N LEU F 104 -46.87 -12.89 28.12
CA LEU F 104 -46.10 -13.54 29.17
C LEU F 104 -46.20 -12.79 30.50
N SER F 105 -46.10 -11.46 30.46
CA SER F 105 -46.13 -10.65 31.67
C SER F 105 -45.06 -11.12 32.66
N SER F 106 -43.90 -11.47 32.13
CA SER F 106 -42.78 -11.98 32.93
C SER F 106 -41.66 -10.95 32.90
N SER F 107 -41.29 -10.45 34.07
CA SER F 107 -40.22 -9.48 34.25
C SER F 107 -40.39 -8.25 33.35
N SER F 108 -41.61 -7.97 32.89
CA SER F 108 -41.85 -6.86 32.00
C SER F 108 -41.78 -5.53 32.78
N VAL F 109 -42.08 -4.44 32.08
CA VAL F 109 -42.02 -3.13 32.70
C VAL F 109 -43.05 -3.04 33.82
N ARG F 110 -42.70 -2.31 34.87
CA ARG F 110 -43.49 -2.23 36.09
C ARG F 110 -43.19 -0.91 36.79
N GLY F 111 -44.01 -0.60 37.80
CA GLY F 111 -43.82 0.57 38.63
C GLY F 111 -43.52 0.18 40.06
N GLN F 112 -43.20 1.20 40.86
CA GLN F 112 -42.84 0.97 42.26
C GLN F 112 -44.00 0.36 43.02
N GLY F 113 -45.21 0.92 42.85
CA GLY F 113 -46.38 0.42 43.54
C GLY F 113 -46.37 0.80 45.02
N THR F 114 -47.40 0.31 45.72
CA THR F 114 -47.54 0.54 47.15
C THR F 114 -47.93 -0.76 47.83
N GLN F 115 -47.29 -1.03 48.97
CA GLN F 115 -47.55 -2.25 49.73
C GLN F 115 -48.70 -2.01 50.69
N VAL F 116 -49.65 -2.95 50.72
CA VAL F 116 -50.83 -2.85 51.57
C VAL F 116 -50.93 -4.11 52.41
N THR F 117 -51.19 -3.95 53.70
CA THR F 117 -51.37 -5.05 54.63
C THR F 117 -52.71 -4.89 55.33
N VAL F 118 -53.49 -5.97 55.37
CA VAL F 118 -54.79 -5.95 56.03
C VAL F 118 -54.56 -6.04 57.53
N SER F 119 -55.10 -5.07 58.27
CA SER F 119 -54.93 -5.00 59.71
C SER F 119 -56.22 -5.43 60.40
N SER F 120 -56.16 -6.52 61.14
CA SER F 120 -57.32 -7.05 61.84
C SER F 120 -57.88 -6.01 62.81
#